data_5ZX2
#
_entry.id   5ZX2
#
_cell.length_a   129.824
_cell.length_b   164.027
_cell.length_c   214.792
_cell.angle_alpha   90.000
_cell.angle_beta   90.000
_cell.angle_gamma   90.000
#
_symmetry.space_group_name_H-M   'P 21 21 21'
#
loop_
_entity.id
_entity.type
_entity.pdbx_description
1 polymer 'DNA-directed RNA polymerase subunit alpha'
2 polymer 'DNA-directed RNA polymerase subunit beta'
3 polymer "DNA-directed RNA polymerase subunit beta'"
4 polymer 'DNA-directed RNA polymerase subunit omega'
5 polymer 'ECF RNA polymerase sigma factor SigH'
6 polymer 'DNA (48-MER)'
7 polymer 'DNA (47-MER)'
8 polymer "RNA (5'-R(*CP*CP*CP*UP*CP*GP*A)-3')"
9 non-polymer 'ZINC ION'
10 water water
#
loop_
_entity_poly.entity_id
_entity_poly.type
_entity_poly.pdbx_seq_one_letter_code
_entity_poly.pdbx_strand_id
1 'polypeptide(L)'
;MGHHHHHHHHHHSSGHIEGRHMLISQRPTLSEDVLTDNRSQFVIEPLEPGFGYTLGNSLRRTLLSSIPGAAVTSIRIDGV
LHEFTTVPGVKEDVTEIILNLKSLVVSSEEDEPVTMYLRKQGPGEVTAGDIVPPAGVTVHNPGMHIATLNDKGKLEVELV
VERGRGYVPAVQNRASGAEIGRIPVDSIYSPVLKVTYKVDATRVEQRTDFDKLILDVETKNSISPRDALASAGKTLVELF
GLARELNVEAEGIEIGPSPAEADHIASFALPIDDLDLTVRSYNCLKREGVHTVGELVARTESDLLDIRNFGQKSIDEVKI
KLHQLGLSLKDSPPSFDPSEVAGYDVATGTWSTEGAYDEQDYAETEQL
;
A,B
2 'polypeptide(L)'
;MVLADSRQSKTAASPSPSRPQSSSNNSVPGAPNRVSFAKLREPLEVPGLLDVQTDSFEWLIGSPRWRESAAERGDVNPVG
GLEEVLYELSPIEDFSGSMSLSFSDPRFDDVKAPVDECKDKDMTYAAPLFVTAEFINNNTGEIKSQTVFMGDFPMMTEKG
TFIINGTERVVVSQLVRSPGVYFDETIDKSTDKTLHSVKVIPSRGAWLEFDVDKRDTVGVRIDRKRRQPVTVLLKALGWT
SEQIVERFGFSEIMRSTLEKDNTVGTDEALLDIYRKLRPGEPPTKESAQTLLENLFFKEKRYDLARVGRYKVNKKLGLHV
GEPITSSTLTEEDVVATIEYLVRLHEGQTTMTVPGGVEVPVETDDIDHFGNRRLRTVGELIQNQIRVGMSRMERVVRERM
TTQDVEAITPQTLINIRPVVAAIKEFFGTSQLSQFMDQNNPLSGLTHKRRLSALGPGGLSRERAGLEVRDVHPSHYGRMC
PIETPEGPNIGLIGSLSVYARVNPFGFIETPYRKVVDGVVSDEIVYLTADEEDRHVVAQANSPIDADGRFVEPRVLVRRK
AGEVEYVPSSEVDYMDVSPRQMVSVATAMIPFLEHDDANRALMGANMQRQAVPLVRSEAPLVGTGMELRAAIDAGDVVVA
EESGVIEEVSADYITVMHDNGTRRTYRMRKFARSNHGTCANQCPIVDAGDRVEAGQVIADGPCTDDGEMALGKNLLVAIM
PWEGHNYEDAIILSNRLVEEDVLTSIHIEEHEIDARDTKLGAEEITRDIPNISDEVLADLDERGIVRIGAEVRDGDILVG
KVTPKGETELTPEERLLRAIFGEKAREVRDTSLKVPHGESGKVIGIRVFSREDEDELPAGVNELVRVYVAQKRKISDGDK
LAGRHGNKGVIGKILPVEDMPFLADGTPVDIILNTHGVPRRMNIGQILETHLGWCAHSGWKVDAAKGVPDWAARLPDELL
EAQPNAIVSTPVFDGAQEAELQGLLSCTLPNRDGDVLVDADGKAMLFDGRSGEPFPYPVTVGYMYIMKLHHLVDDKIHAR
STGPYSMITQQPLGGKAQFGGQRFGEMECWAMQAYGAAYTLQELLTIKSDDTVGRVKVYEAIVKGENIPEPGIPESFKVL
LKELQSLCLNVEVLSSDGAAIELREGEDEDLERAAANLGINLSRNESASVEDLA
;
C
3 'polypeptide(L)'
;MVLDVNFFDELRIGLATAEDIRQWSYGEVKKPETINYRTLKPEKDGLFCEKIFGPTRDWECYCGKYKRVRFKGIICERCG
VEVTRAKVRRERMGHIELAAPVTHIWYFKGVPSRLGYLLDLAPKDLEKIIYFAAYVITSVDEEMRHNELSTLEAEMAVER
KAVEDQRDGELEARAQKLEADLAELEAEGAKADARRKVRDGGEREMRQIRDRAQRELDRLEDIWSTFTKLAPKQLIVDEN
LYRELVDRYGEYFTGAMGAESIQKLIENFDIDAEAESLRDVIRNGKGQKKLRALKRLKVVAAFQQSGNSPMGMVLDAVPV
IPPELRPMVQLDGGRFATSDLNDLYRRVINRNNRLKRLIDLGAPEIIVNNEKRMLQESVDALFDNGRRGRPVTGPGNRPL
KSLSDLLKGKQGRFRQNLLGKRVDYSGRSVIVVGPQLKLHQCGLPKLMALELFKPFVMKRLVDLNHAQNIKSAKRMVERQ
RPQVWDVLEEVIAEHPVLLNRAPTLHRLGIQAFEPMLVEGKAIQLHPLVCEAFNADFDGDQMAVHLPLSAEAQAEARILM
LSSNNILSPASGRPLAMPRLDMVTGLYYLTTEVPGDTGEYQPASGDHPETGVYSSPAEAIMAADRGVLSVRAKIKVRLTQ
LRPPVEIEAELFGHSGWQPGDAWMAETTLGRVMFNELLPLGYPFVNKQMHKKVQAAIINDLAERYPMIVVAQTVDKLKDA
GFYWATRSGVTVSMADVLVPPRKKEILDHYEERADKVEKQFQRGALNHDERNEALVEIWKEATDEVGQALREHYPDDNPI
ITIVDSGATGNFTQTRTLAGMKGLVTNPKGEFIPRPVKSSFREGLTVLEYFINTHGARKGLADTALRTADSGYLTRRLVD
VSQDVIVREHDCQTERGIVVELAERAPDGTLIRDPYIETSAYARTLGTDAVDEAGNVIVERGQDLGDPEIDALLAAGITQ
VKVRSVLTCATSTGVCATCYGRSMATGKLVDIGEAVGIVAAQSIGEPGTQLTMRTFHQGGVGEDITGGLPRVQELFEARV
PRGKAPIADVTGRVRLEDGERFYKITIVPDDGGEEVVYDKISKRQRLRVFKHEDGSERVLSDGDHVEVGQQLMEGSADPH
EVLRVQGPREVQIHLVREVQEVYRAQGVSIHDKHIEVIVRQMLRRVTIIDSGSTEFLPGSLIDRAEFEAENRRVVAEGGE
PAAGRPVLMGITKASLATDSWLSAASFQETTRVLTDAAINCRSDKLNGLKENVIIGKLIPAGTGINRYRNIAVQPTEEAR
AAAYTIPSYEDQYYSPDFGAATGAAVPLDDYGYSDYR
;
D
4 'polypeptide(L)'
;MSISQSDASLAAVPAVDQFDPSSGASGGYDTPLGITNPPIDELLDRVSSKYALVIYAAKRARQINDYYNQLGEGILEYVG
PLVEPGLQEKPLSIALREIHADLLEHTEGE
;
E
5 'polypeptide(L)'
;GAMADIDGVTGSAGLQPGPSEETDEELTARFERDAIPLLDQLYGGALRMTRNPADAEDLLQETMVKAYAGFRSFRHGTNL
KAWLYRILTNTYINSYRKKQRQPAEYPTEQITDWQLASNAEHSSTGLRSAEVEALEALPDTEIKEALQALPEEFRMAVYY
ADVEGFPYKEIAEIMDTPIGTVMSRLHRGRRQLRGLLADVARDRGFARGEQAHEGVSS
;
F
6 'polydeoxyribonucleotide'
;(DC)(DG)(DG)(DA)(DA)(DC)(DA)(DG)(DT)(DT)(DG)(DC)(DG)(DA)(DC)(DT)(DT)(DA)(DG)(DA)
(DC)(DG)(DT)(DG)(DG)(DT)(DT)(DG)(DT)(DG)(DG)(DG)(DA)(DG)(DC)(DT)(DG)(DC)(DT)(DA)
(DT)(DA)(DC)(DT)(DC)(DT)(DC)(DC)
;
G
7 'polydeoxyribonucleotide'
;(DG)(DG)(DA)(DG)(DA)(DG)(DT)(DA)(DT)(DA)(DG)(DG)(DT)(DC)(DG)(DA)(DG)(DG)(DG)(DT)
(DG)(DT)(DA)(DC)(DC)(DA)(DC)(DG)(DT)(DC)(DT)(DA)(DA)(DG)(DT)(DC)(DG)(DC)(DA)(DA)
(DC)(DT)(DG)(DT)(DT)(DC)(DC)
;
H
8 'polyribonucleotide' CCCUCGA I
#
# COMPACT_ATOMS: atom_id res chain seq x y z
N GLN A 26 -40.16 -34.95 42.70
CA GLN A 26 -40.75 -35.50 41.48
C GLN A 26 -39.73 -35.50 40.34
N ARG A 27 -39.67 -36.62 39.62
CA ARG A 27 -38.72 -36.71 38.53
C ARG A 27 -39.31 -36.17 37.23
N PRO A 28 -38.49 -35.56 36.38
CA PRO A 28 -39.00 -34.99 35.14
C PRO A 28 -39.37 -36.06 34.13
N THR A 29 -40.23 -35.67 33.18
CA THR A 29 -40.71 -36.56 32.14
C THR A 29 -40.67 -35.85 30.80
N LEU A 30 -40.65 -36.66 29.74
CA LEU A 30 -40.50 -36.21 28.37
C LEU A 30 -41.63 -36.80 27.54
N SER A 31 -42.49 -35.93 27.01
CA SER A 31 -43.61 -36.35 26.19
C SER A 31 -43.49 -35.73 24.80
N GLU A 32 -43.79 -36.52 23.78
CA GLU A 32 -43.72 -36.08 22.40
C GLU A 32 -45.11 -35.72 21.88
N ASP A 33 -45.20 -34.59 21.19
CA ASP A 33 -46.40 -34.17 20.49
C ASP A 33 -46.01 -33.86 19.05
N VAL A 34 -46.51 -34.66 18.11
CA VAL A 34 -46.09 -34.52 16.72
C VAL A 34 -46.92 -33.44 16.04
N LEU A 35 -46.28 -32.68 15.16
CA LEU A 35 -46.95 -31.64 14.38
C LEU A 35 -47.14 -32.07 12.94
N THR A 36 -46.05 -32.28 12.22
CA THR A 36 -46.05 -32.91 10.90
C THR A 36 -45.30 -34.23 11.00
N ASP A 37 -45.14 -34.91 9.87
CA ASP A 37 -44.40 -36.16 9.88
C ASP A 37 -42.90 -35.94 10.12
N ASN A 38 -42.38 -34.79 9.69
CA ASN A 38 -40.98 -34.45 9.92
C ASN A 38 -40.75 -33.46 11.06
N ARG A 39 -41.80 -33.04 11.78
CA ARG A 39 -41.62 -32.05 12.84
C ARG A 39 -42.39 -32.46 14.09
N SER A 40 -41.70 -32.43 15.24
CA SER A 40 -42.32 -32.78 16.51
C SER A 40 -41.81 -31.87 17.62
N GLN A 41 -42.65 -31.68 18.62
CA GLN A 41 -42.29 -30.98 19.86
C GLN A 41 -42.13 -32.00 20.99
N PHE A 42 -41.25 -31.68 21.92
CA PHE A 42 -40.92 -32.57 23.03
C PHE A 42 -40.89 -31.75 24.31
N VAL A 43 -41.74 -32.10 25.27
CA VAL A 43 -41.85 -31.36 26.52
C VAL A 43 -41.13 -32.14 27.61
N ILE A 44 -40.25 -31.46 28.34
CA ILE A 44 -39.54 -32.01 29.46
C ILE A 44 -39.89 -31.17 30.67
N GLU A 45 -40.62 -31.76 31.62
CA GLU A 45 -40.94 -31.05 32.85
C GLU A 45 -41.10 -31.98 34.05
N PRO A 46 -40.87 -31.48 35.27
CA PRO A 46 -40.33 -30.14 35.51
C PRO A 46 -38.81 -30.14 35.64
N LEU A 47 -38.24 -28.95 35.75
CA LEU A 47 -36.81 -28.78 35.85
C LEU A 47 -36.54 -27.62 36.80
N GLU A 48 -35.45 -27.71 37.54
CA GLU A 48 -35.07 -26.64 38.44
C GLU A 48 -35.01 -25.32 37.66
N PRO A 49 -35.45 -24.20 38.25
CA PRO A 49 -35.52 -22.94 37.49
C PRO A 49 -34.15 -22.53 36.98
N GLY A 50 -34.12 -22.11 35.71
CA GLY A 50 -32.89 -21.77 35.02
C GLY A 50 -32.27 -22.90 34.24
N PHE A 51 -32.78 -24.13 34.39
CA PHE A 51 -32.18 -25.31 33.79
C PHE A 51 -32.67 -25.59 32.37
N GLY A 52 -33.75 -24.95 31.93
CA GLY A 52 -34.34 -25.34 30.66
C GLY A 52 -33.49 -24.94 29.47
N TYR A 53 -33.01 -23.69 29.46
CA TYR A 53 -32.29 -23.16 28.31
C TYR A 53 -31.05 -23.99 28.00
N THR A 54 -30.20 -24.22 29.02
CA THR A 54 -28.96 -24.94 28.77
C THR A 54 -29.20 -26.39 28.38
N LEU A 55 -30.30 -27.00 28.83
CA LEU A 55 -30.62 -28.36 28.42
C LEU A 55 -31.07 -28.41 26.98
N GLY A 56 -32.09 -27.62 26.64
CA GLY A 56 -32.55 -27.57 25.27
C GLY A 56 -31.44 -27.20 24.30
N ASN A 57 -30.47 -26.39 24.76
CA ASN A 57 -29.38 -26.04 23.88
C ASN A 57 -28.33 -27.14 23.80
N SER A 58 -28.07 -27.87 24.88
CA SER A 58 -27.22 -29.04 24.74
C SER A 58 -27.79 -30.01 23.72
N LEU A 59 -29.11 -30.23 23.78
CA LEU A 59 -29.76 -31.09 22.81
C LEU A 59 -29.67 -30.51 21.40
N ARG A 60 -29.91 -29.21 21.25
CA ARG A 60 -29.83 -28.59 19.93
C ARG A 60 -28.42 -28.72 19.34
N ARG A 61 -27.41 -28.42 20.15
CA ARG A 61 -26.03 -28.55 19.70
C ARG A 61 -25.74 -29.97 19.23
N THR A 62 -26.19 -30.97 19.97
CA THR A 62 -25.95 -32.34 19.53
C THR A 62 -26.75 -32.68 18.28
N LEU A 63 -27.95 -32.11 18.14
CA LEU A 63 -28.80 -32.43 16.99
C LEU A 63 -28.24 -31.85 15.70
N LEU A 64 -27.84 -30.59 15.71
CA LEU A 64 -27.37 -29.94 14.50
C LEU A 64 -26.03 -30.47 14.02
N SER A 65 -25.34 -31.27 14.81
CA SER A 65 -23.98 -31.70 14.50
C SER A 65 -23.85 -33.22 14.42
N SER A 66 -24.17 -33.94 15.49
CA SER A 66 -23.74 -35.32 15.67
C SER A 66 -24.76 -36.37 15.23
N ILE A 67 -25.88 -35.98 14.65
CA ILE A 67 -26.91 -36.97 14.31
C ILE A 67 -26.49 -37.75 13.07
N PRO A 68 -26.43 -39.08 13.14
CA PRO A 68 -25.96 -39.86 11.98
C PRO A 68 -26.93 -39.83 10.82
N GLY A 69 -26.38 -40.00 9.63
CA GLY A 69 -27.16 -39.91 8.41
C GLY A 69 -26.42 -40.51 7.24
N ALA A 70 -26.93 -40.23 6.04
CA ALA A 70 -26.36 -40.76 4.82
C ALA A 70 -26.39 -39.69 3.73
N ALA A 71 -25.36 -39.68 2.89
CA ALA A 71 -25.24 -38.70 1.83
C ALA A 71 -24.36 -39.26 0.72
N VAL A 72 -24.44 -38.62 -0.45
CA VAL A 72 -23.62 -39.03 -1.59
C VAL A 72 -22.19 -38.61 -1.36
N THR A 73 -21.26 -39.57 -1.50
CA THR A 73 -19.84 -39.27 -1.42
C THR A 73 -19.28 -38.76 -2.74
N SER A 74 -19.63 -39.40 -3.84
CA SER A 74 -19.02 -39.12 -5.13
C SER A 74 -19.96 -39.56 -6.23
N ILE A 75 -19.71 -39.07 -7.44
CA ILE A 75 -20.47 -39.48 -8.62
C ILE A 75 -19.51 -39.70 -9.78
N ARG A 76 -20.00 -40.44 -10.77
CA ARG A 76 -19.28 -40.68 -12.01
C ARG A 76 -20.27 -40.53 -13.15
N ILE A 77 -20.04 -39.57 -14.04
CA ILE A 77 -20.92 -39.36 -15.18
C ILE A 77 -20.21 -39.83 -16.45
N ASP A 78 -20.94 -40.54 -17.29
CA ASP A 78 -20.34 -41.10 -18.50
C ASP A 78 -20.04 -39.99 -19.50
N GLY A 79 -18.78 -39.90 -19.92
CA GLY A 79 -18.36 -38.92 -20.89
C GLY A 79 -17.71 -37.69 -20.33
N VAL A 80 -17.75 -37.49 -19.01
CA VAL A 80 -17.14 -36.33 -18.37
C VAL A 80 -16.12 -36.83 -17.35
N LEU A 81 -14.92 -36.26 -17.40
CA LEU A 81 -13.84 -36.61 -16.46
C LEU A 81 -13.67 -35.62 -15.33
N HIS A 82 -14.39 -34.50 -15.35
CA HIS A 82 -14.29 -33.50 -14.31
C HIS A 82 -15.57 -32.67 -14.31
N GLU A 83 -15.77 -31.91 -13.24
CA GLU A 83 -17.06 -31.30 -12.97
C GLU A 83 -17.32 -30.00 -13.71
N PHE A 84 -16.32 -29.39 -14.35
CA PHE A 84 -16.57 -28.16 -15.08
C PHE A 84 -16.62 -28.52 -16.56
N THR A 85 -17.84 -28.66 -17.07
CA THR A 85 -18.09 -29.17 -18.42
C THR A 85 -19.59 -29.36 -18.60
N THR A 86 -20.00 -29.77 -19.80
CA THR A 86 -21.41 -30.00 -20.08
C THR A 86 -21.61 -31.44 -20.55
N VAL A 87 -22.86 -31.87 -20.50
CA VAL A 87 -23.31 -33.13 -21.09
C VAL A 87 -24.15 -32.79 -22.31
N PRO A 88 -23.88 -33.36 -23.47
CA PRO A 88 -24.65 -33.02 -24.67
C PRO A 88 -26.14 -33.24 -24.47
N GLY A 89 -26.93 -32.22 -24.81
CA GLY A 89 -28.37 -32.30 -24.71
C GLY A 89 -28.94 -32.04 -23.33
N VAL A 90 -28.12 -31.79 -22.33
CA VAL A 90 -28.57 -31.52 -20.98
C VAL A 90 -28.49 -30.03 -20.71
N LYS A 91 -29.54 -29.47 -20.12
CA LYS A 91 -29.65 -28.03 -19.96
C LYS A 91 -28.70 -27.51 -18.87
N GLU A 92 -28.62 -28.19 -17.75
CA GLU A 92 -27.75 -27.78 -16.65
C GLU A 92 -26.38 -28.41 -16.83
N ASP A 93 -25.33 -27.62 -16.61
CA ASP A 93 -23.99 -28.18 -16.69
C ASP A 93 -23.73 -29.08 -15.48
N VAL A 94 -22.53 -29.65 -15.42
CA VAL A 94 -22.26 -30.64 -14.39
C VAL A 94 -22.20 -29.99 -13.02
N THR A 95 -21.67 -28.78 -12.93
CA THR A 95 -21.62 -28.07 -11.65
C THR A 95 -23.02 -27.81 -11.12
N GLU A 96 -23.93 -27.35 -11.97
CA GLU A 96 -25.30 -27.14 -11.53
C GLU A 96 -25.98 -28.46 -11.16
N ILE A 97 -25.70 -29.53 -11.91
CA ILE A 97 -26.26 -30.84 -11.58
C ILE A 97 -25.81 -31.26 -10.18
N ILE A 98 -24.52 -31.06 -9.87
CA ILE A 98 -24.03 -31.44 -8.55
C ILE A 98 -24.69 -30.60 -7.47
N LEU A 99 -24.86 -29.30 -7.74
CA LEU A 99 -25.62 -28.47 -6.81
C LEU A 99 -27.02 -29.03 -6.56
N ASN A 100 -27.69 -29.47 -7.62
CA ASN A 100 -29.01 -30.06 -7.44
C ASN A 100 -28.96 -31.35 -6.65
N LEU A 101 -27.92 -32.16 -6.86
CA LEU A 101 -27.81 -33.43 -6.15
C LEU A 101 -27.45 -33.23 -4.69
N LYS A 102 -26.94 -32.07 -4.30
CA LYS A 102 -26.74 -31.82 -2.88
C LYS A 102 -28.04 -31.76 -2.09
N SER A 103 -29.18 -31.55 -2.76
CA SER A 103 -30.47 -31.55 -2.10
C SER A 103 -31.04 -32.95 -1.90
N LEU A 104 -30.40 -33.98 -2.43
CA LEU A 104 -30.85 -35.35 -2.22
C LEU A 104 -30.92 -35.66 -0.73
N VAL A 105 -32.03 -36.25 -0.31
CA VAL A 105 -32.15 -36.83 1.03
C VAL A 105 -32.21 -38.34 0.85
N VAL A 106 -31.30 -39.04 1.51
CA VAL A 106 -31.05 -40.44 1.25
C VAL A 106 -30.77 -41.15 2.58
N SER A 107 -31.35 -42.33 2.74
CA SER A 107 -31.16 -43.12 3.96
C SER A 107 -30.61 -44.49 3.59
N SER A 108 -29.48 -44.86 4.19
CA SER A 108 -28.79 -46.09 3.84
C SER A 108 -28.54 -46.93 5.07
N GLU A 109 -28.88 -48.21 4.99
CA GLU A 109 -28.66 -49.16 6.07
C GLU A 109 -27.38 -49.96 5.92
N GLU A 110 -26.61 -49.73 4.85
CA GLU A 110 -25.57 -50.69 4.50
C GLU A 110 -24.30 -50.54 5.34
N ASP A 111 -24.01 -49.33 5.83
CA ASP A 111 -22.84 -49.09 6.68
C ASP A 111 -21.55 -49.47 5.96
N GLU A 112 -21.49 -49.14 4.66
CA GLU A 112 -20.33 -49.32 3.80
C GLU A 112 -20.71 -48.75 2.43
N PRO A 113 -19.74 -48.36 1.61
CA PRO A 113 -20.08 -47.67 0.36
C PRO A 113 -20.91 -48.56 -0.56
N VAL A 114 -22.01 -47.99 -1.06
CA VAL A 114 -22.89 -48.70 -1.99
C VAL A 114 -23.13 -47.76 -3.17
N THR A 115 -23.65 -48.31 -4.26
CA THR A 115 -23.73 -47.56 -5.51
C THR A 115 -25.14 -47.55 -6.05
N MET A 116 -25.60 -46.36 -6.44
CA MET A 116 -26.88 -46.13 -7.09
C MET A 116 -26.63 -45.72 -8.53
N TYR A 117 -27.60 -46.01 -9.39
CA TYR A 117 -27.43 -45.79 -10.83
C TYR A 117 -28.57 -44.94 -11.37
N LEU A 118 -28.24 -44.15 -12.39
CA LEU A 118 -29.19 -43.29 -13.07
C LEU A 118 -28.93 -43.39 -14.57
N ARG A 119 -29.91 -43.85 -15.32
CA ARG A 119 -29.81 -43.91 -16.77
C ARG A 119 -31.11 -43.41 -17.37
N LYS A 120 -31.04 -42.33 -18.14
CA LYS A 120 -32.25 -41.76 -18.71
C LYS A 120 -31.93 -41.20 -20.09
N GLN A 121 -32.85 -41.41 -21.03
CA GLN A 121 -32.74 -40.90 -22.38
C GLN A 121 -33.81 -39.83 -22.60
N GLY A 122 -33.42 -38.73 -23.23
CA GLY A 122 -34.32 -37.62 -23.46
C GLY A 122 -35.38 -37.86 -24.52
N PRO A 123 -36.33 -36.93 -24.63
CA PRO A 123 -36.36 -35.76 -23.78
C PRO A 123 -37.14 -35.99 -22.50
N GLY A 124 -37.13 -35.02 -21.59
CA GLY A 124 -37.92 -35.11 -20.40
C GLY A 124 -37.19 -34.48 -19.23
N GLU A 125 -37.76 -34.67 -18.04
CA GLU A 125 -37.16 -34.22 -16.80
C GLU A 125 -36.60 -35.42 -16.05
N VAL A 126 -35.33 -35.32 -15.67
CA VAL A 126 -34.72 -36.30 -14.78
C VAL A 126 -34.88 -35.79 -13.35
N THR A 127 -35.53 -36.59 -12.51
CA THR A 127 -35.76 -36.27 -11.11
C THR A 127 -35.17 -37.39 -10.26
N ALA A 128 -35.04 -37.11 -8.97
CA ALA A 128 -34.47 -38.08 -8.04
C ALA A 128 -35.21 -39.40 -8.03
N GLY A 129 -36.48 -39.41 -8.47
CA GLY A 129 -37.18 -40.67 -8.61
C GLY A 129 -36.56 -41.59 -9.64
N ASP A 130 -35.91 -41.02 -10.65
CA ASP A 130 -35.29 -41.83 -11.70
C ASP A 130 -34.05 -42.56 -11.22
N ILE A 131 -33.57 -42.28 -10.01
CA ILE A 131 -32.43 -43.01 -9.48
C ILE A 131 -32.87 -44.41 -9.09
N VAL A 132 -32.03 -45.40 -9.40
CA VAL A 132 -32.30 -46.76 -8.95
C VAL A 132 -31.39 -47.07 -7.77
N PRO A 133 -31.90 -47.04 -6.54
CA PRO A 133 -31.09 -47.40 -5.39
C PRO A 133 -30.99 -48.89 -5.23
N PRO A 134 -29.85 -49.40 -4.75
CA PRO A 134 -29.78 -50.79 -4.34
C PRO A 134 -30.62 -51.03 -3.10
N ALA A 135 -30.92 -52.31 -2.85
CA ALA A 135 -31.67 -52.66 -1.66
C ALA A 135 -30.91 -52.23 -0.41
N GLY A 136 -31.62 -51.55 0.50
CA GLY A 136 -31.02 -51.05 1.72
C GLY A 136 -30.83 -49.55 1.77
N VAL A 137 -31.02 -48.85 0.67
CA VAL A 137 -30.91 -47.40 0.61
C VAL A 137 -32.16 -46.85 -0.05
N THR A 138 -32.51 -45.62 0.29
CA THR A 138 -33.80 -45.04 -0.05
C THR A 138 -33.65 -43.58 -0.41
N VAL A 139 -34.31 -43.18 -1.50
CA VAL A 139 -34.42 -41.79 -1.93
C VAL A 139 -35.77 -41.26 -1.45
N HIS A 140 -35.75 -40.22 -0.63
CA HIS A 140 -36.95 -39.76 0.06
C HIS A 140 -37.64 -38.57 -0.60
N ASN A 141 -37.11 -38.02 -1.68
CA ASN A 141 -37.75 -36.92 -2.40
C ASN A 141 -37.75 -37.25 -3.88
N PRO A 142 -38.71 -38.05 -4.34
CA PRO A 142 -38.69 -38.51 -5.74
C PRO A 142 -38.92 -37.40 -6.75
N GLY A 143 -39.53 -36.29 -6.36
CA GLY A 143 -39.80 -35.20 -7.28
C GLY A 143 -38.71 -34.17 -7.40
N MET A 144 -37.59 -34.33 -6.70
CA MET A 144 -36.52 -33.34 -6.75
C MET A 144 -35.94 -33.25 -8.15
N HIS A 145 -35.90 -32.03 -8.69
CA HIS A 145 -35.36 -31.81 -10.02
C HIS A 145 -33.88 -32.15 -10.04
N ILE A 146 -33.45 -32.83 -11.11
CA ILE A 146 -32.04 -33.14 -11.29
C ILE A 146 -31.57 -32.49 -12.58
N ALA A 147 -32.16 -32.88 -13.70
CA ALA A 147 -31.72 -32.33 -14.98
C ALA A 147 -32.90 -32.23 -15.93
N THR A 148 -32.70 -31.45 -16.99
CA THR A 148 -33.65 -31.32 -18.09
C THR A 148 -32.96 -31.79 -19.37
N LEU A 149 -33.63 -32.66 -20.12
CA LEU A 149 -33.06 -33.28 -21.31
C LEU A 149 -33.94 -33.00 -22.52
N ASN A 150 -33.30 -32.77 -23.66
CA ASN A 150 -33.98 -32.69 -24.93
C ASN A 150 -33.75 -33.99 -25.71
N ASP A 151 -34.21 -34.03 -26.96
CA ASP A 151 -34.17 -35.26 -27.75
C ASP A 151 -32.76 -35.85 -27.84
N LYS A 152 -31.74 -35.00 -27.79
CA LYS A 152 -30.36 -35.48 -27.92
C LYS A 152 -29.68 -35.76 -26.59
N GLY A 153 -30.36 -35.50 -25.47
CA GLY A 153 -29.73 -35.66 -24.17
C GLY A 153 -29.80 -37.09 -23.67
N LYS A 154 -28.73 -37.50 -22.99
CA LYS A 154 -28.65 -38.79 -22.33
C LYS A 154 -27.84 -38.62 -21.06
N LEU A 155 -28.27 -39.26 -19.97
CA LEU A 155 -27.61 -39.10 -18.69
C LEU A 155 -27.38 -40.46 -18.05
N GLU A 156 -26.11 -40.79 -17.79
CA GLU A 156 -25.70 -42.03 -17.16
C GLU A 156 -24.77 -41.68 -16.00
N VAL A 157 -25.23 -41.92 -14.77
CA VAL A 157 -24.57 -41.42 -13.56
C VAL A 157 -24.50 -42.54 -12.53
N GLU A 158 -23.34 -42.71 -11.91
CA GLU A 158 -23.17 -43.52 -10.72
C GLU A 158 -23.04 -42.61 -9.51
N LEU A 159 -23.69 -43.00 -8.40
CA LEU A 159 -23.69 -42.21 -7.19
C LEU A 159 -23.32 -43.11 -6.01
N VAL A 160 -22.21 -42.82 -5.37
CA VAL A 160 -21.75 -43.60 -4.22
C VAL A 160 -22.36 -43.02 -2.96
N VAL A 161 -22.84 -43.88 -2.08
CA VAL A 161 -23.50 -43.49 -0.84
C VAL A 161 -22.82 -44.19 0.33
N GLU A 162 -22.54 -43.42 1.37
CA GLU A 162 -21.91 -43.89 2.60
C GLU A 162 -22.66 -43.29 3.79
N ARG A 163 -22.36 -43.83 4.98
CA ARG A 163 -22.94 -43.36 6.22
C ARG A 163 -21.93 -42.55 7.01
N GLY A 164 -22.39 -41.48 7.62
CA GLY A 164 -21.53 -40.62 8.40
C GLY A 164 -22.34 -39.64 9.23
N ARG A 165 -21.64 -38.65 9.78
CA ARG A 165 -22.27 -37.62 10.59
C ARG A 165 -21.66 -36.27 10.28
N GLY A 166 -22.46 -35.23 10.43
CA GLY A 166 -21.96 -33.88 10.20
C GLY A 166 -21.76 -33.61 8.72
N TYR A 167 -20.67 -32.90 8.41
CA TYR A 167 -20.36 -32.48 7.05
C TYR A 167 -18.89 -32.77 6.79
N VAL A 168 -18.62 -33.61 5.80
CA VAL A 168 -17.26 -33.86 5.34
C VAL A 168 -17.14 -33.34 3.91
N PRO A 169 -16.23 -32.40 3.64
CA PRO A 169 -16.02 -31.95 2.27
C PRO A 169 -15.44 -33.05 1.41
N ALA A 170 -15.51 -32.81 0.09
CA ALA A 170 -15.16 -33.84 -0.89
C ALA A 170 -13.78 -34.42 -0.61
N VAL A 171 -13.72 -35.75 -0.54
CA VAL A 171 -12.47 -36.44 -0.23
C VAL A 171 -11.63 -36.49 -1.50
N GLN A 172 -10.46 -35.88 -1.45
CA GLN A 172 -9.61 -35.78 -2.63
C GLN A 172 -9.19 -37.15 -3.13
N ASN A 173 -9.02 -37.25 -4.45
CA ASN A 173 -8.68 -38.54 -5.05
C ASN A 173 -7.29 -39.00 -4.62
N ARG A 174 -6.39 -38.06 -4.30
CA ARG A 174 -5.08 -38.46 -3.80
C ARG A 174 -5.18 -39.08 -2.41
N ALA A 175 -6.15 -38.66 -1.61
CA ALA A 175 -6.43 -39.33 -0.35
C ALA A 175 -7.06 -40.70 -0.55
N SER A 176 -7.52 -41.00 -1.76
CA SER A 176 -8.12 -42.28 -2.12
C SER A 176 -7.24 -42.96 -3.16
N GLY A 177 -7.72 -44.11 -3.65
CA GLY A 177 -7.10 -44.76 -4.78
C GLY A 177 -7.94 -44.54 -6.02
N ALA A 178 -8.80 -43.54 -5.96
CA ALA A 178 -9.77 -43.30 -7.02
C ALA A 178 -9.07 -42.86 -8.30
N GLU A 179 -9.74 -43.10 -9.43
CA GLU A 179 -9.23 -42.75 -10.74
C GLU A 179 -9.82 -41.41 -11.17
N ILE A 180 -9.54 -41.02 -12.42
CA ILE A 180 -9.79 -39.65 -12.85
C ILE A 180 -11.28 -39.38 -13.06
N GLY A 181 -12.03 -40.38 -13.53
CA GLY A 181 -13.44 -40.16 -13.81
C GLY A 181 -14.28 -39.84 -12.60
N ARG A 182 -13.79 -40.16 -11.40
CA ARG A 182 -14.56 -39.97 -10.17
C ARG A 182 -14.57 -38.50 -9.77
N ILE A 183 -15.74 -38.01 -9.35
CA ILE A 183 -15.95 -36.61 -8.99
C ILE A 183 -16.45 -36.54 -7.55
N PRO A 184 -15.56 -36.39 -6.57
CA PRO A 184 -16.01 -36.33 -5.17
C PRO A 184 -16.94 -35.15 -4.92
N VAL A 185 -17.81 -35.31 -3.92
CA VAL A 185 -18.83 -34.32 -3.61
C VAL A 185 -18.82 -34.05 -2.12
N ASP A 186 -19.18 -32.82 -1.75
CA ASP A 186 -19.36 -32.47 -0.35
C ASP A 186 -20.54 -33.24 0.22
N SER A 187 -20.31 -33.90 1.35
CA SER A 187 -21.30 -34.77 1.96
C SER A 187 -21.90 -34.07 3.17
N ILE A 188 -23.19 -33.73 3.08
CA ILE A 188 -23.93 -33.23 4.24
C ILE A 188 -24.76 -34.40 4.75
N TYR A 189 -24.33 -34.98 5.87
CA TYR A 189 -24.98 -36.16 6.41
C TYR A 189 -26.20 -35.81 7.26
N SER A 190 -26.16 -34.69 7.98
CA SER A 190 -27.09 -34.43 9.06
C SER A 190 -28.54 -34.50 8.57
N PRO A 191 -29.34 -35.43 9.10
CA PRO A 191 -30.75 -35.49 8.68
C PRO A 191 -31.62 -34.39 9.25
N VAL A 192 -31.20 -33.73 10.33
CA VAL A 192 -32.06 -32.75 10.98
C VAL A 192 -32.05 -31.46 10.19
N LEU A 193 -33.15 -30.71 10.29
CA LEU A 193 -33.34 -29.50 9.50
C LEU A 193 -33.28 -28.26 10.37
N LYS A 194 -34.28 -28.02 11.21
CA LYS A 194 -34.33 -26.82 12.04
C LYS A 194 -34.72 -27.20 13.46
N VAL A 195 -33.98 -26.67 14.44
CA VAL A 195 -34.17 -27.00 15.85
C VAL A 195 -34.24 -25.71 16.65
N THR A 196 -35.18 -25.64 17.59
CA THR A 196 -35.27 -24.50 18.49
C THR A 196 -35.85 -25.00 19.81
N TYR A 197 -36.04 -24.06 20.74
CA TYR A 197 -36.66 -24.40 22.01
C TYR A 197 -37.23 -23.14 22.64
N LYS A 198 -38.09 -23.35 23.64
CA LYS A 198 -38.49 -22.28 24.53
C LYS A 198 -38.77 -22.90 25.89
N VAL A 199 -38.79 -22.05 26.92
CA VAL A 199 -39.12 -22.52 28.27
C VAL A 199 -40.28 -21.71 28.80
N ASP A 200 -41.12 -22.38 29.58
CA ASP A 200 -42.18 -21.75 30.36
C ASP A 200 -41.74 -21.81 31.82
N ALA A 201 -41.45 -20.65 32.39
CA ALA A 201 -40.91 -20.55 33.75
C ALA A 201 -42.03 -20.19 34.70
N THR A 202 -42.27 -21.05 35.69
CA THR A 202 -43.28 -20.80 36.71
C THR A 202 -42.64 -20.46 38.05
N ARG A 207 -45.67 -26.61 40.83
CA ARG A 207 -44.98 -26.79 42.09
C ARG A 207 -44.75 -25.45 42.79
N THR A 208 -43.50 -25.11 43.02
CA THR A 208 -43.13 -23.80 43.55
C THR A 208 -42.51 -22.95 42.45
N ASP A 209 -41.27 -23.23 42.04
CA ASP A 209 -40.63 -22.60 40.90
C ASP A 209 -40.01 -23.70 40.04
N PHE A 210 -40.38 -23.75 38.77
CA PHE A 210 -39.86 -24.79 37.90
C PHE A 210 -39.86 -24.29 36.45
N ASP A 211 -39.08 -24.98 35.61
CA ASP A 211 -38.95 -24.65 34.20
C ASP A 211 -39.47 -25.79 33.35
N LYS A 212 -40.29 -25.46 32.37
CA LYS A 212 -40.84 -26.41 31.41
C LYS A 212 -40.15 -26.21 30.07
N LEU A 213 -39.50 -27.27 29.57
CA LEU A 213 -38.76 -27.18 28.32
C LEU A 213 -39.60 -27.69 27.16
N ILE A 214 -39.74 -26.87 26.13
CA ILE A 214 -40.38 -27.28 24.88
C ILE A 214 -39.34 -27.25 23.78
N LEU A 215 -38.97 -28.43 23.29
CA LEU A 215 -37.93 -28.59 22.28
C LEU A 215 -38.58 -28.89 20.93
N ASP A 216 -38.29 -28.07 19.93
CA ASP A 216 -38.91 -28.16 18.62
C ASP A 216 -37.88 -28.71 17.63
N VAL A 217 -38.17 -29.88 17.06
CA VAL A 217 -37.26 -30.57 16.16
C VAL A 217 -37.94 -30.76 14.81
N GLU A 218 -37.26 -30.36 13.75
CA GLU A 218 -37.69 -30.61 12.37
C GLU A 218 -36.54 -31.27 11.62
N THR A 219 -36.79 -32.48 11.12
CA THR A 219 -35.83 -33.25 10.36
C THR A 219 -36.22 -33.22 8.88
N LYS A 220 -35.41 -33.88 8.07
CA LYS A 220 -35.79 -34.19 6.70
C LYS A 220 -36.58 -35.50 6.72
N ASN A 221 -37.07 -35.91 5.56
CA ASN A 221 -37.83 -37.16 5.52
C ASN A 221 -36.94 -38.38 5.74
N SER A 222 -35.62 -38.20 5.85
CA SER A 222 -34.72 -39.32 6.08
C SER A 222 -35.09 -40.08 7.34
N ILE A 223 -35.20 -39.38 8.47
CA ILE A 223 -35.58 -40.00 9.74
C ILE A 223 -36.59 -39.12 10.44
N SER A 224 -37.19 -39.68 11.47
CA SER A 224 -38.21 -39.05 12.30
C SER A 224 -37.57 -38.23 13.42
N PRO A 225 -38.23 -37.14 13.82
CA PRO A 225 -37.69 -36.34 14.93
C PRO A 225 -37.43 -37.16 16.19
N ARG A 226 -38.32 -38.10 16.47
CA ARG A 226 -38.17 -38.99 17.62
C ARG A 226 -36.83 -39.69 17.62
N ASP A 227 -36.43 -40.23 16.46
CA ASP A 227 -35.19 -41.00 16.39
C ASP A 227 -33.97 -40.10 16.48
N ALA A 228 -34.03 -38.91 15.87
CA ALA A 228 -32.93 -37.96 15.98
C ALA A 228 -32.70 -37.57 17.43
N LEU A 229 -33.78 -37.24 18.15
CA LEU A 229 -33.65 -36.95 19.57
C LEU A 229 -33.15 -38.15 20.34
N ALA A 230 -33.51 -39.37 19.92
CA ALA A 230 -33.04 -40.56 20.62
C ALA A 230 -31.53 -40.71 20.48
N SER A 231 -31.00 -40.55 19.27
CA SER A 231 -29.56 -40.68 19.07
C SER A 231 -28.80 -39.55 19.75
N ALA A 232 -29.36 -38.34 19.72
CA ALA A 232 -28.81 -37.27 20.54
C ALA A 232 -28.74 -37.69 22.00
N GLY A 233 -29.79 -38.34 22.49
CA GLY A 233 -29.81 -38.80 23.86
C GLY A 233 -28.71 -39.82 24.15
N LYS A 234 -28.49 -40.76 23.24
CA LYS A 234 -27.42 -41.73 23.45
C LYS A 234 -26.06 -41.03 23.47
N THR A 235 -25.82 -40.14 22.50
CA THR A 235 -24.56 -39.42 22.44
C THR A 235 -24.29 -38.67 23.74
N LEU A 236 -25.30 -37.92 24.22
CA LEU A 236 -25.10 -37.13 25.43
C LEU A 236 -24.98 -38.03 26.66
N VAL A 237 -25.74 -39.12 26.71
CA VAL A 237 -25.66 -40.03 27.85
C VAL A 237 -24.25 -40.60 27.98
N GLU A 238 -23.71 -41.10 26.87
CA GLU A 238 -22.37 -41.65 26.94
C GLU A 238 -21.33 -40.56 27.18
N LEU A 239 -21.57 -39.36 26.66
CA LEU A 239 -20.59 -38.28 26.81
C LEU A 239 -20.51 -37.79 28.25
N PHE A 240 -21.67 -37.46 28.83
CA PHE A 240 -21.72 -37.02 30.22
C PHE A 240 -21.35 -38.12 31.21
N GLY A 241 -21.26 -39.37 30.76
CA GLY A 241 -20.74 -40.42 31.61
C GLY A 241 -19.30 -40.21 32.03
N LEU A 242 -18.57 -39.33 31.34
CA LEU A 242 -17.20 -39.00 31.73
C LEU A 242 -17.17 -38.31 33.08
N ALA A 243 -18.18 -37.50 33.40
CA ALA A 243 -18.40 -37.04 34.76
C ALA A 243 -19.29 -38.08 35.42
N ARG A 244 -18.74 -38.84 36.35
CA ARG A 244 -19.28 -40.13 36.75
C ARG A 244 -20.70 -40.06 37.27
N MET B 22 -22.07 -41.98 14.84
CA MET B 22 -21.59 -42.77 13.72
C MET B 22 -20.20 -43.34 13.99
N LEU B 23 -19.20 -42.46 14.02
CA LEU B 23 -17.81 -42.87 14.22
C LEU B 23 -17.54 -43.08 15.71
N ILE B 24 -16.28 -43.31 16.05
CA ILE B 24 -15.83 -43.42 17.43
C ILE B 24 -14.66 -42.47 17.61
N SER B 25 -14.85 -41.45 18.45
CA SER B 25 -13.81 -40.46 18.65
C SER B 25 -12.71 -41.01 19.56
N GLN B 26 -11.67 -40.22 19.77
CA GLN B 26 -10.66 -40.57 20.75
C GLN B 26 -11.23 -40.34 22.15
N ARG B 27 -11.12 -41.35 23.00
CA ARG B 27 -11.81 -41.32 24.29
C ARG B 27 -11.30 -40.16 25.14
N PRO B 28 -12.15 -39.18 25.46
CA PRO B 28 -11.70 -38.10 26.33
C PRO B 28 -11.50 -38.58 27.75
N THR B 29 -10.55 -37.95 28.43
CA THR B 29 -10.23 -38.27 29.81
C THR B 29 -10.64 -37.12 30.72
N LEU B 30 -10.98 -37.47 31.95
CA LEU B 30 -11.25 -36.52 33.01
C LEU B 30 -10.08 -36.54 34.00
N SER B 31 -9.64 -35.35 34.40
CA SER B 31 -8.53 -35.22 35.34
C SER B 31 -8.87 -34.15 36.37
N GLU B 32 -8.29 -34.30 37.56
CA GLU B 32 -8.56 -33.40 38.67
C GLU B 32 -7.26 -32.89 39.25
N ASP B 33 -7.15 -31.57 39.37
CA ASP B 33 -6.08 -30.93 40.13
C ASP B 33 -6.73 -30.27 41.34
N VAL B 34 -6.36 -30.74 42.53
CA VAL B 34 -6.98 -30.28 43.77
C VAL B 34 -6.26 -29.01 44.19
N LEU B 35 -6.98 -27.88 44.19
CA LEU B 35 -6.40 -26.61 44.59
C LEU B 35 -6.39 -26.46 46.11
N THR B 36 -7.54 -26.69 46.75
CA THR B 36 -7.66 -26.70 48.20
C THR B 36 -8.59 -27.85 48.57
N ASP B 37 -8.95 -27.94 49.84
CA ASP B 37 -9.85 -29.00 50.28
C ASP B 37 -11.24 -28.83 49.66
N ASN B 38 -11.72 -27.60 49.57
CA ASN B 38 -13.04 -27.31 49.03
C ASN B 38 -13.02 -26.86 47.57
N ARG B 39 -11.87 -26.82 46.93
CA ARG B 39 -11.76 -26.30 45.57
C ARG B 39 -10.99 -27.27 44.71
N SER B 40 -11.42 -27.41 43.45
CA SER B 40 -10.69 -28.25 42.51
C SER B 40 -10.96 -27.79 41.09
N GLN B 41 -10.01 -28.14 40.21
CA GLN B 41 -10.18 -28.00 38.78
C GLN B 41 -10.29 -29.37 38.14
N PHE B 42 -11.13 -29.46 37.12
CA PHE B 42 -11.29 -30.68 36.34
C PHE B 42 -11.10 -30.34 34.87
N VAL B 43 -10.45 -31.24 34.13
CA VAL B 43 -10.26 -31.07 32.70
C VAL B 43 -10.80 -32.31 31.99
N ILE B 44 -11.64 -32.10 30.99
CA ILE B 44 -12.13 -33.14 30.10
C ILE B 44 -11.54 -32.88 28.73
N GLU B 45 -10.88 -33.89 28.16
CA GLU B 45 -10.04 -33.64 26.98
C GLU B 45 -9.44 -34.91 26.38
N PRO B 46 -9.34 -34.97 25.04
CA PRO B 46 -9.85 -34.01 24.06
C PRO B 46 -11.33 -34.20 23.75
N LEU B 47 -12.01 -33.14 23.30
CA LEU B 47 -13.40 -33.22 22.88
C LEU B 47 -13.50 -32.85 21.41
N GLU B 48 -14.39 -33.54 20.70
CA GLU B 48 -14.65 -33.17 19.32
C GLU B 48 -15.09 -31.70 19.26
N PRO B 49 -14.61 -30.94 18.28
CA PRO B 49 -14.80 -29.48 18.32
C PRO B 49 -16.27 -29.09 18.44
N GLY B 50 -16.54 -28.22 19.40
CA GLY B 50 -17.88 -27.75 19.69
C GLY B 50 -18.52 -28.41 20.90
N PHE B 51 -18.07 -29.59 21.30
CA PHE B 51 -18.66 -30.30 22.42
C PHE B 51 -18.30 -29.70 23.77
N GLY B 52 -17.22 -28.93 23.85
CA GLY B 52 -16.89 -28.28 25.10
C GLY B 52 -17.98 -27.34 25.57
N TYR B 53 -18.60 -26.62 24.64
CA TYR B 53 -19.70 -25.74 25.01
C TYR B 53 -21.00 -26.50 25.21
N THR B 54 -21.16 -27.66 24.58
CA THR B 54 -22.34 -28.46 24.80
C THR B 54 -22.35 -29.07 26.20
N LEU B 55 -21.17 -29.45 26.69
CA LEU B 55 -21.08 -29.93 28.07
C LEU B 55 -20.98 -28.80 29.09
N GLY B 56 -20.41 -27.66 28.69
CA GLY B 56 -19.97 -26.68 29.67
C GLY B 56 -21.03 -26.00 30.51
N ASN B 57 -21.97 -25.30 29.87
CA ASN B 57 -22.98 -24.58 30.63
C ASN B 57 -23.95 -25.54 31.32
N SER B 58 -24.23 -26.68 30.69
CA SER B 58 -25.10 -27.67 31.32
C SER B 58 -24.44 -28.27 32.56
N LEU B 59 -23.12 -28.47 32.50
CA LEU B 59 -22.42 -29.00 33.68
C LEU B 59 -22.34 -27.96 34.78
N ARG B 60 -22.11 -26.69 34.43
CA ARG B 60 -22.06 -25.66 35.45
C ARG B 60 -23.42 -25.48 36.13
N ARG B 61 -24.47 -25.30 35.33
CA ARG B 61 -25.81 -25.13 35.90
C ARG B 61 -26.29 -26.38 36.62
N THR B 62 -25.83 -27.56 36.19
CA THR B 62 -26.18 -28.78 36.91
C THR B 62 -25.49 -28.82 38.27
N LEU B 63 -24.19 -28.52 38.30
CA LEU B 63 -23.48 -28.46 39.56
C LEU B 63 -24.12 -27.46 40.51
N LEU B 64 -24.55 -26.31 39.99
CA LEU B 64 -25.13 -25.30 40.87
C LEU B 64 -26.52 -25.69 41.36
N SER B 65 -27.43 -25.99 40.43
CA SER B 65 -28.85 -26.10 40.78
C SER B 65 -29.35 -27.52 41.07
N SER B 66 -28.60 -28.56 40.74
CA SER B 66 -29.17 -29.91 40.77
C SER B 66 -28.77 -30.76 41.97
N ILE B 67 -27.91 -30.29 42.86
CA ILE B 67 -27.43 -31.10 43.98
C ILE B 67 -28.20 -30.69 45.23
N PRO B 68 -28.82 -31.64 45.94
CA PRO B 68 -29.57 -31.28 47.15
C PRO B 68 -28.65 -31.00 48.33
N GLY B 69 -29.09 -30.07 49.16
CA GLY B 69 -28.38 -29.70 50.37
C GLY B 69 -29.34 -29.14 51.39
N ALA B 70 -28.80 -28.75 52.53
CA ALA B 70 -29.59 -28.23 53.64
C ALA B 70 -29.22 -26.77 53.90
N ALA B 71 -30.22 -25.96 54.25
CA ALA B 71 -29.99 -24.55 54.46
C ALA B 71 -31.00 -23.99 55.45
N VAL B 72 -30.62 -22.87 56.06
CA VAL B 72 -31.53 -22.10 56.91
C VAL B 72 -32.51 -21.34 56.04
N THR B 73 -33.78 -21.38 56.43
CA THR B 73 -34.87 -20.78 55.68
C THR B 73 -35.42 -19.53 56.37
N SER B 74 -35.92 -19.68 57.58
CA SER B 74 -36.35 -18.55 58.39
C SER B 74 -35.65 -18.61 59.74
N ILE B 75 -35.63 -17.48 60.43
CA ILE B 75 -35.11 -17.42 61.80
C ILE B 75 -36.06 -16.63 62.66
N ARG B 76 -36.14 -17.02 63.93
CA ARG B 76 -36.81 -16.28 64.98
C ARG B 76 -35.74 -15.77 65.94
N ILE B 77 -35.77 -14.48 66.25
CA ILE B 77 -34.87 -13.90 67.24
C ILE B 77 -35.72 -13.27 68.32
N ASP B 78 -35.66 -13.85 69.53
CA ASP B 78 -36.41 -13.30 70.65
C ASP B 78 -35.93 -11.89 70.97
N GLY B 79 -36.86 -10.96 71.03
CA GLY B 79 -36.55 -9.57 71.32
C GLY B 79 -36.65 -8.64 70.13
N VAL B 80 -36.84 -9.15 68.92
CA VAL B 80 -37.07 -8.32 67.74
C VAL B 80 -38.38 -8.75 67.11
N LEU B 81 -39.25 -7.79 66.82
CA LEU B 81 -40.59 -8.09 66.37
C LEU B 81 -40.95 -7.29 65.11
N HIS B 82 -41.03 -5.97 65.24
CA HIS B 82 -41.52 -5.11 64.17
C HIS B 82 -40.37 -4.44 63.43
N GLU B 83 -39.61 -3.58 64.10
CA GLU B 83 -38.44 -2.98 63.49
C GLU B 83 -37.24 -3.91 63.67
N PHE B 84 -36.57 -4.24 62.57
CA PHE B 84 -35.37 -5.05 62.62
C PHE B 84 -34.20 -4.11 62.40
N THR B 85 -33.52 -3.75 63.48
CA THR B 85 -32.34 -2.91 63.39
C THR B 85 -31.23 -3.45 64.27
N THR B 86 -31.41 -3.33 65.59
CA THR B 86 -30.40 -3.69 66.57
C THR B 86 -31.00 -4.62 67.61
N VAL B 87 -30.15 -5.48 68.16
CA VAL B 87 -30.51 -6.36 69.25
C VAL B 87 -29.83 -5.84 70.52
N PRO B 88 -30.57 -5.51 71.57
CA PRO B 88 -29.94 -5.00 72.79
C PRO B 88 -29.02 -6.06 73.40
N GLY B 89 -27.82 -5.63 73.77
CA GLY B 89 -26.83 -6.53 74.33
C GLY B 89 -26.04 -7.33 73.32
N VAL B 90 -26.22 -7.07 72.03
CA VAL B 90 -25.48 -7.73 70.96
C VAL B 90 -24.79 -6.66 70.14
N LYS B 91 -23.52 -6.90 69.81
CA LYS B 91 -22.78 -5.95 68.98
C LYS B 91 -23.29 -5.96 67.55
N GLU B 92 -23.42 -7.14 66.95
CA GLU B 92 -23.90 -7.25 65.58
C GLU B 92 -25.36 -6.85 65.49
N ASP B 93 -25.72 -6.14 64.42
CA ASP B 93 -27.11 -5.80 64.18
C ASP B 93 -27.81 -6.99 63.52
N VAL B 94 -29.10 -6.82 63.26
CA VAL B 94 -29.94 -7.93 62.80
C VAL B 94 -29.39 -8.52 61.50
N THR B 95 -29.21 -7.67 60.49
CA THR B 95 -28.87 -8.15 59.15
C THR B 95 -27.48 -8.77 59.11
N GLU B 96 -26.58 -8.38 60.01
CA GLU B 96 -25.29 -9.04 60.08
C GLU B 96 -25.41 -10.43 60.70
N ILE B 97 -26.29 -10.59 61.68
CA ILE B 97 -26.60 -11.93 62.18
C ILE B 97 -27.18 -12.78 61.06
N ILE B 98 -28.04 -12.18 60.23
CA ILE B 98 -28.58 -12.91 59.08
C ILE B 98 -27.46 -13.34 58.14
N LEU B 99 -26.51 -12.44 57.87
CA LEU B 99 -25.38 -12.80 57.02
C LEU B 99 -24.58 -13.95 57.63
N ASN B 100 -24.31 -13.89 58.92
CA ASN B 100 -23.53 -14.94 59.57
C ASN B 100 -24.28 -16.26 59.58
N LEU B 101 -25.61 -16.21 59.60
CA LEU B 101 -26.39 -17.45 59.61
C LEU B 101 -26.48 -18.06 58.21
N LYS B 102 -26.65 -17.23 57.17
CA LYS B 102 -26.71 -17.77 55.81
C LYS B 102 -25.43 -18.49 55.45
N SER B 103 -24.32 -18.15 56.09
CA SER B 103 -23.04 -18.82 55.85
C SER B 103 -22.88 -20.10 56.66
N LEU B 104 -23.89 -20.47 57.44
CA LEU B 104 -23.82 -21.68 58.25
C LEU B 104 -23.98 -22.91 57.37
N VAL B 105 -23.07 -23.87 57.54
CA VAL B 105 -23.02 -25.07 56.71
C VAL B 105 -23.65 -26.21 57.49
N VAL B 106 -24.70 -26.81 56.92
CA VAL B 106 -25.50 -27.80 57.64
C VAL B 106 -25.99 -28.87 56.66
N SER B 107 -26.10 -30.10 57.17
CA SER B 107 -26.63 -31.24 56.44
C SER B 107 -27.83 -31.79 57.20
N SER B 108 -28.84 -32.26 56.48
CA SER B 108 -30.06 -32.75 57.10
C SER B 108 -30.58 -33.98 56.37
N GLU B 109 -30.96 -35.00 57.13
CA GLU B 109 -31.55 -36.22 56.59
C GLU B 109 -33.08 -36.24 56.64
N GLU B 110 -33.69 -35.19 57.20
CA GLU B 110 -35.09 -35.29 57.60
C GLU B 110 -36.07 -35.13 56.43
N ASP B 111 -35.67 -34.41 55.39
CA ASP B 111 -36.52 -34.19 54.21
C ASP B 111 -37.76 -33.36 54.54
N GLU B 112 -37.99 -33.11 55.82
CA GLU B 112 -39.03 -32.21 56.31
C GLU B 112 -38.39 -31.10 57.13
N PRO B 113 -39.00 -29.92 57.19
CA PRO B 113 -38.37 -28.81 57.91
C PRO B 113 -38.14 -29.15 59.37
N VAL B 114 -36.98 -28.75 59.88
CA VAL B 114 -36.57 -29.06 61.25
C VAL B 114 -36.08 -27.78 61.91
N THR B 115 -36.58 -27.52 63.11
CA THR B 115 -36.19 -26.33 63.87
C THR B 115 -35.09 -26.69 64.86
N MET B 116 -34.03 -25.89 64.87
CA MET B 116 -32.97 -25.97 65.86
C MET B 116 -32.95 -24.67 66.66
N TYR B 117 -32.41 -24.75 67.87
CA TYR B 117 -32.44 -23.63 68.79
C TYR B 117 -31.03 -23.21 69.19
N LEU B 118 -30.87 -21.92 69.45
CA LEU B 118 -29.61 -21.36 69.91
C LEU B 118 -29.90 -20.36 71.02
N ARG B 119 -29.30 -20.56 72.19
CA ARG B 119 -29.47 -19.63 73.30
C ARG B 119 -28.13 -19.49 74.03
N LYS B 120 -27.72 -18.25 74.29
CA LYS B 120 -26.53 -18.01 75.09
C LYS B 120 -26.70 -16.73 75.88
N GLN B 121 -26.11 -16.70 77.07
CA GLN B 121 -26.26 -15.61 78.02
C GLN B 121 -24.88 -15.12 78.44
N GLY B 122 -24.86 -13.94 79.06
CA GLY B 122 -23.66 -13.40 79.64
C GLY B 122 -22.68 -12.90 78.60
N PRO B 123 -21.53 -12.42 79.04
CA PRO B 123 -20.52 -11.96 78.08
C PRO B 123 -19.88 -13.14 77.38
N GLY B 124 -19.53 -12.94 76.12
CA GLY B 124 -18.78 -13.94 75.39
C GLY B 124 -19.12 -13.93 73.92
N GLU B 125 -18.62 -14.93 73.22
CA GLU B 125 -18.78 -15.06 71.78
C GLU B 125 -19.73 -16.21 71.48
N VAL B 126 -20.74 -15.94 70.66
CA VAL B 126 -21.68 -16.94 70.20
C VAL B 126 -21.21 -17.45 68.85
N THR B 127 -20.96 -18.75 68.76
CA THR B 127 -20.50 -19.41 67.55
C THR B 127 -21.47 -20.52 67.17
N ALA B 128 -21.34 -20.98 65.93
CA ALA B 128 -22.17 -22.09 65.45
C ALA B 128 -21.99 -23.35 66.29
N GLY B 129 -20.85 -23.49 66.99
CA GLY B 129 -20.67 -24.62 67.88
C GLY B 129 -21.64 -24.65 69.03
N ASP B 130 -22.22 -23.51 69.40
CA ASP B 130 -23.19 -23.44 70.48
C ASP B 130 -24.56 -23.97 70.08
N ILE B 131 -24.83 -24.13 68.78
CA ILE B 131 -26.10 -24.71 68.36
C ILE B 131 -26.22 -26.14 68.87
N VAL B 132 -27.38 -26.47 69.41
CA VAL B 132 -27.71 -27.85 69.77
C VAL B 132 -28.43 -28.47 68.58
N PRO B 133 -27.79 -29.33 67.82
CA PRO B 133 -28.44 -29.93 66.66
C PRO B 133 -29.47 -30.96 67.09
N PRO B 134 -30.67 -30.92 66.53
CA PRO B 134 -31.59 -32.05 66.67
C PRO B 134 -31.05 -33.26 65.93
N ALA B 135 -31.61 -34.43 66.27
CA ALA B 135 -31.14 -35.67 65.67
C ALA B 135 -31.34 -35.64 64.16
N GLY B 136 -30.26 -35.88 63.42
CA GLY B 136 -30.31 -35.94 61.98
C GLY B 136 -29.78 -34.71 61.25
N VAL B 137 -29.19 -33.75 61.95
CA VAL B 137 -28.57 -32.61 61.30
C VAL B 137 -27.14 -32.47 61.81
N THR B 138 -26.28 -31.88 60.99
CA THR B 138 -24.87 -31.74 61.30
C THR B 138 -24.41 -30.33 60.93
N VAL B 139 -23.85 -29.61 61.90
CA VAL B 139 -23.21 -28.34 61.64
C VAL B 139 -21.73 -28.61 61.38
N HIS B 140 -21.28 -28.29 60.17
CA HIS B 140 -19.92 -28.61 59.76
C HIS B 140 -18.90 -27.54 60.10
N ASN B 141 -19.33 -26.33 60.44
CA ASN B 141 -18.43 -25.21 60.75
C ASN B 141 -18.75 -24.67 62.14
N PRO B 142 -18.53 -25.46 63.19
CA PRO B 142 -18.92 -25.02 64.53
C PRO B 142 -18.18 -23.77 65.00
N GLY B 143 -16.93 -23.60 64.58
CA GLY B 143 -16.17 -22.44 64.99
C GLY B 143 -16.57 -21.13 64.36
N MET B 144 -17.57 -21.14 63.49
CA MET B 144 -17.97 -19.92 62.79
C MET B 144 -18.56 -18.92 63.77
N HIS B 145 -18.04 -17.70 63.74
CA HIS B 145 -18.53 -16.64 64.61
C HIS B 145 -19.94 -16.23 64.20
N ILE B 146 -20.85 -16.19 65.17
CA ILE B 146 -22.22 -15.80 64.90
C ILE B 146 -22.48 -14.41 65.48
N ALA B 147 -22.32 -14.27 66.79
CA ALA B 147 -22.51 -12.96 67.42
C ALA B 147 -21.53 -12.80 68.56
N THR B 148 -21.56 -11.63 69.21
CA THR B 148 -20.78 -11.38 70.41
C THR B 148 -21.64 -10.57 71.38
N LEU B 149 -21.63 -11.00 72.64
CA LEU B 149 -22.57 -10.53 73.65
C LEU B 149 -21.82 -9.92 74.83
N ASN B 150 -22.41 -8.85 75.38
CA ASN B 150 -21.93 -8.27 76.63
C ASN B 150 -22.63 -8.96 77.80
N ASP B 151 -22.44 -8.44 79.01
CA ASP B 151 -22.99 -9.10 80.19
C ASP B 151 -24.50 -8.94 80.31
N LYS B 152 -25.06 -7.81 79.85
CA LYS B 152 -26.48 -7.55 80.02
C LYS B 152 -27.34 -8.26 78.99
N GLY B 153 -26.78 -8.63 77.83
CA GLY B 153 -27.55 -9.18 76.73
C GLY B 153 -27.57 -10.70 76.72
N LYS B 154 -28.60 -11.23 76.05
CA LYS B 154 -28.71 -12.65 75.79
C LYS B 154 -29.23 -12.84 74.37
N LEU B 155 -28.86 -13.95 73.76
CA LEU B 155 -29.25 -14.26 72.39
C LEU B 155 -30.06 -15.55 72.39
N GLU B 156 -31.35 -15.43 72.09
CA GLU B 156 -32.24 -16.57 71.91
C GLU B 156 -32.78 -16.49 70.48
N VAL B 157 -32.39 -17.45 69.65
CA VAL B 157 -32.69 -17.42 68.22
C VAL B 157 -33.05 -18.83 67.76
N GLU B 158 -34.13 -18.93 66.98
CA GLU B 158 -34.62 -20.18 66.43
C GLU B 158 -34.34 -20.21 64.94
N LEU B 159 -33.99 -21.39 64.42
CA LEU B 159 -33.65 -21.56 63.01
C LEU B 159 -34.46 -22.71 62.42
N VAL B 160 -35.04 -22.48 61.25
CA VAL B 160 -35.78 -23.51 60.53
C VAL B 160 -34.94 -23.94 59.34
N VAL B 161 -34.39 -25.14 59.40
CA VAL B 161 -33.52 -25.68 58.36
C VAL B 161 -34.32 -26.66 57.50
N GLU B 162 -34.12 -26.58 56.19
CA GLU B 162 -34.79 -27.46 55.24
C GLU B 162 -33.77 -28.02 54.25
N ARG B 163 -34.26 -28.87 53.36
CA ARG B 163 -33.50 -29.38 52.23
C ARG B 163 -34.04 -28.78 50.94
N GLY B 164 -33.15 -28.62 49.96
CA GLY B 164 -33.55 -28.07 48.69
C GLY B 164 -32.42 -28.13 47.70
N ARG B 165 -32.62 -27.44 46.58
CA ARG B 165 -31.65 -27.40 45.50
C ARG B 165 -31.43 -25.96 45.07
N GLY B 166 -30.17 -25.63 44.80
CA GLY B 166 -29.82 -24.31 44.31
C GLY B 166 -29.90 -23.20 45.34
N TYR B 167 -30.40 -22.04 44.92
CA TYR B 167 -30.48 -20.85 45.76
C TYR B 167 -31.87 -20.26 45.59
N VAL B 168 -32.66 -20.26 46.67
CA VAL B 168 -34.00 -19.66 46.65
C VAL B 168 -33.95 -18.32 47.35
N PRO B 169 -34.51 -17.27 46.77
CA PRO B 169 -34.47 -15.94 47.42
C PRO B 169 -35.32 -15.89 48.68
N ALA B 170 -35.35 -14.72 49.32
CA ALA B 170 -36.07 -14.59 50.58
C ALA B 170 -37.58 -14.57 50.36
N VAL B 171 -38.04 -13.80 49.37
CA VAL B 171 -39.48 -13.63 49.17
C VAL B 171 -40.17 -14.96 48.90
N GLN B 172 -39.45 -15.91 48.31
CA GLN B 172 -40.03 -17.24 48.11
C GLN B 172 -40.12 -18.02 49.42
N ASN B 173 -39.43 -17.57 50.46
CA ASN B 173 -39.53 -18.18 51.78
C ASN B 173 -40.56 -17.50 52.68
N ARG B 174 -41.29 -16.52 52.16
CA ARG B 174 -42.33 -15.86 52.95
C ARG B 174 -43.54 -16.77 53.06
N ALA B 175 -43.95 -17.07 54.28
CA ALA B 175 -45.13 -17.89 54.50
C ALA B 175 -46.39 -17.02 54.40
N SER B 176 -47.44 -17.59 53.81
CA SER B 176 -48.70 -16.86 53.70
C SER B 176 -49.36 -16.70 55.07
N GLY B 177 -49.12 -17.64 55.98
CA GLY B 177 -49.58 -17.55 57.35
C GLY B 177 -48.47 -17.18 58.31
N ALA B 178 -47.44 -16.51 57.79
CA ALA B 178 -46.19 -16.32 58.51
C ALA B 178 -46.41 -15.74 59.91
N GLU B 179 -45.60 -16.21 60.85
CA GLU B 179 -45.69 -15.76 62.23
C GLU B 179 -45.06 -14.39 62.39
N ILE B 180 -45.53 -13.66 63.40
CA ILE B 180 -44.90 -12.39 63.75
C ILE B 180 -43.49 -12.64 64.25
N GLY B 181 -42.55 -11.79 63.84
CA GLY B 181 -41.18 -11.93 64.23
C GLY B 181 -40.38 -12.94 63.43
N ARG B 182 -41.02 -13.74 62.58
CA ARG B 182 -40.31 -14.67 61.73
C ARG B 182 -39.67 -13.90 60.58
N ILE B 183 -38.35 -14.03 60.44
CA ILE B 183 -37.59 -13.34 59.40
C ILE B 183 -37.21 -14.37 58.35
N PRO B 184 -37.71 -14.26 57.12
CA PRO B 184 -37.25 -15.14 56.05
C PRO B 184 -35.90 -14.70 55.51
N VAL B 185 -35.07 -15.67 55.15
CA VAL B 185 -33.74 -15.39 54.64
C VAL B 185 -33.57 -16.06 53.28
N ASP B 186 -32.59 -15.57 52.54
CA ASP B 186 -32.15 -16.27 51.35
C ASP B 186 -31.50 -17.58 51.75
N SER B 187 -31.83 -18.65 51.04
CA SER B 187 -31.36 -19.99 51.37
C SER B 187 -30.39 -20.47 50.31
N ILE B 188 -29.20 -20.87 50.74
CA ILE B 188 -28.25 -21.52 49.84
C ILE B 188 -28.33 -23.00 50.14
N TYR B 189 -29.05 -23.73 49.31
CA TYR B 189 -29.12 -25.18 49.47
C TYR B 189 -27.92 -25.84 48.82
N SER B 190 -27.47 -25.28 47.69
CA SER B 190 -26.40 -25.84 46.89
C SER B 190 -25.15 -26.03 47.73
N PRO B 191 -24.62 -27.25 47.83
CA PRO B 191 -23.34 -27.44 48.52
C PRO B 191 -22.15 -26.88 47.76
N VAL B 192 -22.28 -26.57 46.47
CA VAL B 192 -21.20 -25.99 45.69
C VAL B 192 -21.39 -24.47 45.68
N LEU B 193 -20.33 -23.74 46.03
CA LEU B 193 -20.42 -22.29 46.14
C LEU B 193 -20.24 -21.60 44.79
N LYS B 194 -19.24 -22.01 44.01
CA LYS B 194 -18.89 -21.27 42.81
C LYS B 194 -18.40 -22.22 41.74
N VAL B 195 -18.84 -22.01 40.49
CA VAL B 195 -18.39 -22.81 39.37
C VAL B 195 -18.19 -21.92 38.17
N THR B 196 -17.01 -22.02 37.55
CA THR B 196 -16.75 -21.37 36.27
C THR B 196 -16.19 -22.40 35.30
N TYR B 197 -16.33 -22.13 34.01
CA TYR B 197 -15.85 -23.07 33.01
C TYR B 197 -15.22 -22.32 31.85
N LYS B 198 -14.25 -22.97 31.21
CA LYS B 198 -13.56 -22.42 30.05
C LYS B 198 -13.35 -23.53 29.03
N VAL B 199 -13.40 -23.16 27.76
CA VAL B 199 -13.16 -24.09 26.67
C VAL B 199 -11.91 -23.63 25.92
N ASP B 200 -10.84 -24.41 26.02
CA ASP B 200 -9.62 -24.14 25.29
C ASP B 200 -9.54 -25.07 24.08
N ALA B 201 -8.49 -24.89 23.29
CA ALA B 201 -8.25 -25.71 22.12
C ALA B 201 -7.12 -26.68 22.40
N THR B 202 -7.36 -27.95 22.13
CA THR B 202 -6.32 -28.98 22.14
C THR B 202 -6.13 -29.51 20.74
N ARG B 203 -4.94 -30.05 20.53
CA ARG B 203 -4.49 -30.51 19.23
C ARG B 203 -4.60 -32.03 19.17
N VAL B 204 -5.33 -32.54 18.19
CA VAL B 204 -5.38 -33.96 17.90
C VAL B 204 -4.90 -34.13 16.46
N GLU B 205 -3.69 -34.69 16.30
CA GLU B 205 -3.07 -34.88 15.00
C GLU B 205 -3.07 -33.59 14.19
N GLN B 206 -3.75 -33.54 13.05
CA GLN B 206 -3.72 -32.33 12.24
C GLN B 206 -4.68 -31.27 12.76
N ARG B 207 -5.63 -31.63 13.61
CA ARG B 207 -6.66 -30.71 14.08
C ARG B 207 -6.23 -30.03 15.37
N THR B 208 -6.06 -28.71 15.32
CA THR B 208 -5.69 -27.92 16.48
C THR B 208 -6.89 -27.28 17.18
N ASP B 209 -8.09 -27.43 16.63
CA ASP B 209 -9.29 -26.78 17.15
C ASP B 209 -10.10 -27.67 18.08
N PHE B 210 -9.57 -28.82 18.50
CA PHE B 210 -10.32 -29.68 19.40
C PHE B 210 -10.63 -28.96 20.71
N ASP B 211 -11.65 -29.45 21.41
CA ASP B 211 -12.17 -28.78 22.60
C ASP B 211 -11.61 -29.42 23.86
N LYS B 212 -11.17 -28.57 24.79
CA LYS B 212 -10.77 -28.98 26.13
C LYS B 212 -11.60 -28.20 27.14
N LEU B 213 -12.26 -28.91 28.05
CA LEU B 213 -13.18 -28.30 29.01
C LEU B 213 -12.49 -28.22 30.37
N ILE B 214 -12.42 -27.01 30.92
CA ILE B 214 -11.90 -26.77 32.27
C ILE B 214 -13.07 -26.32 33.14
N LEU B 215 -13.22 -26.96 34.29
CA LEU B 215 -14.22 -26.63 35.28
C LEU B 215 -13.51 -26.29 36.59
N ASP B 216 -13.67 -25.05 37.04
CA ASP B 216 -13.17 -24.61 38.34
C ASP B 216 -14.36 -24.60 39.28
N VAL B 217 -14.35 -25.50 40.26
CA VAL B 217 -15.50 -25.71 41.14
C VAL B 217 -15.06 -25.65 42.59
N GLU B 218 -15.74 -24.82 43.37
CA GLU B 218 -15.50 -24.65 44.80
C GLU B 218 -16.79 -24.90 45.54
N THR B 219 -16.73 -25.77 46.54
CA THR B 219 -17.88 -26.22 47.31
C THR B 219 -17.73 -25.82 48.77
N LYS B 220 -18.72 -26.16 49.57
CA LYS B 220 -18.60 -26.09 51.02
C LYS B 220 -17.82 -27.31 51.51
N ASN B 221 -17.67 -27.42 52.83
CA ASN B 221 -17.02 -28.60 53.39
C ASN B 221 -17.99 -29.76 53.56
N SER B 222 -19.26 -29.60 53.16
CA SER B 222 -20.18 -30.73 53.16
C SER B 222 -19.77 -31.77 52.13
N ILE B 223 -19.47 -31.33 50.91
CA ILE B 223 -19.08 -32.22 49.83
C ILE B 223 -17.69 -31.83 49.34
N SER B 224 -17.03 -32.79 48.72
CA SER B 224 -15.83 -32.55 47.93
C SER B 224 -16.23 -32.20 46.51
N PRO B 225 -15.34 -31.54 45.76
CA PRO B 225 -15.64 -31.30 44.33
C PRO B 225 -15.86 -32.59 43.55
N ARG B 226 -15.11 -33.65 43.88
CA ARG B 226 -15.25 -34.92 43.17
C ARG B 226 -16.68 -35.43 43.22
N ASP B 227 -17.22 -35.60 44.43
CA ASP B 227 -18.55 -36.16 44.57
C ASP B 227 -19.62 -35.24 43.99
N ALA B 228 -19.38 -33.93 43.99
CA ALA B 228 -20.31 -33.01 43.34
C ALA B 228 -20.34 -33.25 41.83
N LEU B 229 -19.15 -33.36 41.22
CA LEU B 229 -19.09 -33.65 39.79
C LEU B 229 -19.75 -34.98 39.48
N ALA B 230 -19.51 -36.00 40.31
CA ALA B 230 -20.12 -37.31 40.08
C ALA B 230 -21.64 -37.23 40.19
N SER B 231 -22.15 -36.45 41.14
CA SER B 231 -23.60 -36.32 41.29
C SER B 231 -24.22 -35.61 40.09
N ALA B 232 -23.62 -34.49 39.67
CA ALA B 232 -24.12 -33.79 38.49
C ALA B 232 -24.08 -34.69 37.26
N GLY B 233 -23.01 -35.48 37.11
CA GLY B 233 -22.96 -36.41 36.01
C GLY B 233 -24.05 -37.46 36.07
N LYS B 234 -24.33 -37.98 37.27
CA LYS B 234 -25.42 -38.95 37.44
C LYS B 234 -26.74 -38.36 36.98
N THR B 235 -27.14 -37.23 37.57
CA THR B 235 -28.44 -36.67 37.23
C THR B 235 -28.52 -36.23 35.77
N LEU B 236 -27.39 -35.85 35.17
CA LEU B 236 -27.40 -35.55 33.74
C LEU B 236 -27.61 -36.81 32.91
N VAL B 237 -26.90 -37.90 33.26
CA VAL B 237 -27.05 -39.16 32.53
C VAL B 237 -28.49 -39.64 32.57
N GLU B 238 -29.15 -39.46 33.72
CA GLU B 238 -30.58 -39.79 33.78
C GLU B 238 -31.37 -38.84 32.87
N LEU B 239 -31.13 -37.53 33.00
CA LEU B 239 -31.90 -36.55 32.26
C LEU B 239 -31.88 -36.82 30.75
N PHE B 240 -30.69 -36.99 30.18
CA PHE B 240 -30.63 -37.29 28.75
C PHE B 240 -30.96 -38.75 28.46
N GLY B 241 -30.94 -39.60 29.48
CA GLY B 241 -31.51 -40.93 29.32
C GLY B 241 -32.99 -40.88 28.99
N LEU B 242 -33.69 -39.86 29.48
CA LEU B 242 -35.06 -39.64 29.05
C LEU B 242 -35.17 -39.58 27.53
N ALA B 243 -34.20 -38.94 26.87
CA ALA B 243 -34.22 -38.87 25.42
C ALA B 243 -33.72 -40.17 24.78
N ARG B 244 -32.66 -40.74 25.33
CA ARG B 244 -32.16 -42.02 24.83
C ARG B 244 -33.25 -43.07 24.76
N GLU B 245 -34.12 -43.12 25.78
CA GLU B 245 -35.10 -44.18 25.88
C GLU B 245 -36.21 -44.09 24.83
N LEU B 246 -36.32 -42.96 24.13
CA LEU B 246 -37.33 -42.86 23.07
C LEU B 246 -37.17 -43.98 22.06
N ASN B 247 -35.93 -44.22 21.63
CA ASN B 247 -35.59 -45.41 20.86
C ASN B 247 -34.24 -45.92 21.34
N VAL B 248 -34.21 -47.16 21.81
CA VAL B 248 -32.93 -47.74 22.23
C VAL B 248 -32.15 -48.29 21.04
N GLU B 249 -32.82 -48.49 19.90
CA GLU B 249 -32.13 -48.89 18.68
C GLU B 249 -31.38 -47.73 18.04
N ALA B 250 -31.65 -46.49 18.43
CA ALA B 250 -31.08 -45.34 17.76
C ALA B 250 -29.56 -45.31 17.92
N GLU B 251 -28.87 -45.06 16.82
CA GLU B 251 -27.42 -45.11 16.77
C GLU B 251 -26.83 -43.72 16.97
N GLY B 252 -25.77 -43.65 17.76
CA GLY B 252 -25.14 -42.37 18.05
C GLY B 252 -23.65 -42.56 18.31
N ILE B 253 -22.98 -41.46 18.61
CA ILE B 253 -21.54 -41.51 18.86
C ILE B 253 -21.26 -42.39 20.05
N GLU B 254 -20.33 -43.32 19.88
CA GLU B 254 -19.94 -44.23 20.96
C GLU B 254 -18.42 -44.22 21.05
N ILE B 255 -17.90 -43.79 22.19
CA ILE B 255 -16.46 -43.71 22.40
C ILE B 255 -16.14 -43.73 23.89
N SER C 24 -40.59 0.56 -12.59
CA SER C 24 -40.13 -0.74 -12.11
C SER C 24 -39.38 -1.51 -13.21
N ASN C 25 -38.69 -0.74 -14.06
CA ASN C 25 -37.87 -1.30 -15.16
C ASN C 25 -38.74 -2.10 -16.14
N ASN C 26 -39.85 -1.50 -16.55
CA ASN C 26 -40.86 -2.18 -17.37
C ASN C 26 -40.54 -2.15 -18.86
N SER C 27 -39.47 -1.50 -19.28
CA SER C 27 -39.15 -1.37 -20.70
C SER C 27 -38.33 -2.54 -21.24
N VAL C 28 -37.99 -3.51 -20.40
CA VAL C 28 -37.23 -4.69 -20.80
C VAL C 28 -38.15 -5.91 -20.66
N PRO C 29 -38.43 -6.63 -21.74
CA PRO C 29 -39.35 -7.78 -21.62
C PRO C 29 -38.77 -8.89 -20.77
N GLY C 30 -39.63 -9.54 -20.00
CA GLY C 30 -39.21 -10.62 -19.14
C GLY C 30 -38.41 -10.23 -17.93
N ALA C 31 -38.22 -8.92 -17.71
CA ALA C 31 -37.45 -8.47 -16.57
C ALA C 31 -38.18 -8.81 -15.28
N PRO C 32 -37.48 -9.28 -14.25
CA PRO C 32 -38.15 -9.60 -12.99
C PRO C 32 -38.79 -8.35 -12.41
N ASN C 33 -39.96 -8.53 -11.81
CA ASN C 33 -40.69 -7.38 -11.30
C ASN C 33 -40.06 -6.95 -9.99
N ARG C 34 -39.50 -5.74 -9.98
CA ARG C 34 -38.86 -5.16 -8.81
C ARG C 34 -39.58 -3.86 -8.53
N VAL C 35 -40.30 -3.81 -7.42
CA VAL C 35 -41.16 -2.66 -7.14
C VAL C 35 -40.31 -1.53 -6.59
N SER C 36 -40.51 -0.34 -7.11
CA SER C 36 -39.67 0.81 -6.80
C SER C 36 -40.36 1.71 -5.78
N PHE C 37 -39.56 2.23 -4.84
CA PHE C 37 -40.01 3.26 -3.92
C PHE C 37 -39.94 4.65 -4.53
N ALA C 38 -39.49 4.77 -5.78
CA ALA C 38 -39.28 6.09 -6.37
C ALA C 38 -40.57 6.88 -6.41
N LYS C 39 -40.54 8.09 -5.86
CA LYS C 39 -41.66 9.00 -6.00
C LYS C 39 -41.61 9.75 -7.32
N LEU C 40 -40.40 10.02 -7.81
CA LEU C 40 -40.23 10.82 -9.02
C LEU C 40 -40.38 9.96 -10.27
N ARG C 41 -40.90 10.56 -11.33
CA ARG C 41 -41.02 9.93 -12.64
C ARG C 41 -39.84 10.35 -13.49
N GLU C 42 -39.18 9.36 -14.11
CA GLU C 42 -38.02 9.63 -14.95
C GLU C 42 -38.47 9.76 -16.40
N PRO C 43 -38.48 10.97 -16.97
CA PRO C 43 -38.99 11.13 -18.33
C PRO C 43 -38.08 10.54 -19.41
N LEU C 44 -36.83 10.25 -19.08
CA LEU C 44 -35.85 9.84 -20.09
C LEU C 44 -35.23 8.51 -19.69
N GLU C 45 -35.15 7.58 -20.63
CA GLU C 45 -34.54 6.30 -20.38
C GLU C 45 -33.02 6.43 -20.37
N VAL C 46 -32.37 5.49 -19.69
CA VAL C 46 -30.91 5.49 -19.65
C VAL C 46 -30.37 5.10 -21.02
N PRO C 47 -29.48 5.88 -21.61
CA PRO C 47 -28.91 5.51 -22.92
C PRO C 47 -28.06 4.27 -22.79
N GLY C 48 -27.76 3.66 -23.94
CA GLY C 48 -26.89 2.51 -23.97
C GLY C 48 -25.56 2.83 -23.33
N LEU C 49 -25.18 2.04 -22.32
CA LEU C 49 -24.03 2.40 -21.50
C LEU C 49 -22.70 2.22 -22.22
N LEU C 50 -22.68 1.54 -23.37
CA LEU C 50 -21.48 1.42 -24.17
C LEU C 50 -21.41 2.42 -25.31
N ASP C 51 -22.41 3.30 -25.44
CA ASP C 51 -22.43 4.26 -26.54
C ASP C 51 -21.17 5.12 -26.58
N VAL C 52 -20.52 5.32 -25.44
CA VAL C 52 -19.28 6.09 -25.43
C VAL C 52 -18.20 5.35 -26.19
N GLN C 53 -18.24 4.01 -26.18
CA GLN C 53 -17.30 3.22 -26.98
C GLN C 53 -17.81 3.06 -28.40
N THR C 54 -18.97 2.41 -28.56
CA THR C 54 -19.45 2.04 -29.89
C THR C 54 -19.71 3.26 -30.76
N ASP C 55 -20.28 4.33 -30.20
CA ASP C 55 -20.56 5.52 -30.99
C ASP C 55 -19.28 6.09 -31.59
N SER C 56 -18.21 6.14 -30.80
CA SER C 56 -16.95 6.68 -31.28
C SER C 56 -16.39 5.84 -32.42
N PHE C 57 -16.39 4.52 -32.25
CA PHE C 57 -15.81 3.65 -33.26
C PHE C 57 -16.69 3.56 -34.50
N GLU C 58 -18.01 3.69 -34.35
CA GLU C 58 -18.88 3.71 -35.52
C GLU C 58 -18.63 4.95 -36.37
N TRP C 59 -18.22 6.06 -35.74
CA TRP C 59 -17.83 7.23 -36.52
C TRP C 59 -16.52 7.00 -37.26
N LEU C 60 -15.59 6.28 -36.62
CA LEU C 60 -14.32 5.97 -37.27
C LEU C 60 -14.55 5.15 -38.55
N ILE C 61 -15.37 4.12 -38.46
CA ILE C 61 -15.66 3.27 -39.61
C ILE C 61 -16.58 3.99 -40.60
N GLY C 62 -17.39 4.92 -40.12
CA GLY C 62 -18.41 5.51 -40.97
C GLY C 62 -19.56 4.53 -41.14
N SER C 63 -20.00 3.95 -40.03
CA SER C 63 -21.01 2.91 -40.08
C SER C 63 -22.36 3.50 -40.46
N PRO C 64 -23.22 2.71 -41.13
CA PRO C 64 -24.56 3.21 -41.46
C PRO C 64 -25.36 3.66 -40.25
N ARG C 65 -25.19 3.00 -39.10
CA ARG C 65 -25.79 3.49 -37.86
C ARG C 65 -25.37 4.93 -37.60
N TRP C 66 -24.06 5.19 -37.68
CA TRP C 66 -23.57 6.55 -37.48
C TRP C 66 -24.14 7.50 -38.52
N ARG C 67 -24.29 7.04 -39.77
CA ARG C 67 -24.85 7.89 -40.80
C ARG C 67 -26.27 8.32 -40.46
N GLU C 68 -27.11 7.36 -40.07
CA GLU C 68 -28.49 7.68 -39.70
C GLU C 68 -28.53 8.65 -38.52
N SER C 69 -27.75 8.36 -37.48
CA SER C 69 -27.67 9.27 -36.34
C SER C 69 -27.10 10.62 -36.76
N ALA C 70 -26.16 10.63 -37.71
CA ALA C 70 -25.66 11.89 -38.23
C ALA C 70 -26.76 12.66 -38.95
N ALA C 71 -27.54 11.97 -39.79
CA ALA C 71 -28.68 12.61 -40.43
C ALA C 71 -29.71 13.07 -39.41
N GLU C 72 -29.84 12.35 -38.29
CA GLU C 72 -30.75 12.77 -37.24
C GLU C 72 -30.30 14.09 -36.63
N ARG C 73 -29.05 14.17 -36.18
CA ARG C 73 -28.49 15.41 -35.67
C ARG C 73 -28.34 16.49 -36.73
N GLY C 74 -28.57 16.14 -38.00
CA GLY C 74 -28.33 17.06 -39.10
C GLY C 74 -27.00 16.75 -39.73
N ASP C 75 -26.89 16.89 -41.06
CA ASP C 75 -25.73 16.42 -41.79
C ASP C 75 -24.91 17.61 -42.28
N VAL C 76 -23.62 17.58 -41.97
CA VAL C 76 -22.62 18.57 -42.37
C VAL C 76 -21.98 18.07 -43.66
N ASN C 77 -22.62 17.09 -44.31
CA ASN C 77 -22.05 16.14 -45.25
C ASN C 77 -21.08 15.27 -44.46
N PRO C 78 -21.60 14.46 -43.53
CA PRO C 78 -20.74 13.81 -42.54
C PRO C 78 -19.72 12.90 -43.18
N VAL C 79 -18.50 12.93 -42.65
CA VAL C 79 -17.41 12.08 -43.10
C VAL C 79 -16.95 11.26 -41.91
N GLY C 80 -16.70 9.98 -42.16
CA GLY C 80 -16.21 9.11 -41.11
C GLY C 80 -14.80 9.48 -40.68
N GLY C 81 -14.33 8.81 -39.63
CA GLY C 81 -12.97 9.02 -39.18
C GLY C 81 -11.95 8.68 -40.26
N LEU C 82 -12.13 7.52 -40.89
CA LEU C 82 -11.25 7.14 -41.99
C LEU C 82 -11.43 8.05 -43.19
N GLU C 83 -12.68 8.39 -43.52
CA GLU C 83 -12.94 9.25 -44.68
C GLU C 83 -12.23 10.59 -44.54
N GLU C 84 -12.27 11.18 -43.35
CA GLU C 84 -11.61 12.47 -43.13
C GLU C 84 -10.11 12.36 -43.34
N VAL C 85 -9.50 11.30 -42.83
CA VAL C 85 -8.06 11.11 -43.00
C VAL C 85 -7.72 10.95 -44.48
N LEU C 86 -8.57 10.26 -45.23
CA LEU C 86 -8.31 10.06 -46.65
C LEU C 86 -8.48 11.35 -47.45
N TYR C 87 -9.43 12.20 -47.06
CA TYR C 87 -9.68 13.41 -47.84
C TYR C 87 -8.63 14.48 -47.54
N GLU C 88 -8.20 14.61 -46.28
CA GLU C 88 -7.11 15.52 -45.98
C GLU C 88 -5.81 15.06 -46.64
N LEU C 89 -5.64 13.75 -46.79
CA LEU C 89 -4.44 13.22 -47.42
C LEU C 89 -4.44 13.48 -48.92
N SER C 90 -5.58 13.28 -49.58
CA SER C 90 -5.69 13.49 -51.01
C SER C 90 -5.74 14.97 -51.35
N PRO C 91 -5.18 15.35 -52.51
CA PRO C 91 -4.40 14.49 -53.41
C PRO C 91 -2.94 14.35 -52.97
N ILE C 92 -2.31 13.23 -53.30
CA ILE C 92 -0.87 13.07 -53.15
C ILE C 92 -0.24 13.41 -54.49
N GLU C 93 0.46 14.53 -54.55
CA GLU C 93 1.00 15.04 -55.80
C GLU C 93 2.51 14.93 -55.82
N ASP C 94 3.06 14.74 -57.03
CA ASP C 94 4.49 14.87 -57.22
C ASP C 94 4.91 16.33 -57.01
N PHE C 95 6.14 16.53 -56.55
CA PHE C 95 6.61 17.87 -56.29
C PHE C 95 6.66 18.72 -57.56
N SER C 96 6.59 18.09 -58.73
CA SER C 96 6.50 18.78 -60.01
C SER C 96 5.06 18.93 -60.49
N GLY C 97 4.08 18.46 -59.73
CA GLY C 97 2.71 18.47 -60.18
C GLY C 97 2.43 17.61 -61.38
N SER C 98 3.33 16.68 -61.73
CA SER C 98 3.18 15.86 -62.92
C SER C 98 2.17 14.73 -62.74
N MET C 99 1.94 14.30 -61.49
CA MET C 99 1.09 13.15 -61.23
C MET C 99 0.44 13.32 -59.87
N SER C 100 -0.69 12.62 -59.68
CA SER C 100 -1.43 12.73 -58.44
C SER C 100 -2.07 11.37 -58.11
N LEU C 101 -2.21 11.12 -56.81
CA LEU C 101 -2.83 9.90 -56.30
C LEU C 101 -3.87 10.28 -55.27
N SER C 102 -5.06 9.71 -55.38
CA SER C 102 -6.17 10.06 -54.51
C SER C 102 -6.88 8.80 -54.02
N PHE C 103 -7.37 8.87 -52.79
CA PHE C 103 -8.09 7.78 -52.15
C PHE C 103 -9.54 8.19 -51.91
N SER C 104 -10.43 7.21 -52.01
CA SER C 104 -11.84 7.46 -51.74
C SER C 104 -12.53 6.14 -51.43
N ASP C 105 -13.70 6.25 -50.78
CA ASP C 105 -14.63 5.15 -50.60
C ASP C 105 -13.99 3.95 -49.91
N PRO C 106 -13.65 4.04 -48.63
CA PRO C 106 -13.12 2.88 -47.92
C PRO C 106 -14.21 1.88 -47.60
N ARG C 107 -13.86 0.60 -47.66
CA ARG C 107 -14.78 -0.49 -47.36
C ARG C 107 -14.08 -1.50 -46.48
N PHE C 108 -14.86 -2.18 -45.64
CA PHE C 108 -14.35 -3.24 -44.78
C PHE C 108 -14.90 -4.58 -45.24
N ASP C 109 -14.01 -5.56 -45.36
CA ASP C 109 -14.41 -6.91 -45.75
C ASP C 109 -14.90 -7.64 -44.49
N ASP C 110 -15.20 -8.92 -44.64
CA ASP C 110 -15.66 -9.71 -43.51
C ASP C 110 -14.55 -9.90 -42.50
N VAL C 111 -14.94 -10.22 -41.27
CA VAL C 111 -13.98 -10.47 -40.21
C VAL C 111 -13.22 -11.75 -40.51
N LYS C 112 -11.92 -11.76 -40.22
CA LYS C 112 -11.10 -12.92 -40.51
C LYS C 112 -11.52 -14.11 -39.64
N ALA C 113 -11.68 -13.89 -38.34
CA ALA C 113 -12.00 -14.96 -37.42
C ALA C 113 -12.94 -14.47 -36.34
N PRO C 114 -13.81 -15.35 -35.82
CA PRO C 114 -14.68 -14.96 -34.70
C PRO C 114 -13.87 -14.68 -33.43
N VAL C 115 -14.54 -14.04 -32.48
CA VAL C 115 -13.85 -13.50 -31.30
C VAL C 115 -13.15 -14.60 -30.52
N ASP C 116 -13.90 -15.63 -30.09
CA ASP C 116 -13.29 -16.69 -29.30
C ASP C 116 -12.21 -17.43 -30.07
N GLU C 117 -12.24 -17.39 -31.40
CA GLU C 117 -11.17 -17.97 -32.20
C GLU C 117 -9.86 -17.22 -31.97
N CYS C 118 -9.91 -15.88 -32.04
CA CYS C 118 -8.72 -15.08 -31.80
C CYS C 118 -8.22 -15.25 -30.38
N LYS C 119 -9.13 -15.28 -29.41
CA LYS C 119 -8.75 -15.52 -28.02
C LYS C 119 -7.99 -16.82 -27.88
N ASP C 120 -8.43 -17.87 -28.59
CA ASP C 120 -7.79 -19.18 -28.51
C ASP C 120 -6.46 -19.18 -29.26
N LYS C 121 -6.45 -18.66 -30.48
CA LYS C 121 -5.30 -18.76 -31.38
C LYS C 121 -4.31 -17.61 -31.21
N ASP C 122 -4.51 -16.74 -30.22
CA ASP C 122 -3.62 -15.59 -29.99
C ASP C 122 -3.63 -14.64 -31.17
N MET C 123 -4.79 -14.45 -31.77
CA MET C 123 -4.94 -13.62 -32.95
C MET C 123 -5.48 -12.24 -32.58
N THR C 124 -5.63 -11.40 -33.60
CA THR C 124 -6.16 -10.06 -33.45
C THR C 124 -7.48 -9.99 -34.20
N TYR C 125 -8.54 -9.57 -33.50
CA TYR C 125 -9.83 -9.43 -34.13
C TYR C 125 -9.77 -8.27 -35.11
N ALA C 126 -10.00 -8.56 -36.39
CA ALA C 126 -9.67 -7.60 -37.43
C ALA C 126 -10.47 -7.88 -38.69
N ALA C 127 -10.54 -6.87 -39.55
CA ALA C 127 -11.20 -6.97 -40.85
C ALA C 127 -10.32 -6.27 -41.88
N PRO C 128 -10.23 -6.81 -43.08
CA PRO C 128 -9.41 -6.16 -44.13
C PRO C 128 -10.05 -4.86 -44.59
N LEU C 129 -9.22 -3.84 -44.74
CA LEU C 129 -9.66 -2.52 -45.18
C LEU C 129 -9.28 -2.30 -46.64
N PHE C 130 -10.26 -1.94 -47.45
CA PHE C 130 -10.06 -1.66 -48.87
C PHE C 130 -10.40 -0.21 -49.16
N VAL C 131 -9.61 0.43 -50.02
CA VAL C 131 -9.83 1.80 -50.45
C VAL C 131 -9.69 1.84 -51.96
N THR C 132 -10.43 2.76 -52.59
CA THR C 132 -10.32 2.98 -54.02
C THR C 132 -9.27 4.05 -54.26
N ALA C 133 -8.14 3.66 -54.82
CA ALA C 133 -7.03 4.57 -55.08
C ALA C 133 -6.98 4.85 -56.58
N GLU C 134 -7.06 6.13 -56.92
CA GLU C 134 -7.10 6.57 -58.31
C GLU C 134 -5.84 7.38 -58.62
N PHE C 135 -5.04 6.87 -59.55
CA PHE C 135 -3.85 7.58 -59.99
C PHE C 135 -4.12 8.27 -61.33
N ILE C 136 -3.63 9.49 -61.46
CA ILE C 136 -3.85 10.32 -62.64
C ILE C 136 -2.51 10.85 -63.13
N ASN C 137 -2.27 10.76 -64.43
CA ASN C 137 -1.11 11.37 -65.06
C ASN C 137 -1.54 12.71 -65.63
N ASN C 138 -0.94 13.79 -65.11
CA ASN C 138 -1.33 15.14 -65.53
C ASN C 138 -0.88 15.48 -66.94
N ASN C 139 -0.08 14.64 -67.58
CA ASN C 139 0.35 14.88 -68.95
C ASN C 139 -0.53 14.11 -69.93
N THR C 140 -0.38 12.79 -69.94
CA THR C 140 -1.13 11.93 -70.85
C THR C 140 -2.63 11.93 -70.57
N GLY C 141 -3.05 12.45 -69.41
CA GLY C 141 -4.45 12.41 -69.03
C GLY C 141 -4.97 11.03 -68.67
N GLU C 142 -4.13 10.00 -68.75
CA GLU C 142 -4.55 8.65 -68.44
C GLU C 142 -4.88 8.51 -66.95
N ILE C 143 -5.93 7.75 -66.68
CA ILE C 143 -6.39 7.51 -65.31
C ILE C 143 -6.28 6.01 -65.03
N LYS C 144 -5.87 5.67 -63.80
CA LYS C 144 -5.84 4.29 -63.35
C LYS C 144 -6.52 4.22 -62.00
N SER C 145 -7.64 3.51 -61.92
CA SER C 145 -8.41 3.35 -60.70
C SER C 145 -8.29 1.90 -60.24
N GLN C 146 -7.87 1.72 -59.00
CA GLN C 146 -7.54 0.39 -58.47
C GLN C 146 -8.19 0.20 -57.11
N THR C 147 -8.18 -1.05 -56.65
CA THR C 147 -8.58 -1.40 -55.30
C THR C 147 -7.35 -1.85 -54.53
N VAL C 148 -7.10 -1.22 -53.39
CA VAL C 148 -5.91 -1.47 -52.59
C VAL C 148 -6.33 -2.06 -51.25
N PHE C 149 -5.58 -3.06 -50.79
CA PHE C 149 -5.77 -3.66 -49.47
C PHE C 149 -4.88 -2.90 -48.49
N MET C 150 -5.51 -2.19 -47.55
CA MET C 150 -4.76 -1.35 -46.63
C MET C 150 -4.30 -2.06 -45.37
N GLY C 151 -4.89 -3.19 -45.04
CA GLY C 151 -4.42 -3.96 -43.90
C GLY C 151 -5.58 -4.67 -43.24
N ASP C 152 -5.24 -5.44 -42.19
CA ASP C 152 -6.24 -6.06 -41.34
C ASP C 152 -6.52 -5.10 -40.20
N PHE C 153 -7.71 -4.52 -40.21
CA PHE C 153 -8.02 -3.40 -39.34
C PHE C 153 -8.61 -3.90 -38.03
N PRO C 154 -7.94 -3.70 -36.89
CA PRO C 154 -8.48 -4.20 -35.62
C PRO C 154 -9.86 -3.66 -35.35
N MET C 155 -10.77 -4.57 -35.01
CA MET C 155 -12.20 -4.27 -34.95
C MET C 155 -12.69 -4.23 -33.51
N MET C 156 -13.62 -3.32 -33.26
CA MET C 156 -14.31 -3.28 -31.97
C MET C 156 -15.40 -4.33 -31.95
N THR C 157 -15.43 -5.11 -30.88
CA THR C 157 -16.39 -6.20 -30.74
C THR C 157 -17.77 -5.64 -30.40
N GLU C 158 -18.75 -6.53 -30.27
CA GLU C 158 -20.08 -6.11 -29.86
C GLU C 158 -20.09 -5.54 -28.44
N LYS C 159 -19.12 -5.93 -27.62
CA LYS C 159 -19.01 -5.48 -26.24
C LYS C 159 -18.18 -4.22 -26.10
N GLY C 160 -17.78 -3.60 -27.21
CA GLY C 160 -16.99 -2.39 -27.16
C GLY C 160 -15.55 -2.62 -26.73
N THR C 161 -14.96 -3.74 -27.11
CA THR C 161 -13.58 -4.05 -26.77
C THR C 161 -12.81 -4.39 -28.03
N PHE C 162 -11.52 -4.68 -27.85
CA PHE C 162 -10.67 -5.15 -28.92
C PHE C 162 -9.92 -6.38 -28.43
N ILE C 163 -9.65 -7.30 -29.35
CA ILE C 163 -8.83 -8.47 -29.06
C ILE C 163 -7.53 -8.30 -29.83
N ILE C 164 -6.44 -8.10 -29.10
CA ILE C 164 -5.12 -7.88 -29.67
C ILE C 164 -4.23 -9.01 -29.18
N ASN C 165 -3.74 -9.82 -30.11
CA ASN C 165 -2.92 -10.99 -29.78
C ASN C 165 -3.65 -11.92 -28.83
N GLY C 166 -4.97 -12.02 -29.01
CA GLY C 166 -5.80 -12.92 -28.24
C GLY C 166 -6.36 -12.34 -26.96
N THR C 167 -5.73 -11.31 -26.40
CA THR C 167 -6.16 -10.75 -25.13
C THR C 167 -7.13 -9.61 -25.36
N GLU C 168 -8.18 -9.57 -24.56
CA GLU C 168 -9.22 -8.57 -24.71
C GLU C 168 -8.80 -7.26 -24.03
N ARG C 169 -9.02 -6.15 -24.72
CA ARG C 169 -8.48 -4.87 -24.29
C ARG C 169 -9.53 -3.77 -24.44
N VAL C 170 -9.35 -2.72 -23.65
CA VAL C 170 -10.24 -1.57 -23.61
C VAL C 170 -9.43 -0.31 -23.86
N VAL C 171 -9.98 0.60 -24.64
CA VAL C 171 -9.36 1.90 -24.89
C VAL C 171 -10.11 2.94 -24.07
N VAL C 172 -9.45 3.44 -23.03
CA VAL C 172 -10.06 4.38 -22.10
C VAL C 172 -10.08 5.76 -22.73
N SER C 173 -11.24 6.43 -22.65
CA SER C 173 -11.33 7.80 -23.11
C SER C 173 -10.39 8.69 -22.31
N GLN C 174 -9.77 9.65 -22.99
CA GLN C 174 -8.74 10.47 -22.38
C GLN C 174 -9.24 11.89 -22.15
N LEU C 175 -9.03 12.38 -20.94
CA LEU C 175 -9.31 13.77 -20.60
C LEU C 175 -8.09 14.61 -20.95
N VAL C 176 -8.27 15.55 -21.87
CA VAL C 176 -7.21 16.46 -22.29
C VAL C 176 -7.79 17.87 -22.31
N ARG C 177 -6.94 18.85 -22.58
CA ARG C 177 -7.40 20.21 -22.77
C ARG C 177 -7.63 20.44 -24.26
N SER C 178 -8.79 20.99 -24.59
CA SER C 178 -9.10 21.22 -25.99
C SER C 178 -8.21 22.33 -26.53
N PRO C 179 -7.93 22.31 -27.83
CA PRO C 179 -7.21 23.44 -28.44
C PRO C 179 -7.99 24.73 -28.24
N GLY C 180 -7.24 25.81 -28.04
CA GLY C 180 -7.86 27.11 -27.83
C GLY C 180 -6.87 28.06 -27.17
N VAL C 181 -7.42 29.14 -26.62
CA VAL C 181 -6.65 30.19 -25.98
C VAL C 181 -7.09 30.27 -24.52
N TYR C 182 -6.12 30.24 -23.61
CA TYR C 182 -6.41 30.16 -22.19
C TYR C 182 -5.56 31.18 -21.44
N PHE C 183 -6.22 32.02 -20.64
CA PHE C 183 -5.58 33.10 -19.92
C PHE C 183 -5.50 32.76 -18.43
N ASP C 184 -4.34 33.01 -17.84
CA ASP C 184 -4.06 32.63 -16.46
C ASP C 184 -3.50 33.83 -15.73
N GLU C 185 -4.17 34.22 -14.64
CA GLU C 185 -3.77 35.37 -13.84
C GLU C 185 -3.19 34.86 -12.53
N THR C 186 -1.88 35.02 -12.36
CA THR C 186 -1.18 34.56 -11.17
C THR C 186 -0.79 35.76 -10.31
N ILE C 187 -1.31 35.79 -9.08
CA ILE C 187 -0.95 36.81 -8.10
C ILE C 187 0.21 36.34 -7.22
N ASP C 188 0.80 35.18 -7.51
CA ASP C 188 1.75 34.52 -6.61
C ASP C 188 3.16 35.10 -6.70
N LYS C 189 3.38 36.12 -7.52
CA LYS C 189 4.70 36.75 -7.59
C LYS C 189 5.09 37.29 -6.23
N SER C 190 6.40 37.26 -5.95
CA SER C 190 6.91 37.68 -4.66
C SER C 190 6.57 39.14 -4.37
N THR C 191 6.45 39.96 -5.42
CA THR C 191 6.06 41.36 -5.25
C THR C 191 4.64 41.51 -4.73
N ASP C 192 3.87 40.42 -4.63
CA ASP C 192 2.45 40.40 -4.27
C ASP C 192 1.58 40.92 -5.40
N LYS C 193 2.18 41.40 -6.49
CA LYS C 193 1.43 41.95 -7.61
C LYS C 193 1.05 40.86 -8.60
N THR C 194 -0.13 41.02 -9.20
CA THR C 194 -0.68 40.03 -10.11
C THR C 194 0.01 40.08 -11.47
N LEU C 195 0.25 38.90 -12.03
CA LEU C 195 0.74 38.75 -13.40
C LEU C 195 -0.31 37.99 -14.21
N HIS C 196 -0.26 38.17 -15.53
CA HIS C 196 -1.23 37.58 -16.42
C HIS C 196 -0.52 36.85 -17.55
N SER C 197 -0.90 35.59 -17.76
CA SER C 197 -0.29 34.72 -18.75
C SER C 197 -1.35 34.21 -19.71
N VAL C 198 -0.90 33.71 -20.86
CA VAL C 198 -1.80 33.13 -21.85
C VAL C 198 -1.07 32.04 -22.61
N LYS C 199 -1.79 30.97 -22.95
CA LYS C 199 -1.28 29.89 -23.77
C LYS C 199 -2.19 29.69 -24.98
N VAL C 200 -1.58 29.53 -26.15
CA VAL C 200 -2.28 29.17 -27.36
C VAL C 200 -1.95 27.71 -27.66
N ILE C 201 -2.93 26.83 -27.51
CA ILE C 201 -2.74 25.39 -27.63
C ILE C 201 -3.44 24.92 -28.88
N PRO C 202 -2.73 24.36 -29.87
CA PRO C 202 -3.39 23.78 -31.03
C PRO C 202 -3.65 22.29 -30.88
N SER C 203 -4.29 21.69 -31.88
CA SER C 203 -4.40 20.23 -31.92
C SER C 203 -3.05 19.59 -32.24
N ARG C 204 -2.42 20.05 -33.31
CA ARG C 204 -1.06 19.65 -33.66
C ARG C 204 -0.32 20.90 -34.14
N GLY C 205 0.82 21.19 -33.53
CA GLY C 205 1.59 22.34 -33.95
C GLY C 205 2.53 22.81 -32.86
N ALA C 206 2.91 24.08 -32.97
CA ALA C 206 3.89 24.70 -32.09
C ALA C 206 3.20 25.54 -31.03
N TRP C 207 3.76 25.55 -29.83
CA TRP C 207 3.20 26.30 -28.73
C TRP C 207 3.65 27.76 -28.78
N LEU C 208 2.73 28.64 -28.37
CA LEU C 208 2.97 30.08 -28.35
C LEU C 208 2.47 30.64 -27.04
N GLU C 209 3.37 31.25 -26.27
CA GLU C 209 3.05 31.79 -24.95
C GLU C 209 3.38 33.28 -24.90
N PHE C 210 2.47 34.06 -24.32
CA PHE C 210 2.69 35.47 -24.06
C PHE C 210 2.59 35.70 -22.55
N ASP C 211 3.54 36.46 -22.00
CA ASP C 211 3.61 36.69 -20.57
C ASP C 211 3.94 38.14 -20.29
N VAL C 212 3.10 38.80 -19.50
CA VAL C 212 3.46 40.11 -18.97
C VAL C 212 4.39 39.91 -17.79
N ASP C 213 5.51 40.61 -17.78
CA ASP C 213 6.57 40.30 -16.84
C ASP C 213 6.27 40.87 -15.46
N LYS C 214 6.78 40.18 -14.44
CA LYS C 214 6.89 40.75 -13.11
C LYS C 214 7.71 42.04 -13.14
N ARG C 215 8.59 42.19 -14.12
CA ARG C 215 9.33 43.41 -14.40
C ARG C 215 8.57 44.34 -15.33
N ASP C 216 7.32 44.02 -15.66
CA ASP C 216 6.47 44.80 -16.56
C ASP C 216 7.07 44.85 -17.97
N THR C 217 7.03 43.69 -18.62
CA THR C 217 7.36 43.54 -20.02
C THR C 217 6.54 42.40 -20.59
N VAL C 218 6.12 42.51 -21.84
CA VAL C 218 5.26 41.52 -22.46
C VAL C 218 6.16 40.54 -23.22
N GLY C 219 6.26 39.31 -22.72
CA GLY C 219 7.16 38.32 -23.27
C GLY C 219 6.47 37.38 -24.25
N VAL C 220 7.29 36.66 -25.00
CA VAL C 220 6.81 35.68 -25.99
C VAL C 220 7.69 34.45 -25.91
N ARG C 221 7.08 33.28 -25.76
CA ARG C 221 7.78 32.00 -25.74
C ARG C 221 7.21 31.11 -26.83
N ILE C 222 8.09 30.59 -27.69
CA ILE C 222 7.70 29.75 -28.82
C ILE C 222 8.35 28.38 -28.63
N ASP C 223 7.53 27.37 -28.38
CA ASP C 223 8.02 26.01 -28.15
C ASP C 223 9.14 25.99 -27.12
N ARG C 224 8.90 26.65 -25.99
CA ARG C 224 9.79 26.80 -24.84
C ARG C 224 10.90 27.82 -25.08
N LYS C 225 10.98 28.45 -26.25
CA LYS C 225 12.03 29.43 -26.50
C LYS C 225 11.88 30.62 -25.56
N ARG C 226 13.00 31.30 -25.33
CA ARG C 226 13.06 32.33 -24.30
C ARG C 226 12.29 33.58 -24.73
N ARG C 227 11.92 34.38 -23.73
CA ARG C 227 11.01 35.49 -23.95
C ARG C 227 11.68 36.60 -24.76
N GLN C 228 10.85 37.34 -25.49
CA GLN C 228 11.22 38.55 -26.19
C GLN C 228 10.03 39.50 -26.09
N PRO C 229 10.26 40.80 -26.24
CA PRO C 229 9.14 41.74 -26.26
C PRO C 229 8.11 41.34 -27.31
N VAL C 230 6.83 41.42 -26.93
CA VAL C 230 5.76 41.01 -27.83
C VAL C 230 5.80 41.78 -29.13
N THR C 231 6.38 42.99 -29.12
CA THR C 231 6.49 43.79 -30.34
C THR C 231 7.46 43.16 -31.34
N VAL C 232 8.45 42.40 -30.86
CA VAL C 232 9.44 41.81 -31.76
C VAL C 232 8.77 40.90 -32.77
N LEU C 233 7.92 39.99 -32.29
CA LEU C 233 7.22 39.09 -33.20
C LEU C 233 6.23 39.85 -34.08
N LEU C 234 5.48 40.78 -33.48
CA LEU C 234 4.50 41.53 -34.26
C LEU C 234 5.17 42.29 -35.40
N LYS C 235 6.29 42.96 -35.10
CA LYS C 235 7.06 43.61 -36.15
C LYS C 235 7.47 42.60 -37.22
N ALA C 236 8.07 41.47 -36.79
CA ALA C 236 8.51 40.43 -37.71
C ALA C 236 7.37 39.88 -38.56
N LEU C 237 6.12 40.10 -38.16
CA LEU C 237 4.97 39.73 -38.98
C LEU C 237 4.67 40.79 -40.03
N GLY C 238 5.49 41.82 -40.13
CA GLY C 238 5.24 42.91 -41.05
C GLY C 238 4.71 44.17 -40.42
N TRP C 239 4.77 44.31 -39.10
CA TRP C 239 4.21 45.47 -38.43
C TRP C 239 5.26 46.54 -38.21
N THR C 240 4.88 47.79 -38.42
CA THR C 240 5.73 48.92 -38.15
C THR C 240 5.71 49.24 -36.65
N SER C 241 6.80 49.87 -36.19
CA SER C 241 6.83 50.33 -34.81
C SER C 241 5.76 51.37 -34.52
N GLU C 242 5.25 52.05 -35.55
CA GLU C 242 4.17 53.01 -35.37
C GLU C 242 2.81 52.32 -35.33
N GLN C 243 2.58 51.34 -36.23
CA GLN C 243 1.28 50.69 -36.29
C GLN C 243 0.93 49.99 -34.98
N ILE C 244 1.94 49.48 -34.28
CA ILE C 244 1.70 48.88 -32.96
C ILE C 244 1.19 49.93 -32.00
N VAL C 245 1.74 51.14 -32.06
CA VAL C 245 1.28 52.22 -31.18
C VAL C 245 -0.15 52.64 -31.49
N GLU C 246 -0.62 52.40 -32.72
CA GLU C 246 -1.99 52.78 -33.07
C GLU C 246 -2.99 51.86 -32.38
N ARG C 247 -2.82 50.55 -32.52
CA ARG C 247 -3.74 49.61 -31.90
C ARG C 247 -3.45 49.41 -30.42
N PHE C 248 -2.19 49.23 -30.05
CA PHE C 248 -1.80 48.85 -28.70
C PHE C 248 -1.47 50.04 -27.81
N GLY C 249 -1.53 51.27 -28.35
CA GLY C 249 -1.03 52.42 -27.61
C GLY C 249 -1.74 52.65 -26.29
N PHE C 250 -3.01 52.26 -26.20
CA PHE C 250 -3.77 52.47 -24.97
C PHE C 250 -3.14 51.80 -23.77
N SER C 251 -2.27 50.80 -23.99
CA SER C 251 -1.61 50.10 -22.90
C SER C 251 -0.34 50.85 -22.51
N GLU C 252 -0.30 51.31 -21.25
CA GLU C 252 0.92 51.90 -20.73
C GLU C 252 2.07 50.89 -20.65
N ILE C 253 1.74 49.60 -20.54
CA ILE C 253 2.77 48.58 -20.49
C ILE C 253 3.31 48.27 -21.88
N MET C 254 2.45 48.31 -22.90
CA MET C 254 2.94 48.15 -24.27
C MET C 254 3.77 49.34 -24.70
N ARG C 255 3.43 50.54 -24.21
CA ARG C 255 4.27 51.70 -24.47
C ARG C 255 5.65 51.52 -23.85
N SER C 256 5.71 51.01 -22.62
CA SER C 256 6.99 50.76 -21.97
C SER C 256 7.77 49.63 -22.63
N THR C 257 7.08 48.71 -23.30
CA THR C 257 7.76 47.55 -23.89
C THR C 257 8.45 47.90 -25.22
N LEU C 258 7.90 48.84 -25.98
CA LEU C 258 8.45 49.13 -27.30
C LEU C 258 9.81 49.82 -27.20
N GLU C 259 10.02 50.63 -26.16
CA GLU C 259 11.35 51.20 -25.95
C GLU C 259 12.33 50.14 -25.47
N LYS C 260 11.88 49.25 -24.57
CA LYS C 260 12.71 48.14 -24.15
C LYS C 260 12.98 47.15 -25.29
N ASP C 261 12.15 47.18 -26.34
CA ASP C 261 12.47 46.45 -27.55
C ASP C 261 13.81 46.91 -28.09
N ASN C 262 14.72 45.97 -28.31
CA ASN C 262 16.11 46.33 -28.58
C ASN C 262 16.30 46.82 -30.01
N THR C 263 15.65 46.18 -30.97
CA THR C 263 15.83 46.52 -32.38
C THR C 263 14.47 46.70 -33.05
N VAL C 264 14.47 47.47 -34.12
CA VAL C 264 13.26 47.73 -34.91
C VAL C 264 13.50 47.26 -36.34
N GLY C 265 12.40 47.08 -37.05
CA GLY C 265 12.45 46.69 -38.44
C GLY C 265 12.12 45.21 -38.64
N THR C 266 11.49 44.93 -39.79
CA THR C 266 11.05 43.57 -40.08
C THR C 266 12.22 42.63 -40.36
N ASP C 267 13.29 43.16 -40.96
CA ASP C 267 14.45 42.31 -41.26
C ASP C 267 15.18 41.92 -39.98
N GLU C 268 15.43 42.89 -39.10
CA GLU C 268 16.08 42.58 -37.83
C GLU C 268 15.18 41.73 -36.94
N ALA C 269 13.86 41.94 -37.00
CA ALA C 269 12.95 41.14 -36.19
C ALA C 269 12.90 39.70 -36.67
N LEU C 270 12.69 39.50 -37.98
CA LEU C 270 12.70 38.14 -38.53
C LEU C 270 14.05 37.47 -38.35
N LEU C 271 15.14 38.24 -38.41
CA LEU C 271 16.46 37.66 -38.20
C LEU C 271 16.66 37.25 -36.73
N ASP C 272 16.20 38.10 -35.80
CA ASP C 272 16.31 37.74 -34.39
C ASP C 272 15.43 36.56 -34.04
N ILE C 273 14.33 36.37 -34.78
CA ILE C 273 13.45 35.23 -34.52
C ILE C 273 14.10 33.93 -34.99
N TYR C 274 14.69 33.94 -36.19
CA TYR C 274 15.32 32.73 -36.70
C TYR C 274 16.53 32.34 -35.87
N ARG C 275 17.15 33.30 -35.18
CA ARG C 275 18.27 32.97 -34.30
C ARG C 275 17.80 32.21 -33.07
N LYS C 276 16.64 32.59 -32.53
CA LYS C 276 16.15 31.93 -31.32
C LYS C 276 15.78 30.47 -31.57
N LEU C 277 15.24 30.18 -32.75
CA LEU C 277 14.81 28.81 -33.05
C LEU C 277 16.00 27.89 -33.27
N ARG C 278 16.90 28.27 -34.19
CA ARG C 278 18.07 27.44 -34.51
C ARG C 278 19.28 28.00 -33.80
N PRO C 279 19.91 27.26 -32.89
CA PRO C 279 21.01 27.86 -32.10
C PRO C 279 22.21 28.27 -32.93
N GLY C 280 22.70 27.41 -33.81
CA GLY C 280 23.96 27.64 -34.50
C GLY C 280 23.93 27.92 -35.98
N GLU C 281 22.78 28.10 -36.59
CA GLU C 281 22.68 28.10 -38.04
C GLU C 281 22.77 29.51 -38.60
N PRO C 282 22.87 29.66 -39.92
CA PRO C 282 22.75 30.98 -40.54
C PRO C 282 21.29 31.39 -40.70
N PRO C 283 20.98 32.66 -40.52
CA PRO C 283 19.67 33.17 -40.91
C PRO C 283 19.62 33.52 -42.39
N THR C 284 18.39 33.55 -42.91
CA THR C 284 18.11 34.06 -44.25
C THR C 284 16.71 34.62 -44.24
N LYS C 285 16.48 35.68 -45.04
CA LYS C 285 15.19 36.35 -45.01
C LYS C 285 14.08 35.46 -45.55
N GLU C 286 14.22 34.99 -46.80
CA GLU C 286 13.17 34.17 -47.39
C GLU C 286 13.07 32.82 -46.71
N SER C 287 14.15 32.32 -46.14
CA SER C 287 14.09 31.09 -45.37
C SER C 287 13.32 31.30 -44.07
N ALA C 288 13.57 32.42 -43.40
CA ALA C 288 12.94 32.66 -42.09
C ALA C 288 11.46 32.99 -42.23
N GLN C 289 11.10 33.78 -43.24
CA GLN C 289 9.68 34.11 -43.43
C GLN C 289 8.90 32.89 -43.85
N THR C 290 9.45 32.08 -44.76
CA THR C 290 8.82 30.82 -45.10
C THR C 290 8.85 29.84 -43.94
N LEU C 291 9.84 30.00 -43.05
CA LEU C 291 9.89 29.17 -41.84
C LEU C 291 8.79 29.58 -40.87
N LEU C 292 8.65 30.88 -40.61
CA LEU C 292 7.58 31.37 -39.75
C LEU C 292 6.21 31.09 -40.35
N GLU C 293 6.10 31.16 -41.68
CA GLU C 293 4.85 30.81 -42.35
C GLU C 293 4.51 29.34 -42.11
N ASN C 294 5.49 28.46 -42.33
CA ASN C 294 5.25 27.02 -42.17
C ASN C 294 5.20 26.59 -40.71
N LEU C 295 5.65 27.44 -39.78
CA LEU C 295 5.64 27.08 -38.37
C LEU C 295 4.25 27.26 -37.76
N PHE C 296 3.48 28.23 -38.25
CA PHE C 296 2.20 28.57 -37.65
C PHE C 296 1.09 28.61 -38.70
N PHE C 297 1.24 29.48 -39.70
CA PHE C 297 0.16 29.81 -40.63
C PHE C 297 -0.02 28.79 -41.74
N LYS C 298 0.78 27.72 -41.78
CA LYS C 298 0.65 26.69 -42.79
C LYS C 298 -0.01 25.45 -42.21
N GLU C 299 -0.79 24.76 -43.04
CA GLU C 299 -1.59 23.65 -42.56
C GLU C 299 -0.78 22.39 -42.29
N LYS C 300 0.42 22.26 -42.85
CA LYS C 300 1.15 21.01 -42.73
C LYS C 300 1.73 20.83 -41.32
N ARG C 301 2.48 21.82 -40.83
CA ARG C 301 3.15 21.69 -39.55
C ARG C 301 2.40 22.31 -38.38
N TYR C 302 1.28 22.98 -38.62
CA TYR C 302 0.49 23.58 -37.55
C TYR C 302 -0.98 23.34 -37.85
N ASP C 303 -1.68 22.70 -36.94
CA ASP C 303 -3.11 22.45 -37.11
C ASP C 303 -3.85 22.83 -35.85
N LEU C 304 -4.69 23.84 -35.95
CA LEU C 304 -5.78 24.06 -35.02
C LEU C 304 -6.94 23.23 -35.52
N ALA C 305 -7.57 22.46 -34.64
CA ALA C 305 -8.73 21.69 -35.07
C ALA C 305 -9.93 22.65 -35.24
N ARG C 306 -11.06 22.11 -35.70
CA ARG C 306 -12.26 22.93 -35.71
C ARG C 306 -12.66 23.32 -34.30
N VAL C 307 -12.42 22.43 -33.33
CA VAL C 307 -12.64 22.76 -31.93
C VAL C 307 -11.83 23.98 -31.54
N GLY C 308 -10.53 23.97 -31.84
CA GLY C 308 -9.69 25.11 -31.52
C GLY C 308 -10.12 26.37 -32.23
N ARG C 309 -10.50 26.25 -33.51
CA ARG C 309 -10.96 27.40 -34.27
C ARG C 309 -12.19 28.03 -33.64
N TYR C 310 -13.21 27.21 -33.37
CA TYR C 310 -14.43 27.73 -32.77
C TYR C 310 -14.17 28.27 -31.37
N LYS C 311 -13.38 27.56 -30.56
CA LYS C 311 -13.04 28.04 -29.23
C LYS C 311 -12.32 29.39 -29.31
N VAL C 312 -11.37 29.52 -30.23
CA VAL C 312 -10.73 30.83 -30.43
C VAL C 312 -11.76 31.83 -30.94
N ASN C 313 -12.62 31.41 -31.88
CA ASN C 313 -13.66 32.29 -32.37
C ASN C 313 -14.54 32.78 -31.22
N LYS C 314 -15.11 31.86 -30.45
CA LYS C 314 -16.00 32.26 -29.36
C LYS C 314 -15.25 33.02 -28.27
N LYS C 315 -13.97 32.71 -28.06
CA LYS C 315 -13.21 33.38 -27.00
C LYS C 315 -12.81 34.78 -27.40
N LEU C 316 -12.48 35.00 -28.67
CA LEU C 316 -12.16 36.33 -29.16
C LEU C 316 -13.29 36.99 -29.94
N GLY C 317 -14.40 36.29 -30.16
CA GLY C 317 -15.51 36.85 -30.92
C GLY C 317 -15.15 37.29 -32.33
N LEU C 318 -14.20 36.59 -32.96
CA LEU C 318 -13.64 37.09 -34.21
C LEU C 318 -14.58 36.90 -35.40
N HIS C 319 -15.10 35.69 -35.59
CA HIS C 319 -15.98 35.40 -36.73
C HIS C 319 -17.37 35.12 -36.19
N VAL C 320 -18.28 36.08 -36.37
CA VAL C 320 -19.67 35.89 -35.99
C VAL C 320 -20.45 35.16 -37.08
N GLY C 321 -20.09 35.38 -38.34
CA GLY C 321 -20.81 34.79 -39.45
C GLY C 321 -20.64 33.29 -39.59
N GLU C 322 -19.93 32.66 -38.67
CA GLU C 322 -19.70 31.22 -38.66
C GLU C 322 -19.08 30.67 -39.96
N PRO C 323 -17.96 31.25 -40.43
CA PRO C 323 -17.22 30.57 -41.50
C PRO C 323 -16.55 29.31 -40.95
N ILE C 324 -16.75 28.19 -41.67
CA ILE C 324 -16.12 26.92 -41.33
C ILE C 324 -14.87 26.67 -42.18
N THR C 325 -14.46 27.64 -42.99
CA THR C 325 -13.59 27.38 -44.13
C THR C 325 -12.27 26.72 -43.70
N SER C 326 -11.50 27.40 -42.88
CA SER C 326 -10.15 26.95 -42.54
C SER C 326 -9.92 27.03 -41.05
N SER C 327 -9.20 26.06 -40.51
CA SER C 327 -8.78 26.09 -39.11
C SER C 327 -7.27 26.23 -39.07
N THR C 328 -6.82 27.45 -38.79
CA THR C 328 -5.42 27.77 -38.55
C THR C 328 -5.41 29.13 -37.86
N LEU C 329 -4.31 29.44 -37.17
CA LEU C 329 -4.22 30.76 -36.57
C LEU C 329 -4.09 31.83 -37.65
N THR C 330 -4.44 33.06 -37.29
CA THR C 330 -4.36 34.18 -38.19
C THR C 330 -3.61 35.33 -37.51
N GLU C 331 -3.07 36.22 -38.34
CA GLU C 331 -2.45 37.43 -37.82
C GLU C 331 -3.44 38.19 -36.92
N GLU C 332 -4.70 38.28 -37.35
CA GLU C 332 -5.73 38.88 -36.51
C GLU C 332 -5.96 38.08 -35.24
N ASP C 333 -5.61 36.79 -35.23
CA ASP C 333 -5.67 36.02 -34.00
C ASP C 333 -4.52 36.36 -33.07
N VAL C 334 -3.34 36.65 -33.61
CA VAL C 334 -2.23 37.11 -32.78
C VAL C 334 -2.54 38.48 -32.18
N VAL C 335 -2.98 39.41 -33.03
CA VAL C 335 -3.37 40.73 -32.55
C VAL C 335 -4.48 40.63 -31.52
N ALA C 336 -5.46 39.76 -31.78
CA ALA C 336 -6.57 39.58 -30.85
C ALA C 336 -6.09 39.00 -29.53
N THR C 337 -5.11 38.10 -29.57
CA THR C 337 -4.59 37.50 -28.36
C THR C 337 -3.85 38.53 -27.51
N ILE C 338 -2.98 39.32 -28.14
CA ILE C 338 -2.25 40.33 -27.37
C ILE C 338 -3.21 41.39 -26.84
N GLU C 339 -4.16 41.84 -27.67
CA GLU C 339 -5.13 42.82 -27.22
C GLU C 339 -5.94 42.29 -26.04
N TYR C 340 -6.40 41.04 -26.12
CA TYR C 340 -7.10 40.43 -24.99
C TYR C 340 -6.21 40.41 -23.75
N LEU C 341 -4.96 39.99 -23.90
CA LEU C 341 -4.04 39.98 -22.76
C LEU C 341 -3.74 41.39 -22.28
N VAL C 342 -3.62 42.35 -23.20
CA VAL C 342 -3.31 43.72 -22.83
C VAL C 342 -4.39 44.28 -21.91
N ARG C 343 -5.64 44.24 -22.37
CA ARG C 343 -6.74 44.73 -21.55
C ARG C 343 -6.91 43.92 -20.27
N LEU C 344 -6.54 42.64 -20.31
CA LEU C 344 -6.66 41.77 -19.14
C LEU C 344 -5.85 42.33 -17.96
N HIS C 345 -4.53 42.43 -18.13
CA HIS C 345 -3.68 42.91 -17.03
C HIS C 345 -4.07 44.31 -16.59
N GLU C 346 -4.60 45.13 -17.50
CA GLU C 346 -5.10 46.45 -17.11
C GLU C 346 -6.28 46.34 -16.16
N GLY C 347 -7.09 45.29 -16.30
CA GLY C 347 -8.29 45.15 -15.51
C GLY C 347 -9.59 45.43 -16.25
N GLN C 348 -9.56 45.58 -17.57
CA GLN C 348 -10.79 45.77 -18.33
C GLN C 348 -11.67 44.53 -18.24
N THR C 349 -12.98 44.75 -18.22
CA THR C 349 -13.94 43.67 -18.15
C THR C 349 -14.53 43.30 -19.51
N THR C 350 -14.21 44.04 -20.58
CA THR C 350 -14.76 43.73 -21.88
C THR C 350 -13.85 44.26 -22.96
N MET C 351 -13.96 43.66 -24.15
CA MET C 351 -13.16 44.06 -25.29
C MET C 351 -13.98 43.87 -26.56
N THR C 352 -13.78 44.78 -27.52
CA THR C 352 -14.35 44.65 -28.85
C THR C 352 -13.22 44.81 -29.86
N VAL C 353 -13.19 43.92 -30.84
CA VAL C 353 -12.08 43.83 -31.79
C VAL C 353 -12.62 44.26 -33.14
N PRO C 354 -11.80 44.81 -34.04
CA PRO C 354 -12.30 45.11 -35.38
C PRO C 354 -12.95 43.88 -36.00
N GLY C 355 -14.18 44.05 -36.47
CA GLY C 355 -14.96 42.91 -36.94
C GLY C 355 -15.21 41.88 -35.87
N GLY C 356 -15.31 42.29 -34.62
CA GLY C 356 -15.58 41.37 -33.53
C GLY C 356 -16.37 42.08 -32.46
N VAL C 357 -17.08 41.30 -31.65
CA VAL C 357 -18.20 41.83 -30.87
C VAL C 357 -18.15 41.34 -29.44
N GLU C 358 -18.10 42.28 -28.49
CA GLU C 358 -18.53 42.12 -27.11
C GLU C 358 -18.13 40.79 -26.48
N VAL C 359 -16.84 40.59 -26.26
CA VAL C 359 -16.32 39.40 -25.57
C VAL C 359 -15.84 39.81 -24.19
N PRO C 360 -16.28 39.15 -23.12
CA PRO C 360 -15.74 39.45 -21.80
C PRO C 360 -14.26 39.09 -21.74
N VAL C 361 -13.49 39.97 -21.10
CA VAL C 361 -12.08 39.72 -20.83
C VAL C 361 -12.00 39.09 -19.44
N GLU C 362 -11.55 37.84 -19.39
CA GLU C 362 -11.53 37.09 -18.14
C GLU C 362 -10.54 35.94 -18.28
N THR C 363 -10.13 35.43 -17.13
CA THR C 363 -9.32 34.22 -17.11
C THR C 363 -10.18 33.00 -17.42
N ASP C 364 -9.52 31.91 -17.82
CA ASP C 364 -10.20 30.67 -18.12
C ASP C 364 -9.89 29.64 -17.04
N ASP C 365 -10.89 28.78 -16.77
CA ASP C 365 -10.73 27.69 -15.81
C ASP C 365 -10.18 26.48 -16.56
N ILE C 366 -8.98 26.05 -16.18
CA ILE C 366 -8.35 24.93 -16.87
C ILE C 366 -9.12 23.64 -16.66
N ASP C 367 -9.74 23.49 -15.49
CA ASP C 367 -10.44 22.26 -15.13
C ASP C 367 -11.91 22.26 -15.52
N HIS C 368 -12.45 23.40 -15.99
CA HIS C 368 -13.82 23.45 -16.44
C HIS C 368 -14.01 22.51 -17.63
N PHE C 369 -15.18 21.87 -17.70
CA PHE C 369 -15.40 20.86 -18.73
C PHE C 369 -15.79 21.45 -20.07
N GLY C 370 -15.92 22.77 -20.16
CA GLY C 370 -16.08 23.41 -21.46
C GLY C 370 -14.72 23.67 -22.08
N ASN C 371 -13.71 23.83 -21.23
CA ASN C 371 -12.33 23.94 -21.67
C ASN C 371 -11.59 22.61 -21.67
N ARG C 372 -12.17 21.57 -21.07
CA ARG C 372 -11.53 20.27 -20.98
C ARG C 372 -12.31 19.27 -21.82
N ARG C 373 -11.58 18.46 -22.58
CA ARG C 373 -12.17 17.68 -23.65
C ARG C 373 -11.90 16.20 -23.43
N LEU C 374 -12.67 15.38 -24.14
CA LEU C 374 -12.55 13.93 -24.08
C LEU C 374 -12.16 13.42 -25.45
N ARG C 375 -10.99 12.77 -25.54
CA ARG C 375 -10.58 12.11 -26.77
C ARG C 375 -11.03 10.66 -26.68
N THR C 376 -12.00 10.30 -27.51
CA THR C 376 -12.58 8.97 -27.44
C THR C 376 -11.75 8.00 -28.28
N VAL C 377 -12.17 6.73 -28.24
CA VAL C 377 -11.40 5.66 -28.87
C VAL C 377 -11.28 5.90 -30.37
N GLY C 378 -12.38 6.29 -31.02
CA GLY C 378 -12.33 6.57 -32.44
C GLY C 378 -11.36 7.68 -32.79
N GLU C 379 -11.22 8.68 -31.93
CA GLU C 379 -10.31 9.78 -32.21
C GLU C 379 -8.86 9.40 -31.96
N LEU C 380 -8.60 8.61 -30.93
CA LEU C 380 -7.24 8.12 -30.70
C LEU C 380 -6.78 7.25 -31.86
N ILE C 381 -7.59 6.26 -32.23
CA ILE C 381 -7.26 5.41 -33.36
C ILE C 381 -7.11 6.24 -34.63
N GLN C 382 -7.99 7.22 -34.83
CA GLN C 382 -7.86 8.08 -36.00
C GLN C 382 -6.51 8.80 -36.02
N ASN C 383 -6.06 9.28 -34.86
CA ASN C 383 -4.77 9.96 -34.81
C ASN C 383 -3.65 9.02 -35.22
N GLN C 384 -3.67 7.78 -34.73
CA GLN C 384 -2.64 6.82 -35.17
C GLN C 384 -2.74 6.55 -36.66
N ILE C 385 -3.95 6.42 -37.19
CA ILE C 385 -4.15 6.24 -38.62
C ILE C 385 -3.55 7.40 -39.39
N ARG C 386 -3.65 8.61 -38.85
CA ARG C 386 -3.10 9.77 -39.53
C ARG C 386 -1.58 9.72 -39.53
N VAL C 387 -0.97 9.27 -38.44
CA VAL C 387 0.49 9.14 -38.40
C VAL C 387 0.96 8.14 -39.45
N GLY C 388 0.50 6.89 -39.34
CA GLY C 388 0.94 5.86 -40.27
C GLY C 388 0.58 6.19 -41.71
N MET C 389 -0.56 6.83 -41.91
CA MET C 389 -0.96 7.23 -43.26
C MET C 389 -0.03 8.28 -43.82
N SER C 390 0.40 9.24 -42.99
CA SER C 390 1.37 10.23 -43.45
C SER C 390 2.69 9.56 -43.83
N ARG C 391 3.07 8.52 -43.08
CA ARG C 391 4.27 7.76 -43.45
C ARG C 391 4.10 7.11 -44.82
N MET C 392 2.96 6.47 -45.05
CA MET C 392 2.68 5.90 -46.36
C MET C 392 2.73 6.97 -47.44
N GLU C 393 2.25 8.18 -47.12
CA GLU C 393 2.33 9.29 -48.08
C GLU C 393 3.78 9.60 -48.42
N ARG C 394 4.64 9.66 -47.41
CA ARG C 394 6.05 9.89 -47.67
C ARG C 394 6.61 8.81 -48.59
N VAL C 395 6.22 7.56 -48.39
CA VAL C 395 6.72 6.51 -49.27
C VAL C 395 6.22 6.69 -50.69
N VAL C 396 4.95 7.09 -50.85
CA VAL C 396 4.40 7.26 -52.19
C VAL C 396 5.13 8.39 -52.93
N ARG C 397 5.44 9.49 -52.24
CA ARG C 397 6.19 10.57 -52.87
C ARG C 397 7.55 10.10 -53.35
N GLU C 398 8.32 9.46 -52.45
CA GLU C 398 9.62 8.93 -52.83
C GLU C 398 9.51 7.95 -53.99
N ARG C 399 8.39 7.22 -54.07
CA ARG C 399 8.21 6.28 -55.16
C ARG C 399 7.77 6.94 -56.46
N MET C 400 7.28 8.17 -56.41
CA MET C 400 6.85 8.82 -57.65
C MET C 400 8.03 9.25 -58.50
N THR C 401 9.14 9.66 -57.88
CA THR C 401 10.30 10.06 -58.66
C THR C 401 11.04 8.87 -59.25
N THR C 402 11.05 7.73 -58.57
CA THR C 402 11.87 6.60 -59.00
C THR C 402 11.23 5.82 -60.15
N GLN C 403 9.92 5.63 -60.11
CA GLN C 403 9.25 4.72 -61.01
C GLN C 403 9.05 5.32 -62.40
N ASP C 404 8.85 4.45 -63.37
CA ASP C 404 8.52 4.83 -64.73
C ASP C 404 7.00 4.93 -64.88
N VAL C 405 6.50 6.12 -65.20
CA VAL C 405 5.07 6.26 -65.46
C VAL C 405 4.68 5.34 -66.61
N GLU C 406 3.46 4.80 -66.54
CA GLU C 406 2.91 3.74 -67.39
C GLU C 406 3.49 2.38 -66.98
N ALA C 407 4.57 2.34 -66.20
CA ALA C 407 4.96 1.16 -65.44
C ALA C 407 4.45 1.22 -64.00
N ILE C 408 3.68 2.25 -63.64
CA ILE C 408 3.15 2.39 -62.29
C ILE C 408 1.65 2.17 -62.30
N THR C 409 1.20 1.37 -61.35
CA THR C 409 -0.14 1.19 -60.85
C THR C 409 -0.12 1.61 -59.38
N PRO C 410 -1.24 2.06 -58.82
CA PRO C 410 -1.21 2.50 -57.41
C PRO C 410 -0.60 1.47 -56.48
N GLN C 411 -0.98 0.20 -56.61
CA GLN C 411 -0.49 -0.84 -55.69
C GLN C 411 1.03 -0.95 -55.69
N THR C 412 1.71 -0.50 -56.75
CA THR C 412 3.16 -0.40 -56.71
C THR C 412 3.62 0.80 -55.90
N LEU C 413 2.83 1.87 -55.86
CA LEU C 413 3.18 3.03 -55.05
C LEU C 413 2.86 2.85 -53.58
N ILE C 414 1.83 2.08 -53.27
CA ILE C 414 1.29 2.03 -51.90
C ILE C 414 1.97 0.90 -51.13
N ASN C 415 2.63 1.27 -50.05
CA ASN C 415 3.18 0.32 -49.08
C ASN C 415 2.42 0.48 -47.78
N ILE C 416 1.69 -0.58 -47.38
CA ILE C 416 0.79 -0.48 -46.24
C ILE C 416 1.45 -0.78 -44.90
N ARG C 417 2.68 -1.28 -44.91
CA ARG C 417 3.35 -1.69 -43.67
C ARG C 417 3.32 -0.64 -42.56
N PRO C 418 3.65 0.64 -42.81
CA PRO C 418 3.64 1.61 -41.71
C PRO C 418 2.26 1.89 -41.14
N VAL C 419 1.19 1.66 -41.90
CA VAL C 419 -0.15 1.86 -41.36
C VAL C 419 -0.49 0.77 -40.36
N VAL C 420 -0.38 -0.49 -40.77
CA VAL C 420 -0.63 -1.61 -39.88
C VAL C 420 0.29 -1.52 -38.67
N ALA C 421 1.56 -1.21 -38.90
CA ALA C 421 2.51 -1.07 -37.79
C ALA C 421 2.10 0.06 -36.86
N ALA C 422 1.60 1.17 -37.42
CA ALA C 422 1.15 2.28 -36.59
C ALA C 422 -0.01 1.86 -35.70
N ILE C 423 -0.97 1.12 -36.26
CA ILE C 423 -2.07 0.63 -35.43
C ILE C 423 -1.56 -0.32 -34.35
N LYS C 424 -0.67 -1.25 -34.74
CA LYS C 424 -0.18 -2.23 -33.78
C LYS C 424 0.58 -1.57 -32.65
N GLU C 425 1.39 -0.56 -32.96
CA GLU C 425 2.15 0.13 -31.92
C GLU C 425 1.24 0.81 -30.91
N PHE C 426 0.10 1.32 -31.36
CA PHE C 426 -0.84 1.96 -30.46
C PHE C 426 -1.39 0.97 -29.44
N PHE C 427 -2.03 -0.10 -29.91
CA PHE C 427 -2.64 -1.06 -29.01
C PHE C 427 -1.60 -1.73 -28.11
N GLY C 428 -0.37 -1.86 -28.58
CA GLY C 428 0.68 -2.47 -27.78
C GLY C 428 1.30 -1.57 -26.72
N THR C 429 1.71 -0.36 -27.09
CA THR C 429 2.51 0.48 -26.22
C THR C 429 1.75 1.57 -25.50
N SER C 430 0.46 1.75 -25.76
CA SER C 430 -0.25 2.92 -25.24
C SER C 430 -0.79 2.68 -23.84
N GLN C 431 -0.70 3.72 -23.00
CA GLN C 431 -1.27 3.67 -21.67
C GLN C 431 -2.80 3.61 -21.71
N LEU C 432 -3.39 4.16 -22.77
CA LEU C 432 -4.85 4.14 -22.90
C LEU C 432 -5.36 2.79 -23.39
N SER C 433 -4.59 2.08 -24.18
CA SER C 433 -4.97 0.72 -24.55
C SER C 433 -4.59 -0.18 -23.39
N GLN C 434 -5.58 -0.80 -22.77
CA GLN C 434 -5.41 -1.38 -21.46
C GLN C 434 -5.93 -2.80 -21.42
N PHE C 435 -5.23 -3.64 -20.66
CA PHE C 435 -5.71 -4.95 -20.29
C PHE C 435 -7.09 -4.80 -19.66
N MET C 436 -8.09 -5.45 -20.22
CA MET C 436 -9.44 -5.24 -19.73
C MET C 436 -9.57 -5.84 -18.33
N ASP C 437 -10.21 -5.09 -17.44
CA ASP C 437 -10.44 -5.58 -16.09
C ASP C 437 -11.79 -6.28 -16.12
N GLN C 438 -11.77 -7.61 -16.12
CA GLN C 438 -12.99 -8.38 -15.97
C GLN C 438 -12.82 -9.24 -14.72
N ASN C 439 -13.27 -8.71 -13.59
CA ASN C 439 -13.54 -9.52 -12.41
C ASN C 439 -14.97 -10.04 -12.44
N ASN C 440 -15.88 -9.16 -12.81
CA ASN C 440 -17.29 -9.42 -13.01
C ASN C 440 -17.74 -8.44 -14.09
N PRO C 441 -18.99 -8.51 -14.55
CA PRO C 441 -19.41 -7.58 -15.62
C PRO C 441 -19.35 -6.11 -15.24
N LEU C 442 -19.41 -5.78 -13.95
CA LEU C 442 -19.42 -4.38 -13.56
C LEU C 442 -18.03 -3.77 -13.66
N SER C 443 -17.01 -4.48 -13.22
CA SER C 443 -15.64 -4.00 -13.38
C SER C 443 -15.31 -3.77 -14.85
N GLY C 444 -15.81 -4.64 -15.72
CA GLY C 444 -15.57 -4.45 -17.14
C GLY C 444 -16.39 -3.34 -17.75
N LEU C 445 -17.61 -3.13 -17.25
CA LEU C 445 -18.48 -2.11 -17.83
C LEU C 445 -17.95 -0.71 -17.54
N THR C 446 -17.64 -0.42 -16.27
CA THR C 446 -17.14 0.91 -15.94
C THR C 446 -15.76 1.14 -16.54
N HIS C 447 -14.95 0.09 -16.69
CA HIS C 447 -13.67 0.23 -17.38
C HIS C 447 -13.85 0.87 -18.74
N LYS C 448 -14.86 0.43 -19.48
CA LYS C 448 -15.15 1.05 -20.78
C LYS C 448 -15.69 2.47 -20.64
N ARG C 449 -16.21 2.82 -19.47
CA ARG C 449 -16.74 4.16 -19.22
C ARG C 449 -15.74 5.07 -18.52
N ARG C 450 -14.52 4.60 -18.29
CA ARG C 450 -13.53 5.40 -17.57
C ARG C 450 -13.10 6.63 -18.37
N LEU C 451 -12.91 7.74 -17.66
CA LEU C 451 -12.34 8.96 -18.21
C LEU C 451 -11.00 9.19 -17.54
N SER C 452 -9.91 9.03 -18.31
CA SER C 452 -8.57 9.05 -17.77
C SER C 452 -7.87 10.36 -18.14
N ALA C 453 -7.21 10.97 -17.16
CA ALA C 453 -6.44 12.18 -17.39
C ALA C 453 -4.97 11.91 -17.67
N LEU C 454 -4.51 10.67 -17.50
CA LEU C 454 -3.11 10.33 -17.68
C LEU C 454 -2.88 9.75 -19.07
N GLY C 455 -1.81 10.20 -19.72
CA GLY C 455 -1.41 9.62 -20.97
C GLY C 455 -0.72 10.60 -21.92
N PRO C 456 -0.40 10.13 -23.12
CA PRO C 456 0.15 11.03 -24.14
C PRO C 456 -0.85 12.11 -24.51
N GLY C 457 -0.39 13.36 -24.51
CA GLY C 457 -1.26 14.50 -24.66
C GLY C 457 -1.93 14.95 -23.38
N GLY C 458 -1.94 14.11 -22.35
CA GLY C 458 -2.44 14.48 -21.05
C GLY C 458 -1.36 15.06 -20.16
N LEU C 459 -1.50 14.84 -18.86
CA LEU C 459 -0.54 15.34 -17.89
C LEU C 459 0.23 14.19 -17.25
N SER C 460 1.47 14.47 -16.86
CA SER C 460 2.27 13.50 -16.14
C SER C 460 1.75 13.37 -14.71
N ARG C 461 1.91 12.17 -14.14
CA ARG C 461 1.56 11.98 -12.74
C ARG C 461 2.40 12.87 -11.83
N GLU C 462 3.65 13.13 -12.21
CA GLU C 462 4.49 14.01 -11.43
C GLU C 462 3.97 15.44 -11.41
N ARG C 463 3.38 15.89 -12.53
CA ARG C 463 2.97 17.28 -12.70
C ARG C 463 1.51 17.53 -12.36
N ALA C 464 0.81 16.53 -11.83
CA ALA C 464 -0.61 16.68 -11.52
C ALA C 464 -0.77 17.14 -10.07
N GLY C 465 -1.21 18.38 -9.90
CA GLY C 465 -1.39 18.95 -8.57
C GLY C 465 -2.71 18.52 -7.96
N LEU C 466 -2.95 19.01 -6.74
CA LEU C 466 -4.19 18.70 -6.05
C LEU C 466 -5.40 19.42 -6.64
N GLU C 467 -5.18 20.39 -7.52
CA GLU C 467 -6.30 21.10 -8.13
C GLU C 467 -6.92 20.33 -9.29
N VAL C 468 -6.18 19.38 -9.87
CA VAL C 468 -6.73 18.57 -10.95
C VAL C 468 -7.61 17.46 -10.41
N ARG C 469 -7.34 17.00 -9.19
CA ARG C 469 -8.03 15.85 -8.61
C ARG C 469 -9.32 16.22 -7.92
N ASP C 470 -9.65 17.50 -7.82
CA ASP C 470 -10.84 17.93 -7.10
C ASP C 470 -12.08 17.79 -7.95
N VAL C 471 -13.21 17.50 -7.28
CA VAL C 471 -14.50 17.61 -7.94
C VAL C 471 -14.71 19.04 -8.39
N HIS C 472 -15.24 19.20 -9.59
CA HIS C 472 -15.41 20.51 -10.19
C HIS C 472 -16.88 20.72 -10.54
N PRO C 473 -17.42 21.93 -10.34
CA PRO C 473 -18.86 22.13 -10.59
C PRO C 473 -19.30 21.80 -12.01
N SER C 474 -18.38 21.78 -12.97
CA SER C 474 -18.75 21.37 -14.33
C SER C 474 -18.89 19.86 -14.47
N HIS C 475 -18.49 19.09 -13.43
CA HIS C 475 -18.63 17.64 -13.48
C HIS C 475 -20.07 17.17 -13.34
N TYR C 476 -20.98 18.04 -12.90
CA TYR C 476 -22.32 17.60 -12.52
C TYR C 476 -23.04 16.99 -13.72
N GLY C 477 -23.49 15.75 -13.56
CA GLY C 477 -24.12 15.02 -14.63
C GLY C 477 -23.18 14.53 -15.71
N ARG C 478 -21.87 14.75 -15.56
CA ARG C 478 -20.90 14.41 -16.59
C ARG C 478 -19.90 13.38 -16.09
N MET C 479 -19.12 13.71 -15.06
CA MET C 479 -18.22 12.76 -14.43
C MET C 479 -18.66 12.53 -13.00
N CYS C 480 -18.76 11.27 -12.60
CA CYS C 480 -19.25 10.94 -11.28
C CYS C 480 -18.29 11.46 -10.22
N PRO C 481 -18.76 12.25 -9.25
CA PRO C 481 -17.88 12.69 -8.15
C PRO C 481 -17.51 11.58 -7.18
N ILE C 482 -18.22 10.47 -7.18
CA ILE C 482 -18.01 9.43 -6.19
C ILE C 482 -16.95 8.44 -6.66
N GLU C 483 -17.21 7.80 -7.80
CA GLU C 483 -16.33 6.71 -8.23
C GLU C 483 -15.02 7.27 -8.77
N THR C 484 -13.92 6.86 -8.15
CA THR C 484 -12.54 7.23 -8.46
C THR C 484 -11.65 6.46 -7.49
N PRO C 485 -10.42 6.12 -7.86
CA PRO C 485 -9.57 5.35 -6.94
C PRO C 485 -9.25 6.13 -5.68
N GLU C 486 -8.97 5.40 -4.60
CA GLU C 486 -8.51 6.02 -3.37
C GLU C 486 -7.01 5.97 -3.20
N GLY C 487 -6.29 5.34 -4.14
CA GLY C 487 -4.84 5.31 -4.09
C GLY C 487 -4.24 6.56 -4.72
N PRO C 488 -3.01 6.44 -5.22
CA PRO C 488 -2.37 7.60 -5.88
C PRO C 488 -3.09 8.09 -7.11
N ASN C 489 -4.00 7.31 -7.70
CA ASN C 489 -4.73 7.72 -8.89
C ASN C 489 -5.99 8.49 -8.57
N ILE C 490 -6.22 8.83 -7.30
CA ILE C 490 -7.42 9.55 -6.91
C ILE C 490 -7.52 10.86 -7.70
N GLY C 491 -8.70 11.10 -8.27
CA GLY C 491 -8.95 12.29 -9.05
C GLY C 491 -8.40 12.26 -10.46
N LEU C 492 -7.54 11.31 -10.78
CA LEU C 492 -6.99 11.18 -12.13
C LEU C 492 -7.80 10.24 -13.01
N ILE C 493 -8.75 9.50 -12.43
CA ILE C 493 -9.57 8.54 -13.16
C ILE C 493 -11.00 8.68 -12.68
N GLY C 494 -11.95 8.71 -13.61
CA GLY C 494 -13.33 8.97 -13.27
C GLY C 494 -14.26 8.19 -14.17
N SER C 495 -15.53 8.23 -13.84
CA SER C 495 -16.56 7.46 -14.53
C SER C 495 -17.56 8.39 -15.17
N LEU C 496 -17.96 8.06 -16.40
CA LEU C 496 -19.00 8.83 -17.07
C LEU C 496 -20.32 8.66 -16.34
N SER C 497 -21.03 9.76 -16.18
CA SER C 497 -22.33 9.71 -15.52
C SER C 497 -23.32 8.95 -16.39
N VAL C 498 -24.40 8.50 -15.74
CA VAL C 498 -25.32 7.55 -16.36
C VAL C 498 -25.93 8.10 -17.63
N TYR C 499 -26.35 9.37 -17.61
CA TYR C 499 -27.05 9.97 -18.74
C TYR C 499 -26.16 10.76 -19.68
N ALA C 500 -24.85 10.81 -19.42
CA ALA C 500 -23.96 11.67 -20.20
C ALA C 500 -23.70 11.12 -21.59
N ARG C 501 -23.47 12.04 -22.53
CA ARG C 501 -23.02 11.75 -23.88
C ARG C 501 -21.73 12.51 -24.17
N VAL C 502 -21.02 12.06 -25.19
CA VAL C 502 -19.85 12.77 -25.70
C VAL C 502 -20.26 13.37 -27.05
N ASN C 503 -20.28 14.70 -27.12
CA ASN C 503 -20.74 15.37 -28.33
C ASN C 503 -19.67 15.26 -29.41
N PRO C 504 -20.01 15.57 -30.67
CA PRO C 504 -19.04 15.36 -31.76
C PRO C 504 -17.73 16.11 -31.59
N PHE C 505 -17.67 17.14 -30.75
CA PHE C 505 -16.44 17.90 -30.57
C PHE C 505 -15.63 17.44 -29.36
N GLY C 506 -16.09 16.40 -28.66
CA GLY C 506 -15.37 15.86 -27.53
C GLY C 506 -15.83 16.37 -26.17
N PHE C 507 -16.87 17.20 -26.13
CA PHE C 507 -17.37 17.76 -24.89
C PHE C 507 -18.56 16.96 -24.39
N ILE C 508 -18.61 16.76 -23.08
CA ILE C 508 -19.61 15.91 -22.47
C ILE C 508 -20.88 16.72 -22.21
N GLU C 509 -22.03 16.16 -22.59
CA GLU C 509 -23.32 16.79 -22.43
C GLU C 509 -24.18 15.96 -21.48
N THR C 510 -25.17 16.63 -20.89
CA THR C 510 -26.13 16.01 -20.00
C THR C 510 -27.50 16.55 -20.33
N PRO C 511 -28.55 15.73 -20.28
CA PRO C 511 -29.89 16.22 -20.59
C PRO C 511 -30.52 16.99 -19.45
N TYR C 512 -31.40 17.92 -19.81
CA TYR C 512 -32.16 18.70 -18.85
C TYR C 512 -33.56 18.94 -19.40
N ARG C 513 -34.47 19.29 -18.51
CA ARG C 513 -35.87 19.55 -18.86
C ARG C 513 -36.11 21.04 -18.97
N LYS C 514 -36.70 21.45 -20.09
CA LYS C 514 -37.05 22.86 -20.28
C LYS C 514 -38.08 23.29 -19.23
N VAL C 515 -37.79 24.37 -18.51
CA VAL C 515 -38.71 24.96 -17.56
C VAL C 515 -39.19 26.27 -18.17
N VAL C 516 -40.48 26.34 -18.51
CA VAL C 516 -41.07 27.49 -19.18
C VAL C 516 -42.15 28.07 -18.26
N ASP C 517 -42.00 29.35 -17.92
CA ASP C 517 -42.97 30.07 -17.10
C ASP C 517 -43.26 29.32 -15.81
N GLY C 518 -42.20 28.87 -15.14
CA GLY C 518 -42.36 28.16 -13.89
C GLY C 518 -43.02 26.80 -13.99
N VAL C 519 -43.18 26.26 -15.20
CA VAL C 519 -43.72 24.92 -15.37
C VAL C 519 -42.60 24.03 -15.89
N VAL C 520 -42.64 22.76 -15.50
CA VAL C 520 -41.61 21.79 -15.84
C VAL C 520 -42.14 20.94 -16.97
N SER C 521 -41.58 21.12 -18.16
CA SER C 521 -42.06 20.43 -19.34
C SER C 521 -41.35 19.09 -19.51
N ASP C 522 -41.78 18.32 -20.51
CA ASP C 522 -41.14 17.08 -20.87
C ASP C 522 -40.17 17.22 -22.04
N GLU C 523 -39.98 18.44 -22.55
CA GLU C 523 -38.98 18.68 -23.59
C GLU C 523 -37.58 18.53 -23.01
N ILE C 524 -36.74 17.76 -23.70
CA ILE C 524 -35.38 17.44 -23.24
C ILE C 524 -34.38 18.11 -24.17
N VAL C 525 -33.34 18.70 -23.58
CA VAL C 525 -32.26 19.34 -24.32
C VAL C 525 -30.95 18.90 -23.69
N TYR C 526 -30.00 18.47 -24.53
CA TYR C 526 -28.67 18.11 -24.07
C TYR C 526 -27.79 19.35 -24.08
N LEU C 527 -27.29 19.75 -22.91
CA LEU C 527 -26.49 20.94 -22.76
C LEU C 527 -25.04 20.59 -22.44
N THR C 528 -24.12 21.38 -22.97
CA THR C 528 -22.71 21.26 -22.60
C THR C 528 -22.45 22.10 -21.35
N ALA C 529 -21.23 22.01 -20.84
CA ALA C 529 -20.89 22.74 -19.62
C ALA C 529 -20.97 24.24 -19.83
N ASP C 530 -20.55 24.72 -21.00
CA ASP C 530 -20.64 26.14 -21.31
C ASP C 530 -22.09 26.59 -21.35
N GLU C 531 -22.95 25.88 -22.09
CA GLU C 531 -24.35 26.25 -22.18
C GLU C 531 -25.04 26.21 -20.82
N GLU C 532 -24.56 25.35 -19.93
CA GLU C 532 -25.18 25.20 -18.62
C GLU C 532 -24.93 26.40 -17.70
N ASP C 533 -23.84 27.14 -17.91
CA ASP C 533 -23.54 28.30 -17.08
C ASP C 533 -24.44 29.49 -17.39
N ARG C 534 -24.99 29.58 -18.60
CA ARG C 534 -25.88 30.68 -18.95
C ARG C 534 -27.28 30.53 -18.37
N HIS C 535 -27.60 29.37 -17.80
CA HIS C 535 -28.96 29.07 -17.38
C HIS C 535 -28.99 28.70 -15.90
N VAL C 536 -30.20 28.43 -15.41
CA VAL C 536 -30.45 28.13 -14.00
C VAL C 536 -31.08 26.74 -13.93
N VAL C 537 -30.40 25.82 -13.25
CA VAL C 537 -30.75 24.40 -13.28
C VAL C 537 -31.17 23.97 -11.88
N ALA C 538 -32.39 23.47 -11.77
CA ALA C 538 -32.91 22.98 -10.49
C ALA C 538 -32.57 21.51 -10.30
N GLN C 539 -32.22 21.14 -9.06
CA GLN C 539 -31.91 19.76 -8.75
C GLN C 539 -33.17 18.89 -8.85
N ALA C 540 -32.96 17.58 -9.01
CA ALA C 540 -34.07 16.66 -9.18
C ALA C 540 -34.90 16.52 -7.92
N ASN C 541 -34.27 16.61 -6.75
CA ASN C 541 -35.01 16.53 -5.48
C ASN C 541 -35.95 17.70 -5.28
N SER C 542 -35.90 18.72 -6.14
CA SER C 542 -36.86 19.80 -6.06
C SER C 542 -38.27 19.25 -6.27
N PRO C 543 -39.22 19.51 -5.37
CA PRO C 543 -40.56 18.95 -5.52
C PRO C 543 -41.37 19.66 -6.60
N ILE C 544 -42.13 18.86 -7.34
CA ILE C 544 -43.12 19.35 -8.30
C ILE C 544 -44.41 18.59 -8.04
N ASP C 545 -45.53 19.25 -8.29
CA ASP C 545 -46.82 18.61 -8.16
C ASP C 545 -47.23 18.01 -9.50
N ALA C 546 -48.49 17.56 -9.61
CA ALA C 546 -48.97 17.05 -10.88
C ALA C 546 -48.81 18.09 -11.99
N ASP C 547 -49.13 19.34 -11.69
CA ASP C 547 -48.81 20.43 -12.60
C ASP C 547 -47.33 20.74 -12.54
N GLY C 548 -46.84 21.39 -13.60
CA GLY C 548 -45.44 21.74 -13.68
C GLY C 548 -44.97 22.79 -12.69
N ARG C 549 -45.88 23.33 -11.88
CA ARG C 549 -45.49 24.38 -10.94
C ARG C 549 -44.65 23.81 -9.80
N PHE C 550 -43.68 24.60 -9.36
CA PHE C 550 -42.85 24.20 -8.22
C PHE C 550 -43.64 24.30 -6.92
N VAL C 551 -43.30 23.40 -5.98
CA VAL C 551 -44.00 23.38 -4.70
C VAL C 551 -43.57 24.55 -3.83
N GLU C 552 -42.30 24.97 -3.93
CA GLU C 552 -41.78 26.01 -3.07
C GLU C 552 -41.42 27.25 -3.86
N PRO C 553 -41.59 28.45 -3.30
CA PRO C 553 -41.19 29.66 -4.02
C PRO C 553 -39.68 29.81 -4.13
N ARG C 554 -38.92 29.27 -3.18
CA ARG C 554 -37.47 29.27 -3.22
C ARG C 554 -36.97 27.84 -3.38
N VAL C 555 -36.03 27.64 -4.30
CA VAL C 555 -35.48 26.33 -4.62
C VAL C 555 -33.97 26.44 -4.71
N LEU C 556 -33.28 25.46 -4.14
CA LEU C 556 -31.82 25.40 -4.22
C LEU C 556 -31.40 24.96 -5.62
N VAL C 557 -30.59 25.78 -6.28
CA VAL C 557 -30.16 25.52 -7.66
C VAL C 557 -28.69 25.85 -7.80
N ARG C 558 -28.11 25.39 -8.91
CA ARG C 558 -26.81 25.84 -9.39
C ARG C 558 -27.07 26.82 -10.53
N ARG C 559 -26.45 28.00 -10.47
CA ARG C 559 -26.72 29.04 -11.45
C ARG C 559 -25.46 29.46 -12.21
N LYS C 560 -24.48 30.05 -11.54
CA LYS C 560 -23.31 30.61 -12.20
C LYS C 560 -22.05 30.03 -11.57
N ALA C 561 -21.23 29.37 -12.39
CA ALA C 561 -19.91 28.91 -11.99
C ALA C 561 -19.96 28.03 -10.74
N GLY C 562 -21.05 27.29 -10.58
CA GLY C 562 -21.15 26.32 -9.50
C GLY C 562 -21.28 26.90 -8.11
N GLU C 563 -22.20 27.85 -7.95
CA GLU C 563 -22.62 28.31 -6.64
C GLU C 563 -24.02 27.78 -6.36
N VAL C 564 -24.26 27.41 -5.10
CA VAL C 564 -25.53 26.82 -4.68
C VAL C 564 -26.31 27.88 -3.92
N GLU C 565 -27.56 28.12 -4.35
CA GLU C 565 -28.31 29.24 -3.81
C GLU C 565 -29.79 28.90 -3.71
N TYR C 566 -30.42 29.33 -2.62
CA TYR C 566 -31.86 29.50 -2.61
C TYR C 566 -32.23 30.58 -3.62
N VAL C 567 -33.15 30.25 -4.52
CA VAL C 567 -33.36 31.06 -5.72
C VAL C 567 -34.85 31.16 -6.00
N PRO C 568 -35.29 32.22 -6.69
CA PRO C 568 -36.70 32.30 -7.09
C PRO C 568 -37.04 31.22 -8.11
N SER C 569 -38.14 30.51 -7.85
CA SER C 569 -38.67 29.58 -8.84
C SER C 569 -39.13 30.30 -10.09
N SER C 570 -39.49 31.58 -9.98
CA SER C 570 -39.97 32.34 -11.13
C SER C 570 -38.98 32.29 -12.28
N GLU C 571 -37.70 32.50 -11.99
CA GLU C 571 -36.66 32.36 -13.00
C GLU C 571 -35.99 31.01 -12.78
N VAL C 572 -36.33 30.05 -13.64
CA VAL C 572 -35.66 28.75 -13.71
C VAL C 572 -35.67 28.35 -15.18
N ASP C 573 -34.51 27.94 -15.68
CA ASP C 573 -34.39 27.57 -17.09
C ASP C 573 -34.61 26.07 -17.28
N TYR C 574 -33.78 25.25 -16.65
CA TYR C 574 -33.80 23.81 -16.85
C TYR C 574 -33.84 23.10 -15.50
N MET C 575 -34.10 21.79 -15.56
CA MET C 575 -34.12 20.95 -14.36
C MET C 575 -33.54 19.59 -14.71
N ASP C 576 -32.89 18.98 -13.72
CA ASP C 576 -32.35 17.63 -13.89
C ASP C 576 -33.43 16.66 -14.34
N VAL C 577 -33.04 15.72 -15.20
CA VAL C 577 -34.00 14.76 -15.73
C VAL C 577 -34.30 13.66 -14.72
N SER C 578 -33.46 13.48 -13.69
CA SER C 578 -33.67 12.49 -12.66
C SER C 578 -32.57 12.62 -11.60
N PRO C 579 -32.76 12.05 -10.42
CA PRO C 579 -31.61 11.83 -9.53
C PRO C 579 -30.70 10.78 -10.18
N ARG C 580 -29.56 10.49 -9.56
CA ARG C 580 -28.58 9.56 -10.11
C ARG C 580 -27.98 10.10 -11.42
N GLN C 581 -28.51 11.23 -11.90
CA GLN C 581 -27.98 11.89 -13.09
C GLN C 581 -26.54 12.31 -12.89
N MET C 582 -26.15 12.66 -11.67
CA MET C 582 -24.78 13.06 -11.39
C MET C 582 -23.88 11.90 -11.03
N VAL C 583 -24.38 10.67 -11.11
CA VAL C 583 -23.72 9.52 -10.51
C VAL C 583 -23.41 8.49 -11.60
N SER C 584 -22.41 7.66 -11.33
CA SER C 584 -21.98 6.64 -12.29
C SER C 584 -22.89 5.42 -12.21
N VAL C 585 -22.54 4.39 -12.98
CA VAL C 585 -23.32 3.16 -12.95
C VAL C 585 -23.11 2.42 -11.63
N ALA C 586 -21.86 2.25 -11.21
CA ALA C 586 -21.58 1.53 -9.98
C ALA C 586 -22.12 2.28 -8.77
N THR C 587 -22.05 3.62 -8.78
CA THR C 587 -22.57 4.38 -7.67
C THR C 587 -24.10 4.35 -7.63
N ALA C 588 -24.75 4.32 -8.78
CA ALA C 588 -26.20 4.24 -8.83
C ALA C 588 -26.74 2.93 -8.26
N MET C 589 -25.87 1.96 -8.01
CA MET C 589 -26.27 0.66 -7.49
C MET C 589 -26.17 0.58 -5.96
N ILE C 590 -25.83 1.67 -5.29
CA ILE C 590 -25.73 1.68 -3.83
C ILE C 590 -27.10 2.07 -3.27
N PRO C 591 -27.81 1.17 -2.61
CA PRO C 591 -29.09 1.56 -2.00
C PRO C 591 -28.86 2.51 -0.84
N PHE C 592 -29.78 3.44 -0.67
CA PHE C 592 -29.69 4.45 0.39
C PHE C 592 -28.35 5.20 0.32
N LEU C 593 -27.89 5.46 -0.90
CA LEU C 593 -26.63 6.16 -1.10
C LEU C 593 -26.63 7.51 -0.39
N GLU C 594 -27.78 8.20 -0.40
CA GLU C 594 -27.90 9.52 0.20
C GLU C 594 -27.65 9.51 1.70
N HIS C 595 -27.67 8.34 2.34
CA HIS C 595 -27.41 8.20 3.76
C HIS C 595 -25.96 7.83 4.07
N ASP C 596 -25.11 7.77 3.06
CA ASP C 596 -23.72 7.37 3.23
C ASP C 596 -22.79 8.53 2.95
N ASP C 597 -21.75 8.66 3.76
CA ASP C 597 -20.76 9.70 3.51
C ASP C 597 -19.98 9.39 2.25
N ALA C 598 -19.55 10.46 1.57
CA ALA C 598 -18.96 10.32 0.24
C ALA C 598 -17.75 9.39 0.24
N ASN C 599 -17.01 9.31 1.34
CA ASN C 599 -15.84 8.45 1.38
C ASN C 599 -16.23 6.97 1.34
N ARG C 600 -17.17 6.58 2.21
CA ARG C 600 -17.62 5.19 2.19
C ARG C 600 -18.37 4.87 0.91
N ALA C 601 -19.06 5.85 0.34
CA ALA C 601 -19.72 5.64 -0.95
C ALA C 601 -18.70 5.41 -2.05
N LEU C 602 -17.56 6.10 -1.98
CA LEU C 602 -16.46 5.80 -2.90
C LEU C 602 -15.97 4.38 -2.69
N MET C 603 -15.72 4.00 -1.43
CA MET C 603 -15.25 2.64 -1.16
C MET C 603 -16.23 1.59 -1.67
N GLY C 604 -17.52 1.90 -1.66
CA GLY C 604 -18.54 0.97 -2.10
C GLY C 604 -18.56 0.80 -3.61
N ALA C 605 -18.39 1.90 -4.33
CA ALA C 605 -18.35 1.83 -5.79
C ALA C 605 -17.14 1.02 -6.27
N ASN C 606 -15.98 1.23 -5.66
CA ASN C 606 -14.79 0.48 -6.06
C ASN C 606 -14.87 -0.97 -5.62
N MET C 607 -15.54 -1.25 -4.50
CA MET C 607 -15.54 -2.62 -3.99
C MET C 607 -16.48 -3.53 -4.75
N GLN C 608 -17.53 -2.98 -5.36
CA GLN C 608 -18.41 -3.80 -6.17
C GLN C 608 -17.67 -4.42 -7.36
N ARG C 609 -16.68 -3.71 -7.89
CA ARG C 609 -15.92 -4.21 -9.02
C ARG C 609 -14.83 -5.19 -8.62
N GLN C 610 -14.65 -5.42 -7.32
CA GLN C 610 -13.73 -6.43 -6.82
C GLN C 610 -14.42 -7.72 -6.42
N ALA C 611 -15.75 -7.82 -6.61
CA ALA C 611 -16.48 -9.01 -6.21
C ALA C 611 -16.26 -10.15 -7.20
N VAL C 612 -16.04 -11.35 -6.66
CA VAL C 612 -15.79 -12.53 -7.50
C VAL C 612 -17.11 -13.19 -7.87
N PRO C 613 -17.25 -13.70 -9.09
CA PRO C 613 -18.48 -14.42 -9.46
C PRO C 613 -18.62 -15.72 -8.69
N LEU C 614 -19.78 -15.91 -8.07
CA LEU C 614 -20.06 -17.09 -7.27
C LEU C 614 -20.53 -18.24 -8.15
N VAL C 615 -20.38 -19.47 -7.63
CA VAL C 615 -20.82 -20.66 -8.35
C VAL C 615 -22.29 -20.54 -8.74
N ARG C 616 -23.10 -19.95 -7.86
CA ARG C 616 -24.49 -19.62 -8.15
C ARG C 616 -24.71 -18.17 -7.78
N SER C 617 -25.49 -17.45 -8.57
CA SER C 617 -25.74 -16.06 -8.22
C SER C 617 -27.07 -15.94 -7.49
N GLU C 618 -27.27 -14.77 -6.88
CA GLU C 618 -28.53 -14.43 -6.24
C GLU C 618 -28.71 -12.93 -6.33
N ALA C 619 -29.84 -12.49 -6.85
CA ALA C 619 -30.07 -11.05 -6.93
C ALA C 619 -30.33 -10.51 -5.53
N PRO C 620 -30.04 -9.23 -5.31
CA PRO C 620 -30.34 -8.63 -4.01
C PRO C 620 -31.83 -8.40 -3.84
N LEU C 621 -32.31 -8.64 -2.62
CA LEU C 621 -33.66 -8.22 -2.25
C LEU C 621 -33.80 -6.71 -2.36
N VAL C 622 -32.77 -5.98 -1.95
CA VAL C 622 -32.78 -4.52 -1.97
C VAL C 622 -31.84 -4.07 -3.07
N GLY C 623 -32.42 -3.59 -4.18
CA GLY C 623 -31.69 -2.96 -5.25
C GLY C 623 -31.97 -1.47 -5.34
N THR C 624 -31.28 -0.84 -6.28
CA THR C 624 -31.64 0.50 -6.72
C THR C 624 -32.41 0.52 -8.03
N GLY C 625 -32.61 -0.64 -8.66
CA GLY C 625 -33.21 -0.71 -9.97
C GLY C 625 -32.25 -0.55 -11.13
N MET C 626 -30.96 -0.35 -10.86
CA MET C 626 -29.94 -0.22 -11.89
C MET C 626 -29.32 -1.57 -12.27
N GLU C 627 -29.55 -2.61 -11.48
CA GLU C 627 -28.84 -3.88 -11.64
C GLU C 627 -29.19 -4.57 -12.95
N LEU C 628 -30.43 -4.47 -13.40
CA LEU C 628 -30.83 -5.12 -14.65
C LEU C 628 -30.18 -4.44 -15.85
N ARG C 629 -30.38 -3.13 -15.97
CA ARG C 629 -29.85 -2.39 -17.11
C ARG C 629 -28.33 -2.35 -17.12
N ALA C 630 -27.69 -2.59 -15.98
CA ALA C 630 -26.23 -2.67 -15.96
C ALA C 630 -25.75 -4.00 -16.51
N ALA C 631 -26.44 -5.10 -16.18
CA ALA C 631 -26.01 -6.41 -16.63
C ALA C 631 -26.21 -6.58 -18.12
N ILE C 632 -27.32 -6.08 -18.66
CA ILE C 632 -27.57 -6.21 -20.09
C ILE C 632 -26.55 -5.41 -20.88
N ASP C 633 -26.36 -4.14 -20.53
CA ASP C 633 -25.43 -3.30 -21.27
C ASP C 633 -23.99 -3.77 -21.14
N ALA C 634 -23.62 -4.34 -19.99
CA ALA C 634 -22.26 -4.86 -19.84
C ALA C 634 -21.97 -5.94 -20.86
N GLY C 635 -22.97 -6.74 -21.23
CA GLY C 635 -22.84 -7.67 -22.32
C GLY C 635 -22.39 -9.07 -21.95
N ASP C 636 -22.16 -9.35 -20.67
CA ASP C 636 -21.82 -10.70 -20.26
C ASP C 636 -23.04 -11.58 -20.10
N VAL C 637 -24.20 -11.04 -20.43
CA VAL C 637 -25.47 -11.77 -20.45
C VAL C 637 -25.88 -11.94 -21.90
N VAL C 638 -26.59 -13.02 -22.19
CA VAL C 638 -27.02 -13.32 -23.56
C VAL C 638 -28.43 -12.79 -23.76
N VAL C 639 -28.62 -12.05 -24.84
CA VAL C 639 -29.87 -11.37 -25.14
C VAL C 639 -30.33 -11.78 -26.53
N ALA C 640 -31.64 -11.92 -26.71
CA ALA C 640 -32.22 -12.27 -28.00
C ALA C 640 -32.30 -11.02 -28.86
N GLU C 641 -31.65 -11.05 -30.02
CA GLU C 641 -31.70 -9.92 -30.95
C GLU C 641 -33.04 -9.81 -31.66
N GLU C 642 -33.77 -10.92 -31.75
CA GLU C 642 -35.02 -10.97 -32.50
C GLU C 642 -35.99 -11.86 -31.76
N SER C 643 -37.25 -11.47 -31.74
CA SER C 643 -38.26 -12.23 -31.01
C SER C 643 -38.57 -13.55 -31.72
N GLY C 644 -38.83 -14.57 -30.93
CA GLY C 644 -39.12 -15.87 -31.48
C GLY C 644 -39.44 -16.87 -30.39
N VAL C 645 -39.36 -18.15 -30.75
CA VAL C 645 -39.66 -19.26 -29.87
C VAL C 645 -38.40 -20.11 -29.72
N ILE C 646 -38.19 -20.66 -28.53
CA ILE C 646 -37.00 -21.47 -28.32
C ILE C 646 -37.24 -22.84 -28.94
N GLU C 647 -36.45 -23.16 -29.95
CA GLU C 647 -36.55 -24.44 -30.64
C GLU C 647 -35.77 -25.53 -29.92
N GLU C 648 -34.58 -25.19 -29.43
CA GLU C 648 -33.73 -26.16 -28.75
C GLU C 648 -32.90 -25.44 -27.70
N VAL C 649 -32.68 -26.12 -26.57
CA VAL C 649 -31.89 -25.56 -25.47
C VAL C 649 -31.07 -26.66 -24.85
N SER C 650 -29.80 -26.38 -24.61
CA SER C 650 -28.93 -27.21 -23.78
C SER C 650 -27.93 -26.29 -23.10
N ALA C 651 -27.04 -26.87 -22.30
CA ALA C 651 -26.00 -26.08 -21.68
C ALA C 651 -25.04 -25.49 -22.71
N ASP C 652 -24.96 -26.10 -23.90
CA ASP C 652 -24.00 -25.66 -24.90
C ASP C 652 -24.50 -24.47 -25.71
N TYR C 653 -25.78 -24.46 -26.10
CA TYR C 653 -26.28 -23.38 -26.93
C TYR C 653 -27.79 -23.26 -26.80
N ILE C 654 -28.30 -22.13 -27.27
CA ILE C 654 -29.72 -21.85 -27.37
C ILE C 654 -30.02 -21.43 -28.80
N THR C 655 -31.05 -22.03 -29.40
CA THR C 655 -31.50 -21.64 -30.73
C THR C 655 -32.91 -21.10 -30.64
N VAL C 656 -33.14 -19.94 -31.26
CA VAL C 656 -34.43 -19.28 -31.29
C VAL C 656 -34.95 -19.29 -32.71
N MET C 657 -36.16 -19.80 -32.90
CA MET C 657 -36.80 -19.79 -34.21
C MET C 657 -37.65 -18.53 -34.31
N HIS C 658 -37.24 -17.61 -35.18
CA HIS C 658 -38.01 -16.39 -35.39
C HIS C 658 -39.29 -16.70 -36.15
N ASP C 659 -40.25 -15.77 -36.06
CA ASP C 659 -41.47 -15.89 -36.85
C ASP C 659 -41.18 -15.85 -38.34
N ASN C 660 -40.01 -15.37 -38.74
CA ASN C 660 -39.58 -15.43 -40.13
C ASN C 660 -39.56 -16.85 -40.66
N GLY C 661 -39.25 -17.82 -39.80
CA GLY C 661 -38.76 -19.11 -40.22
C GLY C 661 -37.25 -19.20 -40.17
N THR C 662 -36.58 -18.07 -40.03
CA THR C 662 -35.15 -18.03 -39.78
C THR C 662 -34.88 -18.23 -38.29
N ARG C 663 -33.76 -18.88 -37.99
CA ARG C 663 -33.40 -19.11 -36.60
C ARG C 663 -32.00 -18.61 -36.33
N ARG C 664 -31.74 -18.35 -35.05
CA ARG C 664 -30.48 -17.79 -34.58
C ARG C 664 -30.07 -18.55 -33.34
N THR C 665 -28.82 -18.97 -33.29
CA THR C 665 -28.30 -19.77 -32.20
C THR C 665 -27.26 -18.99 -31.42
N TYR C 666 -27.29 -19.13 -30.09
CA TYR C 666 -26.38 -18.45 -29.19
C TYR C 666 -25.57 -19.49 -28.44
N ARG C 667 -24.26 -19.51 -28.66
CA ARG C 667 -23.38 -20.44 -27.97
C ARG C 667 -23.02 -19.90 -26.59
N MET C 668 -22.93 -20.79 -25.62
CA MET C 668 -22.70 -20.40 -24.23
C MET C 668 -21.22 -20.45 -23.90
N ARG C 669 -20.72 -19.41 -23.26
CA ARG C 669 -19.39 -19.46 -22.66
C ARG C 669 -19.45 -20.36 -21.43
N LYS C 670 -18.65 -21.41 -21.42
CA LYS C 670 -18.71 -22.43 -20.38
C LYS C 670 -17.38 -22.52 -19.67
N PHE C 671 -17.35 -22.09 -18.41
CA PHE C 671 -16.16 -22.17 -17.57
C PHE C 671 -14.95 -21.53 -18.25
N ALA C 672 -15.14 -20.30 -18.68
CA ALA C 672 -14.10 -19.54 -19.35
C ALA C 672 -13.32 -18.69 -18.34
N ARG C 673 -12.01 -18.64 -18.52
CA ARG C 673 -11.15 -17.87 -17.63
C ARG C 673 -11.17 -16.40 -18.03
N SER C 674 -11.46 -15.53 -17.07
CA SER C 674 -11.33 -14.10 -17.32
C SER C 674 -9.88 -13.68 -17.12
N ASN C 675 -9.61 -12.41 -17.42
CA ASN C 675 -8.22 -11.93 -17.37
C ASN C 675 -7.64 -12.04 -15.97
N HIS C 676 -8.48 -11.88 -14.94
CA HIS C 676 -8.02 -11.92 -13.56
C HIS C 676 -8.22 -13.28 -12.90
N GLY C 677 -8.65 -14.29 -13.65
CA GLY C 677 -8.75 -15.63 -13.12
C GLY C 677 -10.09 -16.00 -12.53
N THR C 678 -11.08 -15.13 -12.64
CA THR C 678 -12.42 -15.48 -12.22
C THR C 678 -13.08 -16.36 -13.28
N CYS C 679 -14.29 -16.84 -13.00
CA CYS C 679 -14.94 -17.82 -13.85
C CYS C 679 -16.10 -17.16 -14.58
N ALA C 680 -15.98 -17.05 -15.90
CA ALA C 680 -17.07 -16.56 -16.74
C ALA C 680 -17.86 -17.77 -17.21
N ASN C 681 -19.09 -17.91 -16.72
CA ASN C 681 -19.91 -19.07 -17.00
C ASN C 681 -21.32 -18.59 -17.27
N GLN C 682 -21.85 -18.92 -18.44
CA GLN C 682 -23.20 -18.55 -18.82
C GLN C 682 -24.12 -19.75 -18.70
N CYS C 683 -25.35 -19.51 -18.23
CA CYS C 683 -26.35 -20.55 -18.15
C CYS C 683 -27.67 -20.05 -18.73
N PRO C 684 -28.35 -20.88 -19.50
CA PRO C 684 -29.64 -20.47 -20.07
C PRO C 684 -30.73 -20.37 -19.01
N ILE C 685 -31.49 -19.28 -19.06
CA ILE C 685 -32.63 -19.08 -18.18
C ILE C 685 -33.95 -19.40 -18.87
N VAL C 686 -33.92 -19.93 -20.08
CA VAL C 686 -35.13 -20.19 -20.85
C VAL C 686 -35.28 -21.69 -21.09
N ASP C 687 -36.51 -22.09 -21.41
CA ASP C 687 -36.86 -23.50 -21.62
C ASP C 687 -37.39 -23.70 -23.02
N ALA C 688 -37.30 -24.95 -23.48
CA ALA C 688 -37.77 -25.29 -24.82
C ALA C 688 -39.26 -25.03 -24.95
N GLY C 689 -39.63 -24.27 -25.97
CA GLY C 689 -40.99 -23.86 -26.20
C GLY C 689 -41.33 -22.47 -25.71
N ASP C 690 -40.50 -21.90 -24.85
CA ASP C 690 -40.76 -20.56 -24.34
C ASP C 690 -40.77 -19.53 -25.47
N ARG C 691 -41.63 -18.54 -25.32
CA ARG C 691 -41.73 -17.41 -26.25
C ARG C 691 -40.94 -16.25 -25.68
N VAL C 692 -39.99 -15.73 -26.45
CA VAL C 692 -39.14 -14.64 -26.02
C VAL C 692 -39.29 -13.48 -26.98
N GLU C 693 -38.88 -12.31 -26.52
CA GLU C 693 -39.01 -11.06 -27.27
C GLU C 693 -37.65 -10.45 -27.49
N ALA C 694 -37.59 -9.50 -28.43
CA ALA C 694 -36.34 -8.81 -28.71
C ALA C 694 -35.92 -7.99 -27.50
N GLY C 695 -34.67 -8.21 -27.05
CA GLY C 695 -34.15 -7.57 -25.88
C GLY C 695 -34.23 -8.38 -24.61
N GLN C 696 -35.05 -9.43 -24.60
CA GLN C 696 -35.17 -10.28 -23.43
C GLN C 696 -33.87 -11.04 -23.19
N VAL C 697 -33.58 -11.31 -21.92
CA VAL C 697 -32.36 -12.02 -21.54
C VAL C 697 -32.59 -13.52 -21.70
N ILE C 698 -31.79 -14.16 -22.55
CA ILE C 698 -31.88 -15.59 -22.77
C ILE C 698 -31.09 -16.35 -21.71
N ALA C 699 -29.93 -15.84 -21.31
CA ALA C 699 -29.03 -16.62 -20.47
C ALA C 699 -28.30 -15.70 -19.50
N ASP C 700 -28.08 -16.19 -18.28
CA ASP C 700 -27.38 -15.43 -17.27
C ASP C 700 -25.88 -15.49 -17.49
N GLY C 701 -25.19 -14.46 -17.03
CA GLY C 701 -23.75 -14.40 -17.05
C GLY C 701 -23.17 -14.67 -15.68
N PRO C 702 -21.88 -14.37 -15.50
CA PRO C 702 -21.21 -14.78 -14.25
C PRO C 702 -21.82 -14.21 -12.98
N CYS C 703 -22.05 -12.90 -12.95
CA CYS C 703 -22.62 -12.21 -11.80
C CYS C 703 -24.09 -11.86 -11.96
N THR C 704 -24.78 -12.41 -12.95
CA THR C 704 -26.19 -12.08 -13.15
C THR C 704 -27.09 -13.18 -12.64
N ASP C 705 -28.28 -12.80 -12.19
CA ASP C 705 -29.35 -13.73 -11.85
C ASP C 705 -30.65 -13.19 -12.45
N ASP C 706 -31.20 -13.92 -13.42
CA ASP C 706 -32.39 -13.52 -14.16
C ASP C 706 -32.21 -12.19 -14.89
N GLY C 707 -30.96 -11.84 -15.21
CA GLY C 707 -30.69 -10.62 -15.96
C GLY C 707 -30.32 -9.41 -15.14
N GLU C 708 -30.39 -9.50 -13.82
CA GLU C 708 -29.98 -8.42 -12.94
C GLU C 708 -28.61 -8.71 -12.37
N MET C 709 -27.77 -7.68 -12.25
CA MET C 709 -26.45 -7.87 -11.67
C MET C 709 -26.60 -8.41 -10.25
N ALA C 710 -26.03 -9.58 -10.01
CA ALA C 710 -25.98 -10.18 -8.68
C ALA C 710 -24.52 -10.31 -8.30
N LEU C 711 -24.03 -9.42 -7.46
CA LEU C 711 -22.62 -9.44 -7.08
C LEU C 711 -22.37 -10.18 -5.78
N GLY C 712 -23.42 -10.63 -5.11
CA GLY C 712 -23.26 -11.26 -3.82
C GLY C 712 -24.51 -12.00 -3.43
N LYS C 713 -24.58 -12.36 -2.15
CA LYS C 713 -25.67 -13.12 -1.58
C LYS C 713 -26.40 -12.27 -0.54
N ASN C 714 -27.64 -12.67 -0.26
CA ASN C 714 -28.41 -12.07 0.83
C ASN C 714 -28.16 -12.89 2.08
N LEU C 715 -27.46 -12.31 3.04
CA LEU C 715 -27.09 -12.99 4.27
C LEU C 715 -27.90 -12.44 5.44
N LEU C 716 -28.23 -13.32 6.37
CA LEU C 716 -28.92 -12.92 7.59
C LEU C 716 -27.89 -12.36 8.56
N VAL C 717 -28.05 -11.10 8.94
CA VAL C 717 -27.02 -10.35 9.65
C VAL C 717 -27.54 -9.93 11.02
N ALA C 718 -26.69 -10.04 12.02
CA ALA C 718 -26.95 -9.54 13.37
C ALA C 718 -25.86 -8.57 13.76
N ILE C 719 -26.24 -7.41 14.30
CA ILE C 719 -25.30 -6.34 14.62
C ILE C 719 -25.07 -6.35 16.11
N MET C 720 -23.89 -6.79 16.51
CA MET C 720 -23.57 -7.00 17.91
C MET C 720 -22.11 -7.44 18.04
N PRO C 721 -21.40 -6.99 19.06
CA PRO C 721 -20.12 -7.63 19.39
C PRO C 721 -20.36 -9.07 19.81
N TRP C 722 -19.53 -9.97 19.28
CA TRP C 722 -19.60 -11.38 19.66
C TRP C 722 -18.21 -11.85 20.07
N GLU C 723 -18.01 -11.99 21.38
CA GLU C 723 -16.85 -12.64 21.99
C GLU C 723 -15.52 -12.24 21.36
N GLY C 724 -15.41 -11.00 20.88
CA GLY C 724 -14.16 -10.48 20.36
C GLY C 724 -13.73 -10.97 18.99
N HIS C 725 -14.46 -11.89 18.36
CA HIS C 725 -14.04 -12.36 17.04
C HIS C 725 -14.41 -11.40 15.92
N ASN C 726 -15.41 -10.56 16.11
CA ASN C 726 -15.72 -9.49 15.16
C ASN C 726 -15.09 -8.16 15.57
N TYR C 727 -14.17 -8.19 16.53
CA TYR C 727 -13.44 -7.00 16.97
C TYR C 727 -12.80 -6.27 15.80
N GLU C 728 -13.11 -4.98 15.67
CA GLU C 728 -12.44 -4.06 14.74
C GLU C 728 -12.51 -4.58 13.30
N ASP C 729 -13.72 -4.50 12.75
CA ASP C 729 -13.97 -4.76 11.33
C ASP C 729 -13.86 -6.24 10.95
N ALA C 730 -13.32 -7.07 11.84
CA ALA C 730 -13.36 -8.50 11.60
C ALA C 730 -14.80 -8.97 11.51
N ILE C 731 -15.03 -9.99 10.69
CA ILE C 731 -16.37 -10.48 10.41
C ILE C 731 -16.46 -11.93 10.85
N ILE C 732 -17.61 -12.31 11.41
CA ILE C 732 -17.90 -13.68 11.81
C ILE C 732 -18.91 -14.26 10.84
N LEU C 733 -18.63 -15.45 10.34
CA LEU C 733 -19.49 -16.13 9.37
C LEU C 733 -20.03 -17.44 9.93
N SER C 734 -21.21 -17.81 9.46
CA SER C 734 -21.78 -19.12 9.72
C SER C 734 -21.16 -20.16 8.80
N ASN C 735 -20.86 -21.33 9.35
CA ASN C 735 -20.33 -22.40 8.52
C ASN C 735 -21.33 -22.90 7.49
N ARG C 736 -22.60 -22.50 7.61
CA ARG C 736 -23.57 -22.78 6.56
C ARG C 736 -23.10 -22.24 5.22
N LEU C 737 -22.47 -21.07 5.23
CA LEU C 737 -21.99 -20.48 3.98
C LEU C 737 -20.84 -21.27 3.38
N VAL C 738 -20.15 -22.08 4.18
CA VAL C 738 -19.19 -23.03 3.65
C VAL C 738 -19.88 -24.29 3.15
N GLU C 739 -20.83 -24.81 3.94
CA GLU C 739 -21.43 -26.10 3.63
C GLU C 739 -22.33 -26.03 2.41
N GLU C 740 -23.11 -24.97 2.28
CA GLU C 740 -24.05 -24.80 1.18
C GLU C 740 -23.46 -24.03 0.00
N ASP C 741 -22.17 -23.69 0.05
CA ASP C 741 -21.47 -23.09 -1.09
C ASP C 741 -22.07 -21.74 -1.48
N VAL C 742 -22.50 -20.98 -0.48
CA VAL C 742 -23.13 -19.71 -0.85
C VAL C 742 -22.09 -18.65 -1.18
N LEU C 743 -20.92 -18.69 -0.52
CA LEU C 743 -19.81 -17.80 -0.86
C LEU C 743 -18.73 -18.48 -1.69
N THR C 744 -18.93 -19.72 -2.13
CA THR C 744 -17.93 -20.38 -2.95
C THR C 744 -17.86 -19.76 -4.34
N SER C 745 -16.64 -19.70 -4.88
CA SER C 745 -16.40 -19.20 -6.23
C SER C 745 -15.37 -20.09 -6.90
N ILE C 746 -15.36 -20.05 -8.24
CA ILE C 746 -14.43 -20.85 -9.04
C ILE C 746 -13.35 -19.93 -9.58
N HIS C 747 -12.10 -20.37 -9.47
CA HIS C 747 -10.93 -19.60 -9.91
C HIS C 747 -10.08 -20.46 -10.82
N ILE C 748 -9.76 -19.94 -12.00
CA ILE C 748 -9.08 -20.69 -13.04
C ILE C 748 -7.73 -20.06 -13.31
N GLU C 749 -6.67 -20.84 -13.15
CA GLU C 749 -5.30 -20.42 -13.39
C GLU C 749 -4.79 -20.98 -14.72
N GLU C 750 -3.94 -20.20 -15.39
CA GLU C 750 -3.31 -20.60 -16.65
C GLU C 750 -1.81 -20.71 -16.42
N HIS C 751 -1.31 -21.94 -16.55
CA HIS C 751 0.12 -22.21 -16.43
C HIS C 751 0.70 -22.49 -17.80
N GLU C 752 1.74 -21.73 -18.17
CA GLU C 752 2.32 -21.77 -19.50
C GLU C 752 3.77 -22.25 -19.41
N ILE C 753 4.17 -23.08 -20.37
CA ILE C 753 5.53 -23.58 -20.41
C ILE C 753 5.92 -23.83 -21.86
N ASP C 754 7.18 -23.58 -22.18
CA ASP C 754 7.69 -23.77 -23.53
C ASP C 754 9.07 -24.39 -23.49
N ALA C 755 9.37 -25.20 -24.49
CA ALA C 755 10.71 -25.74 -24.70
C ALA C 755 11.40 -24.89 -25.76
N ARG C 756 12.60 -24.42 -25.43
CA ARG C 756 13.31 -23.50 -26.31
C ARG C 756 14.74 -23.97 -26.50
N ASP C 757 15.48 -23.26 -27.34
CA ASP C 757 16.87 -23.58 -27.63
C ASP C 757 17.77 -22.80 -26.66
N THR C 758 18.73 -23.51 -26.07
CA THR C 758 19.62 -22.94 -25.09
C THR C 758 21.06 -23.06 -25.57
N LYS C 759 21.98 -22.64 -24.70
CA LYS C 759 23.40 -22.67 -25.02
C LYS C 759 23.86 -24.10 -25.33
N LEU C 760 23.43 -25.07 -24.54
CA LEU C 760 23.91 -26.44 -24.64
C LEU C 760 23.02 -27.34 -25.50
N GLY C 761 21.96 -26.81 -26.09
CA GLY C 761 21.12 -27.59 -26.95
C GLY C 761 19.67 -27.14 -26.86
N ALA C 762 18.78 -28.00 -27.33
CA ALA C 762 17.36 -27.75 -27.33
C ALA C 762 16.70 -28.41 -26.12
N GLU C 763 15.70 -27.74 -25.57
CA GLU C 763 14.88 -28.35 -24.53
C GLU C 763 13.85 -29.29 -25.15
N GLU C 764 13.47 -30.31 -24.39
CA GLU C 764 12.49 -31.28 -24.83
C GLU C 764 11.41 -31.44 -23.77
N ILE C 765 10.16 -31.36 -24.20
CA ILE C 765 9.03 -31.74 -23.35
C ILE C 765 8.88 -33.25 -23.44
N THR C 766 8.98 -33.93 -22.30
CA THR C 766 9.01 -35.38 -22.31
C THR C 766 8.36 -35.92 -21.06
N ARG C 767 7.97 -37.19 -21.12
CA ARG C 767 7.55 -37.95 -19.94
C ARG C 767 8.73 -38.60 -19.25
N ASP C 768 9.93 -38.49 -19.80
CA ASP C 768 11.10 -39.15 -19.24
C ASP C 768 11.86 -38.11 -18.43
N ILE C 769 11.72 -38.20 -17.11
CA ILE C 769 12.29 -37.24 -16.18
C ILE C 769 13.28 -37.99 -15.29
N PRO C 770 14.56 -37.62 -15.30
CA PRO C 770 15.56 -38.45 -14.62
C PRO C 770 15.33 -38.50 -13.11
N ASN C 771 15.54 -39.70 -12.55
CA ASN C 771 15.50 -39.92 -11.11
C ASN C 771 14.15 -39.54 -10.50
N ILE C 772 13.08 -39.62 -11.29
CA ILE C 772 11.73 -39.30 -10.82
C ILE C 772 10.91 -40.57 -10.80
N SER C 773 10.25 -40.83 -9.67
CA SER C 773 9.50 -42.05 -9.49
C SER C 773 8.35 -42.15 -10.48
N ASP C 774 8.00 -43.40 -10.84
CA ASP C 774 6.86 -43.62 -11.72
C ASP C 774 5.55 -43.24 -11.04
N GLU C 775 5.51 -43.32 -9.70
CA GLU C 775 4.31 -42.95 -8.97
C GLU C 775 3.94 -41.49 -9.21
N VAL C 776 4.92 -40.59 -9.17
CA VAL C 776 4.63 -39.17 -9.34
C VAL C 776 4.32 -38.82 -10.80
N LEU C 777 4.75 -39.65 -11.75
CA LEU C 777 4.46 -39.43 -13.15
C LEU C 777 3.10 -39.98 -13.57
N ALA C 778 2.36 -40.58 -12.63
CA ALA C 778 1.20 -41.40 -12.98
C ALA C 778 0.12 -40.60 -13.71
N ASP C 779 0.01 -39.30 -13.45
CA ASP C 779 -1.03 -38.50 -14.07
C ASP C 779 -0.59 -37.83 -15.36
N LEU C 780 0.63 -38.07 -15.80
CA LEU C 780 1.12 -37.54 -17.08
C LEU C 780 0.71 -38.45 -18.23
N ASP C 781 0.42 -37.86 -19.38
CA ASP C 781 0.11 -38.63 -20.57
C ASP C 781 1.41 -39.07 -21.23
N GLU C 782 1.34 -39.54 -22.47
CA GLU C 782 2.53 -40.04 -23.14
C GLU C 782 3.48 -38.93 -23.58
N ARG C 783 3.00 -37.70 -23.76
CA ARG C 783 3.89 -36.60 -24.11
C ARG C 783 4.65 -36.05 -22.92
N GLY C 784 4.29 -36.45 -21.71
CA GLY C 784 4.78 -35.81 -20.51
C GLY C 784 3.88 -34.71 -19.98
N ILE C 785 2.65 -34.62 -20.48
CA ILE C 785 1.71 -33.56 -20.13
C ILE C 785 0.62 -34.18 -19.27
N VAL C 786 0.24 -33.47 -18.20
CA VAL C 786 -0.71 -34.03 -17.25
C VAL C 786 -2.06 -34.26 -17.93
N ARG C 787 -2.74 -35.32 -17.51
CA ARG C 787 -3.97 -35.73 -18.16
C ARG C 787 -5.16 -34.90 -17.68
N ILE C 788 -6.11 -34.66 -18.59
CA ILE C 788 -7.29 -33.88 -18.27
C ILE C 788 -8.06 -34.56 -17.15
N GLY C 789 -8.55 -33.75 -16.20
CA GLY C 789 -9.33 -34.24 -15.09
C GLY C 789 -8.53 -34.66 -13.87
N ALA C 790 -7.21 -34.56 -13.92
CA ALA C 790 -6.40 -34.97 -12.77
C ALA C 790 -6.48 -33.93 -11.67
N GLU C 791 -6.28 -34.39 -10.44
CA GLU C 791 -6.26 -33.53 -9.27
C GLU C 791 -4.81 -33.22 -8.93
N VAL C 792 -4.44 -31.96 -8.99
CA VAL C 792 -3.05 -31.54 -8.88
C VAL C 792 -2.87 -30.68 -7.64
N ARG C 793 -1.85 -31.01 -6.85
CA ARG C 793 -1.48 -30.29 -5.65
C ARG C 793 -0.09 -29.71 -5.87
N ASP C 794 0.26 -28.70 -5.07
CA ASP C 794 1.52 -28.01 -5.27
C ASP C 794 2.68 -29.00 -5.29
N GLY C 795 3.58 -28.82 -6.26
CA GLY C 795 4.69 -29.70 -6.47
C GLY C 795 4.45 -30.77 -7.52
N ASP C 796 3.19 -31.07 -7.85
CA ASP C 796 2.91 -32.05 -8.88
C ASP C 796 3.33 -31.52 -10.24
N ILE C 797 3.72 -32.43 -11.12
CA ILE C 797 4.21 -32.07 -12.45
C ILE C 797 3.02 -31.80 -13.35
N LEU C 798 2.92 -30.58 -13.87
CA LEU C 798 1.97 -30.29 -14.94
C LEU C 798 2.51 -30.71 -16.29
N VAL C 799 3.75 -30.31 -16.60
CA VAL C 799 4.40 -30.62 -17.87
C VAL C 799 5.85 -30.97 -17.59
N GLY C 800 6.27 -32.16 -18.00
CA GLY C 800 7.68 -32.52 -17.87
C GLY C 800 8.51 -31.84 -18.95
N LYS C 801 9.68 -31.38 -18.54
CA LYS C 801 10.60 -30.74 -19.47
C LYS C 801 12.03 -30.97 -18.98
N VAL C 802 12.93 -31.20 -19.92
CA VAL C 802 14.35 -31.35 -19.58
C VAL C 802 15.14 -30.32 -20.37
N THR C 803 16.22 -29.85 -19.74
CA THR C 803 17.10 -28.88 -20.37
C THR C 803 18.51 -29.42 -20.41
N PRO C 804 19.24 -29.23 -21.52
CA PRO C 804 20.60 -29.75 -21.59
C PRO C 804 21.50 -29.14 -20.53
N LYS C 805 22.31 -29.99 -19.92
CA LYS C 805 23.21 -29.59 -18.85
C LYS C 805 24.64 -29.88 -19.27
N GLY C 806 25.55 -28.95 -18.96
CA GLY C 806 26.94 -29.14 -19.28
C GLY C 806 27.60 -30.18 -18.40
N GLU C 807 28.80 -30.59 -18.83
CA GLU C 807 29.54 -31.59 -18.08
C GLU C 807 30.00 -31.04 -16.73
N THR C 808 30.45 -29.79 -16.69
CA THR C 808 31.00 -29.20 -15.48
C THR C 808 29.96 -29.06 -14.38
N GLU C 809 28.67 -29.09 -14.73
CA GLU C 809 27.61 -28.90 -13.74
C GLU C 809 27.23 -30.17 -13.01
N LEU C 810 27.86 -31.29 -13.31
CA LEU C 810 27.59 -32.52 -12.57
C LEU C 810 28.38 -32.52 -11.27
N THR C 811 27.78 -33.12 -10.24
CA THR C 811 28.51 -33.33 -9.01
C THR C 811 29.52 -34.46 -9.22
N PRO C 812 30.66 -34.41 -8.52
CA PRO C 812 31.64 -35.50 -8.65
C PRO C 812 31.04 -36.87 -8.41
N GLU C 813 30.10 -36.99 -7.47
CA GLU C 813 29.43 -38.26 -7.24
C GLU C 813 28.55 -38.64 -8.43
N GLU C 814 27.78 -37.68 -8.94
CA GLU C 814 26.94 -37.93 -10.11
C GLU C 814 27.77 -38.30 -11.33
N ARG C 815 28.99 -37.78 -11.41
CA ARG C 815 29.87 -38.08 -12.54
C ARG C 815 30.39 -39.52 -12.46
N LEU C 816 30.70 -39.98 -11.25
CA LEU C 816 31.25 -41.33 -11.07
C LEU C 816 30.23 -42.39 -11.45
N LEU C 817 28.98 -42.23 -11.00
CA LEU C 817 27.96 -43.23 -11.27
C LEU C 817 27.65 -43.32 -12.75
N ARG C 818 27.53 -42.18 -13.43
CA ARG C 818 27.23 -42.20 -14.85
C ARG C 818 28.34 -42.88 -15.65
N ALA C 819 29.58 -42.79 -15.17
CA ALA C 819 30.71 -43.40 -15.88
C ALA C 819 30.74 -44.91 -15.71
N ILE C 820 30.66 -45.39 -14.46
CA ILE C 820 30.82 -46.81 -14.22
C ILE C 820 29.60 -47.60 -14.68
N PHE C 821 28.43 -46.98 -14.67
CA PHE C 821 27.22 -47.64 -15.12
C PHE C 821 27.01 -47.54 -16.62
N GLY C 822 27.93 -46.90 -17.34
CA GLY C 822 27.82 -46.80 -18.77
C GLY C 822 26.59 -46.09 -19.26
N GLU C 823 26.13 -45.08 -18.54
CA GLU C 823 25.02 -44.28 -19.01
C GLU C 823 25.53 -43.27 -20.03
N LYS C 824 25.09 -43.41 -21.27
CA LYS C 824 25.46 -42.50 -22.34
C LYS C 824 24.39 -41.45 -22.61
N ALA C 825 23.29 -41.47 -21.87
CA ALA C 825 22.20 -40.56 -22.13
C ALA C 825 22.62 -39.11 -21.91
N ARG C 826 21.96 -38.21 -22.64
CA ARG C 826 22.26 -36.79 -22.53
C ARG C 826 22.13 -36.32 -21.09
N GLU C 827 23.09 -35.54 -20.63
CA GLU C 827 22.99 -34.94 -19.32
C GLU C 827 21.98 -33.80 -19.35
N VAL C 828 21.02 -33.85 -18.44
CA VAL C 828 19.91 -32.90 -18.43
C VAL C 828 19.58 -32.50 -17.00
N ARG C 829 18.82 -31.41 -16.90
CA ARG C 829 18.27 -30.92 -15.65
C ARG C 829 16.75 -30.96 -15.77
N ASP C 830 16.06 -31.12 -14.64
CA ASP C 830 14.61 -31.22 -14.66
C ASP C 830 14.04 -29.81 -14.54
N THR C 831 13.52 -29.29 -15.65
CA THR C 831 12.88 -28.00 -15.73
C THR C 831 11.35 -28.09 -15.75
N SER C 832 10.80 -29.25 -15.43
CA SER C 832 9.37 -29.49 -15.54
C SER C 832 8.55 -28.40 -14.85
N LEU C 833 7.42 -28.06 -15.47
CA LEU C 833 6.49 -27.09 -14.92
C LEU C 833 5.67 -27.74 -13.80
N LYS C 834 5.77 -27.18 -12.60
CA LYS C 834 5.11 -27.72 -11.41
C LYS C 834 4.11 -26.71 -10.87
N VAL C 835 3.19 -27.20 -10.05
CA VAL C 835 2.17 -26.34 -9.44
C VAL C 835 2.83 -25.48 -8.37
N PRO C 836 2.58 -24.17 -8.34
CA PRO C 836 3.18 -23.32 -7.30
C PRO C 836 2.62 -23.66 -5.92
N HIS C 837 3.35 -23.22 -4.90
CA HIS C 837 2.96 -23.48 -3.52
C HIS C 837 1.57 -22.92 -3.24
N GLY C 838 0.81 -23.63 -2.42
CA GLY C 838 -0.51 -23.17 -2.03
C GLY C 838 -1.51 -23.14 -3.16
N GLU C 839 -1.45 -24.11 -4.06
CA GLU C 839 -2.39 -24.19 -5.16
C GLU C 839 -2.87 -25.63 -5.33
N SER C 840 -4.13 -25.77 -5.70
CA SER C 840 -4.73 -27.07 -5.94
C SER C 840 -5.90 -26.90 -6.90
N GLY C 841 -6.25 -27.98 -7.58
CA GLY C 841 -7.41 -27.95 -8.45
C GLY C 841 -7.47 -29.15 -9.36
N LYS C 842 -8.37 -29.06 -10.33
CA LYS C 842 -8.53 -30.05 -11.39
C LYS C 842 -8.05 -29.48 -12.71
N VAL C 843 -7.44 -30.31 -13.55
CA VAL C 843 -7.02 -29.87 -14.87
C VAL C 843 -8.25 -29.89 -15.78
N ILE C 844 -8.68 -28.71 -16.23
CA ILE C 844 -9.85 -28.59 -17.09
C ILE C 844 -9.50 -28.33 -18.54
N GLY C 845 -8.22 -28.18 -18.88
CA GLY C 845 -7.90 -27.88 -20.27
C GLY C 845 -6.42 -27.94 -20.62
N ILE C 846 -6.12 -28.18 -21.89
CA ILE C 846 -4.75 -28.24 -22.38
C ILE C 846 -4.72 -27.67 -23.80
N ARG C 847 -3.72 -26.85 -24.08
CA ARG C 847 -3.41 -26.41 -25.43
C ARG C 847 -1.95 -26.71 -25.71
N VAL C 848 -1.66 -27.22 -26.90
CA VAL C 848 -0.29 -27.54 -27.30
C VAL C 848 -0.04 -26.93 -28.67
N PHE C 849 1.11 -26.29 -28.82
CA PHE C 849 1.55 -25.73 -30.08
C PHE C 849 2.96 -26.23 -30.36
N SER C 850 3.16 -26.86 -31.50
CA SER C 850 4.43 -27.47 -31.82
C SER C 850 5.04 -26.82 -33.05
N ARG C 851 6.37 -26.75 -33.06
CA ARG C 851 7.09 -26.40 -34.28
C ARG C 851 7.09 -27.56 -35.27
N GLU C 852 6.93 -28.79 -34.79
CA GLU C 852 6.73 -29.92 -35.68
C GLU C 852 5.55 -29.68 -36.61
N ASP C 853 4.47 -29.10 -36.09
CA ASP C 853 3.36 -28.67 -36.91
C ASP C 853 3.62 -27.25 -37.40
N GLU C 854 2.62 -26.62 -37.99
CA GLU C 854 2.75 -25.27 -38.52
C GLU C 854 2.43 -24.20 -37.49
N ASP C 855 2.22 -24.59 -36.23
CA ASP C 855 1.93 -23.62 -35.18
C ASP C 855 3.01 -22.55 -35.12
N GLU C 856 2.58 -21.29 -35.20
CA GLU C 856 3.50 -20.17 -35.24
C GLU C 856 3.98 -19.84 -33.82
N LEU C 857 5.28 -19.91 -33.62
CA LEU C 857 5.90 -19.74 -32.31
C LEU C 857 6.99 -18.68 -32.41
N PRO C 858 7.37 -18.07 -31.29
CA PRO C 858 8.48 -17.12 -31.32
C PRO C 858 9.80 -17.81 -31.65
N ALA C 859 10.77 -17.00 -32.05
CA ALA C 859 12.06 -17.52 -32.49
C ALA C 859 12.72 -18.32 -31.38
N GLY C 860 13.13 -19.55 -31.72
CA GLY C 860 13.84 -20.40 -30.78
C GLY C 860 12.97 -21.26 -29.90
N VAL C 861 11.65 -21.28 -30.13
CA VAL C 861 10.71 -21.98 -29.26
C VAL C 861 10.12 -23.15 -30.05
N ASN C 862 10.42 -24.37 -29.60
CA ASN C 862 9.98 -25.56 -30.32
C ASN C 862 8.53 -25.92 -30.01
N GLU C 863 8.14 -25.87 -28.73
CA GLU C 863 6.85 -26.35 -28.31
C GLU C 863 6.35 -25.49 -27.16
N LEU C 864 5.05 -25.21 -27.15
CA LEU C 864 4.42 -24.32 -26.16
C LEU C 864 3.17 -24.99 -25.64
N VAL C 865 3.12 -25.21 -24.32
CA VAL C 865 2.03 -25.93 -23.67
C VAL C 865 1.39 -25.04 -22.62
N ARG C 866 0.06 -24.93 -22.66
CA ARG C 866 -0.71 -24.27 -21.62
C ARG C 866 -1.56 -25.30 -20.89
N VAL C 867 -1.59 -25.20 -19.56
CA VAL C 867 -2.39 -26.08 -18.72
C VAL C 867 -3.30 -25.20 -17.86
N TYR C 868 -4.61 -25.48 -17.90
CA TYR C 868 -5.59 -24.71 -17.16
C TYR C 868 -6.07 -25.53 -15.97
N VAL C 869 -5.91 -24.98 -14.77
CA VAL C 869 -6.34 -25.62 -13.53
C VAL C 869 -7.47 -24.80 -12.92
N ALA C 870 -8.51 -25.49 -12.47
CA ALA C 870 -9.68 -24.86 -11.87
C ALA C 870 -9.80 -25.30 -10.42
N GLN C 871 -10.03 -24.34 -9.53
CA GLN C 871 -10.19 -24.61 -8.11
C GLN C 871 -11.51 -24.05 -7.63
N LYS C 872 -12.20 -24.82 -6.80
CA LYS C 872 -13.36 -24.33 -6.06
C LYS C 872 -12.85 -23.76 -4.74
N ARG C 873 -13.15 -22.49 -4.48
CA ARG C 873 -12.68 -21.82 -3.29
C ARG C 873 -13.86 -21.59 -2.35
N LYS C 874 -13.90 -22.34 -1.25
CA LYS C 874 -14.86 -22.08 -0.20
C LYS C 874 -14.42 -20.84 0.58
N ILE C 875 -15.40 -20.09 1.09
CA ILE C 875 -15.09 -18.94 1.93
C ILE C 875 -14.32 -19.43 3.16
N SER C 876 -13.41 -18.59 3.64
CA SER C 876 -12.48 -19.03 4.68
C SER C 876 -11.98 -17.82 5.47
N ASP C 877 -11.39 -18.11 6.63
CA ASP C 877 -10.80 -17.06 7.45
C ASP C 877 -9.72 -16.32 6.68
N GLY C 878 -9.84 -15.00 6.63
CA GLY C 878 -8.92 -14.16 5.91
C GLY C 878 -9.45 -13.62 4.60
N ASP C 879 -10.52 -14.21 4.07
CA ASP C 879 -11.17 -13.64 2.90
C ASP C 879 -11.79 -12.30 3.25
N LYS C 880 -11.96 -11.46 2.24
CA LYS C 880 -12.48 -10.11 2.42
C LYS C 880 -13.91 -10.03 1.92
N LEU C 881 -14.81 -9.59 2.78
CA LEU C 881 -16.20 -9.36 2.43
C LEU C 881 -16.49 -7.88 2.50
N ALA C 882 -17.51 -7.46 1.76
CA ALA C 882 -17.91 -6.07 1.83
C ALA C 882 -19.37 -5.94 1.44
N GLY C 883 -20.01 -4.91 1.99
CA GLY C 883 -21.29 -4.44 1.52
C GLY C 883 -21.11 -3.29 0.53
N ARG C 884 -22.24 -2.79 0.05
CA ARG C 884 -22.22 -1.74 -0.96
C ARG C 884 -22.03 -0.35 -0.38
N HIS C 885 -21.96 -0.23 0.95
CA HIS C 885 -21.86 1.04 1.64
C HIS C 885 -20.43 1.38 2.07
N GLY C 886 -19.45 0.58 1.67
CA GLY C 886 -18.08 0.79 2.08
C GLY C 886 -17.66 -0.02 3.28
N ASN C 887 -18.55 -0.84 3.80
CA ASN C 887 -18.29 -1.63 5.00
C ASN C 887 -17.56 -2.92 4.59
N LYS C 888 -16.36 -3.09 5.09
CA LYS C 888 -15.50 -4.19 4.70
C LYS C 888 -14.90 -4.84 5.93
N GLY C 889 -14.34 -6.01 5.73
CA GLY C 889 -13.58 -6.67 6.75
C GLY C 889 -13.15 -8.03 6.28
N VAL C 890 -12.13 -8.55 6.94
CA VAL C 890 -11.80 -9.96 6.77
C VAL C 890 -12.76 -10.81 7.59
N ILE C 891 -12.87 -12.07 7.21
CA ILE C 891 -13.54 -13.03 8.08
C ILE C 891 -12.54 -13.45 9.15
N GLY C 892 -12.85 -13.13 10.40
CA GLY C 892 -11.97 -13.49 11.49
C GLY C 892 -12.23 -14.88 12.00
N LYS C 893 -13.49 -15.30 11.98
CA LYS C 893 -13.81 -16.66 12.39
C LYS C 893 -15.06 -17.12 11.66
N ILE C 894 -15.06 -18.40 11.30
CA ILE C 894 -16.22 -19.10 10.81
C ILE C 894 -16.65 -20.07 11.92
N LEU C 895 -17.90 -20.00 12.30
CA LEU C 895 -18.23 -20.81 13.45
C LEU C 895 -19.12 -21.97 13.04
N PRO C 896 -19.07 -23.08 13.78
CA PRO C 896 -20.09 -24.11 13.61
C PRO C 896 -21.47 -23.48 13.68
N VAL C 897 -22.37 -23.96 12.83
CA VAL C 897 -23.69 -23.35 12.75
C VAL C 897 -24.41 -23.38 14.10
N GLU C 898 -24.02 -24.30 14.99
CA GLU C 898 -24.77 -24.49 16.23
C GLU C 898 -24.54 -23.35 17.22
N ASP C 899 -23.30 -22.86 17.35
CA ASP C 899 -23.03 -21.82 18.32
C ASP C 899 -23.21 -20.41 17.76
N MET C 900 -23.62 -20.28 16.51
CA MET C 900 -24.06 -19.00 16.00
C MET C 900 -25.31 -18.55 16.77
N PRO C 901 -25.48 -17.26 17.04
CA PRO C 901 -26.72 -16.81 17.66
C PRO C 901 -27.90 -17.07 16.72
N PHE C 902 -29.02 -17.47 17.31
CA PHE C 902 -30.16 -17.87 16.48
C PHE C 902 -31.45 -17.25 16.98
N LEU C 903 -32.39 -17.08 16.05
CA LEU C 903 -33.68 -16.49 16.33
C LEU C 903 -34.57 -17.50 17.05
N ALA C 904 -35.77 -17.05 17.42
CA ALA C 904 -36.66 -17.86 18.23
C ALA C 904 -37.13 -19.13 17.50
N ASP C 905 -37.26 -19.05 16.18
CA ASP C 905 -37.71 -20.22 15.42
C ASP C 905 -36.57 -21.17 15.08
N GLY C 906 -35.35 -20.89 15.54
CA GLY C 906 -34.22 -21.77 15.35
C GLY C 906 -33.27 -21.34 14.25
N THR C 907 -33.62 -20.33 13.48
CA THR C 907 -32.81 -19.89 12.37
C THR C 907 -31.50 -19.30 12.86
N PRO C 908 -30.34 -19.86 12.50
CA PRO C 908 -29.08 -19.20 12.83
C PRO C 908 -28.82 -18.04 11.89
N VAL C 909 -28.10 -17.05 12.39
CA VAL C 909 -27.75 -15.92 11.55
C VAL C 909 -26.54 -16.30 10.70
N ASP C 910 -26.43 -15.65 9.53
CA ASP C 910 -25.33 -15.93 8.63
C ASP C 910 -24.06 -15.19 9.03
N ILE C 911 -24.18 -13.92 9.41
CA ILE C 911 -23.03 -13.04 9.55
C ILE C 911 -23.23 -12.14 10.77
N ILE C 912 -22.14 -11.85 11.48
CA ILE C 912 -22.16 -11.00 12.66
C ILE C 912 -21.23 -9.82 12.40
N LEU C 913 -21.82 -8.63 12.30
CA LEU C 913 -21.05 -7.40 12.11
C LEU C 913 -21.00 -6.62 13.42
N ASN C 914 -19.83 -6.06 13.73
CA ASN C 914 -19.63 -5.40 15.00
C ASN C 914 -20.31 -4.04 15.02
N THR C 915 -20.94 -3.73 16.15
CA THR C 915 -21.66 -2.47 16.32
C THR C 915 -20.71 -1.28 16.25
N HIS C 916 -19.52 -1.42 16.85
CA HIS C 916 -18.62 -0.29 17.00
C HIS C 916 -18.14 0.27 15.67
N GLY C 917 -18.19 -0.53 14.61
CA GLY C 917 -17.73 -0.08 13.33
C GLY C 917 -18.74 0.64 12.48
N VAL C 918 -20.02 0.64 12.84
CA VAL C 918 -20.99 1.34 12.01
C VAL C 918 -20.98 2.86 12.18
N PRO C 919 -21.27 3.40 13.37
CA PRO C 919 -21.68 4.83 13.43
C PRO C 919 -20.62 5.80 12.98
N ARG C 920 -19.39 5.62 13.45
CA ARG C 920 -18.35 6.58 13.12
C ARG C 920 -17.95 6.56 11.65
N ARG C 921 -18.37 5.55 10.88
CA ARG C 921 -18.05 5.60 9.46
C ARG C 921 -19.05 6.43 8.68
N MET C 922 -20.17 6.82 9.29
CA MET C 922 -21.16 7.67 8.64
C MET C 922 -21.71 7.01 7.38
N ASN C 923 -21.77 5.69 7.34
CA ASN C 923 -22.58 5.00 6.35
C ASN C 923 -23.70 4.31 7.12
N ILE C 924 -24.87 4.97 7.14
CA ILE C 924 -26.02 4.42 7.85
C ILE C 924 -26.94 3.67 6.90
N GLY C 925 -26.70 3.76 5.60
CA GLY C 925 -27.47 2.98 4.65
C GLY C 925 -27.38 1.49 4.91
N GLN C 926 -26.19 1.03 5.34
CA GLN C 926 -26.04 -0.38 5.67
C GLN C 926 -27.03 -0.82 6.74
N ILE C 927 -27.39 0.09 7.64
CA ILE C 927 -28.46 -0.22 8.60
C ILE C 927 -29.81 -0.18 7.91
N LEU C 928 -30.07 0.90 7.15
CA LEU C 928 -31.36 1.03 6.48
C LEU C 928 -31.63 -0.16 5.57
N GLU C 929 -30.64 -0.50 4.72
CA GLU C 929 -30.74 -1.68 3.89
C GLU C 929 -31.13 -2.90 4.72
N THR C 930 -30.42 -3.10 5.84
CA THR C 930 -30.71 -4.26 6.69
C THR C 930 -32.15 -4.26 7.16
N HIS C 931 -32.69 -3.09 7.48
CA HIS C 931 -34.11 -3.01 7.83
C HIS C 931 -34.97 -3.40 6.65
N LEU C 932 -34.68 -2.85 5.47
CA LEU C 932 -35.49 -3.16 4.30
C LEU C 932 -35.27 -4.58 3.82
N GLY C 933 -34.08 -5.14 4.08
CA GLY C 933 -33.82 -6.51 3.70
C GLY C 933 -34.70 -7.49 4.44
N TRP C 934 -34.98 -7.21 5.71
CA TRP C 934 -35.86 -8.10 6.48
C TRP C 934 -37.29 -8.00 6.00
N CYS C 935 -37.80 -6.78 5.81
CA CYS C 935 -39.15 -6.61 5.30
C CYS C 935 -39.32 -7.32 3.96
N ALA C 936 -38.31 -7.21 3.09
CA ALA C 936 -38.36 -7.92 1.82
C ALA C 936 -38.35 -9.42 2.03
N HIS C 937 -37.56 -9.91 2.98
CA HIS C 937 -37.46 -11.34 3.21
C HIS C 937 -38.78 -11.92 3.70
N SER C 938 -39.40 -11.28 4.70
CA SER C 938 -40.61 -11.83 5.30
C SER C 938 -41.88 -11.35 4.63
N GLY C 939 -41.82 -10.33 3.78
CA GLY C 939 -43.00 -9.74 3.20
C GLY C 939 -43.79 -8.92 4.22
N TRP C 940 -44.78 -8.21 3.71
CA TRP C 940 -45.57 -7.35 4.57
C TRP C 940 -46.94 -7.11 3.96
N LYS C 941 -47.88 -6.74 4.83
CA LYS C 941 -49.18 -6.21 4.42
C LYS C 941 -49.52 -5.04 5.32
N VAL C 942 -49.60 -3.84 4.77
CA VAL C 942 -49.99 -2.68 5.58
C VAL C 942 -51.49 -2.75 5.81
N ASP C 943 -51.94 -2.16 6.90
CA ASP C 943 -53.34 -2.25 7.29
C ASP C 943 -54.09 -1.07 6.69
N ALA C 944 -54.89 -1.35 5.66
CA ALA C 944 -55.68 -0.35 4.96
C ALA C 944 -57.13 -0.33 5.40
N ALA C 945 -57.50 -1.14 6.40
CA ALA C 945 -58.91 -1.29 6.76
C ALA C 945 -59.54 0.05 7.10
N LYS C 946 -59.00 0.75 8.10
CA LYS C 946 -59.48 2.08 8.41
C LYS C 946 -59.17 3.08 7.31
N GLY C 947 -58.19 2.78 6.48
CA GLY C 947 -57.78 3.67 5.41
C GLY C 947 -56.28 3.52 5.21
N VAL C 948 -55.75 4.39 4.36
CA VAL C 948 -54.30 4.40 4.13
C VAL C 948 -53.64 5.19 5.26
N PRO C 949 -52.72 4.60 6.00
CA PRO C 949 -52.03 5.35 7.06
C PRO C 949 -51.27 6.54 6.49
N ASP C 950 -51.01 7.52 7.35
CA ASP C 950 -50.34 8.72 6.90
C ASP C 950 -48.91 8.43 6.45
N TRP C 951 -48.22 7.51 7.14
CA TRP C 951 -46.85 7.21 6.79
C TRP C 951 -46.73 6.48 5.46
N ALA C 952 -47.77 5.78 5.03
CA ALA C 952 -47.79 5.09 3.75
C ALA C 952 -48.47 5.90 2.66
N ALA C 953 -48.89 7.13 2.94
CA ALA C 953 -49.72 7.88 2.02
C ALA C 953 -49.05 8.13 0.68
N ARG C 954 -47.72 8.24 0.66
CA ARG C 954 -46.99 8.50 -0.57
C ARG C 954 -46.45 7.23 -1.23
N LEU C 955 -46.61 6.06 -0.60
CA LEU C 955 -46.14 4.84 -1.20
C LEU C 955 -46.94 4.51 -2.46
N PRO C 956 -46.33 3.81 -3.42
CA PRO C 956 -47.10 3.31 -4.55
C PRO C 956 -47.98 2.14 -4.14
N ASP C 957 -49.14 2.03 -4.79
CA ASP C 957 -50.12 1.03 -4.42
C ASP C 957 -49.57 -0.39 -4.51
N GLU C 958 -48.54 -0.61 -5.32
CA GLU C 958 -47.92 -1.92 -5.43
C GLU C 958 -46.99 -2.23 -4.27
N LEU C 959 -46.66 -1.24 -3.45
CA LEU C 959 -45.86 -1.47 -2.25
C LEU C 959 -46.69 -1.59 -0.99
N LEU C 960 -48.02 -1.46 -1.09
CA LEU C 960 -48.87 -1.60 0.09
C LEU C 960 -48.89 -3.01 0.64
N GLU C 961 -48.41 -4.00 -0.11
CA GLU C 961 -48.16 -5.32 0.43
C GLU C 961 -47.10 -6.00 -0.42
N ALA C 962 -46.43 -6.98 0.19
CA ALA C 962 -45.40 -7.72 -0.52
C ALA C 962 -45.37 -9.16 -0.02
N GLN C 963 -45.20 -10.08 -0.95
CA GLN C 963 -45.02 -11.48 -0.59
C GLN C 963 -43.61 -11.70 -0.07
N PRO C 964 -43.40 -12.77 0.69
CA PRO C 964 -42.04 -13.08 1.16
C PRO C 964 -41.05 -13.13 0.01
N ASN C 965 -39.81 -12.74 0.31
CA ASN C 965 -38.73 -12.71 -0.67
C ASN C 965 -39.03 -11.78 -1.84
N ALA C 966 -39.78 -10.72 -1.58
CA ALA C 966 -40.03 -9.73 -2.63
C ALA C 966 -38.76 -8.95 -2.93
N ILE C 967 -38.50 -8.72 -4.21
CA ILE C 967 -37.37 -7.93 -4.66
C ILE C 967 -37.84 -6.51 -4.92
N VAL C 968 -37.19 -5.54 -4.28
CA VAL C 968 -37.60 -4.14 -4.37
C VAL C 968 -36.39 -3.30 -4.74
N SER C 969 -36.66 -2.11 -5.26
CA SER C 969 -35.63 -1.18 -5.64
C SER C 969 -35.85 0.14 -4.92
N THR C 970 -34.79 0.64 -4.27
CA THR C 970 -34.81 1.94 -3.60
C THR C 970 -33.79 2.79 -4.32
N PRO C 971 -34.20 3.52 -5.36
CA PRO C 971 -33.25 4.29 -6.15
C PRO C 971 -32.51 5.32 -5.30
N VAL C 972 -31.34 5.74 -5.79
CA VAL C 972 -30.55 6.72 -5.07
C VAL C 972 -31.21 8.08 -5.18
N PHE C 973 -31.32 8.78 -4.06
CA PHE C 973 -31.86 10.12 -3.96
C PHE C 973 -33.36 10.17 -4.21
N ASP C 974 -33.96 9.09 -4.70
CA ASP C 974 -35.40 8.88 -4.54
C ASP C 974 -35.54 7.47 -4.00
N GLY C 975 -35.64 7.36 -2.67
CA GLY C 975 -35.62 6.09 -1.99
C GLY C 975 -36.86 5.74 -1.19
N ALA C 976 -36.73 4.70 -0.38
CA ALA C 976 -37.65 4.48 0.72
C ALA C 976 -37.31 5.45 1.84
N GLN C 977 -38.29 6.27 2.23
CA GLN C 977 -38.07 7.27 3.26
C GLN C 977 -37.98 6.62 4.64
N GLU C 978 -37.43 7.38 5.60
CA GLU C 978 -37.28 6.89 6.96
C GLU C 978 -38.61 6.43 7.53
N ALA C 979 -39.65 7.25 7.39
CA ALA C 979 -40.95 6.92 7.96
C ALA C 979 -41.57 5.73 7.25
N GLU C 980 -41.38 5.63 5.93
CA GLU C 980 -41.94 4.50 5.19
C GLU C 980 -41.28 3.20 5.59
N LEU C 981 -39.95 3.19 5.67
CA LEU C 981 -39.24 2.01 6.19
C LEU C 981 -39.69 1.68 7.60
N GLN C 982 -39.98 2.70 8.41
CA GLN C 982 -40.40 2.46 9.78
C GLN C 982 -41.80 1.86 9.84
N GLY C 983 -42.71 2.35 9.00
CA GLY C 983 -44.06 1.79 8.98
C GLY C 983 -44.08 0.34 8.53
N LEU C 984 -43.36 0.03 7.45
CA LEU C 984 -43.29 -1.35 6.96
C LEU C 984 -42.76 -2.29 8.02
N LEU C 985 -41.89 -1.81 8.91
CA LEU C 985 -41.38 -2.67 9.98
C LEU C 985 -42.49 -3.12 10.92
N SER C 986 -43.62 -2.42 10.94
CA SER C 986 -44.73 -2.80 11.81
C SER C 986 -45.59 -3.91 11.19
N CYS C 987 -45.81 -3.86 9.88
CA CYS C 987 -46.68 -4.79 9.18
C CYS C 987 -45.96 -6.03 8.68
N THR C 988 -44.72 -6.24 9.11
CA THR C 988 -43.96 -7.44 8.73
C THR C 988 -44.78 -8.70 8.94
N LEU C 989 -44.82 -9.55 7.90
CA LEU C 989 -45.55 -10.79 7.97
C LEU C 989 -44.91 -11.75 8.96
N PRO C 990 -45.67 -12.69 9.50
CA PRO C 990 -45.13 -13.66 10.44
C PRO C 990 -44.37 -14.75 9.70
N ASN C 991 -43.82 -15.68 10.46
CA ASN C 991 -43.17 -16.86 9.91
C ASN C 991 -44.20 -17.98 9.78
N ARG C 992 -43.74 -19.20 9.54
CA ARG C 992 -44.67 -20.31 9.33
C ARG C 992 -45.50 -20.60 10.57
N ASP C 993 -45.00 -20.25 11.75
CA ASP C 993 -45.73 -20.49 13.00
C ASP C 993 -46.62 -19.32 13.40
N GLY C 994 -46.69 -18.27 12.59
CA GLY C 994 -47.43 -17.09 12.99
C GLY C 994 -46.69 -16.18 13.94
N ASP C 995 -45.42 -16.45 14.21
CA ASP C 995 -44.62 -15.65 15.13
C ASP C 995 -43.90 -14.55 14.37
N VAL C 996 -43.98 -13.33 14.89
CA VAL C 996 -43.22 -12.20 14.37
C VAL C 996 -41.86 -12.20 15.05
N LEU C 997 -40.80 -12.33 14.26
CA LEU C 997 -39.46 -12.45 14.82
C LEU C 997 -38.73 -11.12 14.99
N VAL C 998 -39.23 -10.04 14.40
CA VAL C 998 -38.53 -8.76 14.38
C VAL C 998 -39.53 -7.67 14.73
N ASP C 999 -39.22 -6.87 15.76
CA ASP C 999 -40.16 -5.88 16.25
C ASP C 999 -40.14 -4.64 15.36
N ALA C 1000 -40.94 -3.64 15.73
CA ALA C 1000 -41.04 -2.41 14.94
C ALA C 1000 -39.76 -1.60 14.97
N ASP C 1001 -38.80 -1.94 15.82
CA ASP C 1001 -37.49 -1.30 15.81
C ASP C 1001 -36.49 -2.04 14.94
N GLY C 1002 -36.89 -3.13 14.29
CA GLY C 1002 -35.97 -3.91 13.51
C GLY C 1002 -35.05 -4.79 14.32
N LYS C 1003 -35.43 -5.14 15.54
CA LYS C 1003 -34.60 -5.93 16.43
C LYS C 1003 -35.29 -7.23 16.79
N ALA C 1004 -34.50 -8.19 17.27
CA ALA C 1004 -35.00 -9.50 17.62
C ALA C 1004 -34.27 -10.01 18.86
N MET C 1005 -34.94 -10.90 19.58
CA MET C 1005 -34.29 -11.60 20.66
C MET C 1005 -33.52 -12.79 20.09
N LEU C 1006 -32.27 -12.94 20.53
CA LEU C 1006 -31.39 -13.97 20.03
C LEU C 1006 -30.97 -14.88 21.17
N PHE C 1007 -30.69 -16.14 20.84
CA PHE C 1007 -30.18 -17.09 21.79
C PHE C 1007 -28.69 -17.28 21.58
N ASP C 1008 -27.95 -17.45 22.65
CA ASP C 1008 -26.54 -17.76 22.55
C ASP C 1008 -26.38 -19.22 22.19
N GLY C 1009 -25.78 -19.49 21.03
CA GLY C 1009 -25.64 -20.87 20.60
C GLY C 1009 -24.78 -21.70 21.51
N ARG C 1010 -23.81 -21.08 22.17
CA ARG C 1010 -22.89 -21.85 23.02
C ARG C 1010 -23.50 -22.19 24.37
N SER C 1011 -24.07 -21.21 25.07
CA SER C 1011 -24.64 -21.45 26.39
C SER C 1011 -26.14 -21.71 26.36
N GLY C 1012 -26.81 -21.45 25.25
CA GLY C 1012 -28.25 -21.56 25.20
C GLY C 1012 -29.00 -20.42 25.84
N GLU C 1013 -28.33 -19.61 26.64
CA GLU C 1013 -29.01 -18.50 27.30
C GLU C 1013 -29.39 -17.46 26.26
N PRO C 1014 -30.55 -16.83 26.39
CA PRO C 1014 -30.88 -15.72 25.50
C PRO C 1014 -30.00 -14.52 25.79
N PHE C 1015 -29.62 -13.82 24.73
CA PHE C 1015 -28.91 -12.57 24.94
C PHE C 1015 -29.85 -11.57 25.60
N PRO C 1016 -29.34 -10.73 26.51
CA PRO C 1016 -30.25 -9.96 27.37
C PRO C 1016 -31.05 -8.89 26.63
N TYR C 1017 -30.56 -8.36 25.52
CA TYR C 1017 -31.27 -7.25 24.89
C TYR C 1017 -31.53 -7.56 23.42
N PRO C 1018 -32.59 -7.01 22.85
CA PRO C 1018 -32.85 -7.23 21.42
C PRO C 1018 -31.74 -6.67 20.55
N VAL C 1019 -31.27 -7.49 19.62
CA VAL C 1019 -30.21 -7.14 18.69
C VAL C 1019 -30.83 -6.84 17.33
N THR C 1020 -30.25 -5.87 16.63
CA THR C 1020 -30.70 -5.55 15.28
C THR C 1020 -30.34 -6.68 14.33
N VAL C 1021 -31.34 -7.22 13.64
CA VAL C 1021 -31.12 -8.32 12.70
C VAL C 1021 -31.87 -8.00 11.40
N GLY C 1022 -31.38 -8.57 10.31
CA GLY C 1022 -32.00 -8.35 9.03
C GLY C 1022 -31.23 -9.07 7.95
N TYR C 1023 -31.47 -8.67 6.70
CA TYR C 1023 -30.79 -9.25 5.56
C TYR C 1023 -29.99 -8.18 4.85
N MET C 1024 -28.69 -8.43 4.68
CA MET C 1024 -27.78 -7.51 4.03
C MET C 1024 -27.09 -8.20 2.86
N TYR C 1025 -26.81 -7.44 1.80
CA TYR C 1025 -26.18 -7.98 0.61
C TYR C 1025 -24.66 -7.88 0.76
N ILE C 1026 -23.99 -9.03 0.75
CA ILE C 1026 -22.57 -9.12 1.03
C ILE C 1026 -21.86 -9.74 -0.16
N MET C 1027 -20.69 -9.20 -0.49
CA MET C 1027 -19.90 -9.65 -1.63
C MET C 1027 -18.62 -10.31 -1.16
N LYS C 1028 -18.16 -11.28 -1.94
CA LYS C 1028 -16.86 -11.89 -1.73
C LYS C 1028 -15.85 -11.14 -2.60
N LEU C 1029 -14.96 -10.40 -1.96
CA LEU C 1029 -13.98 -9.60 -2.67
C LEU C 1029 -12.80 -10.47 -3.10
N HIS C 1030 -12.08 -9.99 -4.11
CA HIS C 1030 -11.04 -10.77 -4.77
C HIS C 1030 -9.74 -10.79 -3.98
N HIS C 1031 -9.72 -10.28 -2.76
CA HIS C 1031 -8.58 -10.48 -1.87
C HIS C 1031 -8.85 -11.71 -1.02
N LEU C 1032 -8.13 -12.79 -1.29
CA LEU C 1032 -8.38 -14.10 -0.69
C LEU C 1032 -7.09 -14.68 -0.15
N VAL C 1033 -7.19 -15.30 1.04
CA VAL C 1033 -6.01 -15.81 1.74
C VAL C 1033 -5.17 -16.70 0.84
N ASP C 1034 -5.83 -17.51 0.00
CA ASP C 1034 -5.10 -18.48 -0.82
C ASP C 1034 -4.06 -17.80 -1.69
N ASP C 1035 -4.39 -16.61 -2.22
CA ASP C 1035 -3.46 -15.84 -3.02
C ASP C 1035 -2.48 -15.03 -2.19
N LYS C 1036 -2.66 -15.01 -0.87
CA LYS C 1036 -1.91 -14.12 0.01
C LYS C 1036 -0.88 -14.88 0.83
N ILE C 1037 -1.30 -15.88 1.60
CA ILE C 1037 -0.37 -16.60 2.47
C ILE C 1037 0.85 -17.02 1.68
N HIS C 1038 2.03 -16.69 2.20
CA HIS C 1038 3.29 -17.04 1.60
C HIS C 1038 4.32 -17.15 2.71
N ALA C 1039 5.25 -18.10 2.57
CA ALA C 1039 6.34 -18.23 3.50
C ALA C 1039 7.51 -18.89 2.79
N ARG C 1040 8.72 -18.59 3.25
CA ARG C 1040 9.92 -19.10 2.62
C ARG C 1040 10.98 -19.35 3.67
N SER C 1041 11.65 -20.49 3.58
CA SER C 1041 12.87 -20.71 4.36
C SER C 1041 14.06 -20.13 3.59
N THR C 1042 14.45 -20.78 2.51
CA THR C 1042 15.40 -20.26 1.54
C THR C 1042 14.83 -20.47 0.15
N GLY C 1043 15.44 -19.83 -0.83
CA GLY C 1043 14.94 -19.91 -2.19
C GLY C 1043 15.81 -19.17 -3.18
N PRO C 1044 15.24 -18.86 -4.33
CA PRO C 1044 16.01 -18.19 -5.39
C PRO C 1044 16.49 -16.82 -4.96
N TYR C 1045 17.68 -16.46 -5.44
CA TYR C 1045 18.29 -15.17 -5.18
C TYR C 1045 18.53 -14.43 -6.48
N SER C 1046 18.47 -13.11 -6.43
CA SER C 1046 18.76 -12.29 -7.60
C SER C 1046 20.23 -12.41 -7.97
N MET C 1047 20.51 -12.67 -9.25
CA MET C 1047 21.89 -12.76 -9.69
C MET C 1047 22.60 -11.43 -9.57
N ILE C 1048 21.86 -10.33 -9.62
CA ILE C 1048 22.43 -8.98 -9.63
C ILE C 1048 22.90 -8.61 -8.23
N THR C 1049 21.95 -8.46 -7.31
CA THR C 1049 22.24 -8.01 -5.97
C THR C 1049 22.49 -9.13 -4.99
N GLN C 1050 22.27 -10.38 -5.38
CA GLN C 1050 22.49 -11.57 -4.56
C GLN C 1050 21.62 -11.57 -3.31
N GLN C 1051 20.54 -10.79 -3.31
CA GLN C 1051 19.48 -10.83 -2.33
C GLN C 1051 18.35 -11.74 -2.79
N PRO C 1052 17.52 -12.23 -1.88
CA PRO C 1052 16.38 -13.06 -2.30
C PRO C 1052 15.49 -12.32 -3.28
N LEU C 1053 14.77 -13.10 -4.10
CA LEU C 1053 13.78 -12.51 -4.98
C LEU C 1053 12.59 -12.03 -4.15
N GLY C 1054 11.58 -11.52 -4.83
CA GLY C 1054 10.42 -11.00 -4.11
C GLY C 1054 9.15 -11.23 -4.92
N GLY C 1055 8.05 -11.25 -4.19
CA GLY C 1055 6.80 -11.73 -4.71
C GLY C 1055 6.57 -13.18 -4.35
N LYS C 1056 5.30 -13.53 -4.15
CA LYS C 1056 4.94 -14.92 -3.86
C LYS C 1056 5.16 -15.82 -5.07
N ALA C 1057 4.92 -15.29 -6.27
CA ALA C 1057 5.07 -16.08 -7.48
C ALA C 1057 6.50 -16.60 -7.65
N GLN C 1058 7.48 -15.80 -7.27
CA GLN C 1058 8.88 -16.17 -7.39
C GLN C 1058 9.41 -16.89 -6.15
N PHE C 1059 8.54 -17.20 -5.20
CA PHE C 1059 8.92 -17.80 -3.92
C PHE C 1059 9.97 -16.94 -3.22
N GLY C 1060 9.67 -15.65 -3.12
CA GLY C 1060 10.61 -14.68 -2.60
C GLY C 1060 10.50 -14.49 -1.10
N GLY C 1061 11.34 -13.58 -0.59
CA GLY C 1061 11.32 -13.22 0.81
C GLY C 1061 10.68 -11.86 1.03
N GLN C 1062 10.46 -11.56 2.31
CA GLN C 1062 9.87 -10.29 2.69
C GLN C 1062 10.94 -9.21 2.75
N ARG C 1063 10.56 -8.00 2.37
CA ARG C 1063 11.49 -6.87 2.41
C ARG C 1063 11.56 -6.34 3.84
N PHE C 1064 12.77 -6.34 4.39
CA PHE C 1064 13.04 -5.68 5.66
C PHE C 1064 13.67 -4.35 5.32
N GLY C 1065 12.90 -3.27 5.45
CA GLY C 1065 13.25 -2.00 4.86
C GLY C 1065 13.92 -1.05 5.84
N GLU C 1066 14.03 0.20 5.41
CA GLU C 1066 14.68 1.22 6.21
C GLU C 1066 13.98 1.40 7.54
N MET C 1067 12.66 1.64 7.50
CA MET C 1067 11.90 1.87 8.73
C MET C 1067 11.88 0.64 9.63
N GLU C 1068 11.92 -0.55 9.04
CA GLU C 1068 12.01 -1.76 9.84
C GLU C 1068 13.34 -1.82 10.57
N CYS C 1069 14.41 -1.34 9.93
CA CYS C 1069 15.71 -1.31 10.59
C CYS C 1069 15.77 -0.27 11.70
N TRP C 1070 15.08 0.86 11.52
CA TRP C 1070 14.98 1.83 12.61
C TRP C 1070 14.39 1.20 13.86
N ALA C 1071 13.35 0.39 13.69
CA ALA C 1071 12.74 -0.31 14.82
C ALA C 1071 13.75 -1.21 15.50
N MET C 1072 14.53 -1.97 14.73
CA MET C 1072 15.54 -2.84 15.32
C MET C 1072 16.59 -2.03 16.07
N GLN C 1073 17.01 -0.90 15.50
CA GLN C 1073 17.96 -0.05 16.21
C GLN C 1073 17.32 0.57 17.44
N ALA C 1074 16.05 0.97 17.35
CA ALA C 1074 15.37 1.54 18.50
C ALA C 1074 15.28 0.52 19.63
N TYR C 1075 14.97 -0.74 19.31
CA TYR C 1075 15.08 -1.80 20.30
C TYR C 1075 16.52 -2.04 20.71
N GLY C 1076 17.49 -1.58 19.92
CA GLY C 1076 18.87 -1.86 20.22
C GLY C 1076 19.22 -3.32 20.12
N ALA C 1077 18.60 -4.04 19.18
CA ALA C 1077 18.91 -5.45 18.98
C ALA C 1077 19.86 -5.51 17.79
N ALA C 1078 21.14 -5.73 18.09
CA ALA C 1078 22.16 -5.66 17.06
C ALA C 1078 22.27 -6.97 16.28
N TYR C 1079 22.24 -8.09 16.99
CA TYR C 1079 22.47 -9.37 16.33
C TYR C 1079 21.32 -9.73 15.40
N THR C 1080 20.09 -9.37 15.78
CA THR C 1080 18.96 -9.63 14.89
C THR C 1080 19.07 -8.81 13.62
N LEU C 1081 19.40 -7.52 13.75
CA LEU C 1081 19.53 -6.66 12.59
C LEU C 1081 20.69 -7.09 11.71
N GLN C 1082 21.83 -7.45 12.32
CA GLN C 1082 22.94 -7.95 11.54
C GLN C 1082 22.60 -9.28 10.87
N GLU C 1083 21.88 -10.14 11.58
CA GLU C 1083 21.51 -11.44 11.03
C GLU C 1083 20.56 -11.28 9.85
N LEU C 1084 19.64 -10.32 9.93
CA LEU C 1084 18.72 -10.09 8.82
C LEU C 1084 19.44 -9.58 7.59
N LEU C 1085 20.44 -8.71 7.78
CA LEU C 1085 21.09 -8.07 6.64
C LEU C 1085 22.35 -8.79 6.17
N THR C 1086 22.70 -9.92 6.76
CA THR C 1086 23.87 -10.66 6.27
C THR C 1086 23.50 -12.08 5.85
N ILE C 1087 23.33 -12.98 6.83
CA ILE C 1087 23.19 -14.40 6.52
C ILE C 1087 21.77 -14.78 6.16
N LYS C 1088 20.79 -13.92 6.42
CA LYS C 1088 19.45 -14.14 5.90
C LYS C 1088 19.25 -13.54 4.52
N SER C 1089 20.16 -12.71 4.05
CA SER C 1089 19.97 -12.07 2.76
C SER C 1089 21.20 -12.15 1.86
N ASP C 1090 22.22 -11.37 2.22
CA ASP C 1090 23.34 -11.04 1.34
C ASP C 1090 24.47 -12.05 1.45
N ASP C 1091 25.01 -12.24 2.67
CA ASP C 1091 26.22 -13.01 2.84
C ASP C 1091 26.08 -14.39 2.22
N THR C 1092 26.92 -14.65 1.22
CA THR C 1092 26.73 -15.80 0.34
C THR C 1092 27.29 -17.07 0.96
N VAL C 1093 28.42 -16.97 1.65
CA VAL C 1093 28.92 -18.14 2.36
C VAL C 1093 28.13 -18.36 3.65
N GLY C 1094 27.69 -17.27 4.28
CA GLY C 1094 26.98 -17.41 5.54
C GLY C 1094 25.62 -18.05 5.39
N ARG C 1095 24.86 -17.64 4.38
CA ARG C 1095 23.53 -18.21 4.18
C ARG C 1095 23.60 -19.73 4.03
N VAL C 1096 24.65 -20.23 3.37
CA VAL C 1096 24.79 -21.67 3.19
C VAL C 1096 25.33 -22.33 4.46
N LYS C 1097 26.31 -21.69 5.11
CA LYS C 1097 26.81 -22.26 6.36
C LYS C 1097 25.77 -22.26 7.46
N VAL C 1098 24.83 -21.31 7.42
CA VAL C 1098 23.77 -21.28 8.43
C VAL C 1098 22.84 -22.48 8.25
N TYR C 1099 22.36 -22.71 7.03
CA TYR C 1099 21.52 -23.87 6.77
C TYR C 1099 22.26 -25.15 7.11
N GLU C 1100 23.56 -25.20 6.80
CA GLU C 1100 24.35 -26.37 7.17
C GLU C 1100 24.38 -26.59 8.67
N ALA C 1101 24.38 -25.51 9.45
CA ALA C 1101 24.47 -25.63 10.90
C ALA C 1101 23.14 -26.05 11.52
N ILE C 1102 22.01 -25.57 10.96
CA ILE C 1102 20.71 -25.94 11.51
C ILE C 1102 20.45 -27.43 11.30
N VAL C 1103 20.75 -27.94 10.10
CA VAL C 1103 20.54 -29.35 9.80
C VAL C 1103 21.40 -30.22 10.71
N LYS C 1104 22.64 -29.81 10.95
CA LYS C 1104 23.50 -30.55 11.86
C LYS C 1104 23.25 -30.21 13.32
N GLY C 1105 22.34 -29.28 13.60
CA GLY C 1105 22.04 -28.92 14.98
C GLY C 1105 23.19 -28.26 15.70
N GLU C 1106 23.88 -27.34 15.05
CA GLU C 1106 24.99 -26.63 15.64
C GLU C 1106 24.62 -25.15 15.81
N ASN C 1107 25.53 -24.40 16.42
CA ASN C 1107 25.31 -22.98 16.61
C ASN C 1107 25.38 -22.25 15.27
N ILE C 1108 24.70 -21.12 15.21
CA ILE C 1108 24.71 -20.34 13.96
C ILE C 1108 26.08 -19.69 13.79
N PRO C 1109 26.68 -19.77 12.61
CA PRO C 1109 28.01 -19.18 12.43
C PRO C 1109 27.97 -17.66 12.46
N GLU C 1110 29.14 -17.08 12.64
CA GLU C 1110 29.26 -15.63 12.64
C GLU C 1110 29.06 -15.08 11.23
N PRO C 1111 28.34 -13.98 11.08
CA PRO C 1111 28.07 -13.45 9.73
C PRO C 1111 29.33 -12.95 9.05
N GLY C 1112 29.30 -12.99 7.72
CA GLY C 1112 30.35 -12.46 6.88
C GLY C 1112 30.00 -11.11 6.32
N ILE C 1113 30.55 -10.80 5.15
CA ILE C 1113 30.35 -9.49 4.53
C ILE C 1113 29.15 -9.55 3.59
N PRO C 1114 28.22 -8.61 3.68
CA PRO C 1114 27.11 -8.58 2.72
C PRO C 1114 27.60 -8.30 1.31
N GLU C 1115 26.99 -8.97 0.35
CA GLU C 1115 27.39 -8.78 -1.04
C GLU C 1115 27.09 -7.36 -1.53
N SER C 1116 26.01 -6.76 -1.03
CA SER C 1116 25.60 -5.45 -1.52
C SER C 1116 26.63 -4.37 -1.23
N PHE C 1117 27.50 -4.58 -0.24
CA PHE C 1117 28.56 -3.62 0.02
C PHE C 1117 29.65 -3.71 -1.05
N LYS C 1118 30.09 -4.94 -1.34
CA LYS C 1118 31.02 -5.13 -2.46
C LYS C 1118 30.44 -4.58 -3.75
N VAL C 1119 29.13 -4.76 -3.96
CA VAL C 1119 28.48 -4.17 -5.12
C VAL C 1119 28.55 -2.66 -5.08
N LEU C 1120 28.35 -2.08 -3.89
CA LEU C 1120 28.43 -0.63 -3.75
C LEU C 1120 29.80 -0.11 -4.15
N LEU C 1121 30.85 -0.76 -3.66
CA LEU C 1121 32.21 -0.35 -4.01
C LEU C 1121 32.44 -0.39 -5.51
N LYS C 1122 31.89 -1.40 -6.19
CA LYS C 1122 32.10 -1.54 -7.63
C LYS C 1122 31.36 -0.46 -8.40
N GLU C 1123 30.13 -0.14 -7.99
CA GLU C 1123 29.41 0.94 -8.64
C GLU C 1123 30.09 2.28 -8.42
N LEU C 1124 30.77 2.44 -7.29
CA LEU C 1124 31.50 3.68 -7.02
C LEU C 1124 32.72 3.80 -7.92
N GLN C 1125 33.49 2.71 -8.03
CA GLN C 1125 34.64 2.70 -8.93
C GLN C 1125 34.22 3.05 -10.35
N SER C 1126 33.05 2.57 -10.78
CA SER C 1126 32.56 2.88 -12.11
C SER C 1126 32.24 4.34 -12.30
N LEU C 1127 32.16 5.10 -11.22
CA LEU C 1127 31.99 6.55 -11.26
C LEU C 1127 33.32 7.29 -11.19
N CYS C 1128 34.44 6.56 -11.29
CA CYS C 1128 35.80 7.11 -11.20
C CYS C 1128 36.10 7.61 -9.79
N LEU C 1129 35.41 7.04 -8.81
CA LEU C 1129 35.75 7.22 -7.41
C LEU C 1129 36.63 6.06 -6.99
N ASN C 1130 37.75 6.36 -6.37
CA ASN C 1130 38.68 5.32 -5.94
C ASN C 1130 38.42 5.11 -4.45
N VAL C 1131 37.74 4.01 -4.14
CA VAL C 1131 37.33 3.68 -2.79
C VAL C 1131 38.09 2.46 -2.34
N GLU C 1132 38.60 2.51 -1.13
CA GLU C 1132 39.34 1.40 -0.55
C GLU C 1132 38.93 1.25 0.90
N VAL C 1133 38.80 0.01 1.36
CA VAL C 1133 38.57 -0.28 2.76
C VAL C 1133 39.93 -0.53 3.40
N LEU C 1134 40.30 0.33 4.34
CA LEU C 1134 41.63 0.31 4.92
C LEU C 1134 41.63 -0.42 6.25
N SER C 1135 42.68 -1.18 6.51
CA SER C 1135 42.87 -1.78 7.82
C SER C 1135 43.40 -0.72 8.80
N SER C 1136 43.60 -1.12 10.04
CA SER C 1136 44.24 -0.22 11.00
C SER C 1136 45.67 0.08 10.62
N ASP C 1137 46.31 -0.78 9.83
CA ASP C 1137 47.65 -0.51 9.33
C ASP C 1137 47.67 0.74 8.45
N GLY C 1138 46.56 1.06 7.81
CA GLY C 1138 46.51 2.08 6.79
C GLY C 1138 46.62 1.56 5.38
N ALA C 1139 46.76 0.25 5.21
CA ALA C 1139 46.84 -0.38 3.90
C ALA C 1139 45.50 -1.01 3.55
N ALA C 1140 45.18 -1.02 2.25
CA ALA C 1140 43.88 -1.46 1.80
C ALA C 1140 43.74 -2.98 1.97
N ILE C 1141 42.56 -3.49 1.66
CA ILE C 1141 42.20 -4.88 1.86
C ILE C 1141 41.51 -5.38 0.60
N GLU C 1142 42.10 -6.40 -0.03
CA GLU C 1142 41.42 -7.06 -1.14
C GLU C 1142 40.23 -7.86 -0.63
N LEU C 1143 39.11 -7.75 -1.31
CA LEU C 1143 37.91 -8.51 -0.96
C LEU C 1143 37.77 -9.63 -1.97
N ARG C 1144 38.12 -10.85 -1.53
CA ARG C 1144 38.12 -12.04 -2.36
C ARG C 1144 38.07 -13.25 -1.45
N GLU C 1145 37.74 -14.40 -2.05
CA GLU C 1145 37.63 -15.65 -1.31
C GLU C 1145 38.59 -16.68 -1.89
N GLY C 1146 39.19 -17.49 -1.01
CA GLY C 1146 40.02 -18.58 -1.45
C GLY C 1146 39.18 -19.65 -2.13
N GLU C 1147 39.51 -19.99 -3.37
CA GLU C 1147 38.71 -20.92 -4.15
C GLU C 1147 38.96 -22.38 -3.80
N ASP C 1148 39.96 -22.67 -2.97
CA ASP C 1148 40.34 -24.06 -2.70
C ASP C 1148 39.43 -24.73 -1.68
N GLU C 1149 38.81 -23.97 -0.78
CA GLU C 1149 38.08 -24.57 0.33
C GLU C 1149 36.94 -25.45 -0.16
N ASP C 1150 36.24 -25.03 -1.22
CA ASP C 1150 35.15 -25.84 -1.74
C ASP C 1150 35.67 -27.09 -2.43
N LEU C 1151 36.78 -26.98 -3.16
CA LEU C 1151 37.35 -28.14 -3.82
C LEU C 1151 37.96 -29.12 -2.83
N GLU C 1152 38.54 -28.60 -1.75
CA GLU C 1152 39.10 -29.47 -0.72
C GLU C 1152 38.01 -30.28 -0.02
N ARG C 1153 36.87 -29.64 0.27
CA ARG C 1153 35.76 -30.37 0.87
C ARG C 1153 35.18 -31.39 -0.08
N ALA C 1154 35.08 -31.04 -1.37
CA ALA C 1154 34.55 -31.98 -2.36
C ALA C 1154 35.48 -33.17 -2.54
N ALA C 1155 36.79 -32.93 -2.54
CA ALA C 1155 37.73 -34.04 -2.64
C ALA C 1155 37.74 -34.86 -1.36
N ALA C 1156 37.58 -34.21 -0.20
CA ALA C 1156 37.51 -34.94 1.06
C ALA C 1156 36.26 -35.80 1.14
N ASN C 1157 35.17 -35.38 0.47
CA ASN C 1157 33.95 -36.17 0.49
C ASN C 1157 34.07 -37.47 -0.29
N LEU C 1158 35.03 -37.57 -1.19
CA LEU C 1158 35.27 -38.79 -1.94
C LEU C 1158 36.39 -39.65 -1.36
N GLY C 1159 37.07 -39.19 -0.31
CA GLY C 1159 38.12 -39.96 0.31
C GLY C 1159 39.44 -39.97 -0.44
N ILE C 1160 39.88 -38.81 -0.91
CA ILE C 1160 41.18 -38.70 -1.58
C ILE C 1160 41.94 -37.50 -1.05
N ASP D 4 37.18 -12.84 6.44
CA ASP D 4 36.67 -11.48 6.47
C ASP D 4 35.72 -11.26 7.64
N VAL D 5 36.22 -10.52 8.64
CA VAL D 5 35.49 -10.19 9.86
C VAL D 5 35.52 -8.68 9.93
N ASN D 6 35.13 -8.08 11.05
CA ASN D 6 35.23 -6.63 11.10
C ASN D 6 36.66 -6.33 11.54
N PHE D 7 37.53 -6.18 10.54
CA PHE D 7 38.78 -5.48 10.64
C PHE D 7 38.71 -4.12 9.97
N PHE D 8 37.56 -3.80 9.37
CA PHE D 8 37.42 -2.57 8.62
C PHE D 8 37.62 -1.40 9.56
N ASP D 9 38.58 -0.54 9.23
CA ASP D 9 38.91 0.61 10.05
C ASP D 9 38.35 1.88 9.44
N GLU D 10 38.78 2.21 8.22
CA GLU D 10 38.30 3.39 7.53
C GLU D 10 37.86 3.01 6.12
N LEU D 11 37.10 3.91 5.50
CA LEU D 11 36.69 3.80 4.11
C LEU D 11 36.95 5.14 3.45
N ARG D 12 37.75 5.13 2.38
CA ARG D 12 38.34 6.33 1.82
C ARG D 12 37.92 6.50 0.37
N ILE D 13 37.66 7.73 -0.04
CA ILE D 13 37.49 8.06 -1.45
C ILE D 13 38.63 8.94 -1.90
N GLY D 14 38.89 8.89 -3.21
CA GLY D 14 39.70 9.88 -3.89
C GLY D 14 39.25 9.89 -5.32
N LEU D 15 39.75 10.86 -6.07
CA LEU D 15 39.59 10.82 -7.51
C LEU D 15 40.41 9.68 -8.07
N ALA D 16 39.81 8.89 -8.95
CA ALA D 16 40.49 7.78 -9.58
C ALA D 16 41.22 8.30 -10.81
N THR D 17 42.54 8.15 -10.81
CA THR D 17 43.32 8.53 -11.97
C THR D 17 43.14 7.52 -13.09
N ALA D 18 43.44 7.95 -14.31
CA ALA D 18 43.42 7.03 -15.45
C ALA D 18 44.31 5.82 -15.18
N GLU D 19 45.43 6.03 -14.50
CA GLU D 19 46.29 4.91 -14.10
C GLU D 19 45.54 3.94 -13.19
N ASP D 20 44.79 4.47 -12.22
CA ASP D 20 43.96 3.63 -11.36
C ASP D 20 42.99 2.80 -12.19
N ILE D 21 42.25 3.47 -13.08
CA ILE D 21 41.23 2.79 -13.88
C ILE D 21 41.85 1.68 -14.71
N ARG D 22 43.02 1.93 -15.30
CA ARG D 22 43.66 0.91 -16.11
C ARG D 22 44.28 -0.20 -15.25
N GLN D 23 44.61 0.08 -14.00
CA GLN D 23 45.08 -1.01 -13.14
C GLN D 23 43.93 -1.90 -12.70
N TRP D 24 42.75 -1.33 -12.44
CA TRP D 24 41.59 -2.15 -12.12
C TRP D 24 41.22 -3.06 -13.29
N SER D 25 41.35 -2.55 -14.50
CA SER D 25 40.77 -3.21 -15.66
C SER D 25 41.42 -4.55 -15.95
N TYR D 26 40.61 -5.51 -16.37
CA TYR D 26 41.09 -6.77 -16.90
C TYR D 26 41.15 -6.79 -18.42
N GLY D 27 40.75 -5.70 -19.06
CA GLY D 27 40.88 -5.58 -20.50
C GLY D 27 40.02 -4.44 -21.01
N GLU D 28 40.31 -4.04 -22.24
CA GLU D 28 39.58 -2.95 -22.87
C GLU D 28 38.40 -3.50 -23.66
N VAL D 29 37.28 -2.80 -23.58
CA VAL D 29 36.07 -3.18 -24.32
C VAL D 29 36.09 -2.39 -25.62
N LYS D 30 36.37 -3.07 -26.73
CA LYS D 30 36.50 -2.41 -28.02
C LYS D 30 35.28 -2.54 -28.92
N LYS D 31 34.28 -3.33 -28.55
CA LYS D 31 33.26 -3.66 -29.53
C LYS D 31 31.86 -3.42 -28.96
N PRO D 32 30.94 -2.89 -29.78
CA PRO D 32 29.58 -2.66 -29.30
C PRO D 32 28.75 -3.93 -29.14
N GLU D 33 29.12 -5.03 -29.80
CA GLU D 33 28.28 -6.22 -29.78
C GLU D 33 28.19 -6.79 -28.38
N THR D 34 27.05 -7.42 -28.10
CA THR D 34 26.81 -7.97 -26.77
C THR D 34 27.00 -9.48 -26.77
N ILE D 35 26.02 -10.21 -27.29
CA ILE D 35 26.13 -11.66 -27.43
C ILE D 35 25.61 -12.05 -28.82
N ASN D 36 26.22 -13.08 -29.38
CA ASN D 36 25.75 -13.64 -30.63
C ASN D 36 24.44 -14.36 -30.40
N TYR D 37 23.47 -14.16 -31.31
CA TYR D 37 22.17 -14.76 -31.08
C TYR D 37 22.18 -16.26 -31.30
N ARG D 38 22.85 -16.72 -32.35
CA ARG D 38 22.84 -18.16 -32.66
C ARG D 38 23.50 -18.97 -31.55
N THR D 39 24.69 -18.55 -31.12
CA THR D 39 25.40 -19.27 -30.07
C THR D 39 24.94 -18.89 -28.67
N LEU D 40 24.27 -17.74 -28.52
CA LEU D 40 23.95 -17.19 -27.21
C LEU D 40 25.21 -17.03 -26.34
N LYS D 41 26.34 -16.76 -26.98
CA LYS D 41 27.60 -16.60 -26.28
C LYS D 41 28.11 -15.18 -26.42
N PRO D 42 28.83 -14.67 -25.42
CA PRO D 42 29.25 -13.26 -25.46
C PRO D 42 30.27 -13.03 -26.57
N GLU D 43 30.04 -11.99 -27.35
CA GLU D 43 30.97 -11.61 -28.40
C GLU D 43 32.29 -11.16 -27.79
N LYS D 44 33.39 -11.53 -28.44
CA LYS D 44 34.72 -11.22 -27.93
C LYS D 44 34.98 -9.72 -27.98
N ASP D 45 35.66 -9.21 -26.97
CA ASP D 45 36.00 -7.79 -26.83
C ASP D 45 34.76 -6.90 -26.80
N GLY D 46 33.62 -7.48 -26.43
CA GLY D 46 32.40 -6.73 -26.25
C GLY D 46 32.08 -6.52 -24.78
N LEU D 47 30.90 -5.96 -24.53
CA LEU D 47 30.52 -5.62 -23.17
C LEU D 47 30.46 -6.85 -22.27
N PHE D 48 30.09 -8.00 -22.82
CA PHE D 48 29.99 -9.24 -22.06
C PHE D 48 31.17 -10.17 -22.27
N CYS D 49 32.20 -9.73 -22.99
CA CYS D 49 33.30 -10.60 -23.39
C CYS D 49 33.87 -11.39 -22.23
N GLU D 50 34.03 -12.70 -22.45
CA GLU D 50 34.54 -13.58 -21.41
C GLU D 50 36.04 -13.42 -21.21
N LYS D 51 36.77 -13.01 -22.25
CA LYS D 51 38.22 -12.91 -22.12
C LYS D 51 38.60 -11.86 -21.09
N ILE D 52 37.95 -10.70 -21.12
CA ILE D 52 38.26 -9.67 -20.14
C ILE D 52 37.52 -9.90 -18.83
N PHE D 53 36.22 -10.21 -18.88
CA PHE D 53 35.42 -10.27 -17.65
C PHE D 53 35.41 -11.62 -16.96
N GLY D 54 35.80 -12.69 -17.63
CA GLY D 54 35.74 -14.01 -17.05
C GLY D 54 34.69 -14.92 -17.64
N PRO D 55 34.80 -16.22 -17.39
CA PRO D 55 33.93 -17.18 -18.06
C PRO D 55 32.49 -17.14 -17.54
N THR D 56 31.56 -17.41 -18.45
CA THR D 56 30.13 -17.45 -18.09
C THR D 56 29.74 -18.75 -17.42
N ARG D 57 30.45 -19.84 -17.69
CA ARG D 57 30.19 -21.12 -17.07
C ARG D 57 31.44 -21.54 -16.29
N ASP D 58 31.23 -22.19 -15.16
CA ASP D 58 32.35 -22.60 -14.31
C ASP D 58 33.32 -23.47 -15.09
N TRP D 59 34.59 -23.07 -15.08
CA TRP D 59 35.72 -23.83 -15.61
C TRP D 59 35.63 -24.07 -17.12
N GLU D 60 34.93 -23.23 -17.87
CA GLU D 60 34.82 -23.39 -19.31
C GLU D 60 35.31 -22.13 -20.00
N CYS D 61 36.23 -22.29 -20.96
CA CYS D 61 36.68 -21.16 -21.75
C CYS D 61 35.78 -20.95 -22.96
N TYR D 62 36.03 -19.88 -23.69
CA TYR D 62 35.14 -19.50 -24.78
C TYR D 62 35.20 -20.47 -25.94
N CYS D 63 36.41 -20.92 -26.29
CA CYS D 63 36.54 -21.81 -27.45
C CYS D 63 36.06 -23.22 -27.13
N GLY D 64 36.09 -23.63 -25.87
CA GLY D 64 35.71 -24.97 -25.47
C GLY D 64 36.85 -25.95 -25.38
N LYS D 65 38.09 -25.50 -25.61
CA LYS D 65 39.23 -26.41 -25.48
C LYS D 65 39.38 -26.91 -24.04
N TYR D 66 39.15 -26.04 -23.07
CA TYR D 66 39.20 -26.41 -21.66
C TYR D 66 37.80 -26.29 -21.06
N LYS D 67 37.17 -27.44 -20.79
CA LYS D 67 36.03 -27.49 -19.86
C LYS D 67 36.35 -28.52 -18.79
N ARG D 68 36.81 -28.06 -17.62
CA ARG D 68 37.07 -28.93 -16.48
C ARG D 68 37.74 -28.16 -15.35
N VAL D 69 37.63 -28.67 -14.12
CA VAL D 69 38.33 -28.08 -12.98
C VAL D 69 39.80 -28.42 -13.03
N ARG D 70 40.15 -29.54 -13.69
CA ARG D 70 41.54 -29.98 -13.81
C ARG D 70 42.43 -28.87 -14.33
N PHE D 71 41.87 -27.95 -15.11
CA PHE D 71 42.60 -26.86 -15.75
C PHE D 71 42.59 -25.57 -14.94
N LYS D 72 42.11 -25.58 -13.70
CA LYS D 72 41.95 -24.36 -12.92
C LYS D 72 43.21 -23.51 -12.91
N GLY D 73 43.05 -22.22 -13.22
CA GLY D 73 44.13 -21.27 -13.14
C GLY D 73 44.89 -21.02 -14.42
N ILE D 74 44.49 -21.63 -15.52
CA ILE D 74 45.23 -21.50 -16.76
C ILE D 74 44.39 -20.72 -17.76
N ILE D 75 45.06 -20.07 -18.70
CA ILE D 75 44.44 -19.21 -19.69
C ILE D 75 44.55 -19.90 -21.05
N CYS D 76 43.41 -20.04 -21.73
CA CYS D 76 43.39 -20.70 -23.01
C CYS D 76 44.24 -19.93 -24.02
N GLU D 77 45.09 -20.66 -24.74
CA GLU D 77 45.92 -20.03 -25.76
C GLU D 77 45.07 -19.50 -26.91
N ARG D 78 44.03 -20.24 -27.28
CA ARG D 78 43.20 -19.84 -28.41
C ARG D 78 42.31 -18.66 -28.07
N CYS D 79 41.50 -18.77 -27.01
CA CYS D 79 40.51 -17.75 -26.72
C CYS D 79 40.92 -16.72 -25.66
N GLY D 80 41.97 -16.96 -24.89
CA GLY D 80 42.38 -16.02 -23.85
C GLY D 80 41.53 -15.99 -22.59
N VAL D 81 40.45 -16.77 -22.53
CA VAL D 81 39.67 -16.85 -21.29
C VAL D 81 40.46 -17.59 -20.22
N GLU D 82 40.12 -17.32 -18.95
CA GLU D 82 40.73 -18.01 -17.83
C GLU D 82 39.77 -19.06 -17.28
N VAL D 83 40.30 -20.23 -16.97
CA VAL D 83 39.51 -21.29 -16.34
C VAL D 83 39.39 -20.94 -14.86
N THR D 84 38.17 -20.65 -14.43
CA THR D 84 37.90 -20.17 -13.08
C THR D 84 36.39 -20.12 -12.91
N ARG D 85 35.95 -19.67 -11.75
CA ARG D 85 34.52 -19.60 -11.46
C ARG D 85 33.90 -18.38 -12.13
N ALA D 86 32.65 -18.56 -12.57
CA ALA D 86 31.88 -17.44 -13.13
C ALA D 86 31.64 -16.33 -12.13
N LYS D 87 31.89 -16.58 -10.84
CA LYS D 87 31.74 -15.54 -9.82
C LYS D 87 32.60 -14.32 -10.13
N VAL D 88 33.77 -14.53 -10.75
CA VAL D 88 34.63 -13.40 -11.08
C VAL D 88 33.94 -12.41 -11.99
N ARG D 89 32.91 -12.85 -12.72
CA ARG D 89 32.20 -11.92 -13.59
C ARG D 89 31.44 -10.86 -12.82
N ARG D 90 31.27 -11.00 -11.50
CA ARG D 90 30.73 -9.87 -10.74
C ARG D 90 31.80 -8.98 -10.12
N GLU D 91 33.05 -9.45 -10.01
CA GLU D 91 34.11 -8.63 -9.43
C GLU D 91 35.12 -8.06 -10.42
N ARG D 92 35.02 -8.36 -11.71
CA ARG D 92 36.05 -8.00 -12.68
C ARG D 92 35.59 -6.85 -13.56
N MET D 93 36.41 -5.81 -13.65
CA MET D 93 36.05 -4.60 -14.37
C MET D 93 36.86 -4.46 -15.66
N GLY D 94 36.25 -3.79 -16.63
CA GLY D 94 36.91 -3.42 -17.86
C GLY D 94 37.21 -1.94 -17.92
N HIS D 95 37.60 -1.49 -19.11
CA HIS D 95 37.83 -0.07 -19.33
C HIS D 95 37.75 0.24 -20.81
N ILE D 96 37.61 1.54 -21.09
CA ILE D 96 37.59 2.08 -22.44
C ILE D 96 38.66 3.16 -22.52
N GLU D 97 39.57 3.03 -23.47
CA GLU D 97 40.56 4.07 -23.72
C GLU D 97 39.98 5.10 -24.67
N LEU D 98 39.91 6.35 -24.22
CA LEU D 98 39.25 7.40 -24.98
C LEU D 98 40.19 7.98 -26.02
N ALA D 99 39.67 8.15 -27.24
CA ALA D 99 40.43 8.80 -28.29
C ALA D 99 40.69 10.27 -27.96
N ALA D 100 39.76 10.90 -27.26
CA ALA D 100 39.90 12.28 -26.81
C ALA D 100 39.60 12.37 -25.33
N PRO D 101 40.25 13.29 -24.62
CA PRO D 101 39.94 13.47 -23.20
C PRO D 101 38.50 13.92 -22.99
N VAL D 102 38.00 13.67 -21.80
CA VAL D 102 36.62 13.95 -21.45
C VAL D 102 36.57 14.41 -19.99
N THR D 103 35.72 15.41 -19.72
CA THR D 103 35.52 15.86 -18.36
C THR D 103 34.49 15.00 -17.65
N HIS D 104 34.74 14.73 -16.37
CA HIS D 104 33.79 14.03 -15.52
C HIS D 104 32.71 15.02 -15.10
N ILE D 105 31.47 14.76 -15.49
CA ILE D 105 30.43 15.78 -15.42
C ILE D 105 30.09 16.15 -13.97
N TRP D 106 30.35 15.26 -13.02
CA TRP D 106 30.15 15.59 -11.61
C TRP D 106 30.90 16.86 -11.22
N TYR D 107 32.08 17.07 -11.79
CA TYR D 107 32.94 18.19 -11.45
C TYR D 107 32.73 19.39 -12.35
N PHE D 108 31.90 19.29 -13.37
CA PHE D 108 31.54 20.42 -14.21
C PHE D 108 30.12 20.91 -13.92
N LYS D 109 29.11 20.08 -14.14
CA LYS D 109 27.73 20.55 -14.08
C LYS D 109 27.18 20.64 -12.66
N GLY D 110 27.83 19.99 -11.69
CA GLY D 110 27.37 20.10 -10.32
C GLY D 110 27.46 21.54 -9.82
N VAL D 111 26.54 21.88 -8.92
CA VAL D 111 26.51 23.23 -8.37
C VAL D 111 26.95 23.22 -6.92
N PRO D 112 28.01 23.99 -6.59
CA PRO D 112 28.77 24.84 -7.51
C PRO D 112 29.75 24.06 -8.36
N SER D 113 30.09 24.60 -9.53
CA SER D 113 30.98 23.90 -10.45
C SER D 113 32.39 23.84 -9.87
N ARG D 114 32.91 22.63 -9.72
CA ARG D 114 34.24 22.47 -9.13
C ARG D 114 35.32 22.96 -10.07
N LEU D 115 35.18 22.64 -11.37
CA LEU D 115 36.11 23.16 -12.35
C LEU D 115 36.15 24.68 -12.34
N GLY D 116 34.97 25.31 -12.27
CA GLY D 116 34.93 26.76 -12.22
C GLY D 116 35.68 27.34 -11.04
N TYR D 117 35.55 26.71 -9.88
CA TYR D 117 36.26 27.20 -8.70
C TYR D 117 37.75 26.90 -8.78
N LEU D 118 38.13 25.82 -9.48
CA LEU D 118 39.54 25.47 -9.57
C LEU D 118 40.28 26.40 -10.52
N LEU D 119 39.71 26.63 -11.70
CA LEU D 119 40.35 27.44 -12.74
C LEU D 119 39.89 28.89 -12.75
N ASP D 120 38.97 29.27 -11.87
CA ASP D 120 38.39 30.61 -11.87
C ASP D 120 37.76 30.93 -13.22
N LEU D 121 36.87 30.05 -13.66
CA LEU D 121 36.16 30.18 -14.92
C LEU D 121 34.66 30.23 -14.66
N ALA D 122 33.96 31.01 -15.47
CA ALA D 122 32.51 31.01 -15.40
C ALA D 122 31.95 29.71 -15.94
N PRO D 123 30.94 29.12 -15.30
CA PRO D 123 30.43 27.83 -15.78
C PRO D 123 29.82 27.90 -17.18
N LYS D 124 29.27 29.04 -17.57
CA LYS D 124 28.83 29.19 -18.95
C LYS D 124 30.03 29.13 -19.90
N ASP D 125 31.14 29.76 -19.52
CA ASP D 125 32.34 29.73 -20.35
C ASP D 125 32.94 28.34 -20.38
N LEU D 126 33.05 27.70 -19.21
CA LEU D 126 33.48 26.31 -19.13
C LEU D 126 32.64 25.43 -20.03
N GLU D 127 31.33 25.65 -20.04
CA GLU D 127 30.45 24.89 -20.91
C GLU D 127 30.78 25.13 -22.38
N LYS D 128 30.95 26.40 -22.77
CA LYS D 128 31.30 26.71 -24.14
C LYS D 128 32.59 26.02 -24.56
N ILE D 129 33.55 25.89 -23.64
CA ILE D 129 34.80 25.21 -23.97
C ILE D 129 34.56 23.72 -24.15
N ILE D 130 33.97 23.08 -23.14
CA ILE D 130 33.91 21.61 -23.10
C ILE D 130 33.09 21.07 -24.25
N TYR D 131 32.03 21.77 -24.63
CA TYR D 131 31.11 21.37 -25.68
C TYR D 131 31.40 22.00 -27.03
N PHE D 132 32.58 22.62 -27.17
CA PHE D 132 33.11 23.08 -28.45
C PHE D 132 32.34 24.26 -29.04
N ALA D 133 31.85 25.15 -28.19
CA ALA D 133 31.31 26.42 -28.66
C ALA D 133 32.29 27.58 -28.52
N ALA D 134 33.44 27.37 -27.89
CA ALA D 134 34.41 28.46 -27.76
C ALA D 134 35.81 27.87 -27.59
N TYR D 135 36.79 28.58 -28.14
CA TYR D 135 38.19 28.25 -27.90
C TYR D 135 38.67 28.86 -26.59
N VAL D 136 39.70 28.26 -26.01
CA VAL D 136 40.38 28.82 -24.85
C VAL D 136 41.88 28.79 -25.10
N ILE D 137 42.56 29.74 -24.48
CA ILE D 137 44.00 29.92 -24.66
C ILE D 137 44.73 29.10 -23.61
N THR D 138 45.48 28.10 -24.06
CA THR D 138 46.24 27.26 -23.13
C THR D 138 47.55 27.92 -22.70
N SER D 139 48.24 28.58 -23.64
CA SER D 139 49.47 29.28 -23.28
C SER D 139 49.74 30.40 -24.27
N VAL D 140 50.45 31.42 -23.82
CA VAL D 140 51.01 32.46 -24.68
C VAL D 140 52.49 32.56 -24.39
N ASP D 141 53.26 32.92 -25.41
CA ASP D 141 54.70 33.10 -25.26
C ASP D 141 54.96 34.58 -25.00
N GLU D 142 55.35 34.90 -23.76
CA GLU D 142 55.55 36.29 -23.38
C GLU D 142 56.83 36.85 -23.98
N GLU D 143 57.93 36.13 -23.82
CA GLU D 143 59.21 36.59 -24.35
C GLU D 143 59.14 36.80 -25.86
N MET D 144 58.66 35.79 -26.59
CA MET D 144 58.63 35.88 -28.04
C MET D 144 57.74 37.01 -28.51
N ARG D 145 56.54 37.12 -27.93
CA ARG D 145 55.63 38.19 -28.31
C ARG D 145 56.25 39.56 -28.04
N HIS D 146 56.93 39.71 -26.90
CA HIS D 146 57.57 40.98 -26.60
C HIS D 146 58.69 41.29 -27.58
N ASN D 147 59.43 40.26 -28.01
CA ASN D 147 60.56 40.49 -28.90
C ASN D 147 60.10 40.85 -30.32
N GLU D 148 59.00 40.25 -30.78
CA GLU D 148 58.50 40.52 -32.12
C GLU D 148 57.43 41.59 -32.15
N LEU D 149 57.12 42.20 -31.01
CA LEU D 149 56.04 43.18 -30.91
C LEU D 149 56.17 44.29 -31.95
N SER D 150 57.39 44.83 -32.11
CA SER D 150 57.58 45.96 -33.01
C SER D 150 57.30 45.57 -34.47
N THR D 151 57.87 44.45 -34.92
CA THR D 151 57.65 44.00 -36.29
C THR D 151 56.17 43.73 -36.55
N LEU D 152 55.52 43.01 -35.63
CA LEU D 152 54.11 42.67 -35.84
C LEU D 152 53.24 43.92 -35.84
N GLU D 153 53.55 44.88 -34.96
CA GLU D 153 52.79 46.13 -34.95
C GLU D 153 52.98 46.91 -36.24
N ALA D 154 54.20 46.89 -36.79
CA ALA D 154 54.43 47.54 -38.07
C ALA D 154 53.61 46.90 -39.18
N GLU D 155 53.70 45.58 -39.32
CA GLU D 155 52.93 44.89 -40.35
C GLU D 155 51.44 45.15 -40.20
N MET D 156 50.96 45.19 -38.95
CA MET D 156 49.57 45.54 -38.70
C MET D 156 49.25 46.92 -39.27
N ALA D 157 50.04 47.93 -38.90
CA ALA D 157 49.79 49.29 -39.37
C ALA D 157 49.77 49.36 -40.89
N VAL D 158 50.66 48.61 -41.55
CA VAL D 158 50.67 48.58 -43.01
C VAL D 158 49.36 48.02 -43.54
N GLU D 159 48.85 46.96 -42.90
CA GLU D 159 47.59 46.38 -43.36
C GLU D 159 46.44 47.37 -43.19
N ARG D 160 46.38 48.06 -42.05
CA ARG D 160 45.38 49.11 -41.86
C ARG D 160 45.46 50.14 -42.97
N LYS D 161 46.66 50.62 -43.28
CA LYS D 161 46.81 51.61 -44.33
C LYS D 161 46.33 51.06 -45.67
N ALA D 162 46.61 49.78 -45.95
CA ALA D 162 46.10 49.17 -47.18
C ALA D 162 44.59 49.28 -47.25
N VAL D 163 43.91 48.92 -46.16
CA VAL D 163 42.44 49.00 -46.15
C VAL D 163 41.99 50.44 -46.36
N GLU D 164 42.66 51.40 -45.72
CA GLU D 164 42.25 52.80 -45.83
C GLU D 164 42.44 53.31 -47.26
N ASP D 165 43.58 53.03 -47.87
CA ASP D 165 43.83 53.46 -49.24
C ASP D 165 42.81 52.86 -50.19
N GLN D 166 42.50 51.56 -50.03
CA GLN D 166 41.46 50.96 -50.84
C GLN D 166 40.13 51.68 -50.65
N ARG D 167 39.77 51.97 -49.40
CA ARG D 167 38.51 52.67 -49.13
C ARG D 167 38.46 54.01 -49.86
N ASP D 168 39.53 54.79 -49.77
CA ASP D 168 39.53 56.10 -50.42
C ASP D 168 39.45 55.98 -51.93
N GLY D 169 40.15 55.00 -52.50
CA GLY D 169 40.04 54.79 -53.95
C GLY D 169 38.63 54.46 -54.38
N GLU D 170 38.01 53.48 -53.71
CA GLU D 170 36.65 53.08 -54.06
C GLU D 170 35.68 54.25 -53.91
N LEU D 171 35.79 54.99 -52.81
CA LEU D 171 34.89 56.12 -52.59
C LEU D 171 35.07 57.20 -53.65
N GLU D 172 36.33 57.53 -53.98
CA GLU D 172 36.57 58.51 -55.03
C GLU D 172 35.97 58.05 -56.36
N ALA D 173 36.14 56.77 -56.69
CA ALA D 173 35.53 56.23 -57.90
C ALA D 173 34.03 56.43 -57.90
N ARG D 174 33.36 56.06 -56.80
CA ARG D 174 31.91 56.20 -56.75
C ARG D 174 31.47 57.66 -56.80
N ALA D 175 32.30 58.57 -56.28
CA ALA D 175 31.95 59.99 -56.37
C ALA D 175 32.05 60.51 -57.80
N GLN D 176 33.11 60.13 -58.51
CA GLN D 176 33.23 60.52 -59.91
C GLN D 176 32.11 59.92 -60.75
N LYS D 177 31.75 58.66 -60.47
CA LYS D 177 30.63 58.05 -61.16
C LYS D 177 29.32 58.78 -60.86
N LEU D 178 29.13 59.18 -59.60
CA LEU D 178 27.93 59.92 -59.22
C LEU D 178 27.83 61.23 -60.00
N GLU D 179 28.88 62.04 -59.95
CA GLU D 179 28.85 63.34 -60.62
C GLU D 179 28.71 63.16 -62.13
N ALA D 180 29.33 62.11 -62.68
CA ALA D 180 29.22 61.86 -64.12
C ALA D 180 27.80 61.49 -64.51
N ASP D 181 27.18 60.58 -63.76
CA ASP D 181 25.80 60.18 -64.05
C ASP D 181 24.84 61.35 -63.92
N LEU D 182 25.03 62.18 -62.89
CA LEU D 182 24.22 63.39 -62.77
C LEU D 182 24.42 64.30 -63.98
N ALA D 183 25.66 64.45 -64.43
CA ALA D 183 25.91 65.23 -65.63
C ALA D 183 25.21 64.64 -66.84
N GLU D 184 25.08 63.32 -66.90
CA GLU D 184 24.36 62.70 -68.01
C GLU D 184 22.86 62.96 -67.91
N LEU D 185 22.29 62.85 -66.71
CA LEU D 185 20.86 63.10 -66.55
C LEU D 185 20.52 64.54 -66.86
N GLU D 186 21.40 65.49 -66.49
CA GLU D 186 21.21 66.87 -66.92
C GLU D 186 21.44 67.01 -68.42
N ALA D 187 22.31 66.19 -68.99
CA ALA D 187 22.60 66.27 -70.42
C ALA D 187 21.46 65.69 -71.25
N GLU D 188 20.85 64.59 -70.79
CA GLU D 188 19.72 64.00 -71.50
C GLU D 188 18.45 64.59 -70.92
N GLY D 189 17.81 65.47 -71.69
CA GLY D 189 16.67 66.21 -71.17
C GLY D 189 17.00 66.79 -69.82
N ALA D 190 16.09 66.58 -68.87
CA ALA D 190 16.35 66.77 -67.45
C ALA D 190 15.18 66.15 -66.70
N LYS D 191 15.29 66.13 -65.37
CA LYS D 191 14.20 65.75 -64.50
C LYS D 191 14.33 66.52 -63.20
N ALA D 192 13.38 66.34 -62.29
CA ALA D 192 13.33 67.12 -61.05
C ALA D 192 13.74 66.25 -59.86
N ASP D 193 12.88 65.32 -59.44
CA ASP D 193 13.19 64.48 -58.29
C ASP D 193 14.14 63.34 -58.65
N ALA D 194 14.24 62.98 -59.93
CA ALA D 194 15.08 61.86 -60.33
C ALA D 194 16.55 62.12 -60.00
N ARG D 195 17.02 63.35 -60.28
CA ARG D 195 18.40 63.69 -59.92
C ARG D 195 18.60 63.62 -58.42
N ARG D 196 17.62 64.07 -57.64
CA ARG D 196 17.71 63.99 -56.19
C ARG D 196 17.69 62.55 -55.70
N LYS D 197 16.85 61.71 -56.31
CA LYS D 197 16.78 60.32 -55.91
C LYS D 197 18.08 59.58 -56.22
N VAL D 198 18.62 59.77 -57.43
CA VAL D 198 19.86 59.09 -57.78
C VAL D 198 21.02 59.65 -56.96
N ARG D 199 20.96 60.92 -56.57
CA ARG D 199 21.96 61.43 -55.64
C ARG D 199 21.86 60.74 -54.29
N ASP D 200 20.64 60.53 -53.79
CA ASP D 200 20.47 59.78 -52.56
C ASP D 200 21.00 58.35 -52.70
N GLY D 201 20.85 57.75 -53.88
CA GLY D 201 21.39 56.42 -54.10
C GLY D 201 22.92 56.42 -54.07
N GLY D 202 23.54 57.39 -54.72
CA GLY D 202 25.00 57.49 -54.69
C GLY D 202 25.52 57.71 -53.28
N GLU D 203 24.90 58.64 -52.55
CA GLU D 203 25.31 58.88 -51.17
C GLU D 203 25.15 57.63 -50.32
N ARG D 204 24.05 56.89 -50.51
CA ARG D 204 23.85 55.66 -49.77
C ARG D 204 24.95 54.64 -50.10
N GLU D 205 25.33 54.53 -51.38
CA GLU D 205 26.37 53.59 -51.74
C GLU D 205 27.72 53.98 -51.14
N MET D 206 28.03 55.29 -51.14
CA MET D 206 29.27 55.73 -50.52
C MET D 206 29.27 55.44 -49.03
N ARG D 207 28.13 55.64 -48.37
CA ARG D 207 27.99 55.24 -46.97
C ARG D 207 28.24 53.74 -46.81
N GLN D 208 27.77 52.94 -47.77
CA GLN D 208 28.00 51.50 -47.71
C GLN D 208 29.48 51.17 -47.80
N ILE D 209 30.20 51.82 -48.72
CA ILE D 209 31.62 51.54 -48.88
C ILE D 209 32.39 51.94 -47.63
N ARG D 210 32.15 53.16 -47.15
CA ARG D 210 32.83 53.63 -45.95
C ARG D 210 32.55 52.72 -44.76
N ASP D 211 31.31 52.25 -44.63
CA ASP D 211 30.97 51.41 -43.48
C ASP D 211 31.54 49.99 -43.62
N ARG D 212 31.63 49.47 -44.84
CA ARG D 212 32.33 48.20 -45.03
C ARG D 212 33.77 48.30 -44.58
N ALA D 213 34.49 49.30 -45.11
CA ALA D 213 35.90 49.46 -44.74
C ALA D 213 36.05 49.75 -43.25
N GLN D 214 35.07 50.43 -42.65
CA GLN D 214 35.15 50.71 -41.22
C GLN D 214 34.96 49.44 -40.40
N ARG D 215 34.02 48.58 -40.82
CA ARG D 215 33.84 47.30 -40.14
C ARG D 215 35.11 46.47 -40.24
N GLU D 216 35.77 46.46 -41.40
CA GLU D 216 37.01 45.71 -41.51
C GLU D 216 38.11 46.32 -40.64
N LEU D 217 38.19 47.66 -40.58
CA LEU D 217 39.17 48.30 -39.72
C LEU D 217 38.94 47.93 -38.27
N ASP D 218 37.69 47.91 -37.82
CA ASP D 218 37.40 47.48 -36.46
C ASP D 218 37.72 46.01 -36.24
N ARG D 219 37.56 45.20 -37.28
CA ARG D 219 37.98 43.80 -37.19
C ARG D 219 39.47 43.70 -36.93
N LEU D 220 40.28 44.44 -37.70
CA LEU D 220 41.73 44.42 -37.49
C LEU D 220 42.12 44.96 -36.12
N GLU D 221 41.51 46.09 -35.72
CA GLU D 221 41.77 46.63 -34.39
C GLU D 221 41.44 45.61 -33.31
N ASP D 222 40.38 44.83 -33.52
CA ASP D 222 40.00 43.82 -32.54
C ASP D 222 40.99 42.67 -32.52
N ILE D 223 41.50 42.28 -33.69
CA ILE D 223 42.55 41.25 -33.75
C ILE D 223 43.77 41.70 -32.97
N TRP D 224 44.21 42.94 -33.21
CA TRP D 224 45.44 43.41 -32.58
C TRP D 224 45.24 43.58 -31.07
N SER D 225 44.10 44.13 -30.66
CA SER D 225 43.80 44.21 -29.22
C SER D 225 43.79 42.84 -28.59
N THR D 226 43.16 41.86 -29.24
CA THR D 226 43.04 40.53 -28.65
C THR D 226 44.40 39.84 -28.54
N PHE D 227 45.26 40.03 -29.54
CA PHE D 227 46.57 39.38 -29.48
C PHE D 227 47.49 40.06 -28.47
N THR D 228 47.43 41.39 -28.38
CA THR D 228 48.34 42.11 -27.49
C THR D 228 48.03 41.80 -26.02
N LYS D 229 46.75 41.68 -25.68
CA LYS D 229 46.33 41.36 -24.33
C LYS D 229 46.11 39.87 -24.12
N LEU D 230 46.41 39.05 -25.13
CA LEU D 230 46.19 37.61 -25.04
C LEU D 230 46.88 37.03 -23.81
N ALA D 231 46.13 36.26 -23.02
CA ALA D 231 46.64 35.62 -21.83
C ALA D 231 45.94 34.28 -21.67
N PRO D 232 46.59 33.30 -21.05
CA PRO D 232 45.93 32.00 -20.84
C PRO D 232 44.67 32.15 -20.03
N LYS D 233 43.73 31.22 -20.26
CA LYS D 233 42.37 31.14 -19.71
C LYS D 233 41.39 32.03 -20.46
N GLN D 234 41.81 32.79 -21.46
CA GLN D 234 40.88 33.66 -22.18
C GLN D 234 40.07 32.87 -23.20
N LEU D 235 38.82 33.29 -23.38
CA LEU D 235 37.87 32.63 -24.26
C LEU D 235 37.66 33.43 -25.52
N ILE D 236 37.73 32.77 -26.67
CA ILE D 236 37.44 33.38 -27.95
C ILE D 236 36.19 32.72 -28.50
N VAL D 237 35.08 33.47 -28.51
CA VAL D 237 33.80 32.92 -28.94
C VAL D 237 33.56 33.10 -30.43
N ASP D 238 34.37 33.90 -31.10
CA ASP D 238 34.25 34.11 -32.55
C ASP D 238 35.22 33.16 -33.24
N GLU D 239 34.69 32.29 -34.10
CA GLU D 239 35.56 31.40 -34.87
C GLU D 239 36.45 32.19 -35.81
N ASN D 240 35.91 33.21 -36.48
CA ASN D 240 36.70 34.02 -37.39
C ASN D 240 37.88 34.67 -36.67
N LEU D 241 37.62 35.25 -35.50
CA LEU D 241 38.68 35.90 -34.75
C LEU D 241 39.77 34.91 -34.36
N TYR D 242 39.39 33.68 -34.02
CA TYR D 242 40.40 32.69 -33.64
C TYR D 242 41.20 32.23 -34.85
N ARG D 243 40.54 32.02 -35.99
CA ARG D 243 41.25 31.60 -37.19
C ARG D 243 42.21 32.69 -37.66
N GLU D 244 41.72 33.93 -37.75
CA GLU D 244 42.60 35.06 -38.01
C GLU D 244 43.73 35.13 -37.00
N LEU D 245 43.45 34.75 -35.76
CA LEU D 245 44.44 34.85 -34.69
C LEU D 245 45.49 33.76 -34.74
N VAL D 246 45.19 32.61 -35.35
CA VAL D 246 46.23 31.60 -35.57
C VAL D 246 46.99 31.84 -36.87
N ASP D 247 46.31 32.32 -37.92
CA ASP D 247 46.97 32.52 -39.21
C ASP D 247 48.19 33.41 -39.06
N ARG D 248 48.04 34.51 -38.36
CA ARG D 248 49.14 35.30 -37.83
C ARG D 248 49.24 35.02 -36.34
N TYR D 249 50.45 35.11 -35.80
CA TYR D 249 50.67 34.99 -34.36
C TYR D 249 50.49 33.58 -33.83
N GLY D 250 50.00 32.66 -34.68
CA GLY D 250 49.75 31.30 -34.24
C GLY D 250 50.94 30.62 -33.60
N GLU D 251 52.15 31.06 -33.94
CA GLU D 251 53.36 30.49 -33.35
C GLU D 251 53.72 31.12 -32.00
N TYR D 252 53.00 32.16 -31.58
CA TYR D 252 53.27 32.82 -30.30
C TYR D 252 52.37 32.32 -29.17
N PHE D 253 51.42 31.44 -29.45
CA PHE D 253 50.51 30.97 -28.42
C PHE D 253 49.99 29.60 -28.81
N THR D 254 49.17 29.01 -27.92
CA THR D 254 48.50 27.75 -28.15
C THR D 254 47.07 27.87 -27.65
N GLY D 255 46.14 27.30 -28.40
CA GLY D 255 44.75 27.35 -27.98
C GLY D 255 43.99 26.14 -28.50
N ALA D 256 42.91 25.80 -27.80
CA ALA D 256 42.13 24.64 -28.15
C ALA D 256 40.75 24.78 -27.52
N MET D 257 39.81 24.00 -28.03
CA MET D 257 38.53 23.81 -27.36
C MET D 257 38.45 22.37 -26.86
N GLY D 258 37.33 22.04 -26.23
CA GLY D 258 37.14 20.71 -25.70
C GLY D 258 37.84 20.50 -24.37
N ALA D 259 37.81 19.24 -23.93
CA ALA D 259 38.38 18.89 -22.63
C ALA D 259 39.89 18.74 -22.65
N GLU D 260 40.50 18.58 -23.83
CA GLU D 260 41.96 18.56 -23.90
C GLU D 260 42.53 19.89 -23.47
N SER D 261 41.84 20.99 -23.81
CA SER D 261 42.28 22.30 -23.37
C SER D 261 42.16 22.46 -21.86
N ILE D 262 41.04 22.05 -21.29
CA ILE D 262 40.88 22.09 -19.84
C ILE D 262 41.97 21.26 -19.18
N GLN D 263 42.25 20.08 -19.72
CA GLN D 263 43.35 19.27 -19.23
C GLN D 263 44.67 20.03 -19.29
N LYS D 264 44.84 20.87 -20.31
CA LYS D 264 46.06 21.66 -20.41
C LYS D 264 46.11 22.72 -19.30
N LEU D 265 45.03 23.48 -19.14
CA LEU D 265 44.98 24.48 -18.08
C LEU D 265 45.23 23.87 -16.71
N ILE D 266 44.75 22.65 -16.48
CA ILE D 266 45.03 21.98 -15.21
C ILE D 266 46.49 21.58 -15.13
N GLU D 267 47.05 21.05 -16.22
CA GLU D 267 48.46 20.66 -16.22
C GLU D 267 49.37 21.85 -15.96
N ASN D 268 49.00 23.03 -16.45
CA ASN D 268 49.77 24.26 -16.28
C ASN D 268 49.39 25.04 -15.03
N PHE D 269 48.51 24.48 -14.20
CA PHE D 269 47.96 25.19 -13.06
C PHE D 269 48.91 25.15 -11.87
N ASP D 270 49.24 26.32 -11.33
CA ASP D 270 50.03 26.43 -10.12
C ASP D 270 49.07 26.48 -8.93
N ILE D 271 49.06 25.43 -8.12
CA ILE D 271 48.09 25.32 -7.05
C ILE D 271 48.44 26.25 -5.90
N ASP D 272 49.71 26.21 -5.45
CA ASP D 272 50.12 27.01 -4.31
C ASP D 272 49.96 28.49 -4.58
N ALA D 273 50.26 28.93 -5.80
CA ALA D 273 50.13 30.34 -6.15
C ALA D 273 48.70 30.82 -6.01
N GLU D 274 47.76 30.10 -6.62
CA GLU D 274 46.35 30.48 -6.53
C GLU D 274 45.84 30.39 -5.10
N ALA D 275 46.36 29.43 -4.32
CA ALA D 275 45.96 29.32 -2.93
C ALA D 275 46.38 30.53 -2.13
N GLU D 276 47.67 30.89 -2.20
CA GLU D 276 48.16 32.06 -1.46
C GLU D 276 47.49 33.33 -1.94
N SER D 277 47.24 33.44 -3.25
CA SER D 277 46.50 34.58 -3.77
C SER D 277 45.12 34.67 -3.14
N LEU D 278 44.41 33.54 -3.07
CA LEU D 278 43.09 33.52 -2.45
C LEU D 278 43.16 33.92 -0.99
N ARG D 279 44.16 33.42 -0.26
CA ARG D 279 44.30 33.76 1.15
C ARG D 279 44.57 35.25 1.33
N ASP D 280 45.37 35.84 0.44
CA ASP D 280 45.57 37.29 0.46
C ASP D 280 44.25 38.02 0.23
N VAL D 281 43.44 37.55 -0.72
CA VAL D 281 42.17 38.22 -0.99
C VAL D 281 41.21 38.07 0.19
N ILE D 282 41.25 36.94 0.89
CA ILE D 282 40.39 36.77 2.06
C ILE D 282 40.84 37.70 3.17
N ARG D 283 42.15 37.76 3.43
CA ARG D 283 42.71 38.65 4.43
C ARG D 283 42.34 40.10 4.17
N ASN D 284 42.88 40.67 3.10
CA ASN D 284 42.78 42.10 2.85
C ASN D 284 41.51 42.51 2.13
N GLY D 285 40.62 41.57 1.81
CA GLY D 285 39.41 41.87 1.09
C GLY D 285 38.17 41.87 1.97
N LYS D 286 37.07 42.33 1.38
CA LYS D 286 35.78 42.36 2.06
C LYS D 286 34.68 42.40 1.01
N GLY D 287 33.48 42.06 1.44
CA GLY D 287 32.33 42.07 0.55
C GLY D 287 32.08 40.72 -0.10
N GLN D 288 31.32 40.77 -1.20
CA GLN D 288 30.99 39.54 -1.92
C GLN D 288 32.24 38.88 -2.49
N LYS D 289 33.24 39.68 -2.87
CA LYS D 289 34.48 39.10 -3.39
C LYS D 289 35.18 38.26 -2.34
N LYS D 290 35.02 38.60 -1.06
CA LYS D 290 35.56 37.76 0.00
C LYS D 290 34.85 36.41 0.04
N LEU D 291 33.54 36.41 -0.18
CA LEU D 291 32.79 35.15 -0.22
C LEU D 291 33.23 34.28 -1.39
N ARG D 292 33.28 34.88 -2.60
CA ARG D 292 33.80 34.16 -3.75
C ARG D 292 35.16 33.57 -3.45
N ALA D 293 36.05 34.37 -2.87
CA ALA D 293 37.41 33.91 -2.57
C ALA D 293 37.39 32.72 -1.62
N LEU D 294 36.62 32.81 -0.52
CA LEU D 294 36.55 31.71 0.43
C LEU D 294 36.05 30.43 -0.26
N LYS D 295 34.92 30.54 -0.96
CA LYS D 295 34.35 29.37 -1.62
C LYS D 295 35.34 28.74 -2.59
N ARG D 296 36.14 29.57 -3.29
CA ARG D 296 37.18 29.02 -4.16
C ARG D 296 38.27 28.34 -3.35
N LEU D 297 38.67 28.93 -2.22
CA LEU D 297 39.75 28.36 -1.43
C LEU D 297 39.36 27.02 -0.84
N LYS D 298 38.07 26.77 -0.63
CA LYS D 298 37.66 25.44 -0.19
C LYS D 298 38.08 24.39 -1.20
N VAL D 299 37.83 24.65 -2.49
CA VAL D 299 38.18 23.71 -3.54
C VAL D 299 39.70 23.61 -3.69
N VAL D 300 40.36 24.76 -3.87
CA VAL D 300 41.79 24.75 -4.16
C VAL D 300 42.56 24.15 -2.99
N ALA D 301 42.25 24.59 -1.78
CA ALA D 301 42.86 24.02 -0.59
C ALA D 301 42.56 22.53 -0.47
N ALA D 302 41.35 22.12 -0.86
CA ALA D 302 41.06 20.68 -0.90
C ALA D 302 42.05 19.95 -1.79
N PHE D 303 42.36 20.51 -2.97
CA PHE D 303 43.34 19.88 -3.84
C PHE D 303 44.77 20.11 -3.42
N GLN D 304 45.03 20.95 -2.42
CA GLN D 304 46.41 21.24 -2.04
C GLN D 304 47.11 20.04 -1.42
N GLN D 305 46.38 19.20 -0.70
CA GLN D 305 47.01 18.06 -0.04
C GLN D 305 47.54 17.07 -1.07
N SER D 306 48.58 16.33 -0.66
CA SER D 306 49.26 15.43 -1.58
C SER D 306 48.41 14.20 -1.84
N GLY D 307 48.90 13.35 -2.76
CA GLY D 307 48.17 12.17 -3.15
C GLY D 307 46.88 12.44 -3.90
N ASN D 308 46.51 13.71 -4.08
CA ASN D 308 45.25 14.09 -4.70
C ASN D 308 45.53 15.17 -5.74
N SER D 309 45.25 14.87 -6.99
CA SER D 309 45.56 15.78 -8.07
C SER D 309 44.29 16.18 -8.83
N PRO D 310 44.20 17.44 -9.28
CA PRO D 310 43.04 17.84 -10.07
C PRO D 310 42.94 17.14 -11.41
N MET D 311 44.03 16.51 -11.87
CA MET D 311 44.01 15.87 -13.18
C MET D 311 42.91 14.83 -13.30
N GLY D 312 42.56 14.17 -12.18
CA GLY D 312 41.51 13.18 -12.21
C GLY D 312 40.17 13.70 -12.67
N MET D 313 39.97 15.02 -12.67
CA MET D 313 38.71 15.56 -13.15
C MET D 313 38.54 15.47 -14.66
N VAL D 314 39.58 15.07 -15.38
CA VAL D 314 39.50 14.78 -16.81
C VAL D 314 39.96 13.35 -17.03
N LEU D 315 39.15 12.56 -17.73
CA LEU D 315 39.39 11.14 -17.92
C LEU D 315 39.89 10.89 -19.33
N ASP D 316 40.98 10.13 -19.45
CA ASP D 316 41.35 9.51 -20.71
C ASP D 316 40.87 8.07 -20.81
N ALA D 317 40.36 7.49 -19.73
CA ALA D 317 39.86 6.13 -19.73
C ALA D 317 38.62 6.06 -18.83
N VAL D 318 37.59 5.37 -19.31
CA VAL D 318 36.32 5.24 -18.60
C VAL D 318 36.19 3.80 -18.12
N PRO D 319 35.98 3.55 -16.83
CA PRO D 319 35.89 2.17 -16.35
C PRO D 319 34.56 1.53 -16.76
N VAL D 320 34.58 0.19 -16.80
CA VAL D 320 33.41 -0.60 -17.16
C VAL D 320 33.08 -1.55 -16.03
N ILE D 321 31.83 -1.49 -15.57
CA ILE D 321 31.32 -2.25 -14.43
C ILE D 321 31.15 -3.72 -14.83
N PRO D 322 31.35 -4.67 -13.93
CA PRO D 322 31.27 -6.08 -14.33
C PRO D 322 29.90 -6.41 -14.89
N PRO D 323 29.82 -7.41 -15.77
CA PRO D 323 28.56 -7.65 -16.50
C PRO D 323 27.43 -8.16 -15.62
N GLU D 324 27.74 -8.90 -14.55
CA GLU D 324 26.69 -9.42 -13.69
C GLU D 324 25.88 -8.30 -13.06
N LEU D 325 26.50 -7.13 -12.86
CA LEU D 325 25.81 -5.99 -12.30
C LEU D 325 25.03 -5.21 -13.34
N ARG D 326 25.17 -5.54 -14.62
CA ARG D 326 24.40 -4.93 -15.70
C ARG D 326 23.96 -6.04 -16.65
N PRO D 327 23.17 -6.99 -16.17
CA PRO D 327 22.98 -8.25 -16.91
C PRO D 327 22.02 -8.09 -18.09
N MET D 328 21.92 -9.19 -18.83
CA MET D 328 21.11 -9.28 -20.04
C MET D 328 20.38 -10.61 -20.00
N VAL D 329 19.05 -10.58 -20.00
CA VAL D 329 18.26 -11.79 -19.82
C VAL D 329 17.31 -11.99 -21.01
N GLN D 330 17.19 -13.23 -21.45
CA GLN D 330 16.26 -13.60 -22.50
C GLN D 330 14.84 -13.64 -21.94
N LEU D 331 13.88 -13.28 -22.79
CA LEU D 331 12.49 -13.17 -22.39
C LEU D 331 11.64 -14.15 -23.18
N ASP D 332 10.47 -14.46 -22.63
CA ASP D 332 9.46 -15.19 -23.37
C ASP D 332 9.07 -14.37 -24.60
N GLY D 333 9.11 -15.00 -25.76
CA GLY D 333 8.97 -14.29 -27.01
C GLY D 333 10.26 -14.02 -27.74
N GLY D 334 11.35 -14.67 -27.35
CA GLY D 334 12.61 -14.57 -28.07
C GLY D 334 13.33 -13.24 -27.94
N ARG D 335 12.78 -12.27 -27.22
CA ARG D 335 13.41 -10.97 -27.10
C ARG D 335 14.33 -10.96 -25.88
N PHE D 336 15.02 -9.84 -25.69
CA PHE D 336 16.00 -9.70 -24.62
C PHE D 336 15.76 -8.41 -23.86
N ALA D 337 16.22 -8.39 -22.62
CA ALA D 337 16.19 -7.19 -21.79
C ALA D 337 17.59 -6.94 -21.25
N THR D 338 18.06 -5.71 -21.39
CA THR D 338 19.35 -5.29 -20.85
C THR D 338 19.15 -4.11 -19.92
N SER D 339 20.05 -4.00 -18.94
CA SER D 339 20.14 -2.79 -18.17
C SER D 339 20.44 -1.61 -19.08
N ASP D 340 19.94 -0.44 -18.69
CA ASP D 340 20.22 0.77 -19.46
C ASP D 340 21.72 1.01 -19.60
N LEU D 341 22.49 0.57 -18.60
CA LEU D 341 23.94 0.78 -18.61
C LEU D 341 24.57 0.20 -19.86
N ASN D 342 24.07 -0.94 -20.34
CA ASN D 342 24.63 -1.54 -21.55
C ASN D 342 24.43 -0.62 -22.76
N ASP D 343 23.27 0.02 -22.86
CA ASP D 343 23.02 0.90 -23.99
C ASP D 343 23.86 2.16 -23.89
N LEU D 344 24.01 2.71 -22.68
CA LEU D 344 24.85 3.89 -22.51
C LEU D 344 26.31 3.59 -22.86
N TYR D 345 26.87 2.52 -22.28
CA TYR D 345 28.19 2.05 -22.67
C TYR D 345 28.29 1.86 -24.17
N ARG D 346 27.25 1.29 -24.79
CA ARG D 346 27.28 1.07 -26.24
C ARG D 346 27.42 2.38 -27.00
N ARG D 347 26.70 3.42 -26.57
CA ARG D 347 26.85 4.71 -27.24
C ARG D 347 28.26 5.26 -27.07
N VAL D 348 28.81 5.16 -25.87
CA VAL D 348 30.19 5.62 -25.66
C VAL D 348 31.15 4.89 -26.58
N ILE D 349 30.99 3.56 -26.70
CA ILE D 349 31.90 2.78 -27.52
C ILE D 349 31.76 3.13 -29.00
N ASN D 350 30.52 3.31 -29.46
CA ASN D 350 30.31 3.66 -30.86
C ASN D 350 30.90 5.01 -31.20
N ARG D 351 30.70 6.00 -30.34
CA ARG D 351 31.22 7.34 -30.64
C ARG D 351 32.73 7.42 -30.49
N ASN D 352 33.29 6.66 -29.54
CA ASN D 352 34.75 6.59 -29.44
C ASN D 352 35.35 5.95 -30.68
N ASN D 353 34.78 4.81 -31.10
CA ASN D 353 35.29 4.13 -32.29
C ASN D 353 35.14 4.98 -33.54
N ARG D 354 34.02 5.69 -33.67
CA ARG D 354 33.86 6.58 -34.81
C ARG D 354 34.84 7.74 -34.74
N LEU D 355 35.20 8.18 -33.53
CA LEU D 355 36.21 9.22 -33.41
C LEU D 355 37.57 8.71 -33.86
N LYS D 356 37.92 7.46 -33.53
CA LYS D 356 39.14 6.87 -34.05
C LYS D 356 39.11 6.79 -35.57
N ARG D 357 37.99 6.30 -36.12
CA ARG D 357 37.87 6.14 -37.56
C ARG D 357 37.93 7.48 -38.28
N LEU D 358 37.48 8.55 -37.62
CA LEU D 358 37.59 9.89 -38.21
C LEU D 358 39.00 10.44 -38.10
N ILE D 359 39.68 10.14 -36.99
CA ILE D 359 41.07 10.58 -36.83
C ILE D 359 41.95 9.93 -37.89
N ASP D 360 41.71 8.65 -38.19
CA ASP D 360 42.55 7.96 -39.17
C ASP D 360 42.32 8.44 -40.58
N LEU D 361 41.11 8.89 -40.90
CA LEU D 361 40.80 9.33 -42.26
C LEU D 361 41.19 10.78 -42.51
N GLY D 362 41.77 11.47 -41.52
CA GLY D 362 42.09 12.88 -41.67
C GLY D 362 40.85 13.70 -41.95
N ALA D 363 39.79 13.47 -41.19
CA ALA D 363 38.54 14.17 -41.41
C ALA D 363 38.69 15.65 -41.13
N PRO D 364 37.86 16.50 -41.74
CA PRO D 364 37.91 17.93 -41.43
C PRO D 364 37.74 18.18 -39.95
N GLU D 365 38.34 19.29 -39.49
CA GLU D 365 38.37 19.57 -38.06
C GLU D 365 36.97 19.70 -37.47
N ILE D 366 36.03 20.26 -38.23
CA ILE D 366 34.70 20.48 -37.68
C ILE D 366 33.99 19.16 -37.39
N ILE D 367 34.20 18.15 -38.24
CA ILE D 367 33.56 16.86 -38.02
C ILE D 367 34.20 16.14 -36.84
N VAL D 368 35.52 16.14 -36.76
CA VAL D 368 36.20 15.52 -35.63
C VAL D 368 35.77 16.18 -34.33
N ASN D 369 35.61 17.51 -34.35
CA ASN D 369 35.13 18.22 -33.16
C ASN D 369 33.69 17.85 -32.84
N ASN D 370 32.87 17.63 -33.87
CA ASN D 370 31.52 17.14 -33.63
C ASN D 370 31.54 15.78 -32.93
N GLU D 371 32.42 14.88 -33.39
CA GLU D 371 32.49 13.56 -32.77
C GLU D 371 33.02 13.64 -31.35
N LYS D 372 33.97 14.53 -31.10
CA LYS D 372 34.45 14.73 -29.72
C LYS D 372 33.36 15.27 -28.82
N ARG D 373 32.57 16.22 -29.32
CA ARG D 373 31.45 16.74 -28.56
C ARG D 373 30.46 15.64 -28.23
N MET D 374 30.14 14.80 -29.21
CA MET D 374 29.19 13.72 -28.97
C MET D 374 29.75 12.68 -28.00
N LEU D 375 31.05 12.41 -28.06
CA LEU D 375 31.65 11.52 -27.08
C LEU D 375 31.55 12.09 -25.67
N GLN D 376 31.85 13.38 -25.52
CA GLN D 376 31.71 14.03 -24.21
C GLN D 376 30.27 13.95 -23.72
N GLU D 377 29.30 14.16 -24.62
CA GLU D 377 27.90 14.09 -24.23
C GLU D 377 27.49 12.67 -23.82
N SER D 378 28.03 11.66 -24.50
CA SER D 378 27.65 10.29 -24.18
C SER D 378 28.28 9.80 -22.88
N VAL D 379 29.53 10.20 -22.60
CA VAL D 379 30.09 9.87 -21.29
C VAL D 379 29.35 10.65 -20.20
N ASP D 380 28.91 11.87 -20.50
CA ASP D 380 28.03 12.59 -19.60
C ASP D 380 26.79 11.76 -19.27
N ALA D 381 26.08 11.31 -20.31
CA ALA D 381 24.87 10.52 -20.10
C ALA D 381 25.17 9.25 -19.32
N LEU D 382 26.28 8.58 -19.62
CA LEU D 382 26.62 7.37 -18.88
C LEU D 382 26.81 7.64 -17.40
N PHE D 383 27.50 8.74 -17.06
CA PHE D 383 27.75 9.04 -15.65
C PHE D 383 26.50 9.56 -14.96
N ASP D 384 26.04 10.74 -15.36
CA ASP D 384 24.80 11.34 -14.86
C ASP D 384 23.98 11.76 -16.06
N ASN D 385 22.88 11.06 -16.31
CA ASN D 385 22.07 11.33 -17.50
C ASN D 385 21.01 12.37 -17.17
N GLY D 386 20.80 13.30 -18.09
CA GLY D 386 19.90 14.40 -17.88
C GLY D 386 20.47 15.53 -17.04
N ARG D 387 21.60 15.32 -16.37
CA ARG D 387 22.21 16.38 -15.58
C ARG D 387 22.55 17.60 -16.44
N ARG D 388 22.83 17.38 -17.72
CA ARG D 388 23.09 18.47 -18.66
C ARG D 388 22.29 18.21 -19.92
N GLY D 389 21.44 19.15 -20.29
CA GLY D 389 20.63 19.02 -21.47
C GLY D 389 19.52 18.00 -21.29
N ARG D 390 19.01 17.52 -22.42
CA ARG D 390 17.94 16.55 -22.39
C ARG D 390 18.49 15.13 -22.26
N PRO D 391 17.82 14.28 -21.50
CA PRO D 391 18.36 12.94 -21.24
C PRO D 391 18.26 12.03 -22.47
N VAL D 392 19.19 11.08 -22.53
CA VAL D 392 19.13 10.05 -23.56
C VAL D 392 18.03 9.06 -23.22
N THR D 393 17.11 8.85 -24.15
CA THR D 393 15.91 8.06 -23.90
C THR D 393 15.95 6.77 -24.69
N GLY D 394 15.50 5.68 -24.06
CA GLY D 394 15.28 4.43 -24.74
C GLY D 394 13.89 4.38 -25.34
N PRO D 395 13.34 3.18 -25.46
CA PRO D 395 11.99 3.04 -26.02
C PRO D 395 10.93 3.61 -25.09
N GLY D 396 9.94 4.29 -25.67
CA GLY D 396 8.90 4.94 -24.91
C GLY D 396 9.25 6.33 -24.40
N ASN D 397 10.33 6.93 -24.90
CA ASN D 397 10.84 8.21 -24.41
C ASN D 397 11.16 8.14 -22.92
N ARG D 398 11.46 6.96 -22.42
CA ARG D 398 11.87 6.81 -21.04
C ARG D 398 13.35 7.13 -20.91
N PRO D 399 13.74 8.15 -20.16
CA PRO D 399 15.17 8.44 -19.99
C PRO D 399 15.88 7.29 -19.30
N LEU D 400 17.05 6.93 -19.83
CA LEU D 400 17.78 5.81 -19.28
C LEU D 400 18.35 6.16 -17.92
N LYS D 401 18.62 5.13 -17.12
CA LYS D 401 19.08 5.29 -15.75
C LYS D 401 20.59 5.17 -15.70
N SER D 402 21.25 6.26 -15.33
CA SER D 402 22.70 6.37 -15.41
C SER D 402 23.35 5.63 -14.23
N LEU D 403 24.67 5.78 -14.11
CA LEU D 403 25.39 5.24 -12.97
C LEU D 403 25.12 6.03 -11.70
N SER D 404 24.72 7.30 -11.82
CA SER D 404 24.34 8.07 -10.65
C SER D 404 22.98 7.61 -10.11
N ASP D 405 22.09 7.18 -11.01
CA ASP D 405 20.77 6.72 -10.60
C ASP D 405 20.83 5.44 -9.78
N LEU D 406 21.88 4.63 -9.93
CA LEU D 406 22.02 3.45 -9.11
C LEU D 406 22.13 3.81 -7.64
N LEU D 407 22.89 4.85 -7.33
CA LEU D 407 23.16 5.18 -5.93
C LEU D 407 22.03 5.97 -5.29
N LYS D 408 21.48 6.95 -5.99
CA LYS D 408 20.59 7.92 -5.37
C LYS D 408 19.14 7.47 -5.47
N GLY D 409 18.25 8.26 -4.86
CA GLY D 409 16.83 7.99 -4.91
C GLY D 409 16.39 6.97 -3.87
N LYS D 410 15.07 6.87 -3.73
CA LYS D 410 14.49 5.89 -2.81
C LYS D 410 14.75 4.46 -3.29
N GLN D 411 14.87 4.26 -4.59
CA GLN D 411 15.18 2.95 -5.16
C GLN D 411 16.67 2.72 -5.34
N GLY D 412 17.51 3.66 -4.91
CA GLY D 412 18.94 3.53 -5.08
C GLY D 412 19.54 2.41 -4.23
N ARG D 413 20.85 2.22 -4.41
CA ARG D 413 21.55 1.16 -3.69
C ARG D 413 21.48 1.38 -2.18
N PHE D 414 21.75 2.60 -1.73
CA PHE D 414 21.77 2.89 -0.30
C PHE D 414 20.43 2.56 0.34
N ARG D 415 19.37 3.20 -0.15
CA ARG D 415 18.08 3.08 0.51
C ARG D 415 17.46 1.71 0.29
N GLN D 416 17.47 1.23 -0.94
CA GLN D 416 16.76 -0.03 -1.22
C GLN D 416 17.60 -1.26 -0.88
N ASN D 417 18.87 -1.29 -1.29
CA ASN D 417 19.67 -2.50 -1.22
C ASN D 417 20.66 -2.55 -0.05
N LEU D 418 20.77 -1.49 0.75
CA LEU D 418 21.80 -1.43 1.78
C LEU D 418 21.20 -1.19 3.16
N LEU D 419 20.50 -0.09 3.36
CA LEU D 419 19.74 0.13 4.58
C LEU D 419 18.49 -0.75 4.67
N GLY D 420 18.19 -1.52 3.63
CA GLY D 420 17.11 -2.49 3.67
C GLY D 420 17.35 -3.60 2.67
N LYS D 421 16.74 -4.75 2.92
CA LYS D 421 16.93 -5.93 2.09
C LYS D 421 15.72 -6.84 2.21
N ARG D 422 15.58 -7.75 1.25
CA ARG D 422 14.70 -8.90 1.37
C ARG D 422 15.47 -10.04 2.03
N VAL D 423 14.75 -10.84 2.81
CA VAL D 423 15.41 -11.77 3.73
C VAL D 423 14.81 -13.16 3.64
N ASP D 424 15.64 -14.15 3.93
CA ASP D 424 15.22 -15.53 4.10
C ASP D 424 14.49 -15.71 5.43
N TYR D 425 13.76 -16.82 5.54
CA TYR D 425 13.04 -17.19 6.77
C TYR D 425 11.98 -16.15 7.13
N SER D 426 11.20 -15.76 6.12
CA SER D 426 10.16 -14.77 6.31
C SER D 426 8.92 -15.20 5.54
N GLY D 427 7.77 -14.69 5.99
CA GLY D 427 6.52 -14.95 5.33
C GLY D 427 5.58 -13.79 5.56
N ARG D 428 4.38 -13.90 5.00
CA ARG D 428 3.37 -12.88 5.25
C ARG D 428 2.01 -13.50 5.02
N SER D 429 0.99 -12.88 5.59
CA SER D 429 -0.39 -13.27 5.28
C SER D 429 -1.33 -12.21 5.84
N VAL D 430 -2.61 -12.39 5.57
CA VAL D 430 -3.63 -11.53 6.14
C VAL D 430 -3.80 -11.87 7.62
N ILE D 431 -4.16 -10.86 8.42
CA ILE D 431 -4.29 -11.00 9.85
C ILE D 431 -5.77 -11.00 10.23
N VAL D 432 -6.12 -11.88 11.17
CA VAL D 432 -7.43 -11.92 11.77
C VAL D 432 -7.26 -11.79 13.28
N VAL D 433 -8.36 -11.46 13.96
CA VAL D 433 -8.29 -11.20 15.39
C VAL D 433 -8.12 -12.50 16.16
N GLY D 434 -7.29 -12.44 17.20
CA GLY D 434 -6.84 -13.57 17.97
C GLY D 434 -7.44 -13.75 19.37
N PRO D 435 -8.72 -13.35 19.57
CA PRO D 435 -9.19 -13.04 20.94
C PRO D 435 -8.88 -14.08 22.01
N GLN D 436 -8.64 -15.32 21.62
CA GLN D 436 -8.32 -16.37 22.58
C GLN D 436 -6.85 -16.39 22.97
N LEU D 437 -6.02 -15.53 22.39
CA LEU D 437 -4.58 -15.58 22.59
C LEU D 437 -4.17 -14.86 23.88
N LYS D 438 -3.15 -15.40 24.54
CA LYS D 438 -2.43 -14.64 25.54
C LYS D 438 -1.54 -13.59 24.86
N LEU D 439 -1.15 -12.58 25.63
CA LEU D 439 -0.48 -11.41 25.06
C LEU D 439 0.82 -11.77 24.35
N HIS D 440 1.51 -12.80 24.82
CA HIS D 440 2.82 -13.17 24.27
C HIS D 440 2.72 -14.15 23.12
N GLN D 441 1.51 -14.46 22.65
CA GLN D 441 1.30 -15.49 21.65
C GLN D 441 0.70 -14.92 20.38
N CYS D 442 0.89 -15.64 19.28
CA CYS D 442 0.25 -15.30 18.02
C CYS D 442 -0.11 -16.56 17.26
N GLY D 443 -1.24 -16.50 16.54
CA GLY D 443 -1.63 -17.60 15.68
C GLY D 443 -0.80 -17.67 14.42
N LEU D 444 -0.16 -18.82 14.18
CA LEU D 444 0.64 -19.06 12.98
C LEU D 444 0.00 -20.17 12.16
N PRO D 445 -0.35 -19.92 10.89
CA PRO D 445 -0.82 -21.00 10.02
C PRO D 445 0.17 -22.16 9.94
N LYS D 446 -0.39 -23.37 9.82
CA LYS D 446 0.43 -24.58 9.80
C LYS D 446 1.43 -24.58 8.66
N LEU D 447 0.98 -24.20 7.46
CA LEU D 447 1.86 -24.25 6.29
C LEU D 447 2.96 -23.20 6.38
N MET D 448 2.62 -21.99 6.82
CA MET D 448 3.63 -20.98 7.09
C MET D 448 4.71 -21.50 8.02
N ALA D 449 4.30 -22.05 9.17
CA ALA D 449 5.25 -22.51 10.16
C ALA D 449 6.06 -23.70 9.67
N LEU D 450 5.47 -24.54 8.82
CA LEU D 450 6.24 -25.66 8.27
C LEU D 450 7.31 -25.15 7.31
N GLU D 451 6.99 -24.15 6.49
CA GLU D 451 8.00 -23.62 5.58
C GLU D 451 9.10 -22.89 6.35
N LEU D 452 8.72 -21.99 7.26
CA LEU D 452 9.71 -21.18 7.96
C LEU D 452 10.66 -22.03 8.79
N PHE D 453 10.15 -23.11 9.40
CA PHE D 453 10.94 -23.95 10.29
C PHE D 453 11.55 -25.16 9.59
N LYS D 454 11.43 -25.23 8.26
CA LYS D 454 11.82 -26.41 7.48
C LYS D 454 13.11 -27.10 7.91
N PRO D 455 14.25 -26.40 8.09
CA PRO D 455 15.46 -27.13 8.47
C PRO D 455 15.39 -27.73 9.87
N PHE D 456 14.77 -27.02 10.82
CA PHE D 456 14.65 -27.54 12.17
C PHE D 456 13.82 -28.82 12.19
N VAL D 457 12.68 -28.79 11.51
CA VAL D 457 11.86 -29.99 11.35
C VAL D 457 12.68 -31.10 10.71
N MET D 458 13.39 -30.78 9.63
CA MET D 458 14.17 -31.78 8.91
C MET D 458 15.16 -32.48 9.85
N LYS D 459 15.97 -31.69 10.56
CA LYS D 459 16.92 -32.30 11.50
C LYS D 459 16.19 -33.14 12.53
N ARG D 460 15.12 -32.59 13.11
CA ARG D 460 14.44 -33.29 14.20
C ARG D 460 13.92 -34.65 13.76
N LEU D 461 13.16 -34.70 12.66
CA LEU D 461 12.66 -35.99 12.21
C LEU D 461 13.74 -36.84 11.55
N VAL D 462 14.92 -36.29 11.29
CA VAL D 462 16.06 -37.13 10.94
C VAL D 462 16.58 -37.85 12.19
N ASP D 463 16.64 -37.15 13.31
CA ASP D 463 17.10 -37.78 14.55
C ASP D 463 16.18 -38.93 14.94
N LEU D 464 14.87 -38.71 14.85
CA LEU D 464 13.91 -39.80 15.01
C LEU D 464 13.94 -40.69 13.78
N ASN D 465 13.40 -41.91 13.93
CA ASN D 465 13.42 -42.91 12.87
C ASN D 465 12.72 -42.46 11.59
N HIS D 466 11.97 -41.33 11.64
CA HIS D 466 11.08 -40.98 10.54
C HIS D 466 11.81 -40.85 9.21
N ALA D 467 13.01 -40.28 9.22
CA ALA D 467 13.76 -40.03 7.99
C ALA D 467 15.10 -40.75 8.02
N GLN D 468 15.47 -41.33 6.87
CA GLN D 468 16.74 -42.05 6.78
C GLN D 468 17.93 -41.09 6.70
N ASN D 469 17.82 -40.06 5.85
CA ASN D 469 18.86 -39.06 5.71
C ASN D 469 18.20 -37.68 5.66
N ILE D 470 19.04 -36.65 5.54
CA ILE D 470 18.52 -35.29 5.55
C ILE D 470 17.77 -34.97 4.25
N LYS D 471 18.16 -35.62 3.15
CA LYS D 471 17.46 -35.37 1.89
C LYS D 471 16.09 -36.03 1.88
N SER D 472 15.97 -37.21 2.49
CA SER D 472 14.67 -37.82 2.72
C SER D 472 13.83 -36.95 3.63
N ALA D 473 14.46 -36.24 4.56
CA ALA D 473 13.75 -35.27 5.38
C ALA D 473 13.23 -34.11 4.53
N LYS D 474 14.06 -33.61 3.62
CA LYS D 474 13.63 -32.51 2.75
C LYS D 474 12.42 -32.92 1.91
N ARG D 475 12.55 -34.03 1.16
CA ARG D 475 11.43 -34.50 0.36
C ARG D 475 10.23 -34.85 1.23
N MET D 476 10.47 -35.30 2.47
CA MET D 476 9.37 -35.63 3.36
C MET D 476 8.61 -34.40 3.82
N VAL D 477 9.31 -33.28 3.99
CA VAL D 477 8.65 -32.04 4.39
C VAL D 477 7.94 -31.40 3.20
N GLU D 478 8.55 -31.47 2.02
CA GLU D 478 7.93 -30.88 0.83
C GLU D 478 6.61 -31.56 0.47
N ARG D 479 6.43 -32.83 0.84
CA ARG D 479 5.19 -33.55 0.59
C ARG D 479 4.18 -33.43 1.73
N GLN D 480 4.58 -32.86 2.86
CA GLN D 480 3.72 -32.72 4.04
C GLN D 480 3.24 -34.08 4.54
N ARG D 481 4.18 -35.01 4.68
CA ARG D 481 3.84 -36.31 5.24
C ARG D 481 3.28 -36.13 6.66
N PRO D 482 2.34 -36.98 7.08
CA PRO D 482 1.69 -36.77 8.38
C PRO D 482 2.64 -36.78 9.55
N GLN D 483 3.84 -37.36 9.42
CA GLN D 483 4.76 -37.43 10.55
C GLN D 483 5.28 -36.07 10.98
N VAL D 484 5.25 -35.07 10.09
CA VAL D 484 5.94 -33.81 10.38
C VAL D 484 5.22 -33.01 11.46
N TRP D 485 3.88 -33.08 11.50
CA TRP D 485 3.12 -32.12 12.28
C TRP D 485 3.49 -32.17 13.76
N ASP D 486 3.43 -33.36 14.35
CA ASP D 486 3.89 -33.51 15.74
C ASP D 486 5.27 -32.90 15.91
N VAL D 487 6.21 -33.27 15.05
CA VAL D 487 7.56 -32.74 15.12
C VAL D 487 7.54 -31.22 15.09
N LEU D 488 6.72 -30.65 14.19
CA LEU D 488 6.62 -29.20 14.13
C LEU D 488 6.25 -28.63 15.49
N GLU D 489 5.22 -29.20 16.13
CA GLU D 489 4.80 -28.73 17.44
C GLU D 489 5.96 -28.70 18.42
N GLU D 490 6.88 -29.66 18.29
CA GLU D 490 8.01 -29.72 19.20
C GLU D 490 9.06 -28.66 18.88
N VAL D 491 9.33 -28.41 17.59
CA VAL D 491 10.42 -27.49 17.25
C VAL D 491 10.01 -26.03 17.42
N ILE D 492 8.70 -25.75 17.45
CA ILE D 492 8.21 -24.39 17.56
C ILE D 492 8.17 -23.91 19.00
N ALA D 493 8.21 -24.84 19.97
CA ALA D 493 7.99 -24.48 21.37
C ALA D 493 9.05 -23.49 21.85
N GLU D 494 8.58 -22.38 22.41
CA GLU D 494 9.43 -21.36 23.01
C GLU D 494 10.48 -20.83 22.02
N HIS D 495 10.18 -20.92 20.73
CA HIS D 495 11.02 -20.30 19.71
C HIS D 495 10.28 -19.09 19.17
N PRO D 496 10.68 -17.87 19.54
CA PRO D 496 9.85 -16.71 19.22
C PRO D 496 9.94 -16.34 17.75
N VAL D 497 8.94 -15.57 17.31
CA VAL D 497 8.91 -15.03 15.96
C VAL D 497 8.68 -13.53 16.04
N LEU D 498 9.02 -12.85 14.97
CA LEU D 498 8.81 -11.41 14.84
C LEU D 498 7.65 -11.16 13.89
N LEU D 499 6.74 -10.29 14.30
CA LEU D 499 5.61 -9.86 13.49
C LEU D 499 5.75 -8.38 13.20
N ASN D 500 5.45 -8.00 11.97
CA ASN D 500 5.62 -6.63 11.51
C ASN D 500 4.48 -6.24 10.59
N ARG D 501 3.91 -5.06 10.81
CA ARG D 501 2.93 -4.48 9.90
C ARG D 501 3.45 -3.14 9.40
N ALA D 502 3.39 -2.95 8.08
CA ALA D 502 3.83 -1.71 7.46
C ALA D 502 2.68 -0.70 7.39
N PRO D 503 2.99 0.60 7.51
CA PRO D 503 4.32 1.15 7.75
C PRO D 503 4.76 0.98 9.20
N THR D 504 6.07 0.91 9.44
CA THR D 504 6.58 0.86 10.79
C THR D 504 6.86 2.29 11.20
N LEU D 505 5.97 2.86 12.01
CA LEU D 505 6.12 4.23 12.47
C LEU D 505 6.98 4.34 13.71
N HIS D 506 7.02 3.29 14.53
CA HIS D 506 7.88 3.25 15.71
C HIS D 506 8.23 1.79 15.97
N ARG D 507 9.05 1.57 17.00
CA ARG D 507 9.59 0.22 17.18
C ARG D 507 8.54 -0.80 17.55
N LEU D 508 7.41 -0.38 18.12
CA LEU D 508 6.33 -1.32 18.38
C LEU D 508 5.64 -1.79 17.11
N GLY D 509 6.01 -1.26 15.94
CA GLY D 509 5.61 -1.84 14.68
C GLY D 509 6.26 -3.17 14.37
N ILE D 510 7.14 -3.65 15.25
CA ILE D 510 7.69 -5.00 15.19
C ILE D 510 7.67 -5.55 16.60
N GLN D 511 7.01 -6.68 16.81
CA GLN D 511 6.98 -7.27 18.15
C GLN D 511 7.21 -8.77 18.06
N ALA D 512 7.70 -9.34 19.15
CA ALA D 512 8.01 -10.75 19.23
C ALA D 512 6.90 -11.50 19.95
N PHE D 513 6.52 -12.65 19.40
CA PHE D 513 5.47 -13.47 19.97
C PHE D 513 5.92 -14.93 20.01
N GLU D 514 5.32 -15.69 20.91
CA GLU D 514 5.46 -17.13 20.82
C GLU D 514 4.41 -17.67 19.85
N PRO D 515 4.81 -18.43 18.84
CA PRO D 515 3.85 -18.91 17.84
C PRO D 515 3.04 -20.09 18.35
N MET D 516 1.79 -20.12 17.93
CA MET D 516 0.87 -21.22 18.20
C MET D 516 0.37 -21.76 16.87
N LEU D 517 0.54 -23.06 16.66
CA LEU D 517 -0.02 -23.68 15.46
C LEU D 517 -1.53 -23.48 15.44
N VAL D 518 -2.03 -22.93 14.35
CA VAL D 518 -3.44 -22.56 14.25
C VAL D 518 -3.98 -23.06 12.92
N GLU D 519 -5.26 -23.41 12.93
CA GLU D 519 -5.92 -23.83 11.71
C GLU D 519 -6.10 -22.64 10.76
N GLY D 520 -6.10 -22.93 9.47
CA GLY D 520 -6.35 -21.89 8.49
C GLY D 520 -5.07 -21.24 7.99
N LYS D 521 -5.26 -20.34 7.03
CA LYS D 521 -4.17 -19.67 6.35
C LYS D 521 -3.89 -18.25 6.85
N ALA D 522 -4.58 -17.78 7.89
CA ALA D 522 -4.44 -16.41 8.34
C ALA D 522 -3.62 -16.32 9.62
N ILE D 523 -2.90 -15.20 9.76
CA ILE D 523 -2.16 -14.92 10.99
C ILE D 523 -3.12 -14.35 12.02
N GLN D 524 -3.07 -14.87 13.24
CA GLN D 524 -3.95 -14.42 14.31
C GLN D 524 -3.20 -13.47 15.22
N LEU D 525 -3.68 -12.23 15.31
CA LEU D 525 -3.06 -11.18 16.09
C LEU D 525 -3.82 -10.97 17.40
N HIS D 526 -3.07 -10.78 18.48
CA HIS D 526 -3.69 -10.51 19.76
C HIS D 526 -4.41 -9.17 19.73
N PRO D 527 -5.61 -9.07 20.31
CA PRO D 527 -6.39 -7.83 20.19
C PRO D 527 -5.72 -6.60 20.79
N LEU D 528 -4.86 -6.77 21.79
CA LEU D 528 -4.34 -5.61 22.50
C LEU D 528 -3.21 -4.91 21.75
N VAL D 529 -2.50 -5.60 20.85
CA VAL D 529 -1.40 -4.98 20.12
C VAL D 529 -1.85 -4.24 18.88
N CYS D 530 -3.14 -4.27 18.55
CA CYS D 530 -3.62 -3.59 17.35
C CYS D 530 -3.40 -2.10 17.40
N GLU D 531 -3.29 -1.52 18.60
CA GLU D 531 -2.94 -0.11 18.70
C GLU D 531 -1.52 0.13 18.22
N ALA D 532 -0.58 -0.73 18.62
CA ALA D 532 0.82 -0.52 18.27
C ALA D 532 1.06 -0.72 16.79
N PHE D 533 0.47 -1.76 16.20
CA PHE D 533 0.63 -2.00 14.78
C PHE D 533 -0.31 -1.17 13.92
N ASN D 534 -1.35 -0.59 14.52
CA ASN D 534 -2.40 0.11 13.77
C ASN D 534 -3.12 -0.84 12.82
N ALA D 535 -3.35 -2.07 13.29
CA ALA D 535 -3.95 -3.12 12.47
C ALA D 535 -5.46 -2.94 12.41
N ASP D 536 -6.00 -2.73 11.21
CA ASP D 536 -7.42 -2.45 11.06
C ASP D 536 -8.28 -3.68 10.83
N PHE D 537 -7.69 -4.84 10.51
CA PHE D 537 -8.41 -6.09 10.23
C PHE D 537 -9.42 -5.96 9.10
N ASP D 538 -9.21 -4.99 8.20
CA ASP D 538 -9.98 -4.84 6.97
C ASP D 538 -9.31 -5.53 5.80
N GLY D 539 -8.33 -6.41 6.04
CA GLY D 539 -7.47 -6.91 5.00
C GLY D 539 -6.01 -6.55 5.15
N ASP D 540 -5.66 -5.94 6.28
CA ASP D 540 -4.27 -5.79 6.64
C ASP D 540 -3.54 -7.12 6.57
N GLN D 541 -2.29 -7.08 6.15
CA GLN D 541 -1.42 -8.25 6.18
C GLN D 541 -0.19 -7.92 7.01
N MET D 542 0.41 -8.94 7.58
CA MET D 542 1.63 -8.77 8.34
C MET D 542 2.66 -9.81 7.92
N ALA D 543 3.90 -9.53 8.30
CA ALA D 543 5.06 -10.33 7.94
C ALA D 543 5.65 -10.98 9.18
N VAL D 544 6.24 -12.15 8.96
CA VAL D 544 6.79 -13.00 10.00
C VAL D 544 8.26 -13.24 9.70
N HIS D 545 9.10 -13.08 10.71
CA HIS D 545 10.53 -13.32 10.61
C HIS D 545 10.95 -14.25 11.73
N LEU D 546 11.88 -15.15 11.42
CA LEU D 546 12.28 -16.18 12.37
C LEU D 546 13.70 -15.94 12.88
N PRO D 547 13.90 -15.60 14.14
CA PRO D 547 15.26 -15.47 14.66
C PRO D 547 15.97 -16.81 14.70
N LEU D 548 17.26 -16.79 14.36
CA LEU D 548 18.06 -18.01 14.21
C LEU D 548 19.06 -18.17 15.34
N SER D 549 20.06 -17.29 15.42
CA SER D 549 21.13 -17.47 16.39
C SER D 549 20.62 -17.28 17.81
N ALA D 550 21.40 -17.80 18.77
CA ALA D 550 21.05 -17.66 20.17
C ALA D 550 20.83 -16.20 20.55
N GLU D 551 21.65 -15.30 19.99
CA GLU D 551 21.52 -13.88 20.33
C GLU D 551 20.22 -13.30 19.77
N ALA D 552 19.83 -13.70 18.56
CA ALA D 552 18.60 -13.18 17.98
C ALA D 552 17.38 -13.67 18.75
N GLN D 553 17.34 -14.97 19.07
CA GLN D 553 16.25 -15.50 19.88
C GLN D 553 16.19 -14.82 21.24
N ALA D 554 17.34 -14.63 21.88
CA ALA D 554 17.38 -13.95 23.17
C ALA D 554 16.85 -12.52 23.05
N GLU D 555 17.24 -11.81 21.99
CA GLU D 555 16.75 -10.45 21.80
C GLU D 555 15.24 -10.44 21.63
N ALA D 556 14.69 -11.43 20.92
CA ALA D 556 13.25 -11.48 20.75
C ALA D 556 12.53 -11.78 22.06
N ARG D 557 13.05 -12.73 22.84
CA ARG D 557 12.42 -13.08 24.10
C ARG D 557 12.47 -11.92 25.09
N ILE D 558 13.59 -11.19 25.12
CA ILE D 558 13.83 -10.19 26.16
C ILE D 558 13.45 -8.81 25.67
N LEU D 559 14.11 -8.34 24.61
CA LEU D 559 13.90 -6.97 24.17
C LEU D 559 12.53 -6.78 23.55
N MET D 560 12.19 -7.61 22.56
CA MET D 560 11.05 -7.35 21.69
C MET D 560 9.78 -8.09 22.07
N LEU D 561 9.79 -8.90 23.12
CA LEU D 561 8.60 -9.67 23.48
C LEU D 561 7.41 -8.75 23.67
N SER D 562 6.25 -9.22 23.18
CA SER D 562 5.05 -8.38 23.16
C SER D 562 4.67 -7.90 24.56
N SER D 563 4.74 -8.79 25.54
CA SER D 563 4.31 -8.46 26.89
C SER D 563 5.38 -7.75 27.71
N ASN D 564 6.59 -7.58 27.15
CA ASN D 564 7.59 -6.74 27.78
C ASN D 564 7.55 -5.30 27.31
N ASN D 565 6.86 -4.99 26.22
CA ASN D 565 6.55 -3.59 25.90
C ASN D 565 5.04 -3.45 25.96
N ILE D 566 4.53 -3.06 27.12
CA ILE D 566 3.14 -2.62 27.22
C ILE D 566 3.02 -1.11 27.05
N LEU D 567 4.02 -0.36 27.49
CA LEU D 567 3.94 1.10 27.55
C LEU D 567 4.39 1.75 26.26
N SER D 568 3.74 2.84 25.92
CA SER D 568 4.18 3.70 24.83
C SER D 568 5.56 4.24 25.13
N PRO D 569 6.56 4.00 24.27
CA PRO D 569 7.88 4.59 24.50
C PRO D 569 7.92 6.10 24.34
N ALA D 570 6.90 6.68 23.70
CA ALA D 570 6.85 8.13 23.52
C ALA D 570 6.39 8.81 24.82
N SER D 571 5.14 8.60 25.20
CA SER D 571 4.53 9.29 26.33
C SER D 571 4.57 8.48 27.62
N GLY D 572 5.06 7.25 27.59
CA GLY D 572 5.03 6.39 28.76
C GLY D 572 3.67 5.85 29.13
N ARG D 573 2.61 6.30 28.46
CA ARG D 573 1.27 5.83 28.77
C ARG D 573 1.12 4.36 28.37
N PRO D 574 0.13 3.66 28.92
CA PRO D 574 -0.11 2.28 28.49
C PRO D 574 -0.63 2.23 27.06
N LEU D 575 -0.10 1.28 26.31
CA LEU D 575 -0.45 1.08 24.91
C LEU D 575 -1.29 -0.16 24.70
N ALA D 576 -0.83 -1.32 25.16
CA ALA D 576 -1.66 -2.51 25.03
C ALA D 576 -2.64 -2.45 26.18
N MET D 577 -3.85 -2.01 25.88
CA MET D 577 -4.83 -1.52 26.82
C MET D 577 -6.18 -1.83 26.22
N PRO D 578 -7.20 -2.09 27.04
CA PRO D 578 -8.54 -2.27 26.48
C PRO D 578 -8.98 -1.07 25.64
N ARG D 579 -9.66 -1.36 24.54
CA ARG D 579 -10.26 -0.34 23.71
C ARG D 579 -11.38 -0.98 22.90
N LEU D 580 -12.26 -0.15 22.38
CA LEU D 580 -13.39 -0.58 21.56
C LEU D 580 -14.22 -1.58 22.38
N ASP D 581 -14.52 -2.77 21.85
CA ASP D 581 -15.42 -3.71 22.52
C ASP D 581 -15.05 -3.88 23.98
N MET D 582 -13.77 -4.17 24.25
CA MET D 582 -13.33 -4.40 25.62
C MET D 582 -13.77 -3.29 26.54
N VAL D 583 -13.47 -2.04 26.17
CA VAL D 583 -13.89 -0.90 27.00
C VAL D 583 -15.40 -0.97 27.25
N THR D 584 -16.18 -1.08 26.18
CA THR D 584 -17.64 -1.18 26.34
C THR D 584 -17.99 -2.29 27.32
N GLY D 585 -17.39 -3.46 27.13
CA GLY D 585 -17.69 -4.57 28.02
C GLY D 585 -17.45 -4.24 29.47
N LEU D 586 -16.33 -3.58 29.75
CA LEU D 586 -16.06 -3.19 31.13
C LEU D 586 -16.98 -2.06 31.56
N TYR D 587 -17.24 -1.10 30.68
CA TYR D 587 -18.08 0.03 31.04
C TYR D 587 -19.45 -0.44 31.50
N TYR D 588 -20.16 -1.15 30.61
CA TYR D 588 -21.43 -1.76 30.95
C TYR D 588 -21.32 -2.55 32.25
N LEU D 589 -20.21 -3.26 32.44
CA LEU D 589 -20.10 -4.12 33.62
C LEU D 589 -20.13 -3.29 34.91
N THR D 590 -19.46 -2.15 34.91
CA THR D 590 -19.25 -1.38 36.13
C THR D 590 -20.21 -0.22 36.29
N THR D 591 -21.16 -0.05 35.38
CA THR D 591 -22.17 0.99 35.53
C THR D 591 -23.13 0.62 36.66
N GLU D 592 -23.47 1.62 37.49
CA GLU D 592 -24.45 1.46 38.54
C GLU D 592 -25.79 1.98 38.03
N VAL D 593 -26.82 1.15 38.09
CA VAL D 593 -28.13 1.50 37.55
C VAL D 593 -29.07 1.71 38.72
N PRO D 594 -29.52 2.94 38.97
CA PRO D 594 -30.53 3.16 40.02
C PRO D 594 -31.83 2.44 39.70
N GLY D 595 -32.32 1.68 40.66
CA GLY D 595 -33.59 1.00 40.50
C GLY D 595 -33.54 -0.30 39.72
N ASP D 596 -32.37 -0.90 39.58
CA ASP D 596 -32.25 -2.15 38.84
C ASP D 596 -32.77 -3.31 39.69
N THR D 597 -32.70 -4.52 39.13
CA THR D 597 -33.29 -5.69 39.76
C THR D 597 -32.41 -6.20 40.89
N GLY D 598 -33.03 -6.51 42.03
CA GLY D 598 -32.29 -6.97 43.19
C GLY D 598 -31.62 -5.88 44.00
N GLU D 599 -31.93 -4.63 43.71
CA GLU D 599 -31.27 -3.51 44.37
C GLU D 599 -31.44 -3.59 45.87
N TYR D 600 -30.41 -3.14 46.59
CA TYR D 600 -30.45 -3.13 48.05
C TYR D 600 -31.58 -2.22 48.54
N GLN D 601 -32.30 -2.68 49.55
CA GLN D 601 -33.35 -1.86 50.13
C GLN D 601 -33.15 -1.76 51.64
N PRO D 602 -33.39 -0.58 52.22
CA PRO D 602 -33.27 -0.43 53.66
C PRO D 602 -34.48 -1.00 54.38
N ALA D 603 -34.26 -1.41 55.63
CA ALA D 603 -35.33 -1.97 56.43
C ALA D 603 -36.32 -0.89 56.83
N SER D 604 -37.59 -1.27 56.89
CA SER D 604 -38.66 -0.38 57.34
C SER D 604 -39.45 -1.05 58.45
N GLY D 605 -40.55 -0.44 58.87
CA GLY D 605 -41.41 -1.08 59.84
C GLY D 605 -42.00 -2.37 59.28
N ASP D 606 -41.75 -3.49 59.96
CA ASP D 606 -42.22 -4.82 59.58
C ASP D 606 -41.55 -5.33 58.31
N HIS D 607 -40.73 -4.51 57.65
CA HIS D 607 -40.04 -4.89 56.42
C HIS D 607 -38.55 -5.00 56.69
N PRO D 608 -37.93 -6.17 56.49
CA PRO D 608 -36.51 -6.32 56.77
C PRO D 608 -35.65 -5.75 55.65
N GLU D 609 -34.34 -5.78 55.88
CA GLU D 609 -33.37 -5.21 54.95
C GLU D 609 -32.97 -6.24 53.91
N THR D 610 -33.11 -5.89 52.65
CA THR D 610 -32.93 -6.82 51.54
C THR D 610 -31.80 -6.35 50.62
N GLY D 611 -31.25 -7.30 49.88
CA GLY D 611 -30.18 -7.00 48.96
C GLY D 611 -28.80 -7.00 49.55
N VAL D 612 -28.57 -7.77 50.60
CA VAL D 612 -27.25 -7.94 51.19
C VAL D 612 -26.87 -9.41 51.08
N TYR D 613 -25.60 -9.67 50.79
CA TYR D 613 -25.15 -11.02 50.48
C TYR D 613 -23.94 -11.39 51.32
N SER D 614 -23.87 -12.66 51.68
CA SER D 614 -22.83 -13.17 52.56
C SER D 614 -21.49 -13.34 51.86
N SER D 615 -21.47 -13.21 50.54
CA SER D 615 -20.30 -13.48 49.72
C SER D 615 -20.62 -13.16 48.27
N PRO D 616 -19.63 -12.79 47.46
CA PRO D 616 -19.93 -12.59 46.03
C PRO D 616 -20.39 -13.86 45.34
N ALA D 617 -20.02 -15.03 45.86
CA ALA D 617 -20.56 -16.28 45.33
C ALA D 617 -22.08 -16.31 45.43
N GLU D 618 -22.62 -15.93 46.59
CA GLU D 618 -24.06 -15.91 46.77
C GLU D 618 -24.71 -14.90 45.83
N ALA D 619 -24.08 -13.74 45.63
CA ALA D 619 -24.62 -12.77 44.69
C ALA D 619 -24.62 -13.32 43.27
N ILE D 620 -23.62 -14.14 42.92
CA ILE D 620 -23.61 -14.77 41.61
C ILE D 620 -24.76 -15.77 41.49
N MET D 621 -24.98 -16.57 42.55
CA MET D 621 -26.10 -17.50 42.55
C MET D 621 -27.42 -16.76 42.38
N ALA D 622 -27.58 -15.62 43.03
CA ALA D 622 -28.77 -14.80 42.84
C ALA D 622 -28.84 -14.26 41.43
N ALA D 623 -27.68 -14.00 40.79
CA ALA D 623 -27.67 -13.45 39.44
C ALA D 623 -27.98 -14.50 38.38
N ASP D 624 -27.69 -15.77 38.66
CA ASP D 624 -28.06 -16.83 37.72
C ASP D 624 -29.57 -16.95 37.59
N ARG D 625 -30.29 -16.80 38.70
CA ARG D 625 -31.72 -16.57 38.64
C ARG D 625 -31.98 -15.15 38.14
N GLY D 626 -33.25 -14.78 38.02
CA GLY D 626 -33.57 -13.45 37.58
C GLY D 626 -33.65 -12.47 38.73
N VAL D 627 -33.03 -12.80 39.85
CA VAL D 627 -33.23 -12.05 41.08
C VAL D 627 -32.38 -10.78 41.12
N LEU D 628 -31.12 -10.88 40.73
CA LEU D 628 -30.18 -9.78 40.90
C LEU D 628 -29.58 -9.36 39.56
N SER D 629 -29.44 -8.06 39.38
CA SER D 629 -28.76 -7.49 38.22
C SER D 629 -27.31 -7.20 38.57
N VAL D 630 -26.42 -7.46 37.60
CA VAL D 630 -25.00 -7.23 37.79
C VAL D 630 -24.71 -5.75 38.02
N ARG D 631 -25.59 -4.87 37.53
CA ARG D 631 -25.43 -3.43 37.63
C ARG D 631 -26.22 -2.82 38.79
N ALA D 632 -26.84 -3.63 39.64
CA ALA D 632 -27.64 -3.12 40.73
C ALA D 632 -26.80 -2.92 41.99
N LYS D 633 -27.09 -1.84 42.71
CA LYS D 633 -26.37 -1.55 43.95
C LYS D 633 -26.78 -2.52 45.05
N ILE D 634 -25.79 -3.12 45.69
CA ILE D 634 -26.00 -4.07 46.77
C ILE D 634 -24.95 -3.83 47.85
N LYS D 635 -24.99 -4.67 48.88
CA LYS D 635 -23.98 -4.70 49.93
C LYS D 635 -23.46 -6.13 50.00
N VAL D 636 -22.16 -6.31 49.82
CA VAL D 636 -21.56 -7.64 49.83
C VAL D 636 -20.49 -7.67 50.92
N ARG D 637 -20.29 -8.85 51.48
CA ARG D 637 -19.22 -9.10 52.42
C ARG D 637 -18.05 -9.70 51.65
N LEU D 638 -16.97 -8.92 51.54
CA LEU D 638 -15.79 -9.31 50.79
C LEU D 638 -14.69 -9.67 51.77
N THR D 639 -14.21 -10.92 51.70
CA THR D 639 -12.99 -11.29 52.40
C THR D 639 -11.74 -11.30 51.51
N GLN D 640 -11.90 -11.33 50.18
CA GLN D 640 -10.79 -11.55 49.27
C GLN D 640 -10.29 -10.29 48.57
N LEU D 641 -10.85 -9.12 48.85
CA LEU D 641 -10.44 -7.89 48.18
C LEU D 641 -10.05 -6.84 49.19
N ARG D 642 -9.03 -6.05 48.86
CA ARG D 642 -8.63 -4.98 49.75
C ARG D 642 -9.58 -3.80 49.63
N PRO D 643 -10.00 -3.22 50.76
CA PRO D 643 -10.89 -2.07 50.72
C PRO D 643 -10.15 -0.83 50.24
N PRO D 644 -10.86 0.25 49.91
CA PRO D 644 -10.17 1.50 49.58
C PRO D 644 -9.36 2.00 50.76
N VAL D 645 -8.61 3.09 50.58
CA VAL D 645 -7.63 3.47 51.59
C VAL D 645 -8.32 3.96 52.86
N GLU D 646 -9.39 4.74 52.71
CA GLU D 646 -10.11 5.26 53.87
C GLU D 646 -10.72 4.11 54.67
N ILE D 647 -11.45 3.21 54.00
CA ILE D 647 -12.12 2.12 54.68
C ILE D 647 -11.10 1.18 55.32
N GLU D 648 -9.98 0.94 54.66
CA GLU D 648 -8.97 0.08 55.25
C GLU D 648 -8.36 0.72 56.49
N ALA D 649 -8.14 2.04 56.46
CA ALA D 649 -7.64 2.72 57.64
C ALA D 649 -8.63 2.63 58.80
N GLU D 650 -9.87 3.08 58.57
CA GLU D 650 -10.82 3.23 59.67
C GLU D 650 -11.33 1.88 60.19
N LEU D 651 -11.43 0.89 59.31
CA LEU D 651 -12.01 -0.40 59.68
C LEU D 651 -10.97 -1.45 60.04
N PHE D 652 -9.68 -1.15 59.95
CA PHE D 652 -8.67 -2.16 60.22
C PHE D 652 -7.51 -1.56 60.98
N GLY D 653 -6.82 -2.43 61.72
CA GLY D 653 -5.79 -2.02 62.65
C GLY D 653 -4.42 -1.90 62.01
N HIS D 654 -3.39 -2.21 62.81
CA HIS D 654 -2.02 -2.04 62.36
C HIS D 654 -1.73 -2.88 61.13
N SER D 655 -2.24 -4.12 61.09
CA SER D 655 -1.96 -5.00 59.95
C SER D 655 -2.57 -4.49 58.66
N GLY D 656 -3.58 -3.63 58.73
CA GLY D 656 -4.32 -3.30 57.55
C GLY D 656 -5.13 -4.51 57.12
N TRP D 657 -5.63 -4.44 55.89
CA TRP D 657 -6.41 -5.53 55.36
C TRP D 657 -5.52 -6.74 55.07
N GLN D 658 -6.08 -7.92 55.28
CA GLN D 658 -5.42 -9.18 54.98
C GLN D 658 -6.38 -10.11 54.26
N PRO D 659 -5.87 -11.04 53.46
CA PRO D 659 -6.76 -11.97 52.77
C PRO D 659 -7.58 -12.80 53.75
N GLY D 660 -8.89 -12.80 53.56
CA GLY D 660 -9.80 -13.44 54.47
C GLY D 660 -10.51 -12.50 55.43
N ASP D 661 -9.95 -11.32 55.68
CA ASP D 661 -10.57 -10.36 56.58
C ASP D 661 -11.83 -9.80 55.95
N ALA D 662 -12.95 -9.97 56.64
CA ALA D 662 -14.24 -9.60 56.07
C ALA D 662 -14.52 -8.11 56.24
N TRP D 663 -15.04 -7.50 55.18
CA TRP D 663 -15.52 -6.13 55.26
C TRP D 663 -16.74 -5.99 54.38
N MET D 664 -17.57 -5.00 54.71
CA MET D 664 -18.84 -4.79 54.03
C MET D 664 -18.70 -3.66 53.02
N ALA D 665 -19.11 -3.93 51.78
CA ALA D 665 -18.98 -2.98 50.69
C ALA D 665 -20.35 -2.68 50.10
N GLU D 666 -20.59 -1.41 49.79
CA GLU D 666 -21.76 -1.00 49.04
C GLU D 666 -21.32 -0.73 47.61
N THR D 667 -21.72 -1.61 46.70
CA THR D 667 -21.26 -1.56 45.32
C THR D 667 -22.13 -2.51 44.50
N THR D 668 -21.91 -2.52 43.19
CA THR D 668 -22.54 -3.51 42.33
C THR D 668 -21.75 -4.81 42.32
N LEU D 669 -22.44 -5.90 42.00
CA LEU D 669 -21.74 -7.17 41.74
C LEU D 669 -20.79 -7.04 40.57
N GLY D 670 -21.15 -6.23 39.57
CA GLY D 670 -20.27 -6.04 38.43
C GLY D 670 -18.93 -5.45 38.81
N ARG D 671 -18.93 -4.47 39.72
CA ARG D 671 -17.68 -3.88 40.15
C ARG D 671 -16.88 -4.85 41.00
N VAL D 672 -17.55 -5.73 41.75
CA VAL D 672 -16.84 -6.77 42.48
C VAL D 672 -16.13 -7.70 41.50
N MET D 673 -16.85 -8.15 40.47
CA MET D 673 -16.23 -9.01 39.46
C MET D 673 -15.09 -8.30 38.76
N PHE D 674 -15.25 -7.00 38.49
CA PHE D 674 -14.18 -6.24 37.86
C PHE D 674 -12.93 -6.23 38.72
N ASN D 675 -13.08 -5.94 40.02
CA ASN D 675 -11.92 -5.91 40.90
C ASN D 675 -11.29 -7.28 41.10
N GLU D 676 -11.98 -8.37 40.75
CA GLU D 676 -11.35 -9.68 40.78
C GLU D 676 -10.33 -9.85 39.66
N LEU D 677 -10.43 -9.06 38.60
CA LEU D 677 -9.43 -9.10 37.53
C LEU D 677 -8.14 -8.45 37.96
N LEU D 678 -8.21 -7.46 38.84
CA LEU D 678 -7.05 -6.74 39.31
C LEU D 678 -6.22 -7.65 40.22
N PRO D 679 -4.97 -7.28 40.49
CA PRO D 679 -4.14 -8.13 41.36
C PRO D 679 -4.66 -8.21 42.78
N LEU D 680 -4.30 -9.30 43.44
CA LEU D 680 -4.64 -9.48 44.84
C LEU D 680 -3.94 -8.43 45.68
N GLY D 681 -4.71 -7.75 46.53
CA GLY D 681 -4.18 -6.68 47.35
C GLY D 681 -4.34 -5.30 46.77
N TYR D 682 -4.78 -5.19 45.53
CA TYR D 682 -5.03 -3.87 44.97
C TYR D 682 -6.29 -3.28 45.60
N PRO D 683 -6.28 -2.03 46.02
CA PRO D 683 -7.45 -1.46 46.68
C PRO D 683 -8.66 -1.44 45.75
N PHE D 684 -9.81 -1.82 46.32
CA PHE D 684 -11.06 -1.86 45.58
C PHE D 684 -11.35 -0.49 44.95
N VAL D 685 -11.69 -0.49 43.67
CA VAL D 685 -12.12 0.72 42.98
C VAL D 685 -13.61 0.58 42.74
N ASN D 686 -14.40 1.42 43.38
CA ASN D 686 -15.85 1.45 43.16
C ASN D 686 -16.09 2.66 42.25
N LYS D 687 -16.15 2.40 40.96
CA LYS D 687 -16.28 3.45 39.96
C LYS D 687 -16.86 2.87 38.68
N GLN D 688 -17.62 3.68 37.96
CA GLN D 688 -17.96 3.34 36.58
C GLN D 688 -16.70 3.46 35.74
N MET D 689 -16.38 2.42 34.97
CA MET D 689 -15.09 2.38 34.31
C MET D 689 -15.23 3.03 32.95
N HIS D 690 -14.77 4.28 32.87
CA HIS D 690 -14.49 4.98 31.64
C HIS D 690 -13.12 4.54 31.14
N LYS D 691 -12.87 4.75 29.84
CA LYS D 691 -11.55 4.42 29.30
C LYS D 691 -10.44 5.08 30.10
N LYS D 692 -10.65 6.33 30.52
CA LYS D 692 -9.61 7.04 31.25
C LYS D 692 -9.38 6.46 32.64
N VAL D 693 -10.43 5.94 33.28
CA VAL D 693 -10.26 5.29 34.58
C VAL D 693 -9.47 3.99 34.41
N GLN D 694 -9.78 3.22 33.37
CA GLN D 694 -9.01 2.01 33.09
C GLN D 694 -7.55 2.34 32.80
N ALA D 695 -7.32 3.41 32.02
CA ALA D 695 -5.95 3.83 31.73
C ALA D 695 -5.23 4.22 33.01
N ALA D 696 -5.90 4.95 33.90
CA ALA D 696 -5.29 5.34 35.16
C ALA D 696 -4.91 4.10 35.98
N ILE D 697 -5.82 3.14 36.06
CA ILE D 697 -5.52 1.93 36.83
C ILE D 697 -4.34 1.19 36.23
N ILE D 698 -4.31 1.05 34.90
CA ILE D 698 -3.24 0.29 34.28
C ILE D 698 -1.90 1.00 34.41
N ASN D 699 -1.90 2.33 34.29
CA ASN D 699 -0.66 3.07 34.50
C ASN D 699 -0.15 2.88 35.92
N ASP D 700 -1.05 2.99 36.90
CA ASP D 700 -0.65 2.74 38.29
C ASP D 700 -0.08 1.34 38.45
N LEU D 701 -0.72 0.34 37.84
CA LEU D 701 -0.23 -1.02 37.90
C LEU D 701 1.18 -1.11 37.34
N ALA D 702 1.41 -0.51 36.16
CA ALA D 702 2.72 -0.56 35.54
C ALA D 702 3.78 0.09 36.43
N GLU D 703 3.42 1.19 37.10
CA GLU D 703 4.37 1.85 37.98
C GLU D 703 4.71 0.98 39.18
N ARG D 704 3.70 0.54 39.93
CA ARG D 704 3.96 -0.08 41.22
C ARG D 704 4.07 -1.61 41.19
N TYR D 705 3.72 -2.26 40.09
CA TYR D 705 3.69 -3.71 40.02
C TYR D 705 4.66 -4.24 38.97
N PRO D 706 5.09 -5.50 39.09
CA PRO D 706 5.94 -6.09 38.05
C PRO D 706 5.21 -6.14 36.71
N MET D 707 6.00 -6.04 35.64
CA MET D 707 5.41 -5.95 34.30
C MET D 707 4.65 -7.22 33.91
N ILE D 708 5.08 -8.38 34.42
CA ILE D 708 4.36 -9.61 34.13
C ILE D 708 2.94 -9.56 34.67
N VAL D 709 2.79 -9.06 35.90
CA VAL D 709 1.46 -8.90 36.50
C VAL D 709 0.61 -7.96 35.67
N VAL D 710 1.24 -6.92 35.10
CA VAL D 710 0.51 -6.03 34.19
C VAL D 710 0.02 -6.80 32.98
N ALA D 711 0.89 -7.65 32.41
CA ALA D 711 0.51 -8.41 31.22
C ALA D 711 -0.69 -9.30 31.50
N GLN D 712 -0.57 -10.17 32.50
CA GLN D 712 -1.66 -11.10 32.81
C GLN D 712 -2.93 -10.35 33.20
N THR D 713 -2.78 -9.24 33.93
CA THR D 713 -3.93 -8.43 34.29
C THR D 713 -4.68 -7.95 33.05
N VAL D 714 -3.97 -7.32 32.12
CA VAL D 714 -4.66 -6.77 30.94
C VAL D 714 -5.22 -7.90 30.08
N ASP D 715 -4.64 -9.10 30.14
CA ASP D 715 -5.28 -10.25 29.52
C ASP D 715 -6.66 -10.51 30.13
N LYS D 716 -6.72 -10.55 31.47
CA LYS D 716 -7.99 -10.77 32.14
C LYS D 716 -9.00 -9.68 31.79
N LEU D 717 -8.56 -8.41 31.77
CA LEU D 717 -9.44 -7.32 31.38
C LEU D 717 -9.95 -7.51 29.96
N LYS D 718 -9.10 -8.05 29.08
CA LYS D 718 -9.55 -8.32 27.72
C LYS D 718 -10.67 -9.35 27.70
N ASP D 719 -10.46 -10.49 28.36
CA ASP D 719 -11.47 -11.55 28.34
C ASP D 719 -12.80 -11.06 28.90
N ALA D 720 -12.77 -10.42 30.07
CA ALA D 720 -14.01 -9.92 30.66
C ALA D 720 -14.65 -8.86 29.78
N GLY D 721 -13.84 -7.99 29.18
CA GLY D 721 -14.39 -6.94 28.34
C GLY D 721 -15.10 -7.49 27.12
N PHE D 722 -14.54 -8.54 26.51
CA PHE D 722 -15.21 -9.14 25.35
C PHE D 722 -16.49 -9.86 25.78
N TYR D 723 -16.40 -10.74 26.78
CA TYR D 723 -17.58 -11.44 27.26
C TYR D 723 -18.71 -10.48 27.56
N TRP D 724 -18.41 -9.38 28.25
CA TRP D 724 -19.48 -8.47 28.65
C TRP D 724 -19.88 -7.50 27.55
N ALA D 725 -19.01 -7.26 26.57
CA ALA D 725 -19.45 -6.49 25.42
C ALA D 725 -20.48 -7.26 24.62
N THR D 726 -20.32 -8.58 24.52
CA THR D 726 -21.35 -9.39 23.87
C THR D 726 -22.71 -9.21 24.54
N ARG D 727 -22.73 -9.13 25.87
CA ARG D 727 -23.97 -9.02 26.63
C ARG D 727 -24.34 -7.58 26.97
N SER D 728 -23.60 -6.60 26.46
CA SER D 728 -23.88 -5.20 26.76
C SER D 728 -25.14 -4.68 26.09
N GLY D 729 -25.57 -5.29 24.99
CA GLY D 729 -26.76 -4.82 24.30
C GLY D 729 -26.57 -3.60 23.44
N VAL D 730 -25.33 -3.22 23.14
CA VAL D 730 -25.11 -2.15 22.18
C VAL D 730 -25.38 -2.67 20.78
N THR D 731 -26.18 -1.94 20.02
CA THR D 731 -26.55 -2.29 18.66
C THR D 731 -26.91 -0.99 17.95
N VAL D 732 -27.21 -1.08 16.66
CA VAL D 732 -27.57 0.10 15.89
C VAL D 732 -28.89 -0.18 15.17
N SER D 733 -29.79 0.79 15.24
CA SER D 733 -31.06 0.72 14.53
C SER D 733 -31.45 2.12 14.10
N MET D 734 -32.29 2.21 13.08
CA MET D 734 -32.84 3.50 12.71
C MET D 734 -33.66 4.10 13.85
N ALA D 735 -34.22 3.24 14.71
CA ALA D 735 -34.97 3.73 15.85
C ALA D 735 -34.06 4.36 16.90
N ASP D 736 -32.87 3.79 17.08
CA ASP D 736 -31.90 4.32 18.04
C ASP D 736 -31.30 5.64 17.60
N VAL D 737 -31.44 6.03 16.34
CA VAL D 737 -30.93 7.29 15.86
C VAL D 737 -32.04 8.32 15.99
N LEU D 738 -31.90 9.22 16.95
CA LEU D 738 -32.93 10.17 17.33
C LEU D 738 -32.61 11.53 16.73
N VAL D 739 -33.65 12.29 16.41
CA VAL D 739 -33.47 13.55 15.70
C VAL D 739 -33.80 14.69 16.64
N PRO D 740 -33.20 15.88 16.46
CA PRO D 740 -33.52 17.01 17.32
C PRO D 740 -34.96 17.47 17.09
N PRO D 741 -35.73 17.66 18.16
CA PRO D 741 -37.16 17.95 17.98
C PRO D 741 -37.44 19.32 17.37
N ARG D 742 -36.64 20.33 17.68
CA ARG D 742 -36.91 21.69 17.25
C ARG D 742 -36.16 22.07 15.97
N LYS D 743 -35.50 21.11 15.33
CA LYS D 743 -34.54 21.40 14.26
C LYS D 743 -35.11 22.33 13.20
N LYS D 744 -36.31 22.04 12.70
CA LYS D 744 -36.87 22.86 11.62
C LYS D 744 -37.05 24.30 12.06
N GLU D 745 -37.53 24.52 13.29
CA GLU D 745 -37.71 25.88 13.78
C GLU D 745 -36.38 26.60 13.89
N ILE D 746 -35.34 25.91 14.37
CA ILE D 746 -34.01 26.50 14.51
C ILE D 746 -33.49 26.94 13.14
N LEU D 747 -33.44 26.00 12.19
CA LEU D 747 -32.92 26.32 10.87
C LEU D 747 -33.77 27.37 10.17
N ASP D 748 -35.05 27.45 10.50
CA ASP D 748 -35.89 28.52 9.93
C ASP D 748 -35.49 29.87 10.49
N HIS D 749 -35.26 29.95 11.80
CA HIS D 749 -34.80 31.20 12.41
C HIS D 749 -33.50 31.68 11.78
N TYR D 750 -32.50 30.81 11.76
CA TYR D 750 -31.23 31.19 11.15
C TYR D 750 -31.37 31.43 9.66
N GLU D 751 -32.37 30.85 9.02
CA GLU D 751 -32.67 31.19 7.64
C GLU D 751 -33.14 32.63 7.53
N GLU D 752 -33.98 33.08 8.47
CA GLU D 752 -34.37 34.49 8.50
C GLU D 752 -33.14 35.38 8.59
N ARG D 753 -32.22 35.05 9.49
CA ARG D 753 -30.99 35.83 9.59
C ARG D 753 -30.23 35.86 8.27
N ALA D 754 -30.08 34.69 7.63
CA ALA D 754 -29.40 34.62 6.34
C ALA D 754 -30.07 35.54 5.32
N ASP D 755 -31.40 35.48 5.23
CA ASP D 755 -32.11 36.36 4.29
C ASP D 755 -31.80 37.82 4.56
N LYS D 756 -31.74 38.22 5.83
CA LYS D 756 -31.37 39.59 6.14
C LYS D 756 -29.97 39.91 5.62
N VAL D 757 -29.02 38.99 5.80
CA VAL D 757 -27.67 39.23 5.30
C VAL D 757 -27.67 39.40 3.77
N GLU D 758 -28.42 38.55 3.07
CA GLU D 758 -28.49 38.66 1.61
C GLU D 758 -29.04 40.01 1.19
N LYS D 759 -30.15 40.43 1.80
CA LYS D 759 -30.68 41.75 1.51
C LYS D 759 -29.66 42.85 1.78
N GLN D 760 -28.82 42.67 2.80
CA GLN D 760 -27.75 43.64 3.05
C GLN D 760 -26.71 43.59 1.93
N PHE D 761 -26.51 42.43 1.31
CA PHE D 761 -25.54 42.34 0.23
C PHE D 761 -26.05 43.02 -1.03
N GLN D 762 -27.29 42.71 -1.44
CA GLN D 762 -27.84 43.36 -2.62
C GLN D 762 -28.13 44.83 -2.39
N ARG D 763 -28.24 45.25 -1.12
CA ARG D 763 -28.39 46.65 -0.80
C ARG D 763 -27.11 47.43 -1.06
N GLY D 764 -25.98 46.74 -1.18
CA GLY D 764 -24.69 47.39 -1.28
C GLY D 764 -24.00 47.63 0.04
N ALA D 765 -24.56 47.14 1.14
CA ALA D 765 -24.02 47.38 2.47
C ALA D 765 -22.97 46.38 2.89
N LEU D 766 -22.68 45.38 2.06
CA LEU D 766 -21.74 44.33 2.42
C LEU D 766 -20.90 43.93 1.21
N ASN D 767 -19.67 43.49 1.48
CA ASN D 767 -18.85 42.88 0.45
C ASN D 767 -19.38 41.48 0.13
N HIS D 768 -18.71 40.82 -0.81
CA HIS D 768 -18.94 39.40 -0.99
C HIS D 768 -18.26 38.60 0.11
N ASP D 769 -17.00 38.95 0.42
CA ASP D 769 -16.28 38.27 1.50
C ASP D 769 -16.97 38.51 2.84
N GLU D 770 -17.48 39.72 3.06
CA GLU D 770 -18.17 40.01 4.30
C GLU D 770 -19.50 39.27 4.39
N ARG D 771 -20.21 39.16 3.25
CA ARG D 771 -21.44 38.38 3.23
C ARG D 771 -21.17 36.92 3.56
N ASN D 772 -20.18 36.32 2.89
CA ASN D 772 -19.81 34.93 3.19
C ASN D 772 -19.41 34.77 4.65
N GLU D 773 -18.70 35.74 5.21
CA GLU D 773 -18.30 35.65 6.61
C GLU D 773 -19.52 35.66 7.53
N ALA D 774 -20.47 36.56 7.26
CA ALA D 774 -21.69 36.63 8.06
C ALA D 774 -22.47 35.33 7.98
N LEU D 775 -22.69 34.82 6.76
CA LEU D 775 -23.43 33.57 6.60
C LEU D 775 -22.73 32.41 7.29
N VAL D 776 -21.39 32.37 7.21
CA VAL D 776 -20.64 31.32 7.89
C VAL D 776 -20.88 31.38 9.38
N GLU D 777 -20.86 32.59 9.97
CA GLU D 777 -21.16 32.70 11.39
C GLU D 777 -22.57 32.21 11.71
N ILE D 778 -23.54 32.60 10.90
CA ILE D 778 -24.93 32.20 11.11
C ILE D 778 -25.05 30.68 11.15
N TRP D 779 -24.54 30.00 10.13
CA TRP D 779 -24.73 28.56 10.05
C TRP D 779 -23.84 27.77 11.00
N LYS D 780 -22.69 28.33 11.40
CA LYS D 780 -21.96 27.73 12.50
C LYS D 780 -22.80 27.76 13.78
N GLU D 781 -23.46 28.90 14.04
CA GLU D 781 -24.31 29.01 15.22
C GLU D 781 -25.47 28.04 15.15
N ALA D 782 -26.17 27.99 14.01
CA ALA D 782 -27.30 27.08 13.85
C ALA D 782 -26.86 25.63 14.01
N THR D 783 -25.68 25.28 13.47
CA THR D 783 -25.18 23.92 13.65
C THR D 783 -24.94 23.63 15.13
N ASP D 784 -24.35 24.59 15.85
CA ASP D 784 -24.10 24.37 17.28
C ASP D 784 -25.41 24.20 18.04
N GLU D 785 -26.44 24.96 17.67
CA GLU D 785 -27.73 24.84 18.38
C GLU D 785 -28.40 23.50 18.09
N VAL D 786 -28.41 23.08 16.82
CA VAL D 786 -28.98 21.78 16.48
C VAL D 786 -28.23 20.66 17.19
N GLY D 787 -26.92 20.80 17.32
CA GLY D 787 -26.16 19.83 18.10
C GLY D 787 -26.53 19.83 19.57
N GLN D 788 -26.81 21.01 20.13
CA GLN D 788 -27.22 21.08 21.53
C GLN D 788 -28.57 20.41 21.74
N ALA D 789 -29.59 20.80 20.97
CA ALA D 789 -30.89 20.17 21.09
C ALA D 789 -30.80 18.66 20.90
N LEU D 790 -30.02 18.24 19.90
CA LEU D 790 -29.78 16.82 19.69
C LEU D 790 -29.26 16.15 20.96
N ARG D 791 -28.23 16.73 21.57
CA ARG D 791 -27.65 16.13 22.77
C ARG D 791 -28.67 16.11 23.91
N GLU D 792 -29.49 17.15 24.03
CA GLU D 792 -30.52 17.19 25.06
C GLU D 792 -31.54 16.08 24.88
N HIS D 793 -31.85 15.72 23.64
CA HIS D 793 -32.90 14.73 23.40
C HIS D 793 -32.46 13.30 23.65
N TYR D 794 -31.18 13.03 23.78
CA TYR D 794 -30.70 11.64 23.87
C TYR D 794 -30.63 11.19 25.32
N PRO D 795 -31.14 10.01 25.66
CA PRO D 795 -30.83 9.41 26.96
C PRO D 795 -29.41 8.90 26.98
N ASP D 796 -28.89 8.74 28.21
CA ASP D 796 -27.50 8.34 28.37
C ASP D 796 -27.26 6.85 28.17
N ASP D 797 -28.31 6.03 28.16
CA ASP D 797 -28.18 4.61 27.88
C ASP D 797 -28.43 4.29 26.41
N ASN D 798 -28.76 5.29 25.60
CA ASN D 798 -28.86 5.10 24.16
C ASN D 798 -27.54 4.55 23.63
N PRO D 799 -27.58 3.58 22.70
CA PRO D 799 -26.33 2.96 22.23
C PRO D 799 -25.37 3.94 21.58
N ILE D 800 -25.91 4.84 20.73
CA ILE D 800 -25.09 5.85 20.09
C ILE D 800 -24.38 6.70 21.13
N ILE D 801 -25.05 6.99 22.24
CA ILE D 801 -24.45 7.81 23.28
C ILE D 801 -23.44 7.00 24.08
N THR D 802 -23.83 5.82 24.57
CA THR D 802 -22.95 5.07 25.46
C THR D 802 -21.66 4.65 24.75
N ILE D 803 -21.73 4.40 23.44
CA ILE D 803 -20.53 3.96 22.75
C ILE D 803 -19.50 5.07 22.69
N VAL D 804 -19.94 6.33 22.58
CA VAL D 804 -19.01 7.46 22.57
C VAL D 804 -18.58 7.81 23.99
N ASP D 805 -19.55 7.96 24.90
CA ASP D 805 -19.28 8.53 26.22
C ASP D 805 -18.44 7.61 27.09
N SER D 806 -18.38 6.32 26.80
CA SER D 806 -17.53 5.42 27.55
C SER D 806 -16.06 5.56 27.17
N GLY D 807 -15.75 6.24 26.07
CA GLY D 807 -14.42 6.26 25.53
C GLY D 807 -14.11 5.15 24.57
N ALA D 808 -15.10 4.33 24.21
CA ALA D 808 -14.85 3.18 23.34
C ALA D 808 -14.48 3.62 21.93
N THR D 809 -15.37 4.36 21.27
CA THR D 809 -15.10 4.79 19.91
C THR D 809 -15.90 6.05 19.60
N GLY D 810 -15.33 6.91 18.75
CA GLY D 810 -16.08 7.99 18.15
C GLY D 810 -16.17 9.24 18.98
N ASN D 811 -16.89 10.22 18.44
CA ASN D 811 -17.08 11.51 19.09
C ASN D 811 -18.44 12.06 18.70
N PHE D 812 -18.91 13.04 19.46
CA PHE D 812 -20.26 13.55 19.26
C PHE D 812 -20.41 14.35 17.97
N THR D 813 -19.31 14.81 17.36
CA THR D 813 -19.46 15.47 16.07
C THR D 813 -19.99 14.51 15.02
N GLN D 814 -19.54 13.26 15.07
CA GLN D 814 -20.07 12.23 14.20
C GLN D 814 -21.55 11.99 14.49
N THR D 815 -21.90 11.86 15.77
CA THR D 815 -23.31 11.72 16.17
C THR D 815 -24.15 12.86 15.62
N ARG D 816 -23.63 14.09 15.69
CA ARG D 816 -24.39 15.24 15.22
C ARG D 816 -24.54 15.23 13.71
N THR D 817 -23.49 14.82 13.00
CA THR D 817 -23.59 14.72 11.54
C THR D 817 -24.60 13.66 11.13
N LEU D 818 -24.62 12.53 11.83
CA LEU D 818 -25.58 11.49 11.51
C LEU D 818 -27.01 11.92 11.84
N ALA D 819 -27.26 12.28 13.10
CA ALA D 819 -28.61 12.58 13.53
C ALA D 819 -29.04 14.02 13.24
N GLY D 820 -28.24 15.00 13.64
CA GLY D 820 -28.70 16.38 13.52
C GLY D 820 -28.64 17.06 12.17
N MET D 821 -27.43 17.36 11.69
CA MET D 821 -27.21 17.95 10.38
C MET D 821 -25.75 17.82 10.02
N LYS D 822 -25.45 17.91 8.73
CA LYS D 822 -24.06 17.92 8.29
C LYS D 822 -23.43 19.29 8.52
N GLY D 823 -24.14 20.36 8.12
CA GLY D 823 -23.62 21.70 8.32
C GLY D 823 -22.86 22.25 7.13
N LEU D 824 -21.95 23.17 7.40
CA LEU D 824 -21.19 23.82 6.34
C LEU D 824 -20.14 22.88 5.76
N VAL D 825 -19.99 22.91 4.44
CA VAL D 825 -19.03 22.07 3.73
C VAL D 825 -18.00 22.96 3.07
N THR D 826 -16.79 22.42 2.93
CA THR D 826 -15.63 23.15 2.45
C THR D 826 -15.46 22.98 0.94
N ASN D 827 -14.97 24.03 0.28
CA ASN D 827 -14.71 24.11 -1.15
C ASN D 827 -13.54 23.21 -1.55
N PRO D 828 -13.21 23.12 -2.85
CA PRO D 828 -11.89 22.58 -3.20
C PRO D 828 -10.75 23.45 -2.70
N LYS D 829 -10.96 24.77 -2.64
CA LYS D 829 -9.94 25.68 -2.12
C LYS D 829 -9.80 25.60 -0.60
N GLY D 830 -10.82 25.10 0.10
CA GLY D 830 -10.80 25.04 1.55
C GLY D 830 -11.68 26.06 2.23
N GLU D 831 -12.44 26.86 1.48
CA GLU D 831 -13.31 27.86 2.05
C GLU D 831 -14.72 27.32 2.23
N PHE D 832 -15.38 27.75 3.30
CA PHE D 832 -16.74 27.31 3.57
C PHE D 832 -17.71 27.83 2.51
N ILE D 833 -18.62 26.96 2.09
CA ILE D 833 -19.70 27.40 1.19
C ILE D 833 -20.79 28.07 2.03
N PRO D 834 -21.22 29.27 1.67
CA PRO D 834 -22.21 29.98 2.50
C PRO D 834 -23.53 29.24 2.66
N ARG D 835 -23.80 28.21 1.84
CA ARG D 835 -25.02 27.45 1.95
C ARG D 835 -24.74 26.15 2.69
N PRO D 836 -25.29 25.93 3.87
CA PRO D 836 -25.02 24.72 4.62
C PRO D 836 -25.78 23.53 4.07
N VAL D 837 -25.35 22.34 4.49
CA VAL D 837 -26.13 21.12 4.29
C VAL D 837 -27.00 20.96 5.52
N LYS D 838 -28.30 21.16 5.36
CA LYS D 838 -29.22 21.05 6.49
C LYS D 838 -29.60 19.62 6.77
N SER D 839 -29.47 18.72 5.80
CA SER D 839 -29.88 17.34 5.98
C SER D 839 -28.88 16.59 6.83
N SER D 840 -29.39 15.81 7.78
CA SER D 840 -28.60 14.77 8.41
C SER D 840 -28.50 13.57 7.48
N PHE D 841 -27.48 12.75 7.72
CA PHE D 841 -27.38 11.50 6.97
C PHE D 841 -28.51 10.54 7.29
N ARG D 842 -29.15 10.70 8.46
CA ARG D 842 -30.35 9.91 8.73
C ARG D 842 -31.49 10.30 7.81
N GLU D 843 -31.69 11.61 7.61
CA GLU D 843 -32.67 12.06 6.63
C GLU D 843 -32.25 11.69 5.21
N GLY D 844 -30.96 11.60 4.96
CA GLY D 844 -30.46 11.39 3.62
C GLY D 844 -30.34 12.75 2.97
N LEU D 845 -29.36 12.93 2.10
CA LEU D 845 -29.04 14.24 1.57
C LEU D 845 -29.62 14.41 0.18
N THR D 846 -30.02 15.63 -0.13
CA THR D 846 -30.43 15.94 -1.50
C THR D 846 -29.21 15.83 -2.42
N VAL D 847 -29.48 15.70 -3.72
CA VAL D 847 -28.41 15.53 -4.69
C VAL D 847 -27.41 16.67 -4.61
N LEU D 848 -27.90 17.91 -4.50
CA LEU D 848 -27.02 19.06 -4.42
C LEU D 848 -26.17 19.02 -3.16
N GLU D 849 -26.77 18.67 -2.02
CA GLU D 849 -26.01 18.58 -0.78
C GLU D 849 -24.92 17.51 -0.89
N TYR D 850 -25.23 16.39 -1.53
CA TYR D 850 -24.26 15.32 -1.69
C TYR D 850 -23.09 15.76 -2.56
N PHE D 851 -23.39 16.36 -3.71
CA PHE D 851 -22.36 16.93 -4.57
C PHE D 851 -21.48 17.89 -3.79
N ILE D 852 -22.10 18.81 -3.06
CA ILE D 852 -21.35 19.79 -2.26
C ILE D 852 -20.41 19.10 -1.28
N ASN D 853 -20.89 18.04 -0.63
CA ASN D 853 -20.08 17.33 0.36
C ASN D 853 -18.90 16.59 -0.27
N THR D 854 -19.01 16.20 -1.55
CA THR D 854 -17.93 15.45 -2.19
C THR D 854 -16.63 16.26 -2.25
N HIS D 855 -16.72 17.57 -2.45
CA HIS D 855 -15.53 18.43 -2.48
C HIS D 855 -14.63 18.14 -1.29
N GLY D 856 -15.13 18.45 -0.09
CA GLY D 856 -14.36 18.26 1.11
C GLY D 856 -14.03 16.82 1.41
N ALA D 857 -14.93 15.90 1.08
CA ALA D 857 -14.62 14.48 1.29
C ALA D 857 -13.37 14.07 0.51
N ARG D 858 -13.38 14.29 -0.80
CA ARG D 858 -12.26 13.86 -1.63
C ARG D 858 -10.99 14.64 -1.32
N LYS D 859 -11.09 15.97 -1.28
CA LYS D 859 -9.93 16.77 -0.93
C LYS D 859 -9.33 16.33 0.40
N GLY D 860 -10.17 15.90 1.34
CA GLY D 860 -9.66 15.34 2.58
C GLY D 860 -8.94 14.02 2.35
N LEU D 861 -9.44 13.20 1.43
CA LEU D 861 -8.77 11.93 1.14
C LEU D 861 -7.38 12.15 0.57
N ALA D 862 -7.27 12.99 -0.47
CA ALA D 862 -5.96 13.31 -1.02
C ALA D 862 -5.06 14.00 0.01
N ASP D 863 -5.65 14.89 0.80
CA ASP D 863 -4.88 15.55 1.85
C ASP D 863 -4.27 14.55 2.81
N THR D 864 -5.03 13.54 3.22
CA THR D 864 -4.46 12.49 4.05
C THR D 864 -3.35 11.76 3.30
N ALA D 865 -3.55 11.52 2.00
CA ALA D 865 -2.52 10.86 1.20
C ALA D 865 -1.19 11.61 1.26
N LEU D 866 -1.22 12.93 1.09
CA LEU D 866 0.03 13.70 1.14
C LEU D 866 0.57 13.77 2.56
N ARG D 867 -0.31 13.99 3.54
CA ARG D 867 0.10 14.11 4.93
C ARG D 867 0.91 12.91 5.37
N THR D 868 0.43 11.70 5.06
CA THR D 868 1.17 10.51 5.47
C THR D 868 2.51 10.38 4.77
N ALA D 869 2.71 11.09 3.66
CA ALA D 869 4.01 11.11 2.99
C ALA D 869 4.97 12.08 3.68
N ASP D 870 4.60 13.37 3.70
CA ASP D 870 5.44 14.38 4.33
C ASP D 870 5.81 13.99 5.76
N SER D 871 4.87 13.40 6.50
CA SER D 871 5.19 12.91 7.84
C SER D 871 6.36 11.94 7.82
N GLY D 872 6.34 10.99 6.87
CA GLY D 872 7.43 10.04 6.76
C GLY D 872 8.75 10.69 6.37
N TYR D 873 8.70 11.70 5.51
CA TYR D 873 9.92 12.44 5.16
C TYR D 873 10.52 13.09 6.40
N LEU D 874 9.72 13.86 7.14
CA LEU D 874 10.19 14.47 8.37
C LEU D 874 10.74 13.42 9.33
N THR D 875 10.07 12.27 9.43
CA THR D 875 10.59 11.19 10.29
C THR D 875 11.98 10.76 9.82
N ARG D 876 12.18 10.65 8.51
CA ARG D 876 13.48 10.20 8.02
C ARG D 876 14.56 11.22 8.34
N ARG D 877 14.26 12.51 8.20
CA ARG D 877 15.25 13.53 8.52
C ARG D 877 15.57 13.53 10.02
N LEU D 878 14.55 13.37 10.86
CA LEU D 878 14.79 13.31 12.30
C LEU D 878 15.65 12.10 12.66
N VAL D 879 15.38 10.96 12.04
CA VAL D 879 16.18 9.77 12.29
C VAL D 879 17.63 10.01 11.87
N ASP D 880 17.81 10.63 10.70
CA ASP D 880 19.17 10.83 10.22
C ASP D 880 19.94 11.83 11.07
N VAL D 881 19.26 12.81 11.65
CA VAL D 881 19.98 13.77 12.47
C VAL D 881 20.24 13.23 13.87
N SER D 882 19.36 12.39 14.39
CA SER D 882 19.49 11.87 15.75
C SER D 882 20.09 10.48 15.84
N GLN D 883 20.47 9.88 14.70
CA GLN D 883 20.70 8.44 14.67
C GLN D 883 21.79 8.01 15.64
N ASP D 884 22.89 8.75 15.69
CA ASP D 884 24.05 8.34 16.46
C ASP D 884 24.00 8.80 17.91
N VAL D 885 22.90 9.40 18.34
CA VAL D 885 22.73 9.79 19.73
C VAL D 885 22.36 8.55 20.54
N ILE D 886 23.21 8.19 21.50
CA ILE D 886 23.09 6.95 22.25
C ILE D 886 23.50 7.26 23.68
N VAL D 887 22.99 6.48 24.64
CA VAL D 887 23.42 6.64 26.02
C VAL D 887 24.77 5.93 26.14
N ARG D 888 25.84 6.70 26.35
CA ARG D 888 27.18 6.13 26.41
C ARG D 888 27.71 5.94 27.82
N GLU D 889 27.07 6.51 28.84
CA GLU D 889 27.63 6.45 30.18
C GLU D 889 26.53 6.67 31.21
N HIS D 890 26.81 6.27 32.44
CA HIS D 890 25.80 6.36 33.49
C HIS D 890 25.56 7.81 33.92
N ASP D 891 26.62 8.50 34.34
CA ASP D 891 26.47 9.85 34.87
C ASP D 891 27.63 10.73 34.43
N CYS D 892 27.30 11.87 33.81
CA CYS D 892 28.30 12.89 33.51
C CYS D 892 28.41 13.94 34.62
N GLN D 893 27.52 13.91 35.61
CA GLN D 893 27.63 14.70 36.84
C GLN D 893 27.61 16.20 36.57
N THR D 894 26.99 16.63 35.47
CA THR D 894 26.89 18.05 35.22
C THR D 894 25.89 18.68 36.18
N GLU D 895 26.24 19.87 36.68
CA GLU D 895 25.38 20.63 37.55
C GLU D 895 24.38 21.49 36.79
N ARG D 896 24.56 21.64 35.49
CA ARG D 896 23.64 22.42 34.68
C ARG D 896 22.29 21.74 34.59
N GLY D 897 21.28 22.52 34.23
CA GLY D 897 19.94 21.97 34.13
C GLY D 897 18.99 23.01 33.58
N ILE D 898 17.72 22.63 33.54
CA ILE D 898 16.66 23.46 33.00
C ILE D 898 15.61 23.69 34.09
N VAL D 899 15.08 24.90 34.14
CA VAL D 899 14.00 25.23 35.07
C VAL D 899 12.68 24.86 34.43
N VAL D 900 11.91 24.01 35.12
CA VAL D 900 10.57 23.62 34.72
C VAL D 900 9.58 24.24 35.69
N GLU D 901 8.43 24.66 35.16
CA GLU D 901 7.39 25.30 35.95
C GLU D 901 6.45 24.21 36.45
N LEU D 902 6.49 23.95 37.75
CA LEU D 902 5.72 22.85 38.33
C LEU D 902 4.26 23.25 38.56
N ALA D 903 4.01 24.49 38.93
CA ALA D 903 2.64 24.97 39.14
C ALA D 903 2.67 26.50 39.15
N GLU D 904 1.52 27.10 39.42
CA GLU D 904 1.44 28.54 39.49
C GLU D 904 0.41 28.94 40.54
N ARG D 905 0.69 30.00 41.27
CA ARG D 905 -0.16 30.44 42.37
C ARG D 905 -1.19 31.44 41.87
N ALA D 906 -2.46 31.18 42.16
CA ALA D 906 -3.54 32.07 41.81
C ALA D 906 -3.53 33.27 42.74
N PRO D 907 -4.32 34.31 42.44
CA PRO D 907 -4.55 35.36 43.45
C PRO D 907 -5.00 34.79 44.78
N ASP D 908 -5.93 33.84 44.76
CA ASP D 908 -6.23 33.07 45.96
C ASP D 908 -5.08 32.12 46.27
N GLY D 909 -5.02 31.68 47.54
CA GLY D 909 -3.95 30.81 47.98
C GLY D 909 -3.80 29.54 47.18
N THR D 910 -4.87 29.10 46.51
CA THR D 910 -4.80 27.90 45.69
C THR D 910 -3.78 28.07 44.57
N LEU D 911 -2.98 27.03 44.36
CA LEU D 911 -2.04 26.97 43.25
C LEU D 911 -2.67 26.20 42.10
N ILE D 912 -2.42 26.66 40.88
CA ILE D 912 -2.99 26.02 39.69
C ILE D 912 -1.99 24.99 39.17
N ARG D 913 -2.47 23.79 38.92
CA ARG D 913 -1.63 22.74 38.39
C ARG D 913 -1.21 23.10 36.96
N ASP D 914 0.07 22.97 36.68
CA ASP D 914 0.58 23.34 35.37
C ASP D 914 0.15 22.30 34.33
N PRO D 915 -0.46 22.70 33.22
CA PRO D 915 -0.92 21.70 32.25
C PRO D 915 0.22 20.94 31.59
N TYR D 916 1.45 21.45 31.65
CA TYR D 916 2.58 20.84 30.98
C TYR D 916 3.35 19.86 31.87
N ILE D 917 2.89 19.60 33.08
CA ILE D 917 3.68 18.81 34.04
C ILE D 917 3.98 17.43 33.49
N GLU D 918 3.00 16.82 32.81
CA GLU D 918 3.16 15.44 32.36
C GLU D 918 4.35 15.29 31.42
N THR D 919 4.43 16.15 30.41
CA THR D 919 5.46 16.06 29.39
C THR D 919 6.74 16.81 29.74
N SER D 920 6.71 17.65 30.78
CA SER D 920 7.87 18.46 31.13
C SER D 920 8.52 18.02 32.44
N ALA D 921 7.80 18.12 33.56
CA ALA D 921 8.41 17.84 34.85
C ALA D 921 8.52 16.35 35.15
N TYR D 922 7.56 15.55 34.70
CA TYR D 922 7.60 14.13 34.99
C TYR D 922 8.76 13.46 34.25
N ALA D 923 9.17 12.29 34.77
CA ALA D 923 10.18 11.42 34.21
C ALA D 923 11.59 12.01 34.26
N ARG D 924 11.75 13.24 34.72
CA ARG D 924 13.06 13.89 34.72
C ARG D 924 13.93 13.30 35.83
N THR D 925 15.10 13.89 36.03
CA THR D 925 15.93 13.63 37.20
C THR D 925 16.37 14.98 37.77
N LEU D 926 16.38 15.06 39.09
CA LEU D 926 16.57 16.33 39.78
C LEU D 926 18.02 16.79 39.70
N GLY D 927 18.22 18.07 39.37
CA GLY D 927 19.56 18.64 39.38
C GLY D 927 19.92 19.37 40.66
N THR D 928 18.92 19.83 41.40
CA THR D 928 19.13 20.53 42.67
C THR D 928 18.02 20.12 43.63
N ASP D 929 18.38 19.88 44.89
CA ASP D 929 17.38 19.56 45.89
C ASP D 929 16.36 20.69 46.02
N ALA D 930 15.12 20.33 46.35
CA ALA D 930 14.03 21.29 46.40
C ALA D 930 13.91 21.83 47.81
N VAL D 931 14.24 23.12 47.98
CA VAL D 931 14.29 23.72 49.30
C VAL D 931 12.92 24.14 49.81
N ASP D 932 12.00 24.51 48.91
CA ASP D 932 10.62 24.84 49.24
C ASP D 932 10.48 26.09 50.11
N GLU D 933 11.39 27.06 49.93
CA GLU D 933 11.37 28.31 50.69
C GLU D 933 11.33 28.05 52.19
N ALA D 934 11.94 26.94 52.61
CA ALA D 934 11.99 26.53 54.00
C ALA D 934 13.23 25.67 54.19
N GLY D 935 13.60 25.45 55.45
CA GLY D 935 14.84 24.72 55.72
C GLY D 935 14.88 23.35 55.07
N ASN D 936 13.79 22.59 55.18
CA ASN D 936 13.79 21.19 54.76
C ASN D 936 13.79 21.07 53.24
N VAL D 937 14.43 20.01 52.76
CA VAL D 937 14.50 19.69 51.34
C VAL D 937 13.48 18.59 51.06
N ILE D 938 12.58 18.84 50.11
CA ILE D 938 11.47 17.94 49.87
C ILE D 938 11.91 16.70 49.10
N VAL D 939 12.64 16.89 48.00
CA VAL D 939 13.13 15.79 47.19
C VAL D 939 14.61 16.00 46.88
N GLU D 940 15.37 14.93 46.95
CA GLU D 940 16.81 14.96 46.74
C GLU D 940 17.14 14.95 45.24
N ARG D 941 18.30 15.52 44.91
CA ARG D 941 18.74 15.54 43.51
C ARG D 941 19.01 14.12 43.03
N GLY D 942 18.60 13.84 41.79
CA GLY D 942 18.77 12.53 41.20
C GLY D 942 17.57 11.62 41.26
N GLN D 943 16.49 12.02 41.90
CA GLN D 943 15.30 11.19 41.96
C GLN D 943 14.48 11.32 40.67
N ASP D 944 13.67 10.29 40.41
CA ASP D 944 12.97 10.15 39.14
C ASP D 944 11.88 11.19 38.93
N LEU D 945 11.42 11.86 40.00
CA LEU D 945 10.31 12.80 39.91
C LEU D 945 9.05 12.15 39.33
N GLY D 946 8.65 11.04 39.95
CA GLY D 946 7.41 10.39 39.61
C GLY D 946 6.23 11.05 40.31
N ASP D 947 5.08 10.38 40.21
CA ASP D 947 3.85 10.88 40.84
C ASP D 947 4.01 11.20 42.32
N PRO D 948 4.53 10.29 43.17
CA PRO D 948 4.67 10.65 44.59
C PRO D 948 5.59 11.83 44.84
N GLU D 949 6.74 11.88 44.16
CA GLU D 949 7.66 13.01 44.35
C GLU D 949 7.03 14.30 43.85
N ILE D 950 6.31 14.24 42.73
CA ILE D 950 5.58 15.42 42.25
C ILE D 950 4.57 15.88 43.29
N ASP D 951 3.88 14.93 43.93
CA ASP D 951 2.89 15.29 44.95
C ASP D 951 3.55 15.94 46.16
N ALA D 952 4.69 15.41 46.60
CA ALA D 952 5.42 16.04 47.70
C ALA D 952 5.85 17.45 47.33
N LEU D 953 6.35 17.63 46.11
CA LEU D 953 6.79 18.95 45.66
C LEU D 953 5.63 19.94 45.63
N LEU D 954 4.48 19.51 45.12
CA LEU D 954 3.34 20.40 45.00
C LEU D 954 2.77 20.75 46.37
N ALA D 955 2.55 19.74 47.22
CA ALA D 955 2.04 19.98 48.56
C ALA D 955 2.98 20.86 49.37
N ALA D 956 4.29 20.75 49.14
CA ALA D 956 5.23 21.61 49.82
C ALA D 956 5.21 23.04 49.30
N GLY D 957 4.48 23.30 48.21
CA GLY D 957 4.33 24.66 47.73
C GLY D 957 5.46 25.18 46.85
N ILE D 958 6.09 24.32 46.08
CA ILE D 958 7.20 24.70 45.20
C ILE D 958 6.68 24.84 43.78
N THR D 959 6.93 26.01 43.17
CA THR D 959 6.42 26.31 41.83
C THR D 959 7.45 26.09 40.72
N GLN D 960 8.69 25.75 41.05
CA GLN D 960 9.73 25.63 40.04
C GLN D 960 10.70 24.53 40.44
N VAL D 961 11.30 23.88 39.44
CA VAL D 961 12.25 22.81 39.67
C VAL D 961 13.39 22.95 38.68
N LYS D 962 14.59 22.54 39.08
CA LYS D 962 15.74 22.47 38.18
C LYS D 962 16.06 21.00 37.93
N VAL D 963 15.90 20.57 36.67
CA VAL D 963 16.03 19.16 36.30
C VAL D 963 17.20 19.01 35.34
N ARG D 964 17.71 17.79 35.28
CA ARG D 964 18.73 17.43 34.31
C ARG D 964 18.10 17.15 32.95
N SER D 965 18.78 17.59 31.90
CA SER D 965 18.29 17.42 30.54
C SER D 965 19.45 17.04 29.63
N VAL D 966 19.11 16.49 28.46
CA VAL D 966 20.14 16.22 27.48
C VAL D 966 20.66 17.50 26.86
N LEU D 967 19.91 18.60 26.96
CA LEU D 967 20.37 19.89 26.46
C LEU D 967 21.64 20.31 27.18
N THR D 968 21.70 20.11 28.49
CA THR D 968 22.85 20.48 29.30
C THR D 968 23.81 19.34 29.57
N CYS D 969 23.55 18.15 29.02
CA CYS D 969 24.42 17.01 29.29
C CYS D 969 25.82 17.28 28.78
N ALA D 970 26.81 16.96 29.61
CA ALA D 970 28.20 17.24 29.29
C ALA D 970 28.91 16.07 28.62
N THR D 971 28.23 14.95 28.41
CA THR D 971 28.86 13.81 27.77
C THR D 971 29.33 14.17 26.37
N SER D 972 30.59 13.85 26.08
CA SER D 972 31.19 14.22 24.79
C SER D 972 30.46 13.55 23.63
N THR D 973 30.42 12.23 23.64
CA THR D 973 29.75 11.47 22.59
C THR D 973 28.41 10.98 23.13
N GLY D 974 27.33 11.43 22.51
CA GLY D 974 26.03 11.03 23.00
C GLY D 974 25.70 11.71 24.32
N VAL D 975 24.95 10.99 25.16
CA VAL D 975 24.45 11.52 26.42
C VAL D 975 24.64 10.49 27.53
N CYS D 976 24.53 10.96 28.77
CA CYS D 976 24.58 10.10 29.94
C CYS D 976 23.17 9.74 30.39
N ALA D 977 23.03 8.53 30.92
CA ALA D 977 21.71 8.04 31.32
C ALA D 977 21.01 8.99 32.28
N THR D 978 21.76 9.57 33.22
CA THR D 978 21.15 10.40 34.25
C THR D 978 20.55 11.67 33.68
N CYS D 979 21.26 12.32 32.74
CA CYS D 979 20.71 13.52 32.11
C CYS D 979 19.45 13.22 31.32
N TYR D 980 19.38 12.03 30.73
CA TYR D 980 18.18 11.64 29.98
C TYR D 980 17.05 11.25 30.93
N GLY D 981 17.38 10.56 32.01
CA GLY D 981 16.39 10.18 33.00
C GLY D 981 15.65 8.90 32.69
N ARG D 982 14.37 8.86 33.05
CA ARG D 982 13.58 7.65 32.90
C ARG D 982 13.41 7.28 31.44
N SER D 983 13.43 5.97 31.17
CA SER D 983 12.96 5.44 29.90
C SER D 983 11.45 5.26 29.98
N MET D 984 10.72 5.95 29.10
CA MET D 984 9.27 5.95 29.18
C MET D 984 8.69 4.55 29.00
N ALA D 985 9.36 3.69 28.24
CA ALA D 985 8.84 2.35 27.98
C ALA D 985 9.01 1.44 29.19
N THR D 986 10.22 1.39 29.76
CA THR D 986 10.47 0.54 30.91
C THR D 986 10.12 1.17 32.23
N GLY D 987 9.89 2.48 32.27
CA GLY D 987 9.62 3.19 33.50
C GLY D 987 10.80 3.33 34.43
N LYS D 988 11.93 2.71 34.12
CA LYS D 988 13.13 2.80 34.93
C LYS D 988 14.14 3.73 34.25
N LEU D 989 15.29 3.91 34.89
CA LEU D 989 16.35 4.71 34.30
C LEU D 989 16.82 4.07 33.01
N VAL D 990 17.07 4.91 32.00
CA VAL D 990 17.42 4.38 30.68
C VAL D 990 18.71 3.59 30.75
N ASP D 991 18.74 2.46 30.06
CA ASP D 991 19.92 1.62 30.05
C ASP D 991 21.04 2.28 29.25
N ILE D 992 22.27 1.93 29.59
CA ILE D 992 23.41 2.36 28.78
C ILE D 992 23.37 1.58 27.46
N GLY D 993 23.35 2.32 26.36
CA GLY D 993 23.28 1.73 25.04
C GLY D 993 21.95 1.88 24.35
N GLU D 994 20.91 2.33 25.04
CA GLU D 994 19.64 2.59 24.38
C GLU D 994 19.82 3.71 23.38
N ALA D 995 19.30 3.53 22.17
CA ALA D 995 19.45 4.57 21.16
C ALA D 995 18.24 5.48 21.30
N VAL D 996 18.46 6.63 21.92
CA VAL D 996 17.37 7.53 22.28
C VAL D 996 17.12 8.58 21.22
N GLY D 997 18.03 8.72 20.26
CA GLY D 997 17.76 9.60 19.14
C GLY D 997 16.76 9.00 18.18
N ILE D 998 16.93 7.71 17.86
CA ILE D 998 15.96 7.02 17.01
C ILE D 998 14.62 6.92 17.71
N VAL D 999 14.63 6.63 19.02
CA VAL D 999 13.38 6.60 19.78
C VAL D 999 12.72 7.96 19.77
N ALA D 1000 13.52 9.02 19.89
CA ALA D 1000 12.96 10.37 19.86
C ALA D 1000 12.35 10.68 18.50
N ALA D 1001 13.05 10.31 17.43
CA ALA D 1001 12.56 10.60 16.08
C ALA D 1001 11.29 9.81 15.78
N GLN D 1002 11.24 8.54 16.17
CA GLN D 1002 10.02 7.76 15.99
C GLN D 1002 8.87 8.34 16.81
N SER D 1003 9.15 8.72 18.06
CA SER D 1003 8.12 9.29 18.91
C SER D 1003 7.56 10.58 18.33
N ILE D 1004 8.41 11.38 17.69
CA ILE D 1004 7.94 12.63 17.11
C ILE D 1004 7.22 12.39 15.79
N GLY D 1005 7.68 11.43 15.00
CA GLY D 1005 7.15 11.21 13.66
C GLY D 1005 5.88 10.40 13.60
N GLU D 1006 5.72 9.43 14.52
CA GLU D 1006 4.57 8.54 14.46
C GLU D 1006 3.24 9.28 14.52
N PRO D 1007 3.00 10.19 15.47
CA PRO D 1007 1.74 10.97 15.44
C PRO D 1007 1.60 11.88 14.24
N GLY D 1008 2.67 12.09 13.47
CA GLY D 1008 2.65 13.12 12.44
C GLY D 1008 1.48 13.05 11.47
N THR D 1009 0.93 11.85 11.26
CA THR D 1009 -0.20 11.73 10.35
C THR D 1009 -1.46 12.39 10.90
N GLN D 1010 -1.53 12.61 12.21
CA GLN D 1010 -2.71 13.17 12.84
C GLN D 1010 -2.73 14.70 12.88
N LEU D 1011 -1.66 15.35 12.44
CA LEU D 1011 -1.56 16.80 12.52
C LEU D 1011 -2.15 17.41 11.25
N THR D 1012 -3.24 18.17 11.41
CA THR D 1012 -3.91 18.77 10.28
C THR D 1012 -3.32 20.14 9.93
N GLY D 1027 0.53 26.93 10.87
CA GLY D 1027 0.24 25.88 11.81
C GLY D 1027 0.25 24.48 11.21
N GLY D 1028 0.23 23.48 12.07
CA GLY D 1028 0.20 22.10 11.62
C GLY D 1028 1.58 21.50 11.45
N LEU D 1029 1.59 20.34 10.81
CA LEU D 1029 2.84 19.65 10.49
C LEU D 1029 3.83 20.52 9.72
N PRO D 1030 3.42 21.33 8.73
CA PRO D 1030 4.39 22.24 8.10
C PRO D 1030 5.06 23.17 9.10
N ARG D 1031 4.40 23.49 10.21
CA ARG D 1031 5.04 24.30 11.23
C ARG D 1031 6.11 23.50 11.98
N VAL D 1032 5.86 22.22 12.24
CA VAL D 1032 6.88 21.38 12.86
C VAL D 1032 8.09 21.27 11.94
N GLN D 1033 7.86 21.18 10.63
CA GLN D 1033 8.97 21.21 9.69
C GLN D 1033 9.70 22.54 9.72
N GLU D 1034 8.94 23.65 9.71
CA GLU D 1034 9.54 24.98 9.71
C GLU D 1034 10.37 25.22 10.95
N LEU D 1035 9.99 24.60 12.07
CA LEU D 1035 10.77 24.72 13.30
C LEU D 1035 12.01 23.85 13.25
N PHE D 1036 11.86 22.59 12.83
CA PHE D 1036 13.01 21.68 12.86
C PHE D 1036 14.05 22.02 11.81
N GLU D 1037 13.69 22.70 10.73
CA GLU D 1037 14.67 23.09 9.73
C GLU D 1037 15.25 24.48 9.97
N ALA D 1038 14.89 25.13 11.07
CA ALA D 1038 15.49 26.40 11.49
C ALA D 1038 15.32 27.49 10.42
N ARG D 1039 14.18 27.47 9.75
CA ARG D 1039 13.93 28.39 8.66
C ARG D 1039 13.35 29.70 9.18
N VAL D 1040 13.74 30.80 8.56
CA VAL D 1040 13.20 32.12 8.87
C VAL D 1040 11.70 32.06 8.67
N PRO D 1041 10.90 32.29 9.71
CA PRO D 1041 9.47 32.01 9.60
C PRO D 1041 8.73 33.00 8.72
N ARG D 1042 7.64 32.54 8.14
CA ARG D 1042 6.68 33.42 7.51
C ARG D 1042 5.83 34.07 8.60
N GLY D 1043 5.45 35.33 8.38
CA GLY D 1043 4.87 36.11 9.46
C GLY D 1043 5.94 36.40 10.48
N LYS D 1044 7.10 36.82 10.00
CA LYS D 1044 8.25 37.06 10.86
C LYS D 1044 7.99 38.19 11.84
N ALA D 1045 8.40 37.98 13.10
CA ALA D 1045 8.26 39.00 14.13
C ALA D 1045 9.63 39.52 14.52
N PRO D 1046 9.92 40.80 14.28
CA PRO D 1046 11.24 41.33 14.62
C PRO D 1046 11.47 41.37 16.12
N ILE D 1047 12.75 41.33 16.50
CA ILE D 1047 13.15 41.38 17.89
C ILE D 1047 14.19 42.48 18.05
N ALA D 1048 14.21 43.08 19.25
CA ALA D 1048 15.08 44.22 19.51
C ALA D 1048 16.50 43.76 19.75
N ASP D 1049 17.46 44.54 19.23
CA ASP D 1049 18.87 44.23 19.45
C ASP D 1049 19.37 44.76 20.79
N VAL D 1050 18.99 46.00 21.16
CA VAL D 1050 19.50 46.64 22.37
C VAL D 1050 18.45 47.61 22.88
N THR D 1051 18.54 47.91 24.19
CA THR D 1051 17.59 48.81 24.82
C THR D 1051 17.72 50.22 24.24
N GLY D 1052 16.58 50.88 24.06
CA GLY D 1052 16.60 52.23 23.52
C GLY D 1052 15.19 52.71 23.22
N ARG D 1053 15.13 53.76 22.40
CA ARG D 1053 13.88 54.41 22.04
C ARG D 1053 13.49 54.04 20.62
N VAL D 1054 12.19 53.97 20.37
CA VAL D 1054 11.65 53.45 19.12
C VAL D 1054 11.10 54.60 18.28
N ARG D 1055 11.56 54.69 17.05
CA ARG D 1055 10.92 55.50 16.02
C ARG D 1055 9.97 54.59 15.25
N LEU D 1056 8.68 54.84 15.40
CA LEU D 1056 7.64 54.03 14.75
C LEU D 1056 7.03 54.87 13.64
N GLU D 1057 7.35 54.52 12.40
CA GLU D 1057 6.87 55.30 11.25
C GLU D 1057 5.40 54.98 10.96
N ASP D 1058 5.13 53.76 10.49
CA ASP D 1058 3.79 53.19 10.49
C ASP D 1058 2.78 54.07 9.77
N GLY D 1059 2.96 54.17 8.45
CA GLY D 1059 2.09 54.99 7.65
C GLY D 1059 1.99 54.49 6.22
N GLU D 1060 0.88 54.85 5.57
CA GLU D 1060 0.63 54.52 4.17
C GLU D 1060 0.73 53.01 3.92
N ARG D 1061 -0.01 52.24 4.72
CA ARG D 1061 -0.07 50.78 4.60
C ARG D 1061 1.33 50.16 4.74
N PHE D 1062 2.12 50.71 5.66
CA PHE D 1062 3.48 50.22 5.88
C PHE D 1062 3.88 50.43 7.33
N TYR D 1063 4.73 49.54 7.82
CA TYR D 1063 5.33 49.66 9.14
C TYR D 1063 6.84 49.71 8.98
N LYS D 1064 7.48 50.64 9.68
CA LYS D 1064 8.93 50.72 9.73
C LYS D 1064 9.36 51.09 11.14
N ILE D 1065 10.32 50.34 11.68
CA ILE D 1065 10.73 50.48 13.07
C ILE D 1065 12.22 50.77 13.12
N THR D 1066 12.56 51.95 13.61
CA THR D 1066 13.94 52.30 13.93
C THR D 1066 14.11 52.23 15.45
N ILE D 1067 15.30 51.83 15.90
CA ILE D 1067 15.59 51.75 17.32
C ILE D 1067 16.88 52.53 17.58
N VAL D 1068 16.77 53.63 18.33
CA VAL D 1068 17.92 54.40 18.76
C VAL D 1068 18.38 53.84 20.10
N PRO D 1069 19.54 53.19 20.17
CA PRO D 1069 19.96 52.59 21.44
C PRO D 1069 20.20 53.65 22.50
N ASP D 1070 20.16 53.20 23.76
CA ASP D 1070 20.36 54.13 24.87
C ASP D 1070 21.78 54.67 24.90
N ASP D 1071 22.75 53.91 24.37
CA ASP D 1071 24.10 54.43 24.22
C ASP D 1071 24.21 55.15 22.87
N GLY D 1072 25.41 55.55 22.50
CA GLY D 1072 25.62 56.23 21.23
C GLY D 1072 25.68 55.33 20.02
N GLY D 1073 25.30 54.06 20.16
CA GLY D 1073 25.38 53.12 19.06
C GLY D 1073 24.51 53.53 17.88
N GLU D 1074 24.75 52.87 16.75
CA GLU D 1074 23.99 53.15 15.54
C GLU D 1074 22.54 52.68 15.70
N GLU D 1075 21.65 53.32 14.97
CA GLU D 1075 20.22 53.03 15.06
C GLU D 1075 19.87 51.87 14.15
N VAL D 1076 19.32 50.81 14.73
CA VAL D 1076 18.88 49.65 13.96
C VAL D 1076 17.51 49.92 13.37
N VAL D 1077 17.33 49.55 12.10
CA VAL D 1077 16.10 49.84 11.37
C VAL D 1077 15.58 48.54 10.75
N TYR D 1078 14.35 48.16 11.11
CA TYR D 1078 13.68 47.06 10.46
C TYR D 1078 13.08 47.55 9.14
N ASP D 1079 13.26 46.77 8.08
CA ASP D 1079 12.95 47.26 6.73
C ASP D 1079 11.45 47.29 6.47
N LYS D 1080 10.84 46.12 6.31
CA LYS D 1080 9.47 46.01 5.83
C LYS D 1080 8.64 45.17 6.81
N ILE D 1081 7.56 45.76 7.31
CA ILE D 1081 6.58 45.05 8.11
C ILE D 1081 5.20 45.40 7.56
N SER D 1082 4.49 44.39 7.07
CA SER D 1082 3.20 44.63 6.45
C SER D 1082 2.16 45.03 7.50
N LYS D 1083 1.16 45.78 7.06
CA LYS D 1083 0.08 46.22 7.95
C LYS D 1083 -0.78 45.05 8.44
N ARG D 1084 -0.66 43.88 7.84
CA ARG D 1084 -1.41 42.72 8.32
C ARG D 1084 -0.89 42.23 9.67
N GLN D 1085 0.38 42.49 9.99
CA GLN D 1085 0.92 42.11 11.28
C GLN D 1085 0.40 43.03 12.38
N ARG D 1086 0.46 42.54 13.61
CA ARG D 1086 -0.02 43.26 14.78
C ARG D 1086 1.16 43.65 15.66
N LEU D 1087 1.18 44.92 16.10
CA LEU D 1087 2.17 45.35 17.07
C LEU D 1087 1.91 44.62 18.39
N ARG D 1088 2.99 44.19 19.04
CA ARG D 1088 2.85 43.34 20.21
C ARG D 1088 2.34 44.13 21.41
N VAL D 1089 1.37 43.54 22.10
CA VAL D 1089 0.92 44.05 23.39
C VAL D 1089 1.77 43.40 24.47
N PHE D 1090 2.45 44.23 25.27
CA PHE D 1090 3.37 43.71 26.27
C PHE D 1090 3.47 44.72 27.40
N LYS D 1091 4.22 44.35 28.44
CA LYS D 1091 4.43 45.23 29.59
C LYS D 1091 5.76 45.95 29.41
N HIS D 1092 5.69 47.26 29.20
CA HIS D 1092 6.90 48.06 29.04
C HIS D 1092 7.59 48.24 30.38
N GLU D 1093 8.91 48.08 30.39
CA GLU D 1093 9.64 48.30 31.63
C GLU D 1093 9.53 49.76 32.04
N ASP D 1094 9.37 50.00 33.34
CA ASP D 1094 9.04 51.32 33.88
C ASP D 1094 7.78 51.85 33.21
N GLY D 1095 6.74 51.01 33.17
CA GLY D 1095 5.51 51.40 32.52
C GLY D 1095 4.42 50.38 32.72
N SER D 1096 3.39 50.49 31.90
CA SER D 1096 2.20 49.68 31.98
C SER D 1096 2.18 48.62 30.88
N GLU D 1097 1.09 47.87 30.81
CA GLU D 1097 0.86 46.89 29.76
C GLU D 1097 0.05 47.54 28.65
N ARG D 1098 0.62 47.58 27.45
CA ARG D 1098 -0.03 48.23 26.32
C ARG D 1098 0.64 47.80 25.02
N VAL D 1099 0.14 48.32 23.91
CA VAL D 1099 0.70 48.03 22.60
C VAL D 1099 1.94 48.90 22.35
N LEU D 1100 2.81 48.41 21.47
CA LEU D 1100 3.97 49.19 21.05
C LEU D 1100 3.53 50.50 20.41
N SER D 1101 4.19 51.60 20.81
CA SER D 1101 3.88 52.91 20.27
C SER D 1101 5.18 53.63 19.93
N ASP D 1102 5.05 54.71 19.17
CA ASP D 1102 6.21 55.52 18.83
C ASP D 1102 6.82 56.16 20.06
N GLY D 1103 8.14 56.27 20.07
CA GLY D 1103 8.86 56.85 21.19
C GLY D 1103 8.98 55.96 22.41
N ASP D 1104 8.46 54.73 22.35
CA ASP D 1104 8.48 53.86 23.50
C ASP D 1104 9.90 53.38 23.81
N HIS D 1105 10.08 52.97 25.06
CA HIS D 1105 11.34 52.37 25.51
C HIS D 1105 11.15 50.87 25.64
N VAL D 1106 12.11 50.11 25.10
CA VAL D 1106 12.01 48.66 25.03
C VAL D 1106 13.27 48.04 25.61
N GLU D 1107 13.10 46.85 26.19
CA GLU D 1107 14.22 46.09 26.73
C GLU D 1107 14.98 45.41 25.60
N VAL D 1108 15.94 44.55 25.94
CA VAL D 1108 16.79 43.95 24.92
C VAL D 1108 16.03 42.94 24.09
N GLY D 1109 15.42 41.95 24.75
CA GLY D 1109 14.85 40.83 24.03
C GLY D 1109 13.40 41.01 23.61
N GLN D 1110 12.95 42.25 23.52
CA GLN D 1110 11.53 42.51 23.31
C GLN D 1110 11.11 42.18 21.88
N GLN D 1111 9.99 41.49 21.75
CA GLN D 1111 9.39 41.26 20.44
C GLN D 1111 8.68 42.54 19.98
N LEU D 1112 9.05 43.00 18.78
CA LEU D 1112 8.47 44.23 18.27
C LEU D 1112 7.07 44.04 17.72
N MET D 1113 6.77 42.85 17.19
CA MET D 1113 5.46 42.52 16.65
C MET D 1113 5.00 41.19 17.23
N GLU D 1114 3.72 40.90 17.04
CA GLU D 1114 3.18 39.60 17.37
C GLU D 1114 3.31 38.66 16.18
N GLY D 1115 3.71 37.44 16.46
CA GLY D 1115 3.89 36.44 15.42
C GLY D 1115 4.98 35.46 15.80
N SER D 1116 5.51 34.79 14.79
CA SER D 1116 6.59 33.84 14.99
C SER D 1116 7.92 34.60 15.03
N ALA D 1117 8.77 34.25 16.00
CA ALA D 1117 10.07 34.85 16.13
C ALA D 1117 11.10 34.05 15.35
N ASP D 1118 12.01 34.76 14.68
CA ASP D 1118 13.12 34.12 14.00
C ASP D 1118 14.01 33.45 15.04
N PRO D 1119 14.13 32.13 15.03
CA PRO D 1119 14.94 31.47 16.07
C PRO D 1119 16.41 31.87 16.03
N HIS D 1120 16.93 32.23 14.86
CA HIS D 1120 18.32 32.68 14.79
C HIS D 1120 18.49 34.00 15.55
N GLU D 1121 17.50 34.89 15.47
CA GLU D 1121 17.57 36.15 16.20
C GLU D 1121 17.56 35.92 17.71
N VAL D 1122 16.65 35.06 18.19
CA VAL D 1122 16.63 34.75 19.62
C VAL D 1122 17.91 34.02 20.03
N LEU D 1123 18.58 33.37 19.09
CA LEU D 1123 19.88 32.77 19.42
C LEU D 1123 20.94 33.84 19.60
N ARG D 1124 21.11 34.71 18.60
CA ARG D 1124 22.18 35.69 18.67
C ARG D 1124 21.91 36.81 19.67
N VAL D 1125 20.68 36.90 20.20
CA VAL D 1125 20.37 37.90 21.20
C VAL D 1125 20.25 37.25 22.57
N GLN D 1126 19.31 36.32 22.72
CA GLN D 1126 18.98 35.77 24.03
C GLN D 1126 19.76 34.53 24.40
N GLY D 1127 20.65 34.04 23.52
CA GLY D 1127 21.52 32.94 23.87
C GLY D 1127 20.90 31.57 23.64
N PRO D 1128 21.73 30.53 23.66
CA PRO D 1128 21.23 29.19 23.26
C PRO D 1128 20.18 28.62 24.19
N ARG D 1129 20.38 28.75 25.51
CA ARG D 1129 19.44 28.17 26.46
C ARG D 1129 18.04 28.76 26.31
N GLU D 1130 17.92 29.94 25.70
CA GLU D 1130 16.61 30.49 25.39
C GLU D 1130 16.03 29.86 24.13
N VAL D 1131 16.86 29.63 23.11
CA VAL D 1131 16.38 29.02 21.87
C VAL D 1131 15.89 27.61 22.15
N GLN D 1132 16.55 26.90 23.07
CA GLN D 1132 16.06 25.58 23.47
C GLN D 1132 14.63 25.67 23.97
N ILE D 1133 14.35 26.63 24.86
CA ILE D 1133 13.00 26.81 25.40
C ILE D 1133 12.03 27.13 24.27
N HIS D 1134 12.39 28.09 23.42
CA HIS D 1134 11.48 28.52 22.35
C HIS D 1134 11.17 27.37 21.41
N LEU D 1135 12.18 26.58 21.05
CA LEU D 1135 11.97 25.48 20.10
C LEU D 1135 11.11 24.38 20.72
N VAL D 1136 11.46 23.95 21.94
CA VAL D 1136 10.70 22.86 22.56
C VAL D 1136 9.25 23.28 22.79
N ARG D 1137 9.04 24.54 23.19
CA ARG D 1137 7.67 24.98 23.45
C ARG D 1137 6.88 25.12 22.14
N GLU D 1138 7.46 25.77 21.14
CA GLU D 1138 6.73 25.96 19.88
C GLU D 1138 6.49 24.65 19.16
N VAL D 1139 7.41 23.68 19.30
CA VAL D 1139 7.21 22.37 18.69
C VAL D 1139 6.14 21.59 19.43
N GLN D 1140 6.28 21.49 20.76
CA GLN D 1140 5.31 20.72 21.55
C GLN D 1140 3.92 21.33 21.47
N GLU D 1141 3.84 22.65 21.22
CA GLU D 1141 2.56 23.32 21.12
C GLU D 1141 1.68 22.71 20.04
N VAL D 1142 2.27 22.40 18.89
CA VAL D 1142 1.50 21.85 17.77
C VAL D 1142 0.94 20.49 18.14
N TYR D 1143 1.74 19.64 18.79
CA TYR D 1143 1.24 18.32 19.16
C TYR D 1143 0.21 18.40 20.27
N ARG D 1144 0.37 19.35 21.20
CA ARG D 1144 -0.65 19.56 22.22
C ARG D 1144 -1.98 19.96 21.59
N ALA D 1145 -1.95 20.91 20.65
CA ALA D 1145 -3.17 21.38 20.02
C ALA D 1145 -3.92 20.24 19.33
N GLN D 1146 -3.21 19.21 18.89
CA GLN D 1146 -3.80 18.07 18.21
C GLN D 1146 -4.17 16.93 19.15
N GLY D 1147 -4.00 17.11 20.46
CA GLY D 1147 -4.31 16.06 21.40
C GLY D 1147 -3.25 14.99 21.52
N VAL D 1148 -2.01 15.29 21.14
CA VAL D 1148 -0.91 14.34 21.21
C VAL D 1148 0.06 14.83 22.26
N SER D 1149 0.48 13.92 23.14
CA SER D 1149 1.46 14.23 24.17
C SER D 1149 2.76 13.52 23.85
N ILE D 1150 3.80 14.29 23.58
CA ILE D 1150 5.16 13.80 23.49
C ILE D 1150 5.92 14.35 24.68
N HIS D 1151 6.71 13.48 25.33
CA HIS D 1151 7.53 13.97 26.41
C HIS D 1151 8.60 14.90 25.85
N ASP D 1152 8.90 15.96 26.61
CA ASP D 1152 9.79 17.00 26.13
C ASP D 1152 11.17 16.46 25.76
N LYS D 1153 11.61 15.37 26.41
CA LYS D 1153 13.00 14.94 26.28
C LYS D 1153 13.35 14.51 24.86
N HIS D 1154 12.38 13.98 24.11
CA HIS D 1154 12.66 13.61 22.72
C HIS D 1154 12.98 14.84 21.88
N ILE D 1155 12.07 15.81 21.89
CA ILE D 1155 12.31 17.08 21.21
C ILE D 1155 13.62 17.70 21.69
N GLU D 1156 13.96 17.50 22.96
CA GLU D 1156 15.23 18.00 23.47
C GLU D 1156 16.41 17.30 22.81
N VAL D 1157 16.28 15.99 22.54
CA VAL D 1157 17.36 15.29 21.84
C VAL D 1157 17.58 15.91 20.47
N ILE D 1158 16.50 16.09 19.71
CA ILE D 1158 16.64 16.69 18.38
C ILE D 1158 17.24 18.08 18.47
N VAL D 1159 16.70 18.92 19.37
CA VAL D 1159 17.17 20.29 19.49
C VAL D 1159 18.64 20.32 19.87
N ARG D 1160 19.06 19.40 20.75
CA ARG D 1160 20.48 19.28 21.05
C ARG D 1160 21.29 19.07 19.78
N GLN D 1161 20.86 18.15 18.92
CA GLN D 1161 21.57 17.99 17.66
C GLN D 1161 21.50 19.24 16.78
N MET D 1162 20.53 20.13 17.02
CA MET D 1162 20.41 21.29 16.15
C MET D 1162 21.48 22.34 16.39
N LEU D 1163 21.94 22.53 17.63
CA LEU D 1163 23.13 23.35 17.86
C LEU D 1163 24.23 22.51 18.51
N ARG D 1164 25.13 21.97 17.68
CA ARG D 1164 26.41 21.46 18.14
C ARG D 1164 27.59 22.34 17.75
N ARG D 1165 27.36 23.40 16.98
CA ARG D 1165 28.42 23.99 16.19
C ARG D 1165 28.51 25.48 16.42
N VAL D 1166 29.66 26.03 16.02
CA VAL D 1166 29.97 27.45 16.11
C VAL D 1166 30.42 27.92 14.73
N THR D 1167 30.06 29.16 14.39
CA THR D 1167 30.55 29.80 13.20
C THR D 1167 31.90 30.44 13.49
N ILE D 1168 32.84 30.26 12.57
CA ILE D 1168 34.17 30.84 12.68
C ILE D 1168 34.12 32.25 12.12
N ILE D 1169 34.43 33.24 12.96
CA ILE D 1169 34.48 34.63 12.54
C ILE D 1169 35.90 34.98 12.15
N ASP D 1170 36.80 35.04 13.12
CA ASP D 1170 38.21 35.30 12.89
C ASP D 1170 38.97 33.99 13.01
N SER D 1171 39.68 33.62 11.94
CA SER D 1171 40.43 32.37 11.96
C SER D 1171 41.49 32.37 13.05
N GLY D 1172 42.19 33.50 13.22
CA GLY D 1172 43.29 33.53 14.16
C GLY D 1172 44.44 32.68 13.65
N SER D 1173 45.12 32.01 14.58
CA SER D 1173 46.19 31.08 14.27
C SER D 1173 45.70 29.65 14.08
N THR D 1174 44.39 29.44 14.11
CA THR D 1174 43.80 28.11 14.28
C THR D 1174 43.45 27.40 12.99
N GLU D 1175 43.73 28.01 11.83
CA GLU D 1175 43.58 27.35 10.52
C GLU D 1175 42.11 27.15 10.14
N PHE D 1176 41.19 27.47 11.04
CA PHE D 1176 39.78 27.34 10.73
C PHE D 1176 39.35 28.38 9.71
N LEU D 1177 38.77 27.92 8.61
CA LEU D 1177 38.29 28.86 7.60
C LEU D 1177 37.12 29.67 8.15
N PRO D 1178 37.15 31.00 8.04
CA PRO D 1178 36.03 31.79 8.55
C PRO D 1178 34.75 31.48 7.82
N GLY D 1179 33.64 31.50 8.55
CA GLY D 1179 32.34 31.20 8.01
C GLY D 1179 31.95 29.74 8.07
N SER D 1180 32.92 28.84 8.17
CA SER D 1180 32.62 27.42 8.30
C SER D 1180 31.98 27.14 9.65
N LEU D 1181 31.28 26.01 9.74
CA LEU D 1181 30.56 25.61 10.94
C LEU D 1181 31.30 24.43 11.56
N ILE D 1182 31.92 24.67 12.72
CA ILE D 1182 32.79 23.70 13.35
C ILE D 1182 32.14 23.18 14.63
N ASP D 1183 32.29 21.89 14.90
CA ASP D 1183 31.75 21.32 16.12
C ASP D 1183 32.33 21.99 17.34
N ARG D 1184 31.49 22.23 18.35
CA ARG D 1184 31.90 22.98 19.53
C ARG D 1184 33.09 22.32 20.22
N ALA D 1185 33.01 21.01 20.44
CA ALA D 1185 34.10 20.31 21.10
C ALA D 1185 35.39 20.43 20.30
N GLU D 1186 35.32 20.16 19.00
CA GLU D 1186 36.49 20.31 18.14
C GLU D 1186 36.98 21.76 18.13
N PHE D 1187 36.06 22.72 18.16
CA PHE D 1187 36.45 24.12 18.15
C PHE D 1187 37.24 24.48 19.40
N GLU D 1188 36.76 24.05 20.57
CA GLU D 1188 37.46 24.34 21.82
C GLU D 1188 38.75 23.56 21.94
N ALA D 1189 38.82 22.38 21.32
CA ALA D 1189 40.04 21.58 21.38
C ALA D 1189 41.14 22.19 20.50
N GLU D 1190 40.78 22.58 19.27
CA GLU D 1190 41.74 23.18 18.35
C GLU D 1190 42.27 24.52 18.85
N ASN D 1191 41.71 25.06 19.93
CA ASN D 1191 42.17 26.34 20.45
C ASN D 1191 43.31 26.06 21.41
N ARG D 1192 44.52 26.44 21.00
CA ARG D 1192 45.74 26.17 21.75
C ARG D 1192 46.61 27.41 21.68
N ARG D 1193 46.91 27.99 22.85
CA ARG D 1193 47.84 29.11 22.90
C ARG D 1193 49.28 28.65 22.96
N VAL D 1194 49.53 27.36 23.15
CA VAL D 1194 50.87 26.82 23.23
C VAL D 1194 51.00 25.59 22.35
N GLU D 1200 42.01 32.46 23.12
CA GLU D 1200 41.91 31.51 22.01
C GLU D 1200 41.78 32.24 20.69
N PRO D 1201 42.69 31.97 19.75
CA PRO D 1201 42.71 32.71 18.48
C PRO D 1201 41.47 32.50 17.62
N ALA D 1202 40.83 31.34 17.67
CA ALA D 1202 39.65 31.10 16.85
C ALA D 1202 38.42 31.71 17.51
N ALA D 1203 37.71 32.55 16.75
CA ALA D 1203 36.51 33.22 17.23
C ALA D 1203 35.29 32.63 16.53
N GLY D 1204 34.25 32.34 17.31
CA GLY D 1204 33.04 31.76 16.74
C GLY D 1204 31.83 32.06 17.58
N ARG D 1205 30.67 32.02 16.93
CA ARG D 1205 29.40 32.26 17.60
C ARG D 1205 28.46 31.08 17.38
N PRO D 1206 27.67 30.71 18.39
CA PRO D 1206 26.82 29.51 18.25
C PRO D 1206 25.90 29.61 17.05
N VAL D 1207 25.69 28.47 16.40
CA VAL D 1207 24.84 28.40 15.21
C VAL D 1207 23.62 27.55 15.52
N LEU D 1208 22.51 27.92 14.89
CA LEU D 1208 21.34 27.07 14.80
C LEU D 1208 21.23 26.60 13.35
N MET D 1209 21.28 25.29 13.15
CA MET D 1209 21.17 24.71 11.83
C MET D 1209 20.10 23.64 11.81
N GLY D 1210 19.29 23.64 10.75
CA GLY D 1210 18.21 22.69 10.63
C GLY D 1210 18.71 21.25 10.61
N ILE D 1211 17.75 20.33 10.70
CA ILE D 1211 18.10 18.93 10.84
C ILE D 1211 18.69 18.38 9.55
N THR D 1212 18.22 18.86 8.40
CA THR D 1212 18.82 18.45 7.14
C THR D 1212 20.28 18.88 7.06
N LYS D 1213 20.53 20.17 7.24
CA LYS D 1213 21.89 20.70 7.14
C LYS D 1213 22.79 20.07 8.20
N ALA D 1214 22.26 19.83 9.39
CA ALA D 1214 23.07 19.18 10.43
C ALA D 1214 23.34 17.72 10.08
N SER D 1215 22.42 17.07 9.38
CA SER D 1215 22.64 15.69 8.97
C SER D 1215 23.72 15.59 7.91
N LEU D 1216 23.59 16.39 6.85
CA LEU D 1216 24.59 16.39 5.78
C LEU D 1216 25.96 16.84 6.25
N ALA D 1217 26.06 17.43 7.43
CA ALA D 1217 27.32 17.94 7.97
C ALA D 1217 28.07 16.91 8.79
N THR D 1218 27.59 15.67 8.84
CA THR D 1218 28.26 14.66 9.66
C THR D 1218 29.61 14.30 9.06
N ASP D 1219 30.51 13.85 9.94
CA ASP D 1219 31.87 13.48 9.53
C ASP D 1219 31.90 12.24 8.65
N SER D 1220 30.80 11.50 8.53
CA SER D 1220 30.74 10.28 7.75
C SER D 1220 30.17 10.60 6.38
N TRP D 1221 31.00 10.47 5.33
CA TRP D 1221 30.50 10.66 3.98
C TRP D 1221 29.63 9.48 3.56
N LEU D 1222 29.86 8.31 4.17
CA LEU D 1222 29.00 7.17 3.91
C LEU D 1222 27.60 7.38 4.47
N SER D 1223 27.51 7.90 5.69
CA SER D 1223 26.22 8.20 6.29
C SER D 1223 25.49 9.29 5.54
N ALA D 1224 26.22 10.32 5.08
CA ALA D 1224 25.59 11.43 4.39
C ALA D 1224 25.20 11.08 2.96
N ALA D 1225 25.98 10.22 2.31
CA ALA D 1225 25.67 9.82 0.94
C ALA D 1225 24.35 9.05 0.88
N SER D 1226 24.05 8.27 1.92
CA SER D 1226 22.82 7.49 1.96
C SER D 1226 21.62 8.30 2.44
N PHE D 1227 21.79 9.60 2.70
CA PHE D 1227 20.70 10.43 3.17
C PHE D 1227 20.12 11.27 2.04
N GLN D 1228 20.84 12.30 1.60
CA GLN D 1228 20.36 13.20 0.58
C GLN D 1228 21.52 13.66 -0.29
N GLU D 1229 21.18 14.18 -1.47
CA GLU D 1229 22.14 14.82 -2.35
C GLU D 1229 23.38 13.97 -2.56
N THR D 1230 23.15 12.72 -2.96
CA THR D 1230 24.22 11.72 -3.01
C THR D 1230 25.33 12.15 -3.97
N THR D 1231 24.96 12.64 -5.16
CA THR D 1231 25.96 13.14 -6.10
C THR D 1231 26.84 14.18 -5.46
N ARG D 1232 26.23 15.24 -4.90
CA ARG D 1232 26.98 16.32 -4.27
C ARG D 1232 27.91 15.79 -3.19
N VAL D 1233 27.40 14.94 -2.31
CA VAL D 1233 28.20 14.43 -1.20
C VAL D 1233 29.37 13.61 -1.71
N LEU D 1234 29.18 12.85 -2.79
CA LEU D 1234 30.25 11.99 -3.27
C LEU D 1234 31.32 12.78 -4.03
N THR D 1235 30.92 13.77 -4.82
CA THR D 1235 31.92 14.65 -5.44
C THR D 1235 32.74 15.36 -4.37
N ASP D 1236 32.05 16.03 -3.43
CA ASP D 1236 32.75 16.75 -2.38
C ASP D 1236 33.65 15.83 -1.57
N ALA D 1237 33.19 14.60 -1.30
CA ALA D 1237 33.98 13.69 -0.49
C ALA D 1237 35.18 13.16 -1.27
N ALA D 1238 35.05 13.01 -2.59
CA ALA D 1238 36.19 12.58 -3.40
C ALA D 1238 37.24 13.67 -3.49
N ILE D 1239 36.81 14.92 -3.74
CA ILE D 1239 37.75 16.02 -3.83
C ILE D 1239 38.53 16.19 -2.53
N ASN D 1240 37.88 15.93 -1.40
CA ASN D 1240 38.52 16.13 -0.10
C ASN D 1240 39.26 14.91 0.41
N CYS D 1241 39.28 13.82 -0.35
CA CYS D 1241 39.94 12.58 0.07
C CYS D 1241 39.53 12.19 1.49
N ARG D 1242 38.23 12.33 1.77
CA ARG D 1242 37.72 12.06 3.10
C ARG D 1242 37.80 10.56 3.42
N SER D 1243 38.05 10.26 4.69
CA SER D 1243 38.16 8.89 5.17
C SER D 1243 37.10 8.66 6.23
N ASP D 1244 36.11 7.83 5.91
CA ASP D 1244 35.04 7.52 6.86
C ASP D 1244 35.57 6.61 7.95
N LYS D 1245 35.26 6.94 9.20
CA LYS D 1245 35.77 6.17 10.32
C LYS D 1245 34.98 4.91 10.61
N LEU D 1246 33.77 4.77 10.07
CA LEU D 1246 32.91 3.59 10.16
C LEU D 1246 32.26 3.41 11.54
N ASN D 1247 32.51 4.31 12.49
CA ASN D 1247 31.98 4.15 13.85
C ASN D 1247 30.47 4.30 13.94
N GLY D 1248 29.82 4.89 12.94
CA GLY D 1248 28.40 5.13 13.03
C GLY D 1248 27.57 3.87 12.96
N LEU D 1249 26.31 3.96 13.38
CA LEU D 1249 25.44 2.79 13.33
C LEU D 1249 24.87 2.55 11.95
N LYS D 1250 24.59 3.60 11.18
CA LYS D 1250 24.16 3.42 9.81
C LYS D 1250 25.29 2.82 8.96
N GLU D 1251 26.52 3.25 9.21
CA GLU D 1251 27.67 2.66 8.53
C GLU D 1251 27.82 1.19 8.91
N ASN D 1252 27.61 0.86 10.19
CA ASN D 1252 27.68 -0.52 10.62
C ASN D 1252 26.58 -1.35 9.97
N VAL D 1253 25.41 -0.77 9.76
CA VAL D 1253 24.34 -1.44 9.03
C VAL D 1253 24.80 -1.73 7.61
N ILE D 1254 25.43 -0.75 6.96
CA ILE D 1254 25.82 -0.91 5.56
C ILE D 1254 26.87 -2.00 5.41
N ILE D 1255 27.94 -1.94 6.23
CA ILE D 1255 29.02 -2.90 6.07
C ILE D 1255 28.73 -4.23 6.77
N GLY D 1256 27.58 -4.37 7.41
CA GLY D 1256 27.26 -5.62 8.07
C GLY D 1256 27.92 -5.83 9.40
N LYS D 1257 28.20 -4.75 10.13
CA LYS D 1257 28.78 -4.84 11.46
C LYS D 1257 27.72 -4.52 12.50
N LEU D 1258 27.86 -5.13 13.67
CA LEU D 1258 26.94 -4.85 14.77
C LEU D 1258 26.93 -3.36 15.09
N ILE D 1259 25.74 -2.78 15.11
CA ILE D 1259 25.57 -1.36 15.40
C ILE D 1259 26.15 -1.07 16.78
N PRO D 1260 26.78 0.08 16.99
CA PRO D 1260 27.33 0.46 18.29
C PRO D 1260 26.25 0.96 19.25
N ALA D 1261 25.19 0.17 19.41
CA ALA D 1261 24.07 0.53 20.27
C ALA D 1261 23.42 -0.75 20.76
N GLY D 1262 22.78 -0.66 21.92
CA GLY D 1262 22.11 -1.82 22.49
C GLY D 1262 23.07 -2.96 22.71
N THR D 1263 22.68 -4.16 22.27
CA THR D 1263 23.48 -5.35 22.47
C THR D 1263 24.78 -5.33 21.68
N GLY D 1264 24.99 -4.36 20.79
CA GLY D 1264 26.21 -4.28 20.01
C GLY D 1264 27.34 -3.51 20.67
N ILE D 1265 27.09 -2.90 21.83
CA ILE D 1265 28.11 -2.14 22.54
C ILE D 1265 29.19 -3.08 23.06
N ASN D 1266 30.44 -2.60 23.05
CA ASN D 1266 31.57 -3.39 23.53
C ASN D 1266 31.32 -3.96 24.92
N ARG D 1267 30.66 -3.17 25.78
CA ARG D 1267 30.40 -3.61 27.14
C ARG D 1267 29.58 -4.89 27.17
N TYR D 1268 28.50 -4.95 26.38
CA TYR D 1268 27.63 -6.11 26.40
C TYR D 1268 28.14 -7.25 25.51
N ARG D 1269 28.63 -6.94 24.31
CA ARG D 1269 28.92 -7.99 23.35
C ARG D 1269 30.14 -8.82 23.75
N ASN D 1270 31.06 -8.26 24.53
CA ASN D 1270 32.27 -8.95 24.95
C ASN D 1270 32.13 -9.63 26.31
N ILE D 1271 30.91 -9.68 26.85
CA ILE D 1271 30.66 -10.37 28.11
C ILE D 1271 31.19 -11.79 28.06
N ALA D 1272 31.81 -12.22 29.16
CA ALA D 1272 32.32 -13.58 29.31
C ALA D 1272 31.45 -14.31 30.33
N VAL D 1273 30.90 -15.45 29.93
CA VAL D 1273 29.94 -16.19 30.73
C VAL D 1273 30.59 -17.46 31.25
N GLN D 1274 30.55 -17.65 32.57
CA GLN D 1274 31.16 -18.81 33.19
C GLN D 1274 30.24 -19.34 34.27
N PRO D 1275 30.09 -20.67 34.36
CA PRO D 1275 29.33 -21.23 35.47
C PRO D 1275 30.13 -21.20 36.76
N THR D 1276 29.45 -20.91 37.87
CA THR D 1276 30.12 -20.84 39.16
C THR D 1276 30.58 -22.22 39.61
N GLU D 1277 31.53 -22.24 40.53
CA GLU D 1277 32.10 -23.50 41.01
C GLU D 1277 31.05 -24.35 41.70
N GLU D 1278 30.22 -23.73 42.55
CA GLU D 1278 29.20 -24.48 43.27
C GLU D 1278 28.24 -25.18 42.31
N ALA D 1279 27.90 -24.52 41.20
CA ALA D 1279 26.99 -25.12 40.23
C ALA D 1279 27.66 -26.27 39.48
N ARG D 1280 28.94 -26.10 39.12
CA ARG D 1280 29.67 -27.18 38.47
C ARG D 1280 29.80 -28.39 39.37
N ALA D 1281 29.88 -28.18 40.69
CA ALA D 1281 29.90 -29.30 41.62
C ALA D 1281 28.64 -30.16 41.47
N ALA D 1282 27.48 -29.53 41.55
CA ALA D 1282 26.22 -30.25 41.39
C ALA D 1282 26.01 -30.69 39.95
N GLY E 28 2.91 -10.91 42.77
CA GLY E 28 1.93 -11.97 42.84
C GLY E 28 1.32 -12.28 41.48
N TYR E 29 1.80 -13.35 40.86
CA TYR E 29 1.40 -13.69 39.51
C TYR E 29 0.95 -15.14 39.43
N ASP E 30 0.13 -15.43 38.43
CA ASP E 30 -0.33 -16.80 38.19
C ASP E 30 0.81 -17.60 37.55
N THR E 31 0.51 -18.83 37.15
CA THR E 31 1.52 -19.69 36.54
C THR E 31 2.00 -19.10 35.22
N PRO E 32 3.29 -18.81 35.06
CA PRO E 32 3.78 -18.26 33.79
C PRO E 32 3.89 -19.33 32.73
N LEU E 33 3.61 -18.93 31.49
CA LEU E 33 3.53 -19.85 30.35
C LEU E 33 4.64 -19.55 29.36
N GLY E 34 5.37 -20.60 28.97
CA GLY E 34 6.25 -20.50 27.82
C GLY E 34 7.34 -19.46 27.99
N ILE E 35 7.39 -18.51 27.05
CA ILE E 35 8.38 -17.44 27.09
C ILE E 35 8.31 -16.66 28.40
N THR E 36 7.12 -16.51 28.96
CA THR E 36 6.96 -15.74 30.20
C THR E 36 7.74 -16.35 31.35
N ASN E 37 8.01 -17.65 31.31
CA ASN E 37 8.80 -18.29 32.35
C ASN E 37 10.26 -18.46 31.90
N PRO E 38 11.21 -18.07 32.74
CA PRO E 38 11.04 -17.43 34.06
C PRO E 38 10.66 -15.96 33.95
N PRO E 39 10.04 -15.40 34.99
CA PRO E 39 9.58 -14.01 34.92
C PRO E 39 10.72 -13.04 34.63
N ILE E 40 10.41 -12.02 33.84
CA ILE E 40 11.45 -11.11 33.38
C ILE E 40 11.91 -10.17 34.49
N ASP E 41 11.05 -9.89 35.47
CA ASP E 41 11.43 -8.98 36.54
C ASP E 41 12.59 -9.53 37.36
N GLU E 42 12.58 -10.83 37.62
CA GLU E 42 13.65 -11.43 38.43
C GLU E 42 14.93 -11.62 37.61
N LEU E 43 14.78 -12.00 36.34
CA LEU E 43 15.94 -12.04 35.45
C LEU E 43 16.62 -10.68 35.40
N LEU E 44 15.83 -9.61 35.22
CA LEU E 44 16.39 -8.26 35.27
C LEU E 44 16.93 -7.93 36.65
N ASP E 45 16.39 -8.56 37.70
CA ASP E 45 16.98 -8.41 39.03
C ASP E 45 18.34 -9.07 39.11
N ARG E 46 18.66 -10.00 38.22
CA ARG E 46 19.97 -10.65 38.23
C ARG E 46 21.06 -9.88 37.47
N VAL E 47 20.69 -8.92 36.63
CA VAL E 47 21.63 -8.31 35.68
C VAL E 47 21.48 -6.80 35.71
N SER E 48 22.56 -6.11 35.32
CA SER E 48 22.56 -4.65 35.34
C SER E 48 21.61 -4.07 34.30
N SER E 49 21.62 -4.62 33.08
CA SER E 49 20.74 -4.13 32.03
C SER E 49 20.20 -5.31 31.23
N LYS E 50 19.09 -5.05 30.52
CA LYS E 50 18.46 -6.09 29.72
C LYS E 50 19.38 -6.58 28.62
N TYR E 51 20.16 -5.69 28.02
CA TYR E 51 21.09 -6.09 26.96
C TYR E 51 22.11 -7.10 27.47
N ALA E 52 22.64 -6.85 28.67
CA ALA E 52 23.58 -7.80 29.26
C ALA E 52 22.91 -9.13 29.56
N LEU E 53 21.61 -9.11 29.88
CA LEU E 53 20.88 -10.37 30.03
C LEU E 53 20.82 -11.11 28.71
N VAL E 54 20.63 -10.37 27.60
CA VAL E 54 20.58 -11.00 26.29
C VAL E 54 21.90 -11.70 25.97
N ILE E 55 23.02 -10.97 26.09
CA ILE E 55 24.29 -11.59 25.72
C ILE E 55 24.66 -12.70 26.69
N TYR E 56 24.39 -12.48 27.97
CA TYR E 56 24.53 -13.46 29.05
C TYR E 56 23.90 -14.79 28.64
N ALA E 57 22.57 -14.79 28.53
CA ALA E 57 21.84 -16.02 28.22
C ALA E 57 22.24 -16.58 26.86
N ALA E 58 22.52 -15.70 25.89
CA ALA E 58 22.86 -16.17 24.55
C ALA E 58 24.16 -16.97 24.56
N LYS E 59 25.22 -16.38 25.10
CA LYS E 59 26.50 -17.08 25.14
C LYS E 59 26.40 -18.37 25.95
N ARG E 60 25.64 -18.34 27.05
CA ARG E 60 25.45 -19.59 27.79
C ARG E 60 24.77 -20.64 26.93
N ALA E 61 23.73 -20.25 26.18
CA ALA E 61 23.03 -21.21 25.33
C ALA E 61 23.97 -21.80 24.29
N ARG E 62 24.85 -20.97 23.72
CA ARG E 62 25.84 -21.49 22.77
C ARG E 62 26.76 -22.49 23.44
N GLN E 63 27.19 -22.21 24.68
CA GLN E 63 28.00 -23.17 25.42
C GLN E 63 27.27 -24.49 25.58
N ILE E 64 25.98 -24.44 25.93
CA ILE E 64 25.20 -25.66 26.15
C ILE E 64 25.12 -26.47 24.86
N ASN E 65 24.65 -25.85 23.79
CA ASN E 65 24.53 -26.53 22.51
C ASN E 65 25.86 -27.15 22.09
N ASP E 66 26.95 -26.40 22.22
CA ASP E 66 28.27 -26.93 21.93
C ASP E 66 28.58 -28.15 22.78
N TYR E 67 28.18 -28.13 24.05
CA TYR E 67 28.39 -29.29 24.91
C TYR E 67 27.64 -30.51 24.40
N TYR E 68 26.39 -30.32 23.99
CA TYR E 68 25.61 -31.45 23.47
C TYR E 68 26.23 -32.03 22.21
N ASN E 69 26.70 -31.17 21.31
CA ASN E 69 27.22 -31.68 20.04
C ASN E 69 28.62 -32.26 20.17
N GLN E 70 29.45 -31.67 21.03
CA GLN E 70 30.84 -32.11 21.18
C GLN E 70 30.99 -33.43 21.90
N LEU E 71 29.89 -34.04 22.36
CA LEU E 71 29.89 -35.29 23.15
C LEU E 71 30.83 -35.18 24.35
N TYR E 78 31.46 -26.24 27.02
CA TYR E 78 32.05 -27.53 27.37
C TYR E 78 31.35 -28.14 28.59
N VAL E 79 30.72 -27.29 29.40
CA VAL E 79 30.06 -27.70 30.63
C VAL E 79 28.56 -27.82 30.38
N GLY E 80 27.99 -28.96 30.77
CA GLY E 80 26.60 -29.26 30.50
C GLY E 80 25.64 -28.43 31.33
N PRO E 81 24.34 -28.73 31.21
CA PRO E 81 23.33 -27.95 31.92
C PRO E 81 23.43 -28.13 33.42
N LEU E 82 23.20 -27.03 34.14
CA LEU E 82 23.27 -27.03 35.61
C LEU E 82 21.92 -27.27 36.28
N VAL E 83 20.84 -27.33 35.51
CA VAL E 83 19.53 -27.67 36.06
C VAL E 83 19.11 -28.99 35.42
N GLU E 84 17.93 -29.49 35.79
CA GLU E 84 17.40 -30.67 35.14
C GLU E 84 16.68 -30.22 33.87
N PRO E 85 17.19 -30.55 32.70
CA PRO E 85 16.57 -30.05 31.46
C PRO E 85 15.20 -30.65 31.24
N GLY E 86 14.34 -29.87 30.58
CA GLY E 86 13.10 -30.40 30.09
C GLY E 86 13.36 -31.42 28.99
N LEU E 87 12.28 -32.00 28.49
CA LEU E 87 12.41 -33.09 27.54
C LEU E 87 13.24 -32.69 26.33
N GLN E 88 12.67 -31.87 25.45
CA GLN E 88 13.39 -31.31 24.31
C GLN E 88 13.84 -29.87 24.54
N GLU E 89 13.71 -29.36 25.77
CA GLU E 89 13.75 -27.91 26.03
C GLU E 89 14.94 -27.23 25.36
N LYS E 90 14.67 -26.06 24.78
CA LYS E 90 15.66 -25.31 24.04
C LYS E 90 16.82 -24.89 24.95
N PRO E 91 18.04 -24.83 24.42
CA PRO E 91 19.18 -24.42 25.26
C PRO E 91 19.06 -23.01 25.80
N LEU E 92 18.40 -22.10 25.08
CA LEU E 92 18.21 -20.75 25.59
C LEU E 92 17.34 -20.75 26.84
N SER E 93 16.31 -21.61 26.86
CA SER E 93 15.47 -21.72 28.05
C SER E 93 16.25 -22.29 29.23
N ILE E 94 17.09 -23.29 28.96
CA ILE E 94 17.97 -23.81 30.00
C ILE E 94 18.84 -22.70 30.56
N ALA E 95 19.41 -21.88 29.67
CA ALA E 95 20.26 -20.78 30.10
C ALA E 95 19.50 -19.80 30.99
N LEU E 96 18.31 -19.40 30.55
CA LEU E 96 17.52 -18.45 31.33
C LEU E 96 17.17 -19.01 32.71
N ARG E 97 16.85 -20.31 32.78
CA ARG E 97 16.60 -20.93 34.07
C ARG E 97 17.86 -20.93 34.94
N GLU E 98 19.03 -21.16 34.32
CA GLU E 98 20.28 -21.13 35.08
C GLU E 98 20.54 -19.73 35.64
N ILE E 99 20.29 -18.70 34.84
CA ILE E 99 20.49 -17.33 35.31
C ILE E 99 19.52 -17.02 36.45
N HIS E 100 18.28 -17.46 36.31
CA HIS E 100 17.29 -17.20 37.35
C HIS E 100 17.70 -17.79 38.70
N ALA E 101 18.40 -18.93 38.68
CA ALA E 101 18.84 -19.60 39.89
C ALA E 101 20.22 -19.16 40.36
N ASP E 102 20.83 -18.18 39.69
CA ASP E 102 22.17 -17.68 40.06
C ASP E 102 23.22 -18.77 40.00
N LEU E 103 23.19 -19.55 38.92
CA LEU E 103 24.12 -20.66 38.75
C LEU E 103 25.38 -20.29 37.98
N LEU E 104 25.47 -19.06 37.47
CA LEU E 104 26.66 -18.66 36.72
C LEU E 104 26.98 -17.20 37.00
N GLU E 105 28.20 -16.82 36.61
CA GLU E 105 28.70 -15.47 36.76
C GLU E 105 29.20 -14.97 35.42
N HIS E 106 29.18 -13.65 35.22
CA HIS E 106 29.60 -13.08 33.96
C HIS E 106 30.41 -11.81 34.20
N THR E 107 31.41 -11.60 33.34
CA THR E 107 32.22 -10.39 33.33
C THR E 107 31.75 -9.50 32.20
N GLU E 108 31.56 -8.21 32.48
CA GLU E 108 31.05 -7.31 31.45
C GLU E 108 32.14 -6.89 30.47
N GLY E 109 33.29 -6.48 30.98
CA GLY E 109 34.38 -6.04 30.13
C GLY E 109 34.01 -4.88 29.22
N ASP F 24 44.24 13.94 -52.47
CA ASP F 24 44.39 15.28 -53.01
C ASP F 24 43.74 16.30 -52.08
N GLU F 25 44.45 17.40 -51.82
CA GLU F 25 43.94 18.42 -50.92
C GLU F 25 42.83 19.25 -51.55
N GLU F 26 42.78 19.31 -52.88
CA GLU F 26 41.69 20.00 -53.56
C GLU F 26 40.34 19.45 -53.11
N LEU F 27 40.22 18.12 -53.01
CA LEU F 27 38.99 17.51 -52.55
C LEU F 27 38.67 17.91 -51.12
N THR F 28 39.69 18.02 -50.28
CA THR F 28 39.45 18.38 -48.88
C THR F 28 38.93 19.81 -48.77
N ALA F 29 39.59 20.76 -49.43
CA ALA F 29 39.16 22.14 -49.35
C ALA F 29 37.77 22.32 -49.97
N ARG F 30 37.59 21.82 -51.19
CA ARG F 30 36.28 21.91 -51.85
C ARG F 30 35.19 21.23 -51.02
N PHE F 31 35.53 20.14 -50.34
CA PHE F 31 34.58 19.48 -49.48
C PHE F 31 34.19 20.36 -48.30
N GLU F 32 35.19 20.98 -47.65
CA GLU F 32 34.90 21.80 -46.49
C GLU F 32 34.11 23.05 -46.87
N ARG F 33 34.29 23.57 -48.08
CA ARG F 33 33.49 24.73 -48.47
C ARG F 33 32.09 24.34 -48.90
N ASP F 34 31.96 23.29 -49.71
CA ASP F 34 30.64 22.96 -50.28
C ASP F 34 29.79 22.13 -49.32
N ALA F 35 30.37 21.10 -48.69
CA ALA F 35 29.56 20.12 -47.97
C ALA F 35 29.16 20.59 -46.58
N ILE F 36 30.09 21.21 -45.84
CA ILE F 36 29.83 21.55 -44.45
C ILE F 36 28.59 22.42 -44.26
N PRO F 37 28.35 23.46 -45.06
CA PRO F 37 27.13 24.26 -44.85
C PRO F 37 25.85 23.46 -44.94
N LEU F 38 25.88 22.25 -45.50
CA LEU F 38 24.70 21.41 -45.62
C LEU F 38 24.40 20.63 -44.35
N LEU F 39 25.32 20.60 -43.38
CA LEU F 39 25.14 19.77 -42.19
C LEU F 39 23.84 20.10 -41.47
N ASP F 40 23.66 21.37 -41.11
CA ASP F 40 22.46 21.79 -40.40
C ASP F 40 21.18 21.43 -41.16
N GLN F 41 21.28 21.26 -42.48
CA GLN F 41 20.16 20.70 -43.23
C GLN F 41 20.06 19.20 -43.01
N LEU F 42 21.12 18.46 -43.38
CA LEU F 42 21.09 17.01 -43.32
C LEU F 42 20.71 16.49 -41.94
N TYR F 43 21.18 17.15 -40.88
CA TYR F 43 20.82 16.73 -39.54
C TYR F 43 19.31 16.76 -39.35
N GLY F 44 18.67 17.86 -39.76
CA GLY F 44 17.22 17.93 -39.72
C GLY F 44 16.55 16.80 -40.47
N GLY F 45 17.20 16.28 -41.50
CA GLY F 45 16.69 15.10 -42.18
C GLY F 45 16.86 13.85 -41.35
N ALA F 46 18.05 13.67 -40.77
CA ALA F 46 18.31 12.47 -39.97
C ALA F 46 17.30 12.32 -38.84
N LEU F 47 16.95 13.44 -38.19
CA LEU F 47 15.91 13.42 -37.17
C LEU F 47 14.66 12.71 -37.68
N ARG F 48 14.18 13.12 -38.86
CA ARG F 48 12.95 12.56 -39.41
C ARG F 48 12.99 11.03 -39.42
N MET F 49 14.16 10.46 -39.68
CA MET F 49 14.27 9.01 -39.69
C MET F 49 14.38 8.45 -38.28
N THR F 50 15.26 9.04 -37.45
CA THR F 50 15.48 8.49 -36.12
C THR F 50 14.43 8.96 -35.12
N ARG F 51 13.99 10.21 -35.25
CA ARG F 51 13.10 10.87 -34.28
C ARG F 51 13.72 10.89 -32.88
N ASN F 52 15.04 10.77 -32.80
CA ASN F 52 15.80 10.84 -31.57
C ASN F 52 17.04 11.67 -31.89
N PRO F 53 17.42 12.60 -31.03
CA PRO F 53 18.59 13.43 -31.36
C PRO F 53 19.90 12.67 -31.36
N ALA F 54 20.08 11.72 -30.44
CA ALA F 54 21.35 11.01 -30.36
C ALA F 54 21.57 10.14 -31.60
N ASP F 55 20.55 9.35 -31.98
CA ASP F 55 20.66 8.53 -33.17
C ASP F 55 20.74 9.39 -34.44
N ALA F 56 20.18 10.60 -34.41
CA ALA F 56 20.34 11.51 -35.53
C ALA F 56 21.78 11.99 -35.65
N GLU F 57 22.40 12.32 -34.51
CA GLU F 57 23.81 12.71 -34.52
C GLU F 57 24.68 11.56 -35.04
N ASP F 58 24.51 10.36 -34.48
CA ASP F 58 25.30 9.23 -34.93
C ASP F 58 25.09 8.96 -36.42
N LEU F 59 23.85 9.06 -36.88
CA LEU F 59 23.56 8.82 -38.29
C LEU F 59 24.25 9.83 -39.19
N LEU F 60 24.12 11.12 -38.86
CA LEU F 60 24.77 12.15 -39.67
C LEU F 60 26.28 11.96 -39.68
N GLN F 61 26.86 11.53 -38.55
CA GLN F 61 28.30 11.36 -38.47
C GLN F 61 28.77 10.20 -39.35
N GLU F 62 28.09 9.04 -39.26
CA GLU F 62 28.46 7.93 -40.15
C GLU F 62 28.27 8.31 -41.61
N THR F 63 27.23 9.09 -41.90
CA THR F 63 27.04 9.62 -43.25
C THR F 63 28.26 10.42 -43.70
N MET F 64 28.73 11.33 -42.84
CA MET F 64 29.90 12.13 -43.22
C MET F 64 31.15 11.26 -43.36
N VAL F 65 31.25 10.17 -42.59
CA VAL F 65 32.33 9.22 -42.81
C VAL F 65 32.29 8.71 -44.23
N LYS F 66 31.12 8.22 -44.66
CA LYS F 66 31.00 7.71 -46.02
C LYS F 66 31.28 8.79 -47.05
N ALA F 67 30.78 10.00 -46.83
CA ALA F 67 30.91 11.06 -47.81
C ALA F 67 32.36 11.49 -47.99
N TYR F 68 33.03 11.86 -46.89
CA TYR F 68 34.42 12.25 -46.98
C TYR F 68 35.28 11.13 -47.54
N ALA F 69 35.09 9.90 -47.04
CA ALA F 69 35.88 8.78 -47.55
C ALA F 69 35.67 8.61 -49.05
N GLY F 70 34.45 8.83 -49.53
CA GLY F 70 34.12 8.62 -50.93
C GLY F 70 33.91 9.87 -51.77
N PHE F 71 34.46 11.01 -51.34
CA PHE F 71 34.12 12.27 -51.99
C PHE F 71 34.76 12.40 -53.38
N ARG F 72 35.79 11.62 -53.70
CA ARG F 72 36.38 11.72 -55.03
C ARG F 72 35.41 11.25 -56.10
N SER F 73 34.50 10.33 -55.76
CA SER F 73 33.54 9.83 -56.72
C SER F 73 32.44 10.84 -57.05
N PHE F 74 32.35 11.94 -56.31
CA PHE F 74 31.33 12.95 -56.58
C PHE F 74 31.76 13.83 -57.74
N ARG F 75 30.80 14.20 -58.59
CA ARG F 75 31.08 14.98 -59.78
C ARG F 75 31.03 16.47 -59.44
N HIS F 76 32.03 17.21 -59.93
CA HIS F 76 32.33 18.55 -59.43
C HIS F 76 31.11 19.46 -59.41
N GLY F 77 30.45 19.61 -60.55
CA GLY F 77 29.38 20.58 -60.68
C GLY F 77 28.01 20.12 -60.21
N THR F 78 27.83 18.81 -60.10
CA THR F 78 26.52 18.25 -59.80
C THR F 78 26.10 18.62 -58.37
N ASN F 79 24.79 18.50 -58.12
CA ASN F 79 24.24 18.95 -56.84
C ASN F 79 24.65 17.99 -55.72
N LEU F 80 25.24 18.55 -54.67
CA LEU F 80 25.77 17.74 -53.57
C LEU F 80 24.69 17.32 -52.59
N LYS F 81 23.64 18.14 -52.45
CA LYS F 81 22.65 17.89 -51.41
C LYS F 81 21.96 16.55 -51.60
N ALA F 82 21.50 16.27 -52.82
CA ALA F 82 20.84 14.99 -53.09
C ALA F 82 21.77 13.82 -52.84
N TRP F 83 23.05 13.98 -53.22
CA TRP F 83 24.04 12.94 -52.99
C TRP F 83 24.16 12.61 -51.51
N LEU F 84 24.43 13.63 -50.69
CA LEU F 84 24.55 13.42 -49.25
C LEU F 84 23.27 12.84 -48.67
N TYR F 85 22.11 13.35 -49.11
CA TYR F 85 20.84 12.85 -48.62
C TYR F 85 20.70 11.35 -48.87
N ARG F 86 21.04 10.91 -50.09
CA ARG F 86 20.94 9.48 -50.39
C ARG F 86 21.91 8.68 -49.54
N ILE F 87 23.12 9.18 -49.32
CA ILE F 87 24.04 8.48 -48.43
C ILE F 87 23.43 8.33 -47.04
N LEU F 88 22.79 9.40 -46.55
CA LEU F 88 22.16 9.36 -45.24
C LEU F 88 21.08 8.28 -45.18
N THR F 89 20.12 8.34 -46.11
CA THR F 89 19.05 7.34 -46.16
C THR F 89 19.61 5.93 -46.19
N ASN F 90 20.51 5.66 -47.16
CA ASN F 90 21.06 4.32 -47.31
C ASN F 90 21.75 3.84 -46.05
N THR F 91 22.48 4.73 -45.36
CA THR F 91 23.09 4.35 -44.10
C THR F 91 22.01 3.96 -43.08
N TYR F 92 20.95 4.78 -42.99
CA TYR F 92 19.87 4.45 -42.08
C TYR F 92 19.23 3.12 -42.40
N ILE F 93 19.23 2.72 -43.68
CA ILE F 93 18.61 1.45 -44.04
C ILE F 93 19.53 0.29 -43.70
N ASN F 94 20.83 0.42 -43.98
CA ASN F 94 21.77 -0.60 -43.55
C ASN F 94 21.64 -0.85 -42.06
N SER F 95 21.66 0.23 -41.27
CA SER F 95 21.45 0.10 -39.84
C SER F 95 20.09 -0.49 -39.51
N TYR F 96 19.07 -0.13 -40.30
CA TYR F 96 17.70 -0.49 -39.97
C TYR F 96 17.45 -1.98 -40.17
N ARG F 97 17.78 -2.49 -41.36
CA ARG F 97 17.66 -3.92 -41.60
C ARG F 97 18.62 -4.69 -40.69
N LYS F 98 19.81 -4.14 -40.44
CA LYS F 98 20.74 -4.79 -39.52
C LYS F 98 20.08 -5.01 -38.15
N LYS F 99 19.48 -3.95 -37.60
CA LYS F 99 18.80 -4.09 -36.31
C LYS F 99 17.58 -4.99 -36.41
N GLN F 100 16.91 -5.01 -37.57
CA GLN F 100 15.70 -5.83 -37.71
C GLN F 100 16.01 -7.31 -37.82
N ARG F 101 17.21 -7.69 -38.25
CA ARG F 101 17.56 -9.10 -38.29
C ARG F 101 17.88 -9.64 -36.89
N GLN F 102 18.44 -8.80 -36.03
CA GLN F 102 18.76 -9.22 -34.67
C GLN F 102 17.50 -9.30 -33.82
N PRO F 103 17.48 -10.18 -32.82
CA PRO F 103 16.38 -10.16 -31.86
C PRO F 103 16.44 -8.91 -31.00
N ALA F 104 15.26 -8.47 -30.56
CA ALA F 104 15.15 -7.17 -29.91
C ALA F 104 15.84 -7.16 -28.56
N GLU F 105 16.57 -6.07 -28.30
CA GLU F 105 17.17 -5.79 -26.99
C GLU F 105 16.38 -4.65 -26.38
N TYR F 106 15.64 -4.93 -25.32
CA TYR F 106 14.84 -3.92 -24.66
C TYR F 106 15.62 -3.36 -23.48
N PRO F 107 15.99 -2.07 -23.50
CA PRO F 107 16.58 -1.47 -22.30
C PRO F 107 15.55 -1.40 -21.19
N THR F 108 15.95 -1.84 -20.00
CA THR F 108 15.07 -1.79 -18.83
C THR F 108 15.78 -1.09 -17.69
N GLU F 109 15.05 -0.22 -17.00
CA GLU F 109 15.58 0.46 -15.83
C GLU F 109 16.02 -0.55 -14.78
N GLN F 110 15.22 -1.59 -14.57
CA GLN F 110 15.53 -2.66 -13.63
C GLN F 110 14.99 -3.96 -14.19
N ILE F 111 15.75 -5.04 -14.04
CA ILE F 111 15.32 -6.36 -14.48
C ILE F 111 14.48 -6.98 -13.37
N THR F 112 13.20 -7.24 -13.68
CA THR F 112 12.26 -7.74 -12.71
C THR F 112 12.69 -9.12 -12.18
N ASP F 113 12.34 -9.39 -10.93
CA ASP F 113 12.57 -10.72 -10.37
C ASP F 113 11.82 -11.79 -11.15
N TRP F 114 10.64 -11.45 -11.67
CA TRP F 114 9.92 -12.39 -12.52
C TRP F 114 10.69 -12.70 -13.79
N GLN F 115 11.35 -11.70 -14.36
CA GLN F 115 12.17 -11.93 -15.55
C GLN F 115 13.34 -12.84 -15.24
N LEU F 116 13.97 -12.66 -14.08
CA LEU F 116 15.10 -13.51 -13.71
C LEU F 116 14.67 -14.96 -13.52
N ALA F 117 13.58 -15.18 -12.78
CA ALA F 117 13.12 -16.55 -12.57
C ALA F 117 12.66 -17.18 -13.88
N SER F 118 11.88 -16.43 -14.66
CA SER F 118 11.43 -16.93 -15.97
C SER F 118 12.61 -17.31 -16.85
N ASN F 119 13.68 -16.52 -16.80
CA ASN F 119 14.88 -16.89 -17.55
C ASN F 119 15.56 -18.13 -16.99
N ALA F 120 15.54 -18.28 -15.67
CA ALA F 120 16.19 -19.43 -15.05
C ALA F 120 15.42 -20.73 -15.26
N GLU F 121 14.14 -20.67 -15.61
CA GLU F 121 13.40 -21.91 -15.87
C GLU F 121 13.99 -22.66 -17.07
N HIS F 122 14.58 -21.95 -18.02
CA HIS F 122 15.23 -22.57 -19.17
C HIS F 122 16.74 -22.68 -19.04
N SER F 123 17.30 -22.30 -17.90
CA SER F 123 18.74 -22.25 -17.73
C SER F 123 19.33 -23.65 -17.54
N SER F 124 20.61 -23.79 -17.89
CA SER F 124 21.33 -25.03 -17.64
C SER F 124 21.43 -25.29 -16.14
N THR F 125 21.66 -24.25 -15.36
CA THR F 125 21.61 -24.32 -13.90
C THR F 125 20.63 -23.27 -13.42
N GLY F 126 19.68 -23.68 -12.60
CA GLY F 126 18.61 -22.80 -12.17
C GLY F 126 19.05 -21.89 -11.04
N LEU F 127 18.06 -21.32 -10.37
CA LEU F 127 18.31 -20.48 -9.21
C LEU F 127 18.28 -21.38 -7.98
N ARG F 128 19.43 -21.59 -7.38
CA ARG F 128 19.59 -22.55 -6.30
C ARG F 128 19.45 -21.86 -4.96
N SER F 129 18.64 -22.44 -4.08
CA SER F 129 18.52 -21.94 -2.73
C SER F 129 19.77 -22.29 -1.93
N ALA F 130 19.96 -21.57 -0.83
CA ALA F 130 21.04 -21.92 0.11
C ALA F 130 20.89 -23.35 0.60
N GLU F 131 19.66 -23.84 0.68
CA GLU F 131 19.41 -25.22 1.10
C GLU F 131 20.04 -26.21 0.12
N VAL F 132 19.77 -26.02 -1.18
CA VAL F 132 20.34 -26.90 -2.19
C VAL F 132 21.86 -26.89 -2.11
N GLU F 133 22.46 -25.70 -2.08
CA GLU F 133 23.91 -25.59 -2.00
C GLU F 133 24.45 -26.30 -0.76
N ALA F 134 23.76 -26.17 0.37
CA ALA F 134 24.23 -26.79 1.60
C ALA F 134 24.12 -28.31 1.56
N LEU F 135 23.04 -28.82 0.94
CA LEU F 135 22.85 -30.27 0.90
C LEU F 135 23.81 -30.93 -0.08
N GLU F 136 23.99 -30.32 -1.26
CA GLU F 136 24.93 -30.87 -2.22
C GLU F 136 26.35 -30.90 -1.66
N ALA F 137 26.71 -29.88 -0.87
CA ALA F 137 28.02 -29.83 -0.26
C ALA F 137 28.23 -30.88 0.82
N LEU F 138 27.17 -31.51 1.31
CA LEU F 138 27.34 -32.56 2.29
C LEU F 138 27.96 -33.80 1.65
N PRO F 139 28.73 -34.58 2.40
CA PRO F 139 29.32 -35.78 1.84
C PRO F 139 28.25 -36.81 1.48
N ASP F 140 28.48 -37.52 0.39
CA ASP F 140 27.63 -38.64 0.02
C ASP F 140 28.22 -39.89 0.64
N THR F 141 27.54 -40.44 1.65
CA THR F 141 28.15 -41.47 2.48
C THR F 141 28.30 -42.77 1.71
N GLU F 142 27.23 -43.23 1.06
CA GLU F 142 27.28 -44.49 0.32
C GLU F 142 28.43 -44.51 -0.68
N ILE F 143 28.55 -43.45 -1.49
CA ILE F 143 29.62 -43.37 -2.48
C ILE F 143 30.99 -43.40 -1.79
N LYS F 144 31.13 -42.64 -0.70
CA LYS F 144 32.42 -42.59 0.00
C LYS F 144 32.83 -43.97 0.50
N GLU F 145 31.93 -44.66 1.21
CA GLU F 145 32.27 -45.97 1.75
C GLU F 145 32.51 -46.98 0.65
N ALA F 146 31.77 -46.88 -0.47
CA ALA F 146 32.04 -47.77 -1.60
C ALA F 146 33.42 -47.53 -2.18
N LEU F 147 33.80 -46.26 -2.35
CA LEU F 147 35.15 -45.95 -2.83
C LEU F 147 36.21 -46.43 -1.86
N GLN F 148 35.91 -46.44 -0.57
CA GLN F 148 36.90 -46.88 0.42
C GLN F 148 37.23 -48.36 0.26
N ALA F 149 36.26 -49.18 -0.13
CA ALA F 149 36.49 -50.60 -0.29
C ALA F 149 37.42 -50.92 -1.46
N LEU F 150 37.48 -50.04 -2.46
CA LEU F 150 38.39 -50.24 -3.58
C LEU F 150 39.85 -50.25 -3.08
N PRO F 151 40.73 -50.99 -3.75
CA PRO F 151 42.16 -50.84 -3.48
C PRO F 151 42.60 -49.43 -3.85
N GLU F 152 43.63 -48.95 -3.15
CA GLU F 152 43.99 -47.53 -3.26
C GLU F 152 44.36 -47.16 -4.70
N GLU F 153 45.00 -48.09 -5.42
CA GLU F 153 45.38 -47.81 -6.80
C GLU F 153 44.15 -47.66 -7.69
N PHE F 154 43.24 -48.64 -7.64
CA PHE F 154 41.98 -48.53 -8.37
C PHE F 154 41.23 -47.27 -7.99
N ARG F 155 41.27 -46.90 -6.70
CA ARG F 155 40.56 -45.72 -6.23
C ARG F 155 41.12 -44.46 -6.85
N MET F 156 42.45 -44.30 -6.82
CA MET F 156 43.07 -43.14 -7.45
C MET F 156 42.74 -43.09 -8.94
N ALA F 157 42.96 -44.21 -9.65
CA ALA F 157 42.77 -44.21 -11.10
C ALA F 157 41.33 -43.89 -11.48
N VAL F 158 40.37 -44.65 -10.92
CA VAL F 158 38.96 -44.42 -11.22
C VAL F 158 38.56 -43.00 -10.85
N TYR F 159 39.13 -42.47 -9.76
CA TYR F 159 38.91 -41.07 -9.41
C TYR F 159 39.35 -40.15 -10.53
N TYR F 160 40.65 -40.17 -10.86
CA TYR F 160 41.18 -39.33 -11.94
C TYR F 160 40.32 -39.40 -13.19
N ALA F 161 40.16 -40.61 -13.75
CA ALA F 161 39.42 -40.77 -14.99
C ALA F 161 37.98 -40.28 -14.85
N ASP F 162 37.19 -40.93 -13.99
CA ASP F 162 35.75 -40.73 -13.97
C ASP F 162 35.31 -39.45 -13.27
N VAL F 163 36.23 -38.73 -12.62
CA VAL F 163 35.86 -37.48 -11.97
C VAL F 163 36.63 -36.33 -12.61
N GLU F 164 37.95 -36.32 -12.44
CA GLU F 164 38.76 -35.24 -12.99
C GLU F 164 38.84 -35.29 -14.51
N GLY F 165 38.65 -36.46 -15.12
CA GLY F 165 38.62 -36.55 -16.57
C GLY F 165 39.97 -36.64 -17.24
N PHE F 166 40.99 -37.13 -16.53
CA PHE F 166 42.32 -37.22 -17.12
C PHE F 166 42.35 -38.28 -18.22
N PRO F 167 43.18 -38.07 -19.25
CA PRO F 167 43.43 -39.14 -20.21
C PRO F 167 44.31 -40.22 -19.60
N TYR F 168 44.32 -41.38 -20.24
CA TYR F 168 45.15 -42.48 -19.76
C TYR F 168 46.62 -42.10 -19.75
N LYS F 169 47.05 -41.30 -20.74
CA LYS F 169 48.43 -40.83 -20.77
C LYS F 169 48.77 -40.00 -19.54
N GLU F 170 47.95 -38.98 -19.26
CA GLU F 170 48.22 -38.12 -18.12
C GLU F 170 48.03 -38.84 -16.80
N ILE F 171 47.02 -39.72 -16.71
CA ILE F 171 46.81 -40.49 -15.49
C ILE F 171 48.01 -41.38 -15.22
N ALA F 172 48.55 -42.00 -16.27
CA ALA F 172 49.75 -42.81 -16.11
C ALA F 172 50.94 -41.95 -15.70
N GLU F 173 51.04 -40.74 -16.25
CA GLU F 173 52.12 -39.84 -15.87
C GLU F 173 52.04 -39.46 -14.39
N ILE F 174 50.83 -39.25 -13.89
CA ILE F 174 50.66 -38.87 -12.49
C ILE F 174 50.88 -40.06 -11.57
N MET F 175 50.48 -41.25 -11.99
CA MET F 175 50.55 -42.43 -11.13
C MET F 175 51.80 -43.27 -11.33
N ASP F 176 52.67 -42.92 -12.29
CA ASP F 176 53.97 -43.58 -12.47
C ASP F 176 53.81 -45.06 -12.80
N THR F 177 52.87 -45.39 -13.68
CA THR F 177 52.67 -46.74 -14.16
C THR F 177 52.48 -46.70 -15.68
N PRO F 178 52.69 -47.82 -16.36
CA PRO F 178 52.34 -47.88 -17.79
C PRO F 178 50.85 -47.67 -18.00
N ILE F 179 50.50 -47.28 -19.22
CA ILE F 179 49.10 -47.01 -19.55
C ILE F 179 48.26 -48.27 -19.45
N GLY F 180 48.86 -49.43 -19.72
CA GLY F 180 48.12 -50.68 -19.58
C GLY F 180 47.61 -50.91 -18.18
N THR F 181 48.46 -50.65 -17.18
CA THR F 181 48.02 -50.71 -15.79
C THR F 181 46.82 -49.80 -15.56
N VAL F 182 46.84 -48.61 -16.14
CA VAL F 182 45.71 -47.68 -16.01
C VAL F 182 44.45 -48.30 -16.59
N MET F 183 44.57 -48.98 -17.73
CA MET F 183 43.41 -49.61 -18.34
C MET F 183 42.85 -50.72 -17.46
N SER F 184 43.72 -51.62 -17.00
CA SER F 184 43.28 -52.71 -16.14
C SER F 184 42.60 -52.18 -14.88
N ARG F 185 43.23 -51.20 -14.22
CA ARG F 185 42.68 -50.68 -12.97
C ARG F 185 41.38 -49.93 -13.19
N LEU F 186 41.27 -49.21 -14.31
CA LEU F 186 40.01 -48.53 -14.62
C LEU F 186 38.89 -49.54 -14.79
N HIS F 187 39.10 -50.54 -15.65
CA HIS F 187 38.06 -51.55 -15.88
C HIS F 187 37.70 -52.27 -14.58
N ARG F 188 38.70 -52.76 -13.86
CA ARG F 188 38.44 -53.60 -12.69
C ARG F 188 37.82 -52.81 -11.55
N GLY F 189 38.34 -51.60 -11.29
CA GLY F 189 37.72 -50.75 -10.28
C GLY F 189 36.30 -50.34 -10.65
N ARG F 190 36.06 -50.12 -11.94
CA ARG F 190 34.71 -49.79 -12.38
C ARG F 190 33.74 -50.93 -12.14
N ARG F 191 34.10 -52.15 -12.57
CA ARG F 191 33.26 -53.31 -12.30
C ARG F 191 33.07 -53.53 -10.80
N GLN F 192 34.13 -53.32 -10.03
CA GLN F 192 34.04 -53.43 -8.58
C GLN F 192 33.00 -52.48 -8.02
N LEU F 193 33.05 -51.21 -8.42
CA LEU F 193 32.05 -50.25 -7.97
C LEU F 193 30.66 -50.61 -8.45
N ARG F 194 30.56 -51.20 -9.65
CA ARG F 194 29.26 -51.60 -10.19
C ARG F 194 28.63 -52.67 -9.31
N GLY F 195 29.41 -53.69 -8.94
CA GLY F 195 28.89 -54.69 -8.02
C GLY F 195 28.65 -54.13 -6.63
N LEU F 196 29.47 -53.19 -6.19
CA LEU F 196 29.35 -52.64 -4.85
C LEU F 196 28.13 -51.72 -4.73
N LEU F 197 27.90 -50.88 -5.73
CA LEU F 197 26.82 -49.91 -5.70
C LEU F 197 25.76 -50.29 -6.72
N ALA F 198 24.54 -50.55 -6.24
CA ALA F 198 23.41 -50.84 -7.11
C ALA F 198 22.10 -50.67 -6.35
#